data_6WOY
#
_entry.id   6WOY
#
_cell.length_a   185.977
_cell.length_b   102.465
_cell.length_c   296.043
_cell.angle_alpha   90.000
_cell.angle_beta   98.865
_cell.angle_gamma   90.000
#
_symmetry.space_group_name_H-M   'C 1 2 1'
#
loop_
_entity.id
_entity.type
_entity.pdbx_description
1 polymer 'DNA-directed RNA polymerase subunit alpha'
2 polymer 'DNA-directed RNA polymerase subunit beta'
3 polymer "DNA-directed RNA polymerase subunit beta'"
4 polymer 'DNA-directed RNA polymerase subunit omega'
5 polymer 'RNA polymerase sigma factor SigA'
6 polymer "DNA (5'-D(P*TP*GP*CP*AP*TP*CP*CP*GP*TP*GP*AP*GP*TP*GP*CP*AP*G)-3')"
7 polymer 'DNA (25-MER)'
8 polymer "RNA (5'-R(*GP*CP*A)-3')"
9 non-polymer 'MAGNESIUM ION'
10 non-polymer 'ZINC ION'
11 non-polymer "3'-DEOXY-CYTIDINE-5'-TRIPHOSPHATE"
#
loop_
_entity_poly.entity_id
_entity_poly.type
_entity_poly.pdbx_seq_one_letter_code
_entity_poly.pdbx_strand_id
1 'polypeptide(L)'
;MLDSKLKAPVFTVRTQGREYGEFVLEPLERGFGVTLGNPLRRILLSSIPGTAVTSVYIEDVLHEFSTIPGVKEDVVEIIL
NLKELVVRFLNPSLQTVTLLLKAEGPKEVKARDFLPVADVEIMNPDLHIATLEEGGRLNMEVRVDRGVGYVPAEKHGIKD
RINAIPVDAVFSPVRRVAFQVEDTRLGQRTDLDKLTLRIWTDGSVTPLEALNQAVEILREHLTYFSNPQAAAVAAPEEAK
EPEAPPEQEEELDLPLEELGLSTRVLHSLKEEGIESVRALLALNLKDLKNIPGIGERSLEEIKEALEKKGFTLKE
;
A,B
2 'polypeptide(L)'
;MEIKRFGRIREVIPLPPLTEIQVESYRRALQADVPPEKRENVGIQAAFRETFPIEEEDKGKGGLVLDFLEYRLGEPPFPQ
DECREKDLTYQAPLYARLQLIHKDTGLIKEDEVFLGHIPLMTEDGSFIINGADRVIVSQIHRSPGVYFTPDPARPGRYIA
SIIPLPKRGPWIDLEVEPNGVVSMKVNKRKFPLVLLLRVLGYDQETLARELGAYGELVQGLMDESVFAMRPEEALIRLFT
LLRPGDPPKRDKAVAYVYGLIADPRRYDLGEAGRYKAEEKLGIRLSGRTLARFEDGEFKDEVFLPTLRYLFALTAGVPGH
EVDDIDHLGNRRIRTVGELMTDQFRVGLARLARGVRERMLMGSEDSLTPAKLVNSRPLEAAIREFFSRSQLSQFKDETNP
LSSLRHKRRISALGPGGLTRERAGFDVRDVHRTHYGRICPVETPEGANIGLITSLAAYARVDELGFIRTPYRRVVGGVVT
DEVVYMTATEEDRYTIAQANTPLEGNRIAAERVVARRKGEPVIVSPEEVEFMDVSPKQVFSVNTNLIPFLEHDDANRALM
GSNMQTQAVPLIRAQAPVVMTGLEERVVRDSLAALYAEEDGEVAKVDGNRIVVRYEDGRLVEYPLRRFYRSNQGTALDQR
PRVVVGQRVRKGDLLADGPASENGFLALGQNVLVAIMPFDGYNFEDAIVISEELLKRDFYTSIHIERYEIEARDTKLGPE
RITRDIPHLSEAALRDLDEEGVVRIGAEVKPGDILVGRTSFKGESEPTPEERLLRSIFGEKARDVKDTSLRVPPGEGGIV
VRTVRLRRGDPGVELKPGVREVVRVYVAQKRKLQVGDKLANRHGNKGVVAKILPVEDMPHLPDGTPVDVILNPLGVPSRM
NLGQILETHLGLAGYFLGQRYISPIFDGAKEPEIKELLAQAFEVYFGKRKGEGFGVDKREVEVLRRAEKLGLVTPGKTPE
EQLKELFLQGKVVLYDGRTGEPIEGPIVVGQMFIMKLYHMVEDKMHARSTGPYSLITQQPLGGKAQFGGQRFGEMEVWAL
EAYGAAHTLQEMLTLKSDDIEGRNAAYEAIIKGEDVPEPSVPESFRVLVKELQALALDVQTLDEKDNPVDIFEGLASKR
;
C
3 'polypeptide(L)'
;MKKEVRKVRIALASPEKIRSWSYGEVEKPETINYRTLKPERDGLFDERIFGPIKDYECACGKYKRQRFEGKVCERCGVEV
TKSIVKRYRMGHIELATPAAHIWFVKDVPSKIGTLLDLSATELEQVLYFSKYIVLDPKGAILNGVPVEKRQLLTDEEYRE
LRYGKQETYPLPPGVDALVKDGEEVVKGQELAPGVVSRLDGVALYRFPRRVRVEYVKKERAGLRLPLAAWVEKEAYKPGE
ILAELPEPYLFRAEEEGVVELKELEEGAFLVLRREDEPVATYFLPVGMTPLVVHGEIVEKGQPLAEAKGLLRMPRQVRAA
QVEAEEEGETVYLTLFLEWTEPKDYRVQPHMNVVVPEGARVEAGDKIVAAIDPEEEVIAEAEGVVHLHEPASILVVKARV
YPFEDDVEVSTGDRVAPGDVLADGGKVKSDVYGRVEVDLVRNVVRVVESYDIDARMGAEAIQQLLKELDLEALEKELLEE
MKHPSRARRAKARKRLEVVRAFLDSGNRPEWMILEAVPVLPPDLRPMVQVDGGRFATSDLNDLYRRLINRNNRLKKLLAQ
GAPEIIIRNEKRMLQEAVDALLDNGRRGAPVTNPGSDRPLRSLTDILSGKQGRFRQNLLGKRVDYSGRSVIVVGPQLKLH
QCGLPKRMALELFKPFLLKKMEEKGIAPNVKAARRMLERQRDIKDEVWDALEEVIHGKVVLLNRAPTLHRLGIQAFQPVL
VEGQSIQLHPLVCEAFNADFDGDQMAVHVPLSSFAQAEARIQMLSAHNLLSPASGEPLAKPSRDIILGLYYITQVRKEKK
GAGLEFATPEEALAAHERGEVALNAPIKVAGRETSVGRLKYVFANPDEALLAVAHGIVDLQDVVTVRYMGKRLETSPGRI
LFARIVAEAVEDEKVAWELIQLDVPQEKNSLKDLVYQAFLRLGMEKTARLLDALKYYGFTFSTTSGITIGIDDAVIPEEK
KQYLEEADRKLLQIEQAYEMGFLTDRERYDQILQLWTETTEKVTQAVFKNFEENYPFNPLYVMAQSGARGNPQQIRQLCG
LRGLMQKPSGETFEVPVRSSFREGLTVLEYFISSHGARKGGADTALRTADSGYLTRKLVDVTHEIVVREADCGTTNYISV
PLFQPDEVTRSLRLRKRADIEAGLYGRVLAREVEVLGVRLEEGRYLSMDDVHLLIKAAEAGEIQEVPVRSPLTCQTRYGV
CQKCYGYDLSMARPVSIGEAVGIVAAQSIGEPGTQLTMRTFHTGGVAGAADITQGLPRVIELFEARRPKAKAVISEIDGV
VRIEETEEKLSVFVESEGFSKEYKLPKEARLLVKDGDYVEAGQPLTRGAIDPHQLLEAKGPEAVERYLVEEIQKVYRAQG
VKLHDKHIEIVVRQMMKYVEVTDPGDSRLLEGQVLEKWDVEALNERLIAEGKTPVAWKPLLMGVTKSALSTKSWLSAASF
QNTTHVLTEAAIAGKKDELIGLKENVILGRLIPAGTGSDFVRFTQVVDQKTLKAIEEARKEAVEA
;
D
4 'polypeptide(L)'
;MAEPGIDKLFGMVDSKYRLTVVVAKRAQQLLRHGFKNTVLEPEERPKMQTLEGLFDDPNAVTWAMKELLTGRLVFGENLV
PEDRLQKEMERLYPVEREE
;
E
5 'polypeptide(L)'
;MKKSKRKNAQAQEAQETEVLVQEEAEELPEFPEGEPDPDLEDPDLTLEDDLLDLPEEGEGLDLEEEEEDLPIPKISTSDP
VRQYLHEIGQVPLLTLEEEVELARKVEEGMEAIKKLSEITGLDPDLIREVVRAKILGSARVRHIPGLKETLDPKTVEEID
QKLKSLPKEHKRYLHIAREGEAARQHLIEANLRLVVSIAKKYTGRGLSFLDLIQEGNQGLIRAVEKFEYKRRFKFSTYAT
WWIRQAINRAIADQARTIRIPVHMVETINKLSRTARQLQQELGREPTYEEIAEAMGPGWDAKRVEETLKIAQEPVSLETP
IGDEKDSFYGDFIPDEHLPSPVDAATQSLLSEELEKALSKLSEREAMVLKLRKGLIDGREHTLEEVGAFFGVTRERIRQI
ENKALRKLKYHESRTRKLRDFLD
;
F
6 'polydeoxyribonucleotide'
;(DC)(DC)(DT)(DG)(DC)(DA)(DT)(DC)(DC)(DG)(DT)(DG)(DA)(DG)(DT)(DG)(DC)(DA)(DG)(DC)
(DC)(DA)
;
G
7 'polydeoxyribonucleotide'
;(DT)(DA)(DT)(DA)(DA)(DT)(DG)(DG)(DG)(DA)(DG)(DC)(DT)(DG)(DT)(DC)(DA)(DC)(DG)(DG)
(DA)(DT)(DG)(DC)(DA)(DG)(DG)
;
H
8 'polyribonucleotide' GCA I
#
# COMPACT_ATOMS: atom_id res chain seq x y z
N SER A 4 60.27 37.74 -33.05
CA SER A 4 61.03 36.78 -32.25
C SER A 4 60.34 36.53 -30.92
N LYS A 5 61.05 35.88 -29.99
CA LYS A 5 60.47 35.57 -28.70
C LYS A 5 60.41 36.82 -27.83
N LEU A 6 59.27 37.00 -27.15
CA LEU A 6 59.12 38.07 -26.18
C LEU A 6 59.97 37.76 -24.96
N LYS A 7 60.39 38.82 -24.27
CA LYS A 7 61.27 38.67 -23.11
C LYS A 7 60.55 39.14 -21.85
N ALA A 8 61.18 38.82 -20.70
CA ALA A 8 60.60 38.97 -19.37
C ALA A 8 59.80 40.26 -19.25
N PRO A 9 58.52 40.21 -18.78
CA PRO A 9 57.67 41.40 -18.75
C PRO A 9 57.65 42.12 -17.41
N VAL A 10 56.97 43.27 -17.36
CA VAL A 10 57.14 44.25 -16.28
C VAL A 10 56.12 43.99 -15.16
N PHE A 11 56.64 43.66 -13.98
CA PHE A 11 55.82 43.31 -12.83
C PHE A 11 55.46 44.56 -12.04
N THR A 12 54.23 45.02 -12.15
CA THR A 12 53.70 46.09 -11.31
C THR A 12 52.96 45.50 -10.10
N VAL A 13 52.67 46.36 -9.11
CA VAL A 13 52.08 45.96 -7.83
C VAL A 13 51.39 47.16 -7.17
N ARG A 14 50.14 46.98 -6.77
CA ARG A 14 49.32 48.11 -6.32
C ARG A 14 48.54 47.77 -5.03
N THR A 15 49.24 47.17 -4.07
CA THR A 15 48.71 46.96 -2.73
C THR A 15 47.89 48.15 -2.22
N GLN A 16 46.68 47.86 -1.74
CA GLN A 16 45.88 48.81 -0.99
C GLN A 16 45.54 48.20 0.37
N GLY A 17 45.95 48.88 1.43
CA GLY A 17 45.80 48.36 2.78
C GLY A 17 46.37 46.96 2.94
N ARG A 18 45.95 46.29 4.01
CA ARG A 18 46.38 44.93 4.31
C ARG A 18 45.46 43.87 3.66
N GLU A 19 44.38 44.29 3.03
CA GLU A 19 43.32 43.42 2.54
C GLU A 19 43.34 43.18 1.04
N TYR A 20 43.65 44.21 0.25
CA TYR A 20 43.39 44.19 -1.19
C TYR A 20 44.69 44.41 -1.94
N GLY A 21 44.69 43.98 -3.20
CA GLY A 21 45.85 44.17 -4.05
C GLY A 21 45.48 43.96 -5.49
N GLU A 22 46.17 44.67 -6.38
CA GLU A 22 46.11 44.45 -7.81
C GLU A 22 47.53 44.17 -8.29
N PHE A 23 47.71 43.13 -9.09
CA PHE A 23 49.02 42.59 -9.45
C PHE A 23 49.04 42.41 -10.95
N VAL A 24 49.83 43.27 -11.65
CA VAL A 24 49.84 43.31 -13.10
C VAL A 24 51.08 42.62 -13.65
N LEU A 25 50.93 42.07 -14.85
CA LEU A 25 52.03 41.50 -15.61
C LEU A 25 51.86 41.90 -17.08
N GLU A 26 52.88 42.58 -17.63
CA GLU A 26 52.86 43.20 -18.98
C GLU A 26 54.25 43.20 -19.56
N PRO A 27 54.44 42.82 -20.84
CA PRO A 27 53.50 42.06 -21.65
C PRO A 27 53.84 40.56 -21.69
N LEU A 28 52.81 39.71 -21.89
CA LEU A 28 52.93 38.26 -21.96
C LEU A 28 52.33 37.76 -23.26
N GLU A 29 52.93 36.72 -23.83
CA GLU A 29 52.47 36.25 -25.14
C GLU A 29 50.98 35.94 -25.10
N ARG A 30 50.27 36.33 -26.15
CA ARG A 30 48.84 36.01 -26.25
C ARG A 30 48.61 34.56 -25.88
N GLY A 31 47.59 34.35 -25.04
CA GLY A 31 47.25 33.04 -24.54
C GLY A 31 47.95 32.63 -23.27
N PHE A 32 48.54 33.58 -22.55
CA PHE A 32 49.13 33.31 -21.25
C PHE A 32 48.45 34.10 -20.15
N GLY A 33 47.49 34.96 -20.51
CA GLY A 33 46.72 35.61 -19.47
C GLY A 33 46.13 34.56 -18.55
N VAL A 34 45.33 33.68 -19.14
CA VAL A 34 44.71 32.57 -18.43
C VAL A 34 45.75 31.50 -18.10
N THR A 35 46.66 31.19 -19.04
CA THR A 35 47.66 30.16 -18.76
C THR A 35 48.23 30.34 -17.36
N LEU A 36 48.38 31.58 -16.91
CA LEU A 36 48.94 31.88 -15.59
C LEU A 36 47.89 32.30 -14.58
N GLY A 37 46.82 32.95 -15.04
CA GLY A 37 45.88 33.58 -14.13
C GLY A 37 44.91 32.63 -13.47
N ASN A 38 44.55 31.53 -14.15
CA ASN A 38 43.65 30.56 -13.54
C ASN A 38 44.33 29.67 -12.51
N PRO A 39 45.33 28.87 -12.91
CA PRO A 39 45.95 27.98 -11.93
C PRO A 39 46.36 28.72 -10.67
N LEU A 40 46.75 29.98 -10.78
CA LEU A 40 47.09 30.67 -9.54
C LEU A 40 45.84 30.95 -8.73
N ARG A 41 44.73 31.29 -9.40
CA ARG A 41 43.50 31.54 -8.65
C ARG A 41 42.99 30.27 -8.00
N ARG A 42 43.15 29.12 -8.66
CA ARG A 42 42.73 27.88 -8.05
C ARG A 42 43.52 27.61 -6.78
N ILE A 43 44.85 27.73 -6.85
CA ILE A 43 45.70 27.59 -5.66
C ILE A 43 45.37 28.66 -4.65
N LEU A 44 45.04 29.87 -5.12
CA LEU A 44 44.75 30.95 -4.20
C LEU A 44 43.50 30.71 -3.39
N LEU A 45 42.58 29.88 -3.89
CA LEU A 45 41.36 29.59 -3.14
C LEU A 45 41.51 28.35 -2.26
N SER A 46 42.15 27.29 -2.75
CA SER A 46 42.35 26.08 -1.95
C SER A 46 43.48 26.17 -0.93
N SER A 47 44.71 26.41 -1.38
CA SER A 47 45.89 25.84 -0.71
C SER A 47 46.70 26.80 0.16
N ILE A 48 46.23 28.03 0.38
CA ILE A 48 47.04 29.06 1.04
C ILE A 48 46.75 28.99 2.52
N PRO A 49 47.71 28.57 3.36
CA PRO A 49 47.45 28.47 4.80
C PRO A 49 46.80 29.71 5.40
N GLY A 50 46.26 29.56 6.61
CA GLY A 50 45.53 30.64 7.27
C GLY A 50 45.15 30.23 8.68
N THR A 51 44.21 30.99 9.26
CA THR A 51 43.74 30.69 10.60
C THR A 51 42.21 30.75 10.71
N ALA A 52 41.72 30.10 11.77
CA ALA A 52 40.33 30.18 12.19
C ALA A 52 40.10 29.39 13.47
N VAL A 53 39.08 29.79 14.26
CA VAL A 53 38.74 29.09 15.50
C VAL A 53 38.37 27.61 15.26
N THR A 54 38.70 26.76 16.23
CA THR A 54 38.67 25.31 16.14
C THR A 54 37.87 24.62 17.24
N SER A 55 37.59 25.29 18.35
CA SER A 55 36.95 24.65 19.49
C SER A 55 36.60 25.74 20.48
N VAL A 56 35.66 25.44 21.38
CA VAL A 56 35.23 26.44 22.34
C VAL A 56 34.74 25.75 23.61
N TYR A 57 35.24 26.18 24.76
CA TYR A 57 34.64 25.90 26.05
C TYR A 57 33.91 27.15 26.48
N ILE A 58 32.62 27.08 26.61
CA ILE A 58 31.92 28.12 27.34
C ILE A 58 31.62 27.56 28.73
N GLU A 59 31.75 28.42 29.73
CA GLU A 59 31.58 27.97 31.11
C GLU A 59 30.12 27.60 31.36
N ASP A 60 29.93 26.51 32.09
CA ASP A 60 28.58 26.05 32.42
C ASP A 60 27.80 25.75 31.15
N VAL A 61 28.47 25.11 30.19
CA VAL A 61 27.92 24.73 28.91
C VAL A 61 28.52 23.37 28.57
N LEU A 62 27.75 22.52 27.88
CA LEU A 62 28.22 21.18 27.64
C LEU A 62 28.08 20.72 26.20
N HIS A 63 27.35 21.46 25.37
CA HIS A 63 27.03 21.04 24.01
C HIS A 63 26.58 22.26 23.23
N GLU A 64 26.57 22.13 21.90
CA GLU A 64 26.38 23.33 21.08
C GLU A 64 25.00 23.97 21.29
N PHE A 65 23.97 23.17 21.58
CA PHE A 65 22.58 23.62 21.45
C PHE A 65 22.06 24.28 22.71
N SER A 66 22.94 24.84 23.50
CA SER A 66 22.60 25.35 24.82
C SER A 66 22.22 26.83 24.74
N THR A 67 22.16 27.48 25.89
CA THR A 67 21.67 28.85 25.99
C THR A 67 22.18 29.38 27.32
N ILE A 68 22.80 30.55 27.30
CA ILE A 68 23.33 31.17 28.52
C ILE A 68 22.41 32.34 28.88
N PRO A 69 22.16 32.61 30.16
CA PRO A 69 21.15 33.62 30.52
C PRO A 69 21.73 35.03 30.49
N GLY A 70 20.84 35.99 30.27
CA GLY A 70 21.27 37.35 30.06
C GLY A 70 22.01 37.58 28.77
N VAL A 71 22.31 36.54 27.99
CA VAL A 71 22.88 36.70 26.65
C VAL A 71 21.79 36.37 25.64
N LYS A 72 21.50 37.34 24.76
CA LYS A 72 20.48 37.16 23.75
C LYS A 72 20.85 36.05 22.77
N GLU A 73 22.12 36.01 22.34
CA GLU A 73 22.55 35.01 21.38
C GLU A 73 22.59 33.60 22.00
N ASP A 74 22.22 32.62 21.20
CA ASP A 74 22.38 31.22 21.55
C ASP A 74 23.76 30.75 21.13
N VAL A 75 24.22 29.65 21.74
CA VAL A 75 25.55 29.14 21.40
C VAL A 75 25.69 28.91 19.90
N VAL A 76 24.61 28.47 19.26
CA VAL A 76 24.66 28.25 17.81
C VAL A 76 25.13 29.50 17.10
N GLU A 77 24.56 30.66 17.49
CA GLU A 77 24.92 31.93 16.87
C GLU A 77 26.28 32.44 17.34
N ILE A 78 26.68 32.09 18.56
CA ILE A 78 27.97 32.54 19.07
C ILE A 78 29.11 31.79 18.39
N ILE A 79 29.02 30.46 18.31
CA ILE A 79 29.95 29.69 17.50
C ILE A 79 29.97 30.19 16.06
N LEU A 80 28.88 30.80 15.62
CA LEU A 80 28.77 31.27 14.24
C LEU A 80 29.34 32.67 14.07
N ASN A 81 29.28 33.48 15.14
CA ASN A 81 29.98 34.75 15.18
C ASN A 81 31.48 34.53 15.36
N LEU A 82 31.90 33.48 16.04
CA LEU A 82 33.33 33.23 16.20
C LEU A 82 33.96 32.61 14.96
N LYS A 83 33.15 32.01 14.08
CA LYS A 83 33.72 31.52 12.82
C LYS A 83 34.36 32.65 12.04
N GLU A 84 33.68 33.80 11.97
CA GLU A 84 34.19 34.99 11.30
C GLU A 84 35.61 35.34 11.75
N LEU A 85 35.80 35.49 13.06
CA LEU A 85 37.02 36.01 13.68
C LEU A 85 38.27 35.55 12.95
N VAL A 86 39.01 36.54 12.45
CA VAL A 86 40.26 36.35 11.72
C VAL A 86 41.38 36.79 12.65
N VAL A 87 42.41 35.96 12.79
CA VAL A 87 43.39 36.12 13.86
C VAL A 87 44.75 35.77 13.29
N ARG A 88 45.65 36.78 13.23
CA ARG A 88 46.94 36.68 12.57
C ARG A 88 48.04 36.33 13.57
N PHE A 89 48.80 35.27 13.27
CA PHE A 89 49.97 34.92 14.04
C PHE A 89 51.17 35.71 13.57
N LEU A 90 51.96 36.21 14.52
CA LEU A 90 53.18 36.92 14.16
C LEU A 90 54.38 35.97 14.14
N ASN A 91 54.69 35.37 15.26
CA ASN A 91 55.75 34.37 15.22
C ASN A 91 55.38 33.28 14.22
N PRO A 92 56.27 32.93 13.30
CA PRO A 92 55.89 31.92 12.30
C PRO A 92 55.59 30.58 12.91
N SER A 93 56.52 30.04 13.70
CA SER A 93 56.37 28.67 14.17
C SER A 93 55.30 28.49 15.25
N LEU A 94 54.46 29.50 15.50
CA LEU A 94 53.29 29.31 16.34
C LEU A 94 52.18 28.58 15.57
N GLN A 95 51.69 27.48 16.15
CA GLN A 95 50.69 26.65 15.49
C GLN A 95 49.29 26.80 16.08
N THR A 96 49.16 27.30 17.31
CA THR A 96 47.90 27.24 18.03
C THR A 96 47.93 28.18 19.25
N VAL A 97 46.85 28.95 19.40
CA VAL A 97 46.69 29.88 20.51
C VAL A 97 45.56 29.35 21.39
N THR A 98 45.24 30.10 22.44
CA THR A 98 43.99 29.88 23.16
C THR A 98 43.56 31.24 23.68
N LEU A 99 42.77 31.96 22.89
CA LEU A 99 42.26 33.24 23.37
C LEU A 99 41.45 33.04 24.64
N LEU A 100 41.14 34.14 25.32
CA LEU A 100 40.38 34.09 26.55
C LEU A 100 39.45 35.29 26.62
N LEU A 101 38.31 35.13 27.27
CA LEU A 101 37.34 36.20 27.37
C LEU A 101 36.55 36.07 28.68
N LYS A 102 36.11 37.22 29.21
CA LYS A 102 35.08 37.31 30.23
C LYS A 102 34.57 38.74 30.35
N ALA A 103 33.27 38.95 30.13
CA ALA A 103 32.62 40.25 30.28
C ALA A 103 31.34 40.05 31.09
N GLU A 104 30.62 41.13 31.33
CA GLU A 104 29.42 41.02 32.16
C GLU A 104 28.60 42.30 32.03
N GLY A 105 27.61 42.44 32.91
CA GLY A 105 26.73 43.58 32.91
C GLY A 105 26.18 43.83 31.53
N PRO A 106 25.67 45.03 31.29
CA PRO A 106 25.13 45.39 29.95
C PRO A 106 26.20 45.80 28.92
N LYS A 107 27.05 44.84 28.56
CA LYS A 107 28.11 45.05 27.59
C LYS A 107 27.87 44.21 26.34
N GLU A 108 28.02 44.81 25.16
CA GLU A 108 27.95 44.06 23.91
C GLU A 108 29.34 43.59 23.52
N VAL A 109 29.76 42.46 24.11
CA VAL A 109 31.08 41.91 23.81
C VAL A 109 31.37 41.96 22.31
N LYS A 110 32.52 42.53 21.92
CA LYS A 110 32.98 42.51 20.53
C LYS A 110 34.32 41.77 20.46
N ALA A 111 34.87 41.69 19.26
CA ALA A 111 36.04 40.83 19.09
C ALA A 111 37.23 41.33 19.90
N ARG A 112 37.30 42.64 20.16
CA ARG A 112 38.41 43.20 20.93
C ARG A 112 38.41 42.70 22.38
N ASP A 113 37.24 42.69 23.03
CA ASP A 113 37.12 42.37 24.45
C ASP A 113 37.84 41.08 24.82
N PHE A 114 38.21 40.27 23.83
CA PHE A 114 39.16 39.19 24.07
C PHE A 114 40.44 39.73 24.66
N LEU A 115 40.99 38.99 25.62
CA LEU A 115 42.27 39.38 26.19
C LEU A 115 43.31 39.49 25.07
N PRO A 116 44.31 40.34 25.25
CA PRO A 116 45.44 40.36 24.31
C PRO A 116 46.45 39.27 24.60
N VAL A 117 47.10 38.80 23.53
CA VAL A 117 48.23 37.88 23.65
C VAL A 117 49.33 38.35 22.69
N ALA A 118 50.57 38.12 23.10
CA ALA A 118 51.69 38.48 22.24
C ALA A 118 51.78 37.49 21.08
N ASP A 119 52.11 38.03 19.91
CA ASP A 119 52.16 37.25 18.67
C ASP A 119 50.77 36.91 18.14
N VAL A 120 49.79 37.77 18.45
CA VAL A 120 48.44 37.57 17.96
C VAL A 120 47.75 38.92 17.85
N GLU A 121 47.20 39.21 16.68
CA GLU A 121 46.43 40.43 16.46
C GLU A 121 45.05 40.09 15.89
N ILE A 122 44.02 40.71 16.48
CA ILE A 122 42.62 40.53 16.09
C ILE A 122 42.35 41.52 14.95
N MET A 123 42.48 41.03 13.71
CA MET A 123 42.43 41.88 12.54
C MET A 123 41.05 42.47 12.29
N ASN A 124 40.03 42.06 13.04
CA ASN A 124 38.68 42.64 12.95
C ASN A 124 38.13 42.84 14.35
N PRO A 125 38.57 43.89 15.03
CA PRO A 125 38.20 44.07 16.45
C PRO A 125 36.75 44.43 16.69
N ASP A 126 36.06 45.00 15.70
CA ASP A 126 34.69 45.44 15.88
C ASP A 126 33.66 44.31 15.71
N LEU A 127 34.09 43.11 15.28
CA LEU A 127 33.21 41.95 15.11
C LEU A 127 32.32 41.74 16.32
N HIS A 128 31.01 41.80 16.12
CA HIS A 128 30.08 41.55 17.22
C HIS A 128 30.13 40.09 17.65
N ILE A 129 30.04 39.87 18.96
CA ILE A 129 30.04 38.53 19.55
C ILE A 129 28.69 38.20 20.18
N ALA A 130 28.28 38.94 21.19
CA ALA A 130 27.19 38.53 22.07
C ALA A 130 26.62 39.77 22.75
N THR A 131 25.36 39.72 23.10
CA THR A 131 24.73 40.82 23.81
C THR A 131 24.36 40.39 25.23
N LEU A 132 24.98 41.04 26.22
CA LEU A 132 24.72 40.75 27.63
C LEU A 132 23.94 41.91 28.25
N GLU A 133 23.13 41.57 29.24
CA GLU A 133 22.29 42.52 29.96
C GLU A 133 22.60 42.41 31.44
N GLU A 134 21.92 43.21 32.25
CA GLU A 134 22.21 43.22 33.67
C GLU A 134 22.15 41.79 34.20
N GLY A 135 23.29 41.27 34.62
CA GLY A 135 23.39 39.92 35.13
C GLY A 135 24.01 38.93 34.18
N GLY A 136 24.17 39.29 32.91
CA GLY A 136 24.69 38.34 31.93
C GLY A 136 26.18 38.13 31.99
N ARG A 137 26.61 36.92 32.33
CA ARG A 137 28.03 36.60 32.44
C ARG A 137 28.51 35.96 31.14
N LEU A 138 29.80 35.63 31.10
CA LEU A 138 30.43 35.01 29.95
C LEU A 138 31.87 34.66 30.31
N ASN A 139 32.32 33.47 29.93
CA ASN A 139 33.71 33.08 30.16
C ASN A 139 34.06 32.01 29.14
N MET A 140 34.67 32.42 28.03
CA MET A 140 35.02 31.52 26.94
C MET A 140 36.48 31.10 27.02
N GLU A 141 36.81 30.10 26.21
CA GLU A 141 38.20 29.77 25.89
C GLU A 141 38.19 29.28 24.45
N VAL A 142 38.33 30.22 23.52
CA VAL A 142 38.47 29.90 22.11
C VAL A 142 39.83 29.27 21.86
N ARG A 143 39.94 28.55 20.75
CA ARG A 143 41.20 27.93 20.37
C ARG A 143 41.31 28.05 18.86
N VAL A 144 42.22 28.93 18.39
CA VAL A 144 42.41 29.18 16.97
C VAL A 144 43.63 28.39 16.52
N ASP A 145 43.67 28.08 15.22
CA ASP A 145 44.71 27.19 14.71
C ASP A 145 45.09 27.56 13.30
N ARG A 146 46.40 27.55 13.04
CA ARG A 146 46.86 27.64 11.66
C ARG A 146 46.62 26.30 10.99
N GLY A 147 46.26 26.37 9.71
CA GLY A 147 45.93 25.19 8.93
C GLY A 147 45.49 25.63 7.57
N VAL A 148 45.09 24.66 6.75
CA VAL A 148 44.81 24.91 5.35
C VAL A 148 43.42 24.42 5.00
N GLY A 149 42.82 25.11 4.02
CA GLY A 149 41.62 24.63 3.41
C GLY A 149 40.40 24.84 4.29
N TYR A 150 39.47 23.91 4.17
CA TYR A 150 38.21 23.92 4.90
C TYR A 150 38.08 22.60 5.65
N VAL A 151 38.18 22.65 6.97
CA VAL A 151 38.11 21.44 7.78
C VAL A 151 36.95 21.54 8.76
N PRO A 152 35.90 20.74 8.56
CA PRO A 152 34.66 20.90 9.32
C PRO A 152 34.64 20.10 10.61
N ALA A 153 33.83 20.61 11.56
CA ALA A 153 33.84 20.11 12.92
C ALA A 153 33.73 18.58 13.00
N GLU A 154 32.79 18.01 12.26
CA GLU A 154 32.53 16.58 12.24
C GLU A 154 33.80 15.80 11.85
N LYS A 155 34.94 16.51 11.70
CA LYS A 155 36.17 16.00 11.12
C LYS A 155 37.40 16.15 12.00
N HIS A 156 37.51 17.25 12.77
CA HIS A 156 38.69 17.48 13.58
C HIS A 156 38.47 17.31 15.07
N GLY A 157 37.23 17.42 15.55
CA GLY A 157 36.84 17.02 16.89
C GLY A 157 37.62 17.67 18.02
N ILE A 158 38.36 18.72 17.69
CA ILE A 158 39.22 19.38 18.66
C ILE A 158 38.40 19.86 19.84
N LYS A 159 38.68 19.31 21.04
CA LYS A 159 38.19 19.83 22.31
C LYS A 159 39.36 19.89 23.29
N ASP A 160 39.67 21.11 23.76
CA ASP A 160 40.62 21.28 24.86
C ASP A 160 40.05 20.74 26.17
N ARG A 161 38.95 21.33 26.66
CA ARG A 161 38.26 20.85 27.86
C ARG A 161 37.46 19.60 27.49
N ILE A 162 36.57 19.17 28.38
CA ILE A 162 35.63 18.09 28.03
C ILE A 162 34.40 18.65 27.34
N ASN A 163 33.82 19.72 27.88
CA ASN A 163 32.57 20.27 27.36
C ASN A 163 32.82 21.31 26.29
N ALA A 164 33.68 20.92 25.35
CA ALA A 164 34.27 21.83 24.38
C ALA A 164 33.67 21.55 23.01
N ILE A 165 32.91 22.50 22.48
CA ILE A 165 32.27 22.38 21.17
C ILE A 165 33.29 22.51 20.04
N PRO A 166 33.58 21.45 19.29
CA PRO A 166 34.26 21.65 18.00
C PRO A 166 33.52 22.64 17.12
N VAL A 167 34.31 23.35 16.30
CA VAL A 167 33.81 24.37 15.39
C VAL A 167 34.38 24.11 14.00
N ASP A 168 33.66 24.60 12.99
CA ASP A 168 34.12 24.54 11.60
C ASP A 168 35.16 25.62 11.34
N ALA A 169 36.20 25.27 10.56
CA ALA A 169 37.32 26.19 10.30
C ALA A 169 37.44 26.49 8.81
N VAL A 170 37.26 27.76 8.43
CA VAL A 170 37.70 28.25 7.10
C VAL A 170 39.13 28.74 7.30
N PHE A 171 40.06 27.79 7.23
CA PHE A 171 41.46 28.14 7.44
C PHE A 171 41.90 29.22 6.48
N SER A 172 41.80 28.94 5.18
CA SER A 172 42.18 29.76 4.06
C SER A 172 41.83 31.22 4.34
N PRO A 173 42.76 32.13 4.06
CA PRO A 173 42.57 33.57 4.33
C PRO A 173 42.10 34.38 3.13
N VAL A 174 41.75 33.74 2.03
CA VAL A 174 41.51 34.40 0.76
C VAL A 174 40.01 34.59 0.58
N ARG A 175 39.55 35.82 0.82
CA ARG A 175 38.14 36.13 0.68
C ARG A 175 37.67 36.08 -0.78
N ARG A 176 38.55 36.35 -1.76
CA ARG A 176 38.15 36.39 -3.17
C ARG A 176 39.37 36.50 -4.08
N VAL A 177 39.23 36.00 -5.31
CA VAL A 177 40.29 36.14 -6.31
C VAL A 177 39.73 36.29 -7.71
N ALA A 178 39.89 37.45 -8.32
CA ALA A 178 39.52 37.66 -9.72
C ALA A 178 40.77 37.99 -10.52
N PHE A 179 40.70 37.80 -11.84
CA PHE A 179 41.82 38.24 -12.66
C PHE A 179 41.37 38.62 -14.07
N GLN A 180 41.66 39.87 -14.46
CA GLN A 180 41.44 40.36 -15.82
C GLN A 180 42.56 39.98 -16.76
N VAL A 181 42.22 39.85 -18.04
CA VAL A 181 43.21 39.77 -19.11
C VAL A 181 42.82 40.75 -20.21
N GLU A 182 43.70 41.73 -20.47
CA GLU A 182 43.42 42.81 -21.42
C GLU A 182 44.43 42.81 -22.57
N ASP A 183 44.00 43.35 -23.71
CA ASP A 183 44.84 43.42 -24.90
C ASP A 183 45.97 44.45 -24.74
N THR A 184 47.12 44.13 -25.34
CA THR A 184 48.34 44.94 -25.21
C THR A 184 49.23 44.73 -26.44
N ARG A 185 50.34 45.46 -26.49
CA ARG A 185 51.27 45.33 -27.62
C ARG A 185 52.64 45.88 -27.22
N LEU A 186 53.69 45.19 -27.68
CA LEU A 186 55.06 45.69 -27.59
C LEU A 186 55.54 46.25 -28.93
N GLY A 187 54.81 47.27 -29.37
CA GLY A 187 55.14 48.03 -30.56
C GLY A 187 54.93 47.19 -31.78
N GLN A 188 55.83 46.22 -31.99
CA GLN A 188 55.80 45.41 -33.20
C GLN A 188 54.50 44.63 -33.28
N ARG A 189 54.23 43.83 -32.24
CA ARG A 189 53.31 42.72 -32.26
C ARG A 189 51.99 43.12 -31.63
N THR A 190 50.89 42.59 -32.19
CA THR A 190 49.57 42.80 -31.61
C THR A 190 49.10 41.56 -30.86
N ASP A 191 47.99 41.72 -30.14
CA ASP A 191 47.36 40.66 -29.36
C ASP A 191 48.36 40.00 -28.42
N LEU A 192 48.83 40.77 -27.45
CA LEU A 192 49.47 40.27 -26.25
C LEU A 192 48.56 40.60 -25.09
N ASP A 193 48.86 40.03 -23.93
CA ASP A 193 47.92 39.99 -22.82
C ASP A 193 48.47 40.77 -21.63
N LYS A 194 47.62 41.61 -21.03
CA LYS A 194 47.94 42.31 -19.77
C LYS A 194 47.25 41.60 -18.60
N LEU A 195 47.96 40.66 -18.00
CA LEU A 195 47.46 39.95 -16.84
C LEU A 195 47.40 40.87 -15.62
N THR A 196 46.19 41.13 -15.13
CA THR A 196 46.00 41.77 -13.83
C THR A 196 45.31 40.82 -12.88
N LEU A 197 45.94 40.56 -11.73
CA LEU A 197 45.44 39.62 -10.75
C LEU A 197 44.94 40.36 -9.51
N ARG A 198 43.64 40.25 -9.22
CA ARG A 198 43.18 40.80 -7.97
C ARG A 198 43.39 39.80 -6.84
N ILE A 199 43.31 40.27 -5.61
CA ILE A 199 43.32 39.40 -4.43
C ILE A 199 42.68 40.17 -3.28
N TRP A 200 41.73 39.56 -2.61
CA TRP A 200 41.18 40.12 -1.39
C TRP A 200 41.51 39.20 -0.23
N THR A 201 41.59 39.75 0.98
CA THR A 201 42.17 39.00 2.08
C THR A 201 41.54 39.44 3.40
N ASP A 202 41.75 38.64 4.45
CA ASP A 202 41.33 38.98 5.80
C ASP A 202 42.40 39.75 6.58
N GLY A 203 43.68 39.62 6.21
CA GLY A 203 44.78 40.21 6.94
C GLY A 203 45.76 39.20 7.51
N SER A 204 45.29 38.01 7.90
CA SER A 204 46.22 37.06 8.51
C SER A 204 47.43 36.82 7.60
N VAL A 205 47.17 36.55 6.32
CA VAL A 205 48.21 36.76 5.32
C VAL A 205 47.72 37.87 4.40
N THR A 206 48.55 38.25 3.44
CA THR A 206 48.27 39.48 2.71
C THR A 206 48.13 39.21 1.22
N PRO A 207 47.36 40.01 0.52
CA PRO A 207 47.21 39.81 -0.93
C PRO A 207 48.52 39.46 -1.61
N LEU A 208 49.64 40.08 -1.21
CA LEU A 208 50.91 39.77 -1.86
C LEU A 208 51.51 38.46 -1.35
N GLU A 209 51.59 38.28 -0.03
CA GLU A 209 52.13 37.03 0.49
C GLU A 209 51.35 35.83 -0.02
N ALA A 210 50.03 36.01 -0.20
CA ALA A 210 49.24 34.99 -0.87
C ALA A 210 49.84 34.68 -2.23
N LEU A 211 49.98 35.72 -3.07
CA LEU A 211 50.40 35.55 -4.45
C LEU A 211 51.77 34.86 -4.53
N ASN A 212 52.67 35.19 -3.63
CA ASN A 212 53.96 34.50 -3.63
C ASN A 212 53.76 33.04 -3.25
N GLN A 213 53.12 32.81 -2.10
CA GLN A 213 52.85 31.45 -1.65
C GLN A 213 52.17 30.64 -2.75
N ALA A 214 51.22 31.26 -3.46
CA ALA A 214 50.58 30.59 -4.58
C ALA A 214 51.62 30.11 -5.61
N VAL A 215 52.40 31.05 -6.16
CA VAL A 215 53.46 30.76 -7.14
C VAL A 215 54.43 29.71 -6.60
N GLU A 216 54.80 29.84 -5.33
CA GLU A 216 55.73 28.89 -4.73
C GLU A 216 55.21 27.46 -4.87
N ILE A 217 53.91 27.26 -4.54
CA ILE A 217 53.31 25.93 -4.66
C ILE A 217 53.28 25.50 -6.12
N LEU A 218 52.75 26.37 -6.97
CA LEU A 218 52.77 26.10 -8.39
C LEU A 218 54.16 25.67 -8.85
N ARG A 219 55.21 26.42 -8.45
CA ARG A 219 56.57 26.04 -8.81
C ARG A 219 56.92 24.68 -8.25
N GLU A 220 56.67 24.50 -6.96
CA GLU A 220 56.92 23.22 -6.32
C GLU A 220 56.24 22.06 -7.06
N HIS A 221 55.04 22.28 -7.63
CA HIS A 221 54.37 21.14 -8.24
C HIS A 221 55.07 20.68 -9.51
N LEU A 222 55.57 21.62 -10.32
CA LEU A 222 56.19 21.24 -11.58
C LEU A 222 57.44 20.39 -11.35
N THR A 223 58.09 20.58 -10.20
CA THR A 223 59.16 19.69 -9.76
C THR A 223 58.80 18.21 -9.88
N TYR A 224 57.51 17.87 -9.71
CA TYR A 224 57.11 16.45 -9.65
C TYR A 224 57.28 15.74 -10.98
N PHE A 225 57.45 16.47 -12.08
CA PHE A 225 57.73 15.88 -13.38
C PHE A 225 59.20 15.53 -13.56
N SER A 226 60.03 15.79 -12.55
CA SER A 226 61.47 15.56 -12.64
C SER A 226 61.78 14.12 -13.03
N ASN A 227 61.30 13.16 -12.24
CA ASN A 227 61.75 11.77 -12.30
C ASN A 227 60.65 10.89 -12.88
N PRO A 228 60.75 10.48 -14.14
CA PRO A 228 59.76 9.59 -14.75
C PRO A 228 60.14 8.12 -14.64
N GLN A 229 59.11 7.26 -14.71
CA GLN A 229 59.22 5.81 -14.91
C GLN A 229 58.30 5.35 -16.04
N LEU B 6 51.86 13.78 3.01
CA LEU B 6 51.66 14.15 1.62
C LEU B 6 52.78 13.60 0.73
N LYS B 7 52.61 12.36 0.26
CA LYS B 7 53.71 11.63 -0.35
C LYS B 7 54.28 12.38 -1.56
N ALA B 8 55.40 11.88 -2.07
CA ALA B 8 55.97 12.37 -3.32
C ALA B 8 55.16 11.82 -4.50
N PRO B 9 54.51 12.67 -5.28
CA PRO B 9 53.66 12.19 -6.39
C PRO B 9 54.42 11.46 -7.48
N VAL B 10 54.20 10.18 -7.61
CA VAL B 10 54.99 9.37 -8.54
C VAL B 10 54.51 9.60 -9.97
N PHE B 11 55.47 9.51 -10.89
CA PHE B 11 55.35 10.04 -12.25
C PHE B 11 55.73 8.93 -13.23
N THR B 12 54.83 8.58 -14.15
CA THR B 12 54.97 7.38 -14.96
C THR B 12 54.87 7.72 -16.44
N VAL B 13 55.70 7.07 -17.25
CA VAL B 13 55.77 7.37 -18.68
C VAL B 13 55.49 6.09 -19.45
N ARG B 14 54.83 6.25 -20.60
CA ARG B 14 54.60 5.14 -21.52
C ARG B 14 54.63 5.75 -22.92
N THR B 15 55.72 5.53 -23.64
CA THR B 15 55.86 6.01 -25.02
C THR B 15 55.82 4.83 -25.97
N GLN B 16 55.11 5.01 -27.08
CA GLN B 16 55.23 4.08 -28.19
C GLN B 16 56.53 4.32 -28.97
N GLY B 17 56.70 5.51 -29.53
CA GLY B 17 57.90 5.85 -30.28
C GLY B 17 58.31 7.30 -30.08
N ARG B 18 58.57 7.99 -31.20
CA ARG B 18 58.90 9.41 -31.17
C ARG B 18 57.69 10.32 -31.21
N GLU B 19 56.50 9.80 -31.54
CA GLU B 19 55.32 10.62 -31.78
C GLU B 19 54.21 10.49 -30.72
N TYR B 20 54.39 9.69 -29.67
CA TYR B 20 53.29 9.56 -28.72
C TYR B 20 53.77 9.03 -27.39
N GLY B 21 53.22 9.61 -26.32
CA GLY B 21 53.59 9.22 -24.98
C GLY B 21 52.45 9.57 -24.04
N GLU B 22 52.35 8.79 -22.96
CA GLU B 22 51.31 9.00 -21.94
C GLU B 22 52.00 9.24 -20.61
N PHE B 23 51.56 10.28 -19.91
CA PHE B 23 52.28 10.74 -18.73
C PHE B 23 51.29 10.86 -17.59
N VAL B 24 51.43 10.00 -16.58
CA VAL B 24 50.45 9.90 -15.51
C VAL B 24 51.13 10.29 -14.21
N LEU B 25 50.44 11.07 -13.39
CA LEU B 25 51.01 11.66 -12.19
C LEU B 25 49.95 11.60 -11.10
N GLU B 26 50.12 10.69 -10.12
CA GLU B 26 49.15 10.49 -9.04
C GLU B 26 49.88 9.99 -7.80
N PRO B 27 49.44 10.38 -6.61
CA PRO B 27 48.24 11.15 -6.32
C PRO B 27 48.50 12.64 -6.23
N LEU B 28 47.46 13.46 -6.34
CA LEU B 28 47.57 14.91 -6.24
C LEU B 28 46.43 15.45 -5.41
N GLU B 29 46.71 16.50 -4.64
CA GLU B 29 45.69 17.12 -3.79
C GLU B 29 44.47 17.53 -4.64
N ARG B 30 43.38 17.87 -3.96
CA ARG B 30 42.10 18.01 -4.65
C ARG B 30 42.08 19.25 -5.54
N GLY B 31 41.81 19.04 -6.84
CA GLY B 31 41.68 20.09 -7.83
C GLY B 31 42.88 20.25 -8.74
N PHE B 32 44.02 19.69 -8.35
CA PHE B 32 45.26 20.10 -8.96
C PHE B 32 45.48 19.45 -10.31
N GLY B 33 45.05 18.20 -10.48
CA GLY B 33 45.17 17.58 -11.79
C GLY B 33 44.63 18.44 -12.90
N VAL B 34 43.74 19.37 -12.60
CA VAL B 34 43.31 20.33 -13.61
C VAL B 34 44.13 21.62 -13.55
N THR B 35 44.41 22.09 -12.32
CA THR B 35 45.23 23.29 -12.12
C THR B 35 46.60 23.16 -12.78
N LEU B 36 47.19 21.97 -12.74
CA LEU B 36 48.32 21.56 -13.57
C LEU B 36 47.80 21.36 -14.99
N GLY B 37 48.28 20.33 -15.66
CA GLY B 37 48.18 20.16 -17.10
C GLY B 37 46.98 20.72 -17.86
N ASN B 38 46.07 21.46 -17.25
CA ASN B 38 45.31 22.40 -18.07
C ASN B 38 46.22 23.44 -18.68
N PRO B 39 46.93 24.26 -17.90
CA PRO B 39 47.97 25.14 -18.49
C PRO B 39 48.93 24.47 -19.46
N LEU B 40 49.58 23.38 -19.05
CA LEU B 40 50.33 22.55 -20.01
C LEU B 40 49.58 22.42 -21.33
N ARG B 41 48.31 22.01 -21.27
CA ARG B 41 47.49 21.95 -22.47
C ARG B 41 47.74 23.21 -23.30
N ARG B 42 47.44 24.38 -22.71
CA ARG B 42 47.59 25.63 -23.44
C ARG B 42 48.99 25.72 -24.04
N ILE B 43 49.99 25.64 -23.17
CA ILE B 43 51.37 25.86 -23.55
C ILE B 43 51.78 24.92 -24.67
N LEU B 44 51.65 23.61 -24.44
CA LEU B 44 52.08 22.58 -25.38
C LEU B 44 51.49 22.75 -26.79
N LEU B 45 50.48 23.59 -26.92
CA LEU B 45 49.87 23.91 -28.20
C LEU B 45 50.24 25.29 -28.73
N SER B 46 50.74 26.16 -27.85
CA SER B 46 51.05 27.55 -28.10
C SER B 46 52.52 27.77 -28.47
N SER B 47 53.40 27.11 -27.73
CA SER B 47 54.69 27.69 -27.40
C SER B 47 55.78 26.62 -27.43
N ILE B 48 55.60 25.58 -28.23
CA ILE B 48 56.64 24.58 -28.42
C ILE B 48 57.29 24.85 -29.77
N PRO B 49 58.51 25.39 -29.80
CA PRO B 49 59.10 25.80 -31.09
C PRO B 49 59.32 24.62 -32.01
N GLY B 50 58.80 24.74 -33.22
CA GLY B 50 59.01 23.80 -34.29
C GLY B 50 59.36 24.56 -35.56
N THR B 51 59.05 23.94 -36.69
CA THR B 51 59.29 24.53 -38.00
C THR B 51 58.04 24.32 -38.85
N ALA B 52 57.94 25.05 -39.96
CA ALA B 52 56.73 25.07 -40.75
C ALA B 52 56.98 25.66 -42.14
N VAL B 53 56.64 24.91 -43.19
CA VAL B 53 56.48 25.46 -44.52
C VAL B 53 55.61 26.70 -44.44
N THR B 54 56.12 27.83 -44.89
CA THR B 54 55.42 29.09 -44.76
C THR B 54 55.11 29.76 -46.09
N SER B 55 55.88 29.47 -47.14
CA SER B 55 55.53 29.96 -48.47
C SER B 55 56.06 29.02 -49.53
N VAL B 56 55.40 29.02 -50.68
CA VAL B 56 55.74 28.11 -51.78
C VAL B 56 55.62 28.86 -53.10
N TYR B 57 56.62 28.71 -53.99
CA TYR B 57 56.55 29.20 -55.37
C TYR B 57 56.71 28.03 -56.34
N ILE B 58 55.88 28.03 -57.40
CA ILE B 58 55.89 26.98 -58.42
C ILE B 58 55.88 27.61 -59.83
N GLU B 59 56.65 27.01 -60.74
CA GLU B 59 57.25 27.80 -61.82
C GLU B 59 56.20 28.46 -62.70
N ASP B 60 55.08 27.79 -62.99
CA ASP B 60 54.12 28.36 -63.92
C ASP B 60 52.76 28.62 -63.24
N VAL B 61 52.81 28.91 -61.94
CA VAL B 61 51.64 28.91 -61.07
C VAL B 61 51.42 30.31 -60.52
N LEU B 62 50.28 30.92 -60.88
CA LEU B 62 50.00 32.29 -60.46
C LEU B 62 49.39 32.33 -59.06
N HIS B 63 48.22 31.71 -58.88
CA HIS B 63 47.47 31.73 -57.62
C HIS B 63 47.17 30.31 -57.15
N GLU B 64 46.77 30.21 -55.88
CA GLU B 64 46.57 28.93 -55.20
C GLU B 64 45.57 28.03 -55.93
N PHE B 65 44.52 28.62 -56.47
CA PHE B 65 43.41 27.84 -56.98
C PHE B 65 43.51 27.68 -58.49
N SER B 66 44.45 26.81 -58.88
CA SER B 66 44.71 26.51 -60.28
C SER B 66 45.19 25.07 -60.38
N THR B 67 45.11 24.51 -61.58
CA THR B 67 45.61 23.18 -61.86
C THR B 67 46.88 23.25 -62.70
N ILE B 68 47.93 22.61 -62.20
CA ILE B 68 49.18 22.42 -62.94
C ILE B 68 48.94 21.43 -64.07
N PRO B 69 49.35 21.73 -65.31
CA PRO B 69 49.16 20.77 -66.40
C PRO B 69 50.27 19.73 -66.42
N GLY B 70 49.88 18.49 -66.69
CA GLY B 70 50.78 17.37 -66.56
C GLY B 70 50.97 16.92 -65.14
N VAL B 71 50.18 17.47 -64.21
CA VAL B 71 50.19 17.09 -62.81
C VAL B 71 48.82 16.55 -62.46
N LYS B 72 48.81 15.51 -61.60
CA LYS B 72 47.54 14.94 -61.12
C LYS B 72 46.95 15.79 -59.99
N GLU B 73 47.73 16.06 -58.95
CA GLU B 73 47.27 16.96 -57.90
C GLU B 73 46.90 18.33 -58.47
N ASP B 74 46.13 19.08 -57.69
CA ASP B 74 45.89 20.50 -57.90
C ASP B 74 46.94 21.29 -57.10
N VAL B 75 46.80 22.60 -57.08
CA VAL B 75 47.75 23.40 -56.30
C VAL B 75 47.54 23.14 -54.82
N VAL B 76 46.29 23.30 -54.35
CA VAL B 76 46.02 23.14 -52.92
C VAL B 76 46.52 21.80 -52.41
N GLU B 77 46.20 20.72 -53.14
CA GLU B 77 46.67 19.39 -52.78
C GLU B 77 48.15 19.42 -52.44
N ILE B 78 48.95 19.97 -53.35
CA ILE B 78 50.39 20.08 -53.12
C ILE B 78 50.66 20.91 -51.88
N ILE B 79 49.91 22.00 -51.71
CA ILE B 79 50.10 22.81 -50.50
C ILE B 79 49.71 22.03 -49.26
N LEU B 80 48.70 21.15 -49.37
CA LEU B 80 48.33 20.34 -48.21
C LEU B 80 49.43 19.35 -47.85
N ASN B 81 49.86 18.53 -48.82
CA ASN B 81 51.03 17.69 -48.58
C ASN B 81 52.16 18.50 -47.99
N LEU B 82 52.37 19.71 -48.51
CA LEU B 82 53.47 20.52 -48.00
C LEU B 82 53.22 20.97 -46.58
N LYS B 83 51.95 21.19 -46.20
CA LYS B 83 51.64 21.44 -44.80
C LYS B 83 52.06 20.28 -43.93
N GLU B 84 52.19 19.09 -44.47
CA GLU B 84 52.47 17.92 -43.66
C GLU B 84 53.95 17.58 -43.56
N LEU B 85 54.81 18.14 -44.39
CA LEU B 85 56.24 17.95 -44.21
C LEU B 85 56.65 18.27 -42.77
N VAL B 86 57.64 17.52 -42.26
CA VAL B 86 58.22 17.76 -40.94
C VAL B 86 59.75 17.79 -41.11
N VAL B 87 60.38 18.88 -40.68
CA VAL B 87 61.83 19.01 -40.78
C VAL B 87 62.37 19.61 -39.49
N ARG B 88 63.49 19.07 -39.00
CA ARG B 88 64.13 19.61 -37.82
C ARG B 88 65.32 20.47 -38.24
N PHE B 89 65.58 21.54 -37.48
CA PHE B 89 66.74 22.41 -37.68
C PHE B 89 67.80 21.97 -36.68
N LEU B 90 68.89 21.40 -37.20
CA LEU B 90 69.91 20.83 -36.33
C LEU B 90 70.90 21.87 -35.79
N ASN B 91 70.97 23.08 -36.36
CA ASN B 91 71.90 24.08 -35.85
C ASN B 91 71.13 25.16 -35.10
N PRO B 92 71.31 25.25 -33.78
CA PRO B 92 70.42 26.11 -32.97
C PRO B 92 70.27 27.50 -33.54
N SER B 93 71.29 27.97 -34.25
CA SER B 93 71.26 29.31 -34.82
C SER B 93 70.24 29.40 -35.94
N LEU B 94 70.22 28.41 -36.83
CA LEU B 94 69.38 28.45 -38.02
C LEU B 94 67.98 28.95 -37.70
N GLN B 95 67.43 29.79 -38.56
CA GLN B 95 66.04 30.20 -38.36
C GLN B 95 65.22 30.38 -39.63
N THR B 96 65.76 30.12 -40.82
CA THR B 96 64.99 30.09 -42.06
C THR B 96 65.72 29.22 -43.06
N VAL B 97 65.02 28.85 -44.14
CA VAL B 97 65.52 27.97 -45.19
C VAL B 97 64.59 28.08 -46.39
N THR B 98 65.15 28.00 -47.60
CA THR B 98 64.37 27.71 -48.79
C THR B 98 64.71 26.29 -49.24
N LEU B 99 63.70 25.57 -49.72
CA LEU B 99 63.89 24.23 -50.26
C LEU B 99 63.55 24.24 -51.74
N LEU B 100 64.44 23.70 -52.53
CA LEU B 100 64.27 23.73 -53.97
C LEU B 100 64.07 22.32 -54.46
N LEU B 101 63.15 22.17 -55.40
CA LEU B 101 62.84 20.87 -55.98
C LEU B 101 62.35 21.07 -57.40
N LYS B 102 63.04 20.43 -58.34
CA LYS B 102 62.61 20.33 -59.72
C LYS B 102 62.72 18.89 -60.16
N ALA B 103 61.85 18.50 -61.07
CA ALA B 103 61.85 17.19 -61.70
C ALA B 103 60.65 17.18 -62.64
N GLU B 104 60.54 16.11 -63.42
CA GLU B 104 59.51 16.06 -64.45
C GLU B 104 59.41 14.62 -64.94
N GLY B 105 58.61 14.42 -65.98
CA GLY B 105 58.37 13.11 -66.53
C GLY B 105 57.55 12.27 -65.57
N PRO B 106 57.41 10.99 -65.85
CA PRO B 106 56.45 10.14 -65.09
C PRO B 106 56.96 9.77 -63.69
N LYS B 107 57.09 10.77 -62.83
CA LYS B 107 57.55 10.52 -61.47
C LYS B 107 56.54 11.07 -60.46
N GLU B 108 56.66 10.55 -59.24
CA GLU B 108 55.93 11.04 -58.08
C GLU B 108 56.96 11.44 -57.01
N VAL B 109 56.91 12.69 -56.62
CA VAL B 109 57.94 13.30 -55.80
C VAL B 109 57.67 13.01 -54.34
N LYS B 110 58.75 12.86 -53.56
CA LYS B 110 58.68 12.61 -52.13
C LYS B 110 59.59 13.59 -51.40
N ALA B 111 59.46 13.63 -50.08
CA ALA B 111 60.28 14.54 -49.29
C ALA B 111 61.78 14.24 -49.40
N ARG B 112 62.14 13.01 -49.77
CA ARG B 112 63.54 12.72 -50.06
C ARG B 112 64.05 13.61 -51.19
N ASP B 113 63.25 13.74 -52.25
CA ASP B 113 63.59 14.41 -53.50
C ASP B 113 63.84 15.90 -53.31
N PHE B 114 63.79 16.39 -52.08
CA PHE B 114 64.12 17.79 -51.84
C PHE B 114 65.63 17.92 -51.74
N LEU B 115 66.17 18.82 -52.57
CA LEU B 115 67.60 19.06 -52.63
C LEU B 115 68.15 19.29 -51.21
N PRO B 116 69.11 18.48 -50.77
CA PRO B 116 69.52 18.51 -49.35
C PRO B 116 70.10 19.86 -48.94
N VAL B 117 70.14 20.09 -47.63
CA VAL B 117 70.60 21.35 -47.07
C VAL B 117 71.37 21.06 -45.79
N ALA B 118 72.03 22.11 -45.29
CA ALA B 118 73.10 21.99 -44.32
C ALA B 118 72.54 22.11 -42.90
N ASP B 119 72.53 21.00 -42.17
CA ASP B 119 71.91 20.96 -40.84
C ASP B 119 70.38 21.04 -40.94
N VAL B 120 69.81 20.47 -42.02
CA VAL B 120 68.38 20.52 -42.31
C VAL B 120 67.94 19.10 -42.66
N GLU B 121 67.21 18.46 -41.73
CA GLU B 121 66.89 17.03 -41.76
C GLU B 121 65.41 16.84 -42.04
N ILE B 122 65.09 16.27 -43.20
CA ILE B 122 63.74 15.84 -43.55
C ILE B 122 63.40 14.58 -42.76
N MET B 123 62.52 14.71 -41.76
CA MET B 123 62.15 13.55 -40.94
C MET B 123 61.37 12.51 -41.72
N ASN B 124 60.40 12.93 -42.52
CA ASN B 124 59.46 12.00 -43.11
C ASN B 124 59.68 11.90 -44.61
N PRO B 125 60.80 11.31 -45.03
CA PRO B 125 61.23 11.44 -46.44
C PRO B 125 60.31 10.79 -47.45
N ASP B 126 59.60 9.72 -47.09
CA ASP B 126 58.73 9.04 -48.06
C ASP B 126 57.44 9.82 -48.30
N LEU B 127 57.19 10.88 -47.54
CA LEU B 127 55.99 11.69 -47.71
C LEU B 127 55.83 12.12 -49.15
N HIS B 128 54.76 11.66 -49.80
CA HIS B 128 54.53 11.98 -51.20
C HIS B 128 54.10 13.44 -51.37
N ILE B 129 54.71 14.14 -52.34
CA ILE B 129 54.37 15.53 -52.64
C ILE B 129 53.40 15.62 -53.81
N ALA B 130 53.84 15.20 -54.99
CA ALA B 130 52.94 15.21 -56.14
C ALA B 130 53.34 14.10 -57.08
N THR B 131 52.47 13.81 -58.04
CA THR B 131 52.78 12.90 -59.14
C THR B 131 52.72 13.69 -60.44
N LEU B 132 53.60 13.32 -61.37
CA LEU B 132 53.66 13.95 -62.66
C LEU B 132 53.38 12.92 -63.73
N GLU B 133 52.63 13.33 -64.74
CA GLU B 133 52.55 12.60 -65.99
C GLU B 133 53.67 13.08 -66.92
N GLU B 134 54.14 12.19 -67.78
CA GLU B 134 55.19 12.58 -68.71
C GLU B 134 54.74 13.82 -69.50
N GLY B 135 55.67 14.75 -69.71
CA GLY B 135 55.31 16.09 -70.10
C GLY B 135 54.97 16.98 -68.94
N GLY B 136 54.95 16.42 -67.73
CA GLY B 136 54.62 17.18 -66.54
C GLY B 136 55.89 17.68 -65.88
N ARG B 137 55.93 19.00 -65.66
CA ARG B 137 57.07 19.66 -65.05
C ARG B 137 56.70 20.10 -63.64
N LEU B 138 57.67 19.99 -62.72
CA LEU B 138 57.53 20.58 -61.39
C LEU B 138 58.84 21.20 -60.96
N ASN B 139 58.81 22.49 -60.64
CA ASN B 139 60.00 23.24 -60.26
C ASN B 139 59.56 24.26 -59.22
N MET B 140 59.87 24.02 -57.94
CA MET B 140 59.27 24.86 -56.91
C MET B 140 60.18 25.05 -55.70
N GLU B 141 60.00 26.21 -55.07
CA GLU B 141 60.75 26.65 -53.91
C GLU B 141 59.79 26.79 -52.74
N VAL B 142 60.23 26.28 -51.58
CA VAL B 142 59.43 26.21 -50.37
C VAL B 142 60.22 26.90 -49.26
N ARG B 143 59.64 27.93 -48.66
CA ARG B 143 60.25 28.57 -47.50
C ARG B 143 59.79 27.90 -46.20
N VAL B 144 60.67 27.88 -45.20
CA VAL B 144 60.46 27.07 -44.00
C VAL B 144 61.11 27.76 -42.80
N ASP B 145 60.33 28.06 -41.76
CA ASP B 145 60.87 28.86 -40.67
C ASP B 145 60.67 28.19 -39.32
N ARG B 146 61.54 28.57 -38.39
CA ARG B 146 61.37 28.22 -37.00
C ARG B 146 60.36 29.16 -36.37
N GLY B 147 59.41 28.61 -35.65
CA GLY B 147 58.32 29.37 -35.09
C GLY B 147 57.51 28.48 -34.18
N VAL B 148 56.52 29.08 -33.54
CA VAL B 148 55.71 28.40 -32.55
C VAL B 148 54.24 28.64 -32.87
N GLY B 149 53.40 27.65 -32.49
CA GLY B 149 51.96 27.81 -32.52
C GLY B 149 51.32 27.58 -33.88
N TYR B 150 50.42 28.47 -34.26
CA TYR B 150 49.74 28.33 -35.54
C TYR B 150 49.39 29.72 -36.04
N VAL B 151 49.64 29.95 -37.33
CA VAL B 151 49.51 31.25 -37.98
C VAL B 151 48.84 31.04 -39.34
N PRO B 152 47.56 31.47 -39.50
CA PRO B 152 46.89 31.40 -40.80
C PRO B 152 47.77 32.01 -41.89
N ALA B 153 47.62 31.62 -43.16
CA ALA B 153 48.47 32.19 -44.21
C ALA B 153 48.21 33.67 -44.41
N GLU B 154 46.93 34.06 -44.47
CA GLU B 154 46.50 35.42 -44.77
C GLU B 154 46.90 36.37 -43.64
N LYS B 155 47.71 35.90 -42.70
CA LYS B 155 48.03 36.70 -41.52
C LYS B 155 49.51 36.68 -41.16
N HIS B 156 50.38 36.10 -42.00
CA HIS B 156 51.80 36.47 -41.96
C HIS B 156 52.29 37.02 -43.30
N GLY B 157 51.63 36.63 -44.39
CA GLY B 157 51.75 37.18 -45.72
C GLY B 157 53.12 37.09 -46.39
N ILE B 158 54.07 36.40 -45.75
CA ILE B 158 55.44 36.49 -46.20
C ILE B 158 55.55 36.07 -47.66
N LYS B 159 56.11 36.96 -48.49
CA LYS B 159 56.32 36.74 -49.92
C LYS B 159 57.74 37.14 -50.28
N ASP B 160 58.51 36.18 -50.81
CA ASP B 160 59.86 36.45 -51.29
C ASP B 160 59.90 36.85 -52.76
N ARG B 161 58.77 36.75 -53.46
CA ARG B 161 58.70 37.14 -54.85
C ARG B 161 57.26 37.12 -55.30
N ILE B 162 56.87 38.10 -56.09
CA ILE B 162 55.55 38.07 -56.71
C ILE B 162 55.30 36.66 -57.23
N ASN B 163 54.10 36.15 -57.01
CA ASN B 163 53.62 34.82 -57.38
C ASN B 163 54.01 33.69 -56.40
N ALA B 164 54.82 33.94 -55.38
CA ALA B 164 54.92 32.99 -54.29
C ALA B 164 53.64 33.06 -53.46
N ILE B 165 53.05 31.90 -53.19
CA ILE B 165 51.84 31.79 -52.38
C ILE B 165 52.19 31.59 -50.90
N PRO B 166 51.53 32.29 -49.98
CA PRO B 166 51.71 31.99 -48.56
C PRO B 166 50.81 30.85 -48.13
N VAL B 167 51.32 30.00 -47.24
CA VAL B 167 50.60 28.83 -46.75
C VAL B 167 50.43 28.92 -45.23
N ASP B 168 49.27 28.44 -44.75
CA ASP B 168 48.98 28.41 -43.31
C ASP B 168 50.15 27.74 -42.57
N ALA B 169 50.53 28.30 -41.41
CA ALA B 169 51.85 27.98 -40.83
C ALA B 169 51.74 27.01 -39.67
N VAL B 170 52.01 25.74 -39.92
CA VAL B 170 51.82 24.70 -38.88
C VAL B 170 53.16 24.56 -38.14
N PHE B 171 53.41 25.50 -37.24
CA PHE B 171 54.64 25.45 -36.46
C PHE B 171 54.64 24.24 -35.53
N SER B 172 53.70 24.22 -34.56
CA SER B 172 53.70 23.30 -33.43
C SER B 172 54.07 21.89 -33.86
N PRO B 173 55.19 21.37 -33.36
CA PRO B 173 55.44 19.93 -33.45
C PRO B 173 54.48 19.12 -32.59
N VAL B 174 53.61 19.77 -31.81
CA VAL B 174 52.53 19.11 -31.09
C VAL B 174 51.30 19.08 -31.99
N ARG B 175 50.69 17.89 -32.12
CA ARG B 175 49.56 17.66 -33.01
C ARG B 175 48.22 17.61 -32.29
N ARG B 176 48.20 17.01 -31.10
CA ARG B 176 47.13 17.23 -30.14
C ARG B 176 47.68 17.01 -28.75
N VAL B 177 47.09 17.69 -27.78
CA VAL B 177 47.23 17.40 -26.36
C VAL B 177 45.88 16.98 -25.82
N ALA B 178 45.88 16.05 -24.85
CA ALA B 178 44.65 15.55 -24.25
C ALA B 178 44.91 15.11 -22.82
N PHE B 179 44.16 15.63 -21.86
CA PHE B 179 44.37 15.24 -20.48
C PHE B 179 43.05 14.97 -19.76
N GLN B 180 43.12 14.03 -18.80
CA GLN B 180 41.97 13.37 -18.18
C GLN B 180 42.26 13.22 -16.68
N VAL B 181 41.59 14.01 -15.84
CA VAL B 181 41.85 14.02 -14.40
C VAL B 181 40.74 13.25 -13.67
N GLU B 182 41.05 12.02 -13.28
CA GLU B 182 40.10 11.16 -12.59
C GLU B 182 40.34 11.17 -11.07
N ASP B 183 39.33 10.74 -10.30
CA ASP B 183 39.45 10.68 -8.85
C ASP B 183 40.21 9.45 -8.41
N THR B 184 41.00 9.60 -7.35
CA THR B 184 41.81 8.50 -6.84
C THR B 184 42.02 8.70 -5.35
N ARG B 185 42.34 7.61 -4.67
CA ARG B 185 42.36 7.57 -3.22
C ARG B 185 43.63 6.90 -2.72
N LEU B 186 44.15 7.41 -1.60
CA LEU B 186 45.34 6.88 -0.95
C LEU B 186 44.99 6.64 0.52
N GLY B 187 44.79 5.36 0.88
CA GLY B 187 44.35 4.96 2.20
C GLY B 187 43.04 5.61 2.62
N GLN B 188 43.13 6.53 3.58
CA GLN B 188 41.93 7.20 4.09
C GLN B 188 41.53 8.38 3.21
N ARG B 189 42.47 9.27 2.87
CA ARG B 189 42.16 10.44 2.05
C ARG B 189 41.71 10.01 0.66
N THR B 190 40.44 10.35 0.31
CA THR B 190 39.87 10.06 -1.01
C THR B 190 39.25 11.33 -1.58
N ASP B 191 40.08 12.22 -2.13
CA ASP B 191 39.58 13.16 -3.13
C ASP B 191 40.65 13.44 -4.17
N LEU B 192 41.73 12.67 -4.17
CA LEU B 192 42.93 13.07 -4.89
C LEU B 192 42.74 12.99 -6.39
N ASP B 193 43.28 13.99 -7.08
CA ASP B 193 43.34 13.97 -8.54
C ASP B 193 44.36 12.95 -9.00
N LYS B 194 44.08 12.30 -10.13
CA LYS B 194 45.07 11.56 -10.89
C LYS B 194 45.10 12.13 -12.30
N LEU B 195 46.28 12.54 -12.77
CA LEU B 195 46.41 13.33 -13.99
C LEU B 195 47.06 12.49 -15.09
N THR B 196 46.23 11.87 -15.94
CA THR B 196 46.72 11.27 -17.17
C THR B 196 46.76 12.35 -18.24
N LEU B 197 47.84 12.33 -19.04
CA LEU B 197 48.07 13.33 -20.08
C LEU B 197 48.71 12.65 -21.29
N ARG B 198 48.18 12.94 -22.48
CA ARG B 198 48.65 12.30 -23.70
C ARG B 198 49.05 13.37 -24.71
N ILE B 199 50.15 13.12 -25.43
CA ILE B 199 50.82 14.15 -26.23
C ILE B 199 51.24 13.57 -27.57
N TRP B 200 50.65 14.05 -28.65
CA TRP B 200 51.02 13.61 -30.00
C TRP B 200 51.96 14.65 -30.62
N THR B 201 53.08 14.18 -31.21
CA THR B 201 54.04 15.04 -31.90
C THR B 201 54.28 14.51 -33.31
N ASP B 202 54.97 15.32 -34.13
CA ASP B 202 55.24 14.97 -35.52
C ASP B 202 56.55 14.19 -35.69
N GLY B 203 57.21 13.83 -34.59
CA GLY B 203 58.54 13.28 -34.64
C GLY B 203 59.67 14.30 -34.63
N SER B 204 59.36 15.56 -34.96
CA SER B 204 60.33 16.64 -34.88
C SER B 204 60.86 16.71 -33.45
N VAL B 205 60.01 17.07 -32.50
CA VAL B 205 60.31 16.90 -31.09
C VAL B 205 59.47 15.72 -30.56
N THR B 206 59.79 15.29 -29.35
CA THR B 206 59.10 14.10 -28.87
C THR B 206 58.13 14.44 -27.75
N PRO B 207 57.10 13.58 -27.55
CA PRO B 207 56.11 13.86 -26.52
C PRO B 207 56.79 14.23 -25.21
N LEU B 208 57.64 13.34 -24.71
CA LEU B 208 58.33 13.65 -23.45
C LEU B 208 59.09 14.96 -23.56
N GLU B 209 59.89 15.11 -24.64
CA GLU B 209 60.56 16.38 -24.88
C GLU B 209 59.57 17.52 -24.88
N ALA B 210 58.50 17.40 -25.67
CA ALA B 210 57.48 18.44 -25.73
C ALA B 210 57.02 18.84 -24.33
N LEU B 211 56.84 17.85 -23.44
CA LEU B 211 56.33 18.19 -22.12
C LEU B 211 57.34 19.00 -21.34
N ASN B 212 58.58 18.52 -21.25
CA ASN B 212 59.57 19.19 -20.40
C ASN B 212 59.74 20.65 -20.80
N GLN B 213 59.82 20.93 -22.10
CA GLN B 213 59.82 22.33 -22.55
C GLN B 213 58.63 23.08 -21.95
N ALA B 214 57.43 22.54 -22.15
CA ALA B 214 56.20 23.09 -21.58
C ALA B 214 56.34 23.37 -20.09
N VAL B 215 56.83 22.38 -19.34
CA VAL B 215 57.08 22.56 -17.91
C VAL B 215 58.05 23.72 -17.68
N GLU B 216 59.16 23.71 -18.42
CA GLU B 216 60.19 24.75 -18.30
C GLU B 216 59.58 26.12 -18.54
N ILE B 217 58.85 26.28 -19.65
CA ILE B 217 58.26 27.59 -19.96
C ILE B 217 57.45 28.11 -18.77
N LEU B 218 56.79 27.19 -18.05
CA LEU B 218 55.87 27.58 -17.00
C LEU B 218 56.62 28.07 -15.77
N ARG B 219 57.64 27.31 -15.33
CA ARG B 219 58.41 27.80 -14.19
C ARG B 219 58.94 29.18 -14.48
N GLU B 220 59.51 29.34 -15.69
CA GLU B 220 60.15 30.59 -16.10
C GLU B 220 59.20 31.76 -15.94
N HIS B 221 57.96 31.62 -16.40
CA HIS B 221 56.98 32.66 -16.14
C HIS B 221 56.69 32.86 -14.65
N LEU B 222 56.89 31.84 -13.79
CA LEU B 222 56.69 32.03 -12.36
C LEU B 222 57.64 33.08 -11.81
N THR B 223 58.90 33.05 -12.26
CA THR B 223 59.90 34.03 -11.89
C THR B 223 59.57 35.42 -12.37
N TYR B 224 58.60 35.57 -13.28
CA TYR B 224 58.21 36.91 -13.72
C TYR B 224 57.36 37.64 -12.68
N PHE B 225 57.44 37.18 -11.44
CA PHE B 225 56.86 37.87 -10.29
C PHE B 225 58.00 38.33 -9.37
N SER B 226 59.06 38.94 -9.94
CA SER B 226 60.25 39.32 -9.16
C SER B 226 60.38 40.80 -8.78
N ASN B 227 60.53 41.71 -9.77
CA ASN B 227 61.01 43.05 -9.41
C ASN B 227 59.85 44.02 -9.45
N PRO B 228 59.22 44.33 -8.33
CA PRO B 228 57.97 45.10 -8.37
C PRO B 228 58.17 46.53 -8.83
N GLN B 229 57.09 47.30 -8.83
CA GLN B 229 57.12 48.75 -9.07
C GLN B 229 55.74 49.36 -8.82
N MET C 1 17.11 46.01 4.23
CA MET C 1 17.21 46.58 2.89
C MET C 1 15.84 47.04 2.37
N GLU C 2 15.86 47.72 1.23
CA GLU C 2 14.63 48.25 0.66
C GLU C 2 13.78 47.13 0.05
N ILE C 3 12.46 47.32 0.08
CA ILE C 3 11.50 46.32 -0.42
C ILE C 3 10.59 47.02 -1.43
N LYS C 4 10.79 46.76 -2.71
CA LYS C 4 9.94 47.34 -3.74
C LYS C 4 8.71 46.46 -3.97
N ARG C 5 7.53 47.07 -4.03
CA ARG C 5 6.29 46.36 -4.32
C ARG C 5 5.83 46.66 -5.73
N PHE C 6 5.31 45.66 -6.42
CA PHE C 6 4.60 45.92 -7.66
C PHE C 6 3.09 45.79 -7.44
N GLY C 7 2.33 45.95 -8.52
CA GLY C 7 0.92 45.63 -8.48
C GLY C 7 -0.03 46.78 -8.21
N ARG C 8 -1.05 46.88 -9.05
CA ARG C 8 -2.01 47.97 -9.05
C ARG C 8 -3.31 47.66 -8.31
N ILE C 9 -3.49 46.45 -7.79
CA ILE C 9 -4.76 46.05 -7.20
C ILE C 9 -4.79 46.47 -5.73
N ARG C 10 -5.77 47.30 -5.37
CA ARG C 10 -6.03 47.67 -3.99
C ARG C 10 -6.96 46.63 -3.39
N GLU C 11 -6.41 45.74 -2.56
CA GLU C 11 -7.20 44.66 -1.96
C GLU C 11 -7.97 45.21 -0.77
N VAL C 12 -9.31 45.14 -0.84
CA VAL C 12 -10.15 45.81 0.15
C VAL C 12 -9.97 45.15 1.52
N ILE C 13 -10.38 43.90 1.65
CA ILE C 13 -10.32 43.27 2.97
C ILE C 13 -9.03 42.46 3.06
N PRO C 14 -8.54 42.17 4.27
CA PRO C 14 -7.39 41.28 4.40
C PRO C 14 -7.80 39.81 4.34
N LEU C 15 -6.79 38.97 4.25
CA LEU C 15 -6.96 37.57 4.52
C LEU C 15 -7.59 37.39 5.91
N PRO C 16 -8.58 36.49 6.07
CA PRO C 16 -9.19 36.29 7.38
C PRO C 16 -8.31 35.41 8.25
N PRO C 17 -8.69 35.20 9.51
CA PRO C 17 -7.83 34.41 10.40
C PRO C 17 -7.72 33.00 9.88
N LEU C 18 -6.51 32.61 9.45
CA LEU C 18 -6.36 31.41 8.64
C LEU C 18 -6.54 30.11 9.41
N THR C 19 -6.67 30.14 10.74
CA THR C 19 -7.10 28.96 11.47
C THR C 19 -8.55 29.02 11.88
N GLU C 20 -9.29 30.06 11.47
CA GLU C 20 -10.64 30.25 12.02
C GLU C 20 -11.48 28.99 11.85
N ILE C 21 -11.31 28.28 10.74
CA ILE C 21 -12.09 27.07 10.49
C ILE C 21 -11.88 26.07 11.63
N GLN C 22 -10.72 26.08 12.26
CA GLN C 22 -10.45 25.12 13.32
C GLN C 22 -10.81 25.67 14.71
N VAL C 23 -10.58 26.95 14.97
CA VAL C 23 -10.84 27.48 16.32
C VAL C 23 -12.30 27.86 16.46
N GLU C 24 -12.78 28.77 15.60
CA GLU C 24 -14.18 29.17 15.65
C GLU C 24 -15.10 27.96 15.76
N SER C 25 -14.78 26.87 15.05
CA SER C 25 -15.65 25.71 14.97
C SER C 25 -15.74 24.98 16.30
N TYR C 26 -14.60 24.68 16.91
CA TYR C 26 -14.60 23.98 18.18
C TYR C 26 -15.25 24.82 19.27
N ARG C 27 -14.76 26.04 19.49
CA ARG C 27 -15.34 26.84 20.54
C ARG C 27 -16.84 26.97 20.34
N ARG C 28 -17.29 27.06 19.08
CA ARG C 28 -18.73 27.07 18.81
C ARG C 28 -19.42 25.75 19.12
N ALA C 29 -18.68 24.68 19.39
CA ALA C 29 -19.29 23.44 19.82
C ALA C 29 -19.23 23.23 21.33
N LEU C 30 -18.19 23.76 21.99
CA LEU C 30 -18.08 23.67 23.44
C LEU C 30 -18.89 24.75 24.13
N GLN C 31 -18.64 26.00 23.81
CA GLN C 31 -19.28 27.11 24.48
C GLN C 31 -18.79 27.23 25.93
N ALA C 32 -17.59 26.73 26.22
CA ALA C 32 -17.07 26.71 27.57
C ALA C 32 -16.90 28.11 28.17
N ASP C 33 -17.32 29.13 27.44
CA ASP C 33 -17.19 30.51 27.89
C ASP C 33 -18.53 31.23 27.86
N VAL C 34 -19.61 30.52 27.55
CA VAL C 34 -20.96 31.07 27.56
C VAL C 34 -21.62 30.68 28.87
N PRO C 35 -22.17 31.63 29.63
CA PRO C 35 -22.96 31.26 30.80
C PRO C 35 -24.07 30.30 30.39
N PRO C 36 -24.08 29.08 30.96
CA PRO C 36 -25.07 28.07 30.58
C PRO C 36 -26.43 28.61 30.24
N GLU C 37 -26.96 29.52 31.07
CA GLU C 37 -28.21 30.19 30.72
C GLU C 37 -28.23 30.63 29.26
N LYS C 38 -27.14 31.30 28.82
CA LYS C 38 -27.07 31.96 27.53
C LYS C 38 -26.63 31.04 26.39
N ARG C 39 -26.40 29.76 26.65
CA ARG C 39 -25.95 28.85 25.61
C ARG C 39 -27.06 28.66 24.57
N GLU C 40 -26.72 27.91 23.53
CA GLU C 40 -27.52 27.87 22.32
C GLU C 40 -27.40 26.47 21.76
N ASN C 41 -28.53 25.92 21.30
CA ASN C 41 -28.69 24.48 21.10
C ASN C 41 -28.00 24.08 19.78
N VAL C 42 -26.68 23.99 19.85
CA VAL C 42 -25.82 23.58 18.75
C VAL C 42 -24.58 22.95 19.35
N GLY C 43 -24.19 21.79 18.81
CA GLY C 43 -22.98 21.13 19.25
C GLY C 43 -23.11 20.39 20.56
N ILE C 44 -22.10 20.48 21.43
CA ILE C 44 -22.12 19.76 22.71
C ILE C 44 -23.50 19.88 23.34
N GLN C 45 -24.03 21.11 23.44
CA GLN C 45 -25.35 21.29 24.04
C GLN C 45 -26.39 20.46 23.30
N ALA C 46 -26.48 20.62 21.98
CA ALA C 46 -27.54 19.98 21.21
C ALA C 46 -27.58 18.47 21.43
N ALA C 47 -26.41 17.84 21.59
CA ALA C 47 -26.39 16.39 21.84
C ALA C 47 -27.08 16.06 23.15
N PHE C 48 -26.83 16.88 24.17
CA PHE C 48 -27.52 16.69 25.45
C PHE C 48 -29.02 16.76 25.25
N ARG C 49 -29.52 17.83 24.62
CA ARG C 49 -30.96 17.95 24.47
C ARG C 49 -31.54 16.84 23.57
N GLU C 50 -30.71 16.13 22.80
CA GLU C 50 -31.21 15.05 21.96
C GLU C 50 -31.41 13.76 22.75
N THR C 51 -30.34 13.24 23.36
CA THR C 51 -30.43 11.97 24.08
C THR C 51 -31.33 12.03 25.31
N PHE C 52 -31.58 13.27 25.87
CA PHE C 52 -32.40 13.45 27.06
C PHE C 52 -33.76 14.02 26.70
N PRO C 53 -34.82 13.65 27.49
CA PRO C 53 -34.66 12.83 28.69
C PRO C 53 -34.84 11.30 28.52
N ILE C 54 -34.13 10.53 29.34
CA ILE C 54 -34.27 9.07 29.40
C ILE C 54 -35.64 8.68 29.95
N GLU C 55 -36.27 7.68 29.31
CA GLU C 55 -37.70 7.39 29.46
C GLU C 55 -37.93 5.99 30.05
N GLU C 56 -39.04 5.85 30.77
CA GLU C 56 -39.42 4.59 31.42
C GLU C 56 -39.15 3.36 30.56
N LEU C 64 -40.13 5.93 35.86
CA LEU C 64 -38.83 6.55 36.12
C LEU C 64 -38.26 7.35 34.90
N VAL C 65 -37.86 8.61 35.11
CA VAL C 65 -37.39 9.48 34.02
C VAL C 65 -36.24 10.36 34.49
N LEU C 66 -35.12 10.30 33.78
CA LEU C 66 -33.90 11.05 34.11
C LEU C 66 -33.70 12.20 33.13
N ASP C 67 -33.54 13.42 33.65
CA ASP C 67 -33.54 14.60 32.80
C ASP C 67 -32.24 15.39 32.96
N PHE C 68 -32.06 16.35 32.04
CA PHE C 68 -30.77 17.02 31.85
C PHE C 68 -30.88 18.49 32.18
N LEU C 69 -30.07 18.96 33.14
CA LEU C 69 -30.14 20.35 33.57
C LEU C 69 -29.18 21.23 32.79
N GLU C 70 -27.89 20.94 32.90
CA GLU C 70 -26.85 21.75 32.29
C GLU C 70 -25.53 21.00 32.46
N TYR C 71 -24.54 21.36 31.64
CA TYR C 71 -23.18 20.85 31.75
C TYR C 71 -22.25 22.01 32.04
N ARG C 72 -21.03 21.67 32.40
CA ARG C 72 -20.00 22.67 32.66
C ARG C 72 -18.66 22.07 32.30
N LEU C 73 -17.65 22.93 32.21
CA LEU C 73 -16.29 22.49 31.91
C LEU C 73 -15.32 23.12 32.89
N GLY C 74 -14.43 22.30 33.42
CA GLY C 74 -13.37 22.80 34.27
C GLY C 74 -12.09 23.05 33.50
N GLU C 75 -11.23 23.86 34.09
CA GLU C 75 -9.94 24.08 33.47
C GLU C 75 -9.13 22.79 33.50
N PRO C 76 -8.03 22.74 32.77
CA PRO C 76 -7.32 21.47 32.53
C PRO C 76 -6.48 21.07 33.73
N PRO C 77 -6.44 19.77 34.06
CA PRO C 77 -5.55 19.29 35.13
C PRO C 77 -4.10 19.66 34.93
N PHE C 78 -3.67 19.93 33.71
CA PHE C 78 -2.27 20.17 33.43
C PHE C 78 -2.18 21.06 32.20
N PRO C 79 -1.15 21.91 32.10
CA PRO C 79 -1.03 22.85 30.99
C PRO C 79 -0.35 22.24 29.78
N GLN C 80 -0.66 22.82 28.61
CA GLN C 80 -0.37 22.18 27.32
C GLN C 80 0.99 21.50 27.31
N ASP C 81 2.04 22.22 27.73
CA ASP C 81 3.37 21.63 27.72
C ASP C 81 3.42 20.41 28.61
N GLU C 82 2.89 20.54 29.82
CA GLU C 82 2.90 19.42 30.75
C GLU C 82 2.38 18.16 30.08
N CYS C 83 1.23 18.25 29.42
CA CYS C 83 0.68 17.07 28.75
C CYS C 83 1.62 16.61 27.65
N ARG C 84 2.19 17.56 26.89
CA ARG C 84 3.13 17.20 25.84
C ARG C 84 4.25 16.32 26.38
N GLU C 85 4.86 16.74 27.49
CA GLU C 85 5.96 15.98 28.03
C GLU C 85 5.51 14.63 28.54
N LYS C 86 4.43 14.59 29.34
CA LYS C 86 4.05 13.40 30.08
C LYS C 86 3.11 12.48 29.30
N ASP C 87 3.03 12.61 27.99
CA ASP C 87 2.23 11.69 27.15
C ASP C 87 0.79 11.59 27.67
N LEU C 88 0.25 12.73 28.08
CA LEU C 88 -1.14 12.85 28.50
C LEU C 88 -1.95 13.54 27.39
N THR C 89 -3.22 13.83 27.67
CA THR C 89 -4.07 14.55 26.74
C THR C 89 -4.46 15.90 27.33
N TYR C 90 -4.47 16.92 26.47
CA TYR C 90 -4.82 18.29 26.89
C TYR C 90 -6.35 18.41 26.85
N GLN C 91 -6.98 18.13 27.99
CA GLN C 91 -8.42 17.93 28.09
C GLN C 91 -8.98 18.69 29.29
N ALA C 92 -10.31 18.81 29.34
CA ALA C 92 -11.06 19.45 30.42
C ALA C 92 -12.06 18.47 31.07
N PRO C 93 -12.29 18.60 32.39
CA PRO C 93 -13.30 17.73 33.03
C PRO C 93 -14.71 18.14 32.65
N LEU C 94 -15.56 17.15 32.37
CA LEU C 94 -16.94 17.40 31.95
C LEU C 94 -17.92 16.96 33.05
N TYR C 95 -18.51 17.93 33.73
CA TYR C 95 -19.56 17.68 34.71
C TYR C 95 -20.92 17.98 34.10
N ALA C 96 -21.93 17.20 34.50
CA ALA C 96 -23.28 17.37 33.97
C ALA C 96 -24.29 17.22 35.10
N ARG C 97 -25.05 18.27 35.35
CA ARG C 97 -26.01 18.27 36.43
C ARG C 97 -27.33 17.67 35.96
N LEU C 98 -27.83 16.71 36.72
CA LEU C 98 -28.96 15.90 36.33
C LEU C 98 -29.96 15.81 37.48
N GLN C 99 -31.25 15.67 37.12
CA GLN C 99 -32.30 15.44 38.09
C GLN C 99 -33.12 14.22 37.67
N LEU C 100 -33.11 13.20 38.52
CA LEU C 100 -34.00 12.05 38.35
C LEU C 100 -35.36 12.35 38.99
N ILE C 101 -36.44 11.96 38.31
CA ILE C 101 -37.79 12.09 38.84
C ILE C 101 -38.55 10.81 38.58
N HIS C 102 -39.41 10.43 39.52
CA HIS C 102 -40.12 9.16 39.45
C HIS C 102 -41.44 9.32 38.72
N LYS C 103 -41.62 8.51 37.67
CA LYS C 103 -42.79 8.56 36.80
C LYS C 103 -44.12 8.46 37.54
N ASP C 104 -44.10 8.15 38.84
CA ASP C 104 -45.32 7.84 39.60
C ASP C 104 -45.45 8.59 40.93
N THR C 105 -44.34 8.85 41.64
CA THR C 105 -44.42 9.39 43.00
C THR C 105 -44.03 10.86 43.10
N GLY C 106 -43.20 11.38 42.20
CA GLY C 106 -42.66 12.72 42.35
C GLY C 106 -41.24 12.79 42.87
N LEU C 107 -40.55 11.64 42.96
CA LEU C 107 -39.14 11.56 43.33
C LEU C 107 -38.35 12.68 42.70
N ILE C 108 -37.45 13.29 43.47
CA ILE C 108 -36.49 14.26 42.94
C ILE C 108 -35.13 14.02 43.60
N LYS C 109 -34.17 13.52 42.83
CA LYS C 109 -32.77 13.57 43.19
C LYS C 109 -32.02 14.40 42.16
N GLU C 110 -30.92 14.99 42.57
CA GLU C 110 -30.17 15.90 41.71
C GLU C 110 -28.71 15.84 42.11
N ASP C 111 -27.89 15.28 41.23
CA ASP C 111 -26.44 15.31 41.37
C ASP C 111 -25.83 15.93 40.12
N GLU C 112 -24.53 16.26 40.19
CA GLU C 112 -23.77 16.62 39.01
C GLU C 112 -22.69 15.56 38.86
N VAL C 113 -22.86 14.69 37.87
CA VAL C 113 -22.03 13.50 37.75
C VAL C 113 -20.92 13.74 36.74
N PHE C 114 -19.70 13.37 37.12
CA PHE C 114 -18.52 13.51 36.29
C PHE C 114 -18.57 12.56 35.10
N LEU C 115 -18.46 13.10 33.89
CA LEU C 115 -18.57 12.34 32.66
C LEU C 115 -17.21 11.94 32.08
N GLY C 116 -16.12 12.52 32.58
CA GLY C 116 -14.79 12.34 32.04
C GLY C 116 -14.22 13.65 31.52
N HIS C 117 -13.17 13.54 30.70
CA HIS C 117 -12.43 14.69 30.17
C HIS C 117 -12.67 14.84 28.67
N ILE C 118 -13.00 16.03 28.23
CA ILE C 118 -13.01 16.38 26.80
C ILE C 118 -11.67 17.00 26.42
N PRO C 119 -11.05 16.59 25.32
CA PRO C 119 -9.79 17.22 24.89
C PRO C 119 -9.98 18.63 24.31
N LEU C 120 -9.21 19.60 24.82
CA LEU C 120 -9.27 21.00 24.42
C LEU C 120 -8.41 21.30 23.20
N MET C 121 -8.72 22.42 22.54
CA MET C 121 -7.99 22.88 21.35
C MET C 121 -7.08 24.04 21.73
N THR C 122 -5.81 23.92 21.39
CA THR C 122 -4.84 24.96 21.66
C THR C 122 -5.14 26.22 20.84
N GLU C 123 -4.32 27.26 21.02
CA GLU C 123 -4.61 28.52 20.34
C GLU C 123 -4.46 28.38 18.84
N ASP C 124 -3.39 27.72 18.40
CA ASP C 124 -3.17 27.58 16.96
C ASP C 124 -4.14 26.61 16.30
N GLY C 125 -5.03 26.00 17.08
CA GLY C 125 -6.09 25.18 16.52
C GLY C 125 -5.71 23.72 16.28
N SER C 126 -4.97 23.14 17.21
CA SER C 126 -4.62 21.73 17.16
C SER C 126 -5.01 21.04 18.49
N PHE C 127 -4.53 19.82 18.68
CA PHE C 127 -4.88 19.01 19.84
C PHE C 127 -3.66 18.25 20.32
N ILE C 128 -3.62 17.95 21.61
CA ILE C 128 -2.59 17.10 22.19
C ILE C 128 -3.29 15.87 22.74
N ILE C 129 -2.95 14.71 22.19
CA ILE C 129 -3.63 13.45 22.45
C ILE C 129 -2.56 12.42 22.81
N ASN C 130 -2.54 11.98 24.06
CA ASN C 130 -1.42 11.18 24.55
C ASN C 130 -0.11 11.89 24.22
N GLY C 131 -0.08 13.20 24.45
CA GLY C 131 1.12 14.01 24.33
C GLY C 131 1.72 14.00 22.95
N ALA C 132 0.88 14.24 21.94
CA ALA C 132 1.34 14.30 20.55
C ALA C 132 0.37 15.16 19.76
N ASP C 133 0.79 16.37 19.39
CA ASP C 133 -0.08 17.27 18.62
C ASP C 133 -0.69 16.54 17.45
N ARG C 134 -1.95 16.87 17.14
CA ARG C 134 -2.70 16.26 16.04
C ARG C 134 -3.65 17.30 15.46
N VAL C 135 -4.20 17.01 14.28
CA VAL C 135 -5.12 17.92 13.60
C VAL C 135 -6.35 17.16 13.15
N ILE C 136 -7.51 17.82 13.22
CA ILE C 136 -8.78 17.22 12.82
C ILE C 136 -9.17 17.82 11.47
N VAL C 137 -8.91 17.06 10.41
CA VAL C 137 -9.10 17.54 9.05
C VAL C 137 -10.58 17.64 8.72
N SER C 138 -11.05 18.82 8.35
CA SER C 138 -12.42 18.95 7.89
C SER C 138 -12.75 17.88 6.86
N GLN C 139 -14.02 17.51 6.79
CA GLN C 139 -14.46 16.51 5.84
C GLN C 139 -15.53 17.09 4.93
N ILE C 140 -15.37 16.87 3.64
CA ILE C 140 -16.33 17.29 2.63
C ILE C 140 -17.22 16.09 2.30
N HIS C 141 -18.52 16.34 2.18
CA HIS C 141 -19.46 15.28 1.87
C HIS C 141 -20.66 15.94 1.23
N ARG C 142 -21.47 15.12 0.57
CA ARG C 142 -22.74 15.61 0.06
C ARG C 142 -23.60 16.18 1.19
N SER C 143 -24.48 17.11 0.85
CA SER C 143 -25.13 17.74 1.99
C SER C 143 -26.57 17.29 2.14
N PRO C 144 -27.03 17.14 3.38
CA PRO C 144 -28.46 16.92 3.64
C PRO C 144 -29.39 17.73 2.73
N GLY C 145 -30.41 17.08 2.22
CA GLY C 145 -31.35 17.72 1.32
C GLY C 145 -32.03 16.68 0.46
N VAL C 146 -32.84 17.17 -0.46
CA VAL C 146 -33.53 16.32 -1.43
C VAL C 146 -33.05 16.71 -2.82
N TYR C 147 -32.69 15.71 -3.63
CA TYR C 147 -32.09 15.95 -4.93
C TYR C 147 -32.80 15.13 -6.01
N PHE C 148 -32.70 15.63 -7.24
CA PHE C 148 -33.25 14.98 -8.42
C PHE C 148 -32.15 14.84 -9.47
N THR C 149 -32.09 13.67 -10.10
CA THR C 149 -30.99 13.28 -10.97
C THR C 149 -31.50 12.33 -12.03
N PRO C 150 -31.20 12.55 -13.30
CA PRO C 150 -31.77 11.71 -14.35
C PRO C 150 -31.41 10.24 -14.17
N ASP C 151 -32.34 9.37 -14.55
CA ASP C 151 -32.11 7.93 -14.50
C ASP C 151 -31.11 7.56 -15.60
N PRO C 152 -29.99 6.93 -15.25
CA PRO C 152 -29.01 6.55 -16.30
C PRO C 152 -29.53 5.48 -17.25
N ALA C 153 -30.62 4.79 -16.90
CA ALA C 153 -31.19 3.78 -17.80
C ALA C 153 -32.17 4.42 -18.79
N ARG C 154 -33.29 4.96 -18.27
CA ARG C 154 -34.40 5.40 -19.11
C ARG C 154 -34.28 6.89 -19.34
N PRO C 155 -33.98 7.32 -20.57
CA PRO C 155 -33.49 8.70 -20.76
C PRO C 155 -34.42 9.77 -20.24
N GLY C 156 -35.73 9.52 -20.21
CA GLY C 156 -36.70 10.53 -19.84
C GLY C 156 -37.24 10.44 -18.43
N ARG C 157 -36.78 9.52 -17.60
CA ARG C 157 -37.25 9.43 -16.23
C ARG C 157 -36.11 9.69 -15.25
N TYR C 158 -36.48 10.15 -14.06
CA TYR C 158 -35.57 10.78 -13.12
C TYR C 158 -35.79 10.23 -11.71
N ILE C 159 -34.72 9.77 -11.06
CA ILE C 159 -34.80 9.38 -9.66
C ILE C 159 -34.82 10.64 -8.81
N ALA C 160 -35.57 10.60 -7.71
CA ALA C 160 -35.46 11.61 -6.67
C ALA C 160 -34.86 10.94 -5.43
N SER C 161 -33.97 11.67 -4.75
CA SER C 161 -33.25 11.13 -3.60
C SER C 161 -33.42 12.07 -2.41
N ILE C 162 -33.55 11.46 -1.22
CA ILE C 162 -33.70 12.17 0.04
C ILE C 162 -32.56 11.74 0.95
N ILE C 163 -31.71 12.70 1.33
CA ILE C 163 -30.47 12.40 2.03
C ILE C 163 -30.41 13.20 3.34
N PRO C 164 -30.30 12.53 4.50
CA PRO C 164 -30.01 13.24 5.75
C PRO C 164 -28.52 13.25 6.11
N LEU C 165 -28.16 13.94 7.21
CA LEU C 165 -26.83 13.84 7.77
C LEU C 165 -26.44 12.38 7.89
N PRO C 166 -25.16 12.04 7.79
CA PRO C 166 -24.76 10.63 7.82
C PRO C 166 -25.16 9.94 9.12
N LYS C 167 -25.53 8.66 8.99
CA LYS C 167 -25.90 7.83 10.14
C LYS C 167 -26.96 8.52 11.00
N ARG C 168 -27.75 9.40 10.40
CA ARG C 168 -28.90 10.02 11.05
C ARG C 168 -30.13 9.93 10.14
N GLY C 169 -30.39 8.72 9.63
CA GLY C 169 -31.52 8.48 8.76
C GLY C 169 -31.13 7.64 7.56
N PRO C 170 -32.12 7.06 6.88
CA PRO C 170 -31.83 6.29 5.65
C PRO C 170 -31.99 7.10 4.37
N TRP C 171 -31.27 6.69 3.32
CA TRP C 171 -31.47 7.30 2.01
C TRP C 171 -32.71 6.67 1.36
N ILE C 172 -33.54 7.51 0.73
CA ILE C 172 -34.78 7.07 0.09
C ILE C 172 -34.82 7.57 -1.35
N ASP C 173 -35.08 6.66 -2.29
CA ASP C 173 -35.24 6.99 -3.69
C ASP C 173 -36.69 6.84 -4.14
N LEU C 174 -37.09 7.63 -5.15
CA LEU C 174 -38.46 7.74 -5.65
C LEU C 174 -38.52 7.53 -7.17
N GLU C 175 -37.84 6.49 -7.66
CA GLU C 175 -37.85 6.16 -9.08
C GLU C 175 -39.27 5.79 -9.52
N VAL C 176 -39.72 6.40 -10.61
CA VAL C 176 -41.04 6.12 -11.17
C VAL C 176 -40.88 4.97 -12.17
N GLU C 177 -41.32 3.76 -11.77
CA GLU C 177 -41.06 2.53 -12.51
C GLU C 177 -41.68 2.58 -13.90
N PRO C 178 -41.42 1.57 -14.77
CA PRO C 178 -42.10 1.52 -16.07
C PRO C 178 -43.53 1.00 -15.98
N ASN C 179 -44.12 0.96 -14.78
CA ASN C 179 -45.53 0.63 -14.62
C ASN C 179 -46.37 1.83 -14.17
N GLY C 180 -45.92 3.05 -14.44
CA GLY C 180 -46.78 4.21 -14.29
C GLY C 180 -46.99 4.76 -12.88
N VAL C 181 -47.01 3.88 -11.87
CA VAL C 181 -47.21 4.26 -10.47
C VAL C 181 -45.87 4.17 -9.73
N VAL C 182 -45.64 5.14 -8.78
CA VAL C 182 -44.32 5.55 -8.32
C VAL C 182 -43.85 4.67 -7.17
N SER C 183 -42.54 4.52 -7.09
CA SER C 183 -41.84 3.58 -6.21
C SER C 183 -41.23 4.31 -5.01
N MET C 184 -40.58 3.52 -4.14
CA MET C 184 -39.95 4.01 -2.92
C MET C 184 -38.93 3.01 -2.36
N LYS C 185 -37.64 3.40 -2.29
CA LYS C 185 -36.57 2.53 -1.81
C LYS C 185 -36.16 2.91 -0.38
N VAL C 186 -35.98 1.91 0.48
CA VAL C 186 -35.49 2.07 1.85
C VAL C 186 -34.83 0.78 2.34
N ASN C 187 -33.57 0.86 2.75
CA ASN C 187 -32.78 -0.34 3.05
C ASN C 187 -32.87 -1.34 1.90
N LYS C 188 -32.80 -0.80 0.67
CA LYS C 188 -32.84 -1.53 -0.60
C LYS C 188 -34.15 -2.32 -0.80
N ARG C 189 -35.23 -1.96 -0.10
CA ARG C 189 -36.55 -2.54 -0.28
C ARG C 189 -37.44 -1.60 -1.08
N LYS C 190 -37.87 -2.02 -2.27
CA LYS C 190 -38.80 -1.26 -3.09
C LYS C 190 -40.25 -1.61 -2.75
N PHE C 191 -41.15 -0.65 -2.94
CA PHE C 191 -42.58 -0.87 -2.75
C PHE C 191 -43.33 0.35 -3.27
N PRO C 192 -44.64 0.20 -3.55
CA PRO C 192 -45.40 1.32 -4.13
C PRO C 192 -45.50 2.48 -3.16
N LEU C 193 -45.39 3.69 -3.68
CA LEU C 193 -45.38 4.85 -2.81
C LEU C 193 -46.73 5.04 -2.12
N VAL C 194 -47.83 4.84 -2.85
CA VAL C 194 -49.15 5.19 -2.34
C VAL C 194 -49.39 4.59 -0.95
N LEU C 195 -48.99 3.33 -0.75
CA LEU C 195 -49.12 2.71 0.56
C LEU C 195 -48.65 3.65 1.67
N LEU C 196 -47.56 4.38 1.41
CA LEU C 196 -47.01 5.30 2.40
C LEU C 196 -47.90 6.52 2.57
N LEU C 197 -48.24 7.19 1.46
CA LEU C 197 -49.05 8.40 1.55
C LEU C 197 -50.34 8.13 2.31
N ARG C 198 -50.91 6.93 2.12
CA ARG C 198 -52.06 6.50 2.90
C ARG C 198 -51.79 6.65 4.39
N VAL C 199 -50.73 6.01 4.87
CA VAL C 199 -50.40 6.01 6.29
C VAL C 199 -50.40 7.41 6.88
N LEU C 200 -50.10 8.42 6.07
CA LEU C 200 -50.05 9.79 6.56
C LEU C 200 -51.43 10.44 6.65
N GLY C 201 -52.47 9.76 6.16
CA GLY C 201 -53.81 10.30 6.18
C GLY C 201 -54.29 10.82 4.85
N TYR C 202 -53.66 10.43 3.75
CA TYR C 202 -53.93 11.05 2.47
C TYR C 202 -55.19 10.48 1.81
N ASP C 203 -55.90 11.33 1.08
CA ASP C 203 -57.14 10.99 0.38
C ASP C 203 -56.93 11.07 -1.12
N GLN C 204 -57.56 10.14 -1.85
CA GLN C 204 -57.38 10.07 -3.29
C GLN C 204 -57.63 11.42 -3.97
N GLU C 205 -58.61 12.20 -3.49
CA GLU C 205 -58.92 13.47 -4.14
C GLU C 205 -57.90 14.56 -3.80
N THR C 206 -57.51 14.66 -2.52
CA THR C 206 -56.56 15.68 -2.12
C THR C 206 -55.21 15.45 -2.83
N LEU C 207 -55.11 14.34 -3.59
CA LEU C 207 -53.98 14.11 -4.50
C LEU C 207 -54.14 14.89 -5.81
N ALA C 208 -55.19 14.56 -6.58
CA ALA C 208 -55.53 15.39 -7.74
C ALA C 208 -55.85 16.81 -7.31
N ARG C 209 -56.42 16.98 -6.11
CA ARG C 209 -56.60 18.30 -5.53
C ARG C 209 -55.29 19.05 -5.40
N GLU C 210 -54.17 18.33 -5.30
CA GLU C 210 -52.84 18.92 -5.23
C GLU C 210 -51.99 18.67 -6.47
N LEU C 211 -52.05 17.48 -7.07
CA LEU C 211 -51.34 17.25 -8.33
C LEU C 211 -52.18 17.79 -9.49
N GLY C 212 -53.31 17.13 -9.76
CA GLY C 212 -54.30 17.61 -10.70
C GLY C 212 -53.79 18.25 -11.97
N ALA C 213 -52.60 17.86 -12.42
CA ALA C 213 -52.13 18.44 -13.66
C ALA C 213 -51.78 17.34 -14.64
N TYR C 214 -51.10 16.30 -14.15
CA TYR C 214 -50.45 15.32 -15.01
C TYR C 214 -51.29 14.06 -15.01
N GLY C 215 -52.34 14.08 -15.84
CA GLY C 215 -53.11 12.88 -16.13
C GLY C 215 -52.18 11.78 -16.61
N GLU C 216 -50.99 12.21 -17.04
CA GLU C 216 -49.91 11.28 -17.34
C GLU C 216 -49.75 10.27 -16.22
N LEU C 217 -49.38 10.74 -15.03
CA LEU C 217 -49.12 9.86 -13.88
C LEU C 217 -49.79 10.31 -12.58
N VAL C 218 -50.16 11.58 -12.42
CA VAL C 218 -50.98 12.04 -11.29
C VAL C 218 -52.10 11.01 -11.15
N GLN C 219 -52.74 10.72 -12.29
CA GLN C 219 -53.77 9.71 -12.37
C GLN C 219 -53.20 8.29 -12.39
N GLY C 220 -51.90 8.12 -12.61
CA GLY C 220 -51.31 6.80 -12.64
C GLY C 220 -50.95 6.30 -11.25
N LEU C 221 -50.52 7.24 -10.40
CA LEU C 221 -50.07 6.91 -9.05
C LEU C 221 -51.16 6.26 -8.21
N MET C 222 -52.42 6.38 -8.63
CA MET C 222 -53.58 5.96 -7.83
C MET C 222 -53.92 4.49 -8.08
N ASP C 223 -54.02 3.71 -6.98
CA ASP C 223 -54.33 2.29 -7.06
C ASP C 223 -55.06 1.90 -5.76
N GLU C 224 -56.39 1.77 -5.85
CA GLU C 224 -57.27 1.65 -4.68
C GLU C 224 -57.34 0.24 -4.12
N SER C 225 -56.59 -0.73 -4.66
CA SER C 225 -56.28 -1.90 -3.85
C SER C 225 -55.67 -1.47 -2.51
N VAL C 226 -55.20 -0.23 -2.46
CA VAL C 226 -54.61 0.38 -1.27
C VAL C 226 -55.59 1.37 -0.61
N PHE C 227 -56.26 2.20 -1.41
CA PHE C 227 -57.23 3.17 -0.89
C PHE C 227 -58.33 2.49 -0.07
N ALA C 228 -58.52 1.18 -0.22
CA ALA C 228 -59.58 0.47 0.49
C ALA C 228 -59.17 0.18 1.93
N MET C 229 -58.69 1.22 2.63
CA MET C 229 -58.16 1.09 3.99
C MET C 229 -58.19 2.47 4.62
N ARG C 230 -58.18 2.49 5.95
CA ARG C 230 -57.99 3.73 6.70
C ARG C 230 -56.49 3.99 6.84
N PRO C 231 -56.09 5.05 7.55
CA PRO C 231 -54.66 5.30 7.73
C PRO C 231 -53.97 4.16 8.50
N GLU C 232 -54.46 3.85 9.69
CA GLU C 232 -53.79 2.83 10.51
C GLU C 232 -53.85 1.44 9.88
N GLU C 233 -54.61 1.29 8.79
CA GLU C 233 -54.70 0.00 8.10
C GLU C 233 -53.46 -0.25 7.26
N ALA C 234 -53.21 0.63 6.28
CA ALA C 234 -51.98 0.53 5.50
C ALA C 234 -50.73 0.62 6.37
N LEU C 235 -50.85 1.29 7.52
CA LEU C 235 -49.73 1.35 8.47
C LEU C 235 -49.21 -0.04 8.81
N ILE C 236 -50.12 -1.00 9.02
CA ILE C 236 -49.74 -2.39 9.20
C ILE C 236 -49.49 -3.04 7.84
N ARG C 237 -50.10 -2.51 6.78
CA ARG C 237 -49.86 -3.00 5.43
C ARG C 237 -48.38 -2.98 5.09
N LEU C 238 -47.65 -1.98 5.58
CA LEU C 238 -46.27 -1.71 5.22
C LEU C 238 -45.27 -2.41 6.12
N PHE C 239 -45.48 -2.36 7.43
CA PHE C 239 -44.63 -3.09 8.36
C PHE C 239 -44.38 -4.50 7.86
N THR C 240 -45.40 -5.10 7.25
CA THR C 240 -45.23 -6.37 6.55
C THR C 240 -44.10 -6.30 5.52
N LEU C 241 -44.05 -5.19 4.76
CA LEU C 241 -43.15 -5.06 3.62
C LEU C 241 -41.69 -4.84 4.01
N LEU C 242 -41.43 -4.39 5.24
CA LEU C 242 -40.07 -4.12 5.69
C LEU C 242 -39.60 -5.06 6.79
N ARG C 243 -40.47 -5.92 7.31
CA ARG C 243 -40.12 -6.88 8.35
C ARG C 243 -40.77 -8.22 8.02
N PRO C 244 -40.20 -8.95 7.08
CA PRO C 244 -40.72 -10.31 6.81
C PRO C 244 -40.45 -11.25 7.98
N GLY C 245 -41.36 -11.24 8.96
CA GLY C 245 -41.33 -12.18 10.06
C GLY C 245 -41.83 -11.64 11.38
N ASP C 246 -41.76 -10.31 11.56
CA ASP C 246 -42.18 -9.69 12.82
C ASP C 246 -43.70 -9.54 12.87
N PRO C 247 -44.34 -9.97 13.96
CA PRO C 247 -45.80 -9.79 14.08
C PRO C 247 -46.18 -8.32 14.12
N PRO C 248 -47.05 -7.88 13.22
CA PRO C 248 -47.30 -6.44 12.98
C PRO C 248 -48.29 -5.80 13.95
N LYS C 249 -47.99 -5.88 15.24
CA LYS C 249 -48.87 -5.26 16.23
C LYS C 249 -48.77 -3.73 16.13
N ARG C 250 -49.93 -3.06 16.24
CA ARG C 250 -50.05 -1.62 16.01
C ARG C 250 -49.24 -0.77 17.01
N ASP C 251 -48.70 -1.39 18.07
CA ASP C 251 -47.74 -0.70 18.94
C ASP C 251 -46.32 -0.80 18.43
N LYS C 252 -46.02 -1.82 17.60
CA LYS C 252 -44.69 -2.02 17.06
C LYS C 252 -44.53 -1.52 15.63
N ALA C 253 -45.62 -1.42 14.87
CA ALA C 253 -45.51 -0.85 13.52
C ALA C 253 -45.40 0.67 13.57
N VAL C 254 -46.15 1.32 14.47
CA VAL C 254 -45.93 2.74 14.72
C VAL C 254 -44.51 2.96 15.25
N ALA C 255 -44.02 2.03 16.07
CA ALA C 255 -42.68 2.15 16.62
C ALA C 255 -41.60 2.10 15.53
N TYR C 256 -41.81 1.32 14.46
CA TYR C 256 -40.77 1.17 13.44
C TYR C 256 -40.70 2.38 12.51
N VAL C 257 -41.80 2.67 11.80
CA VAL C 257 -41.77 3.78 10.86
C VAL C 257 -41.43 5.08 11.57
N TYR C 258 -42.07 5.34 12.72
CA TYR C 258 -41.73 6.53 13.49
C TYR C 258 -40.23 6.61 13.72
N GLY C 259 -39.63 5.51 14.19
CA GLY C 259 -38.21 5.39 14.44
C GLY C 259 -37.35 5.36 13.21
N LEU C 260 -37.93 5.68 12.05
CA LEU C 260 -37.25 5.69 10.76
C LEU C 260 -37.52 6.96 9.96
N ILE C 261 -38.66 7.61 10.23
CA ILE C 261 -39.11 8.69 9.36
C ILE C 261 -39.59 9.91 10.12
N ALA C 262 -39.93 9.83 11.38
CA ALA C 262 -40.39 11.00 12.11
C ALA C 262 -39.69 11.19 13.43
N ASP C 263 -39.00 10.18 13.94
CA ASP C 263 -38.39 10.26 15.26
C ASP C 263 -37.16 11.15 15.18
N PRO C 264 -37.24 12.41 15.60
CA PRO C 264 -36.07 13.28 15.48
C PRO C 264 -35.05 12.88 16.53
N ARG C 265 -34.80 11.58 16.59
CA ARG C 265 -33.80 11.00 17.47
C ARG C 265 -32.97 9.92 16.80
N ARG C 266 -33.40 9.38 15.64
CA ARG C 266 -32.42 8.77 14.73
C ARG C 266 -32.68 9.18 13.28
N TYR C 267 -33.46 10.22 13.02
CA TYR C 267 -33.53 10.82 11.70
C TYR C 267 -33.35 12.33 11.85
N ASP C 268 -32.18 12.79 11.44
CA ASP C 268 -31.87 14.22 11.35
C ASP C 268 -31.40 14.50 9.94
N LEU C 269 -32.25 15.14 9.15
CA LEU C 269 -31.75 16.02 8.12
C LEU C 269 -30.82 17.00 8.80
N GLY C 270 -29.87 17.55 8.06
CA GLY C 270 -29.06 18.60 8.62
C GLY C 270 -29.94 19.72 9.11
N GLU C 271 -29.35 20.59 9.92
CA GLU C 271 -29.83 21.95 9.94
C GLU C 271 -29.75 22.54 8.54
N ALA C 272 -28.62 22.33 7.87
CA ALA C 272 -28.50 22.72 6.47
C ALA C 272 -29.59 22.06 5.63
N GLY C 273 -29.75 20.74 5.80
CA GLY C 273 -30.72 19.99 5.00
C GLY C 273 -32.13 20.55 5.06
N ARG C 274 -32.52 21.13 6.18
CA ARG C 274 -33.80 21.81 6.23
C ARG C 274 -33.85 22.93 5.21
N TYR C 275 -32.93 23.91 5.34
CA TYR C 275 -32.97 25.09 4.47
C TYR C 275 -32.83 24.70 3.00
N LYS C 276 -32.00 23.69 2.70
CA LYS C 276 -31.77 23.37 1.30
C LYS C 276 -33.04 22.87 0.63
N ALA C 277 -33.61 21.79 1.15
CA ALA C 277 -34.89 21.32 0.61
C ALA C 277 -36.03 22.29 0.91
N GLU C 278 -35.90 23.13 1.93
CA GLU C 278 -36.89 24.17 2.13
C GLU C 278 -36.95 25.05 0.88
N GLU C 279 -35.88 25.79 0.57
CA GLU C 279 -35.95 26.71 -0.56
C GLU C 279 -36.05 25.96 -1.88
N LYS C 280 -35.58 24.72 -1.92
CA LYS C 280 -35.70 23.92 -3.13
C LYS C 280 -37.15 23.65 -3.46
N LEU C 281 -37.87 23.00 -2.53
CA LEU C 281 -39.27 22.64 -2.72
C LEU C 281 -40.22 23.78 -2.41
N GLY C 282 -39.72 24.89 -1.91
CA GLY C 282 -40.54 26.08 -1.69
C GLY C 282 -41.58 25.91 -0.60
N ILE C 283 -41.13 25.45 0.56
CA ILE C 283 -42.00 25.11 1.69
C ILE C 283 -41.20 25.30 2.97
N ARG C 284 -41.82 25.92 3.97
CA ARG C 284 -41.16 25.99 5.28
C ARG C 284 -41.25 24.64 5.98
N LEU C 285 -40.52 24.50 7.08
CA LEU C 285 -40.33 23.20 7.71
C LEU C 285 -40.26 23.34 9.22
N SER C 286 -41.12 22.59 9.94
CA SER C 286 -41.17 22.72 11.38
C SER C 286 -39.87 22.25 12.03
N GLY C 287 -39.43 21.05 11.69
CA GLY C 287 -38.21 20.49 12.22
C GLY C 287 -37.42 19.78 11.14
N ARG C 288 -36.24 19.31 11.54
CA ARG C 288 -35.32 18.60 10.66
C ARG C 288 -35.72 17.12 10.62
N THR C 289 -36.83 16.86 9.94
CA THR C 289 -37.54 15.59 10.06
C THR C 289 -38.56 15.47 8.94
N LEU C 290 -38.66 14.26 8.36
CA LEU C 290 -39.56 14.05 7.22
C LEU C 290 -41.02 14.10 7.64
N ALA C 291 -41.39 13.30 8.66
CA ALA C 291 -42.77 13.18 9.10
C ALA C 291 -42.90 13.53 10.57
N ARG C 292 -44.14 13.77 10.99
CA ARG C 292 -44.48 14.14 12.36
C ARG C 292 -45.43 13.12 12.97
N PHE C 293 -45.53 13.15 14.30
CA PHE C 293 -46.58 12.45 15.05
C PHE C 293 -47.26 13.50 15.93
N GLU C 294 -48.45 13.92 15.51
CA GLU C 294 -49.16 15.06 16.09
C GLU C 294 -50.64 14.72 16.20
N ASP C 295 -51.14 14.64 17.44
CA ASP C 295 -52.57 14.41 17.70
C ASP C 295 -53.00 13.02 17.22
N GLY C 296 -52.28 12.01 17.69
CA GLY C 296 -52.63 10.63 17.45
C GLY C 296 -52.08 9.99 16.20
N GLU C 297 -52.07 10.69 15.06
CA GLU C 297 -51.55 10.08 13.83
C GLU C 297 -50.42 10.89 13.17
N PHE C 298 -50.04 10.50 11.95
CA PHE C 298 -48.91 11.08 11.22
C PHE C 298 -49.34 12.23 10.31
N LYS C 299 -48.56 13.32 10.36
CA LYS C 299 -48.81 14.51 9.53
C LYS C 299 -47.57 14.79 8.67
N ASP C 300 -47.60 14.34 7.41
CA ASP C 300 -46.42 14.44 6.54
C ASP C 300 -45.92 15.88 6.42
N GLU C 301 -44.62 16.01 6.17
CA GLU C 301 -43.95 17.29 5.94
C GLU C 301 -43.26 17.38 4.58
N VAL C 302 -42.57 16.30 4.16
CA VAL C 302 -41.68 16.37 3.01
C VAL C 302 -42.17 15.53 1.84
N PHE C 303 -42.82 14.39 2.08
CA PHE C 303 -43.02 13.42 1.01
C PHE C 303 -43.89 13.99 -0.12
N LEU C 304 -44.89 14.80 0.21
CA LEU C 304 -45.73 15.28 -0.89
C LEU C 304 -45.02 16.40 -1.65
N PRO C 305 -44.40 17.36 -0.95
CA PRO C 305 -43.61 18.38 -1.66
C PRO C 305 -42.61 17.76 -2.62
N THR C 306 -41.74 16.88 -2.12
CA THR C 306 -40.87 16.08 -2.97
C THR C 306 -41.65 15.44 -4.11
N LEU C 307 -42.74 14.74 -3.78
CA LEU C 307 -43.58 14.10 -4.80
C LEU C 307 -44.00 15.11 -5.85
N ARG C 308 -44.25 16.36 -5.44
CA ARG C 308 -44.67 17.41 -6.36
C ARG C 308 -43.60 17.65 -7.42
N TYR C 309 -42.40 18.07 -6.99
CA TYR C 309 -41.30 18.35 -7.91
C TYR C 309 -41.12 17.22 -8.92
N LEU C 310 -40.75 16.03 -8.45
CA LEU C 310 -40.39 14.92 -9.33
C LEU C 310 -41.35 14.80 -10.51
N PHE C 311 -42.66 14.73 -10.23
CA PHE C 311 -43.64 14.55 -11.29
C PHE C 311 -43.54 15.68 -12.31
N ALA C 312 -43.69 16.93 -11.86
CA ALA C 312 -43.69 18.06 -12.78
C ALA C 312 -42.40 18.14 -13.59
N LEU C 313 -41.29 17.61 -13.08
CA LEU C 313 -40.08 17.50 -13.88
C LEU C 313 -40.28 16.53 -15.03
N THR C 314 -40.85 15.36 -14.75
CA THR C 314 -40.94 14.32 -15.77
C THR C 314 -41.93 14.67 -16.89
N ALA C 315 -42.76 15.69 -16.74
CA ALA C 315 -43.42 16.20 -17.94
C ALA C 315 -42.60 17.27 -18.65
N GLY C 316 -42.64 18.52 -18.16
CA GLY C 316 -41.71 19.52 -18.65
C GLY C 316 -41.52 20.73 -17.77
N VAL C 317 -42.19 20.78 -16.64
CA VAL C 317 -42.55 22.02 -15.96
C VAL C 317 -41.37 23.00 -15.80
N PRO C 318 -41.61 24.30 -15.65
CA PRO C 318 -40.49 25.24 -15.44
C PRO C 318 -39.94 25.16 -14.02
N GLY C 319 -38.68 25.56 -13.87
CA GLY C 319 -38.04 25.63 -12.57
C GLY C 319 -37.81 24.29 -11.90
N HIS C 320 -37.92 23.19 -12.66
CA HIS C 320 -37.65 21.83 -12.17
C HIS C 320 -36.36 21.37 -12.87
N GLU C 321 -35.22 21.73 -12.29
CA GLU C 321 -33.92 21.34 -12.81
C GLU C 321 -33.39 20.13 -12.08
N VAL C 322 -32.61 19.31 -12.78
CA VAL C 322 -31.78 18.31 -12.12
C VAL C 322 -30.78 19.09 -11.26
N ASP C 323 -30.05 18.40 -10.40
CA ASP C 323 -29.09 19.04 -9.51
C ASP C 323 -27.68 18.53 -9.78
N ASP C 324 -26.72 19.45 -9.80
CA ASP C 324 -25.33 19.06 -9.91
C ASP C 324 -24.87 18.70 -8.51
N ILE C 325 -24.72 17.40 -8.24
CA ILE C 325 -24.40 16.98 -6.89
C ILE C 325 -22.98 17.33 -6.49
N ASP C 326 -22.15 17.75 -7.44
CA ASP C 326 -20.77 18.17 -7.17
C ASP C 326 -20.62 19.67 -7.01
N HIS C 327 -21.65 20.44 -7.36
CA HIS C 327 -21.73 21.86 -7.05
C HIS C 327 -21.37 22.09 -5.59
N LEU C 328 -20.87 23.27 -5.29
CA LEU C 328 -20.49 23.55 -3.91
C LEU C 328 -21.62 24.19 -3.11
N GLY C 329 -22.80 24.29 -3.73
CA GLY C 329 -24.02 24.58 -3.00
C GLY C 329 -24.69 23.30 -2.51
N ASN C 330 -24.27 22.17 -3.07
CA ASN C 330 -24.79 20.86 -2.68
C ASN C 330 -23.73 19.96 -2.06
N ARG C 331 -22.50 20.45 -1.90
CA ARG C 331 -21.50 19.80 -1.08
C ARG C 331 -21.19 20.75 0.06
N ARG C 332 -20.73 20.21 1.19
CA ARG C 332 -20.59 21.02 2.39
C ARG C 332 -19.53 20.38 3.27
N ILE C 333 -19.16 21.10 4.33
CA ILE C 333 -17.96 20.78 5.08
C ILE C 333 -18.33 20.46 6.51
N ARG C 334 -17.87 19.29 6.98
CA ARG C 334 -18.01 18.93 8.38
C ARG C 334 -16.73 19.36 9.10
N THR C 335 -16.72 20.61 9.59
CA THR C 335 -15.60 21.13 10.35
C THR C 335 -15.42 20.31 11.62
N VAL C 336 -14.32 20.58 12.33
CA VAL C 336 -13.92 19.74 13.47
C VAL C 336 -15.01 19.69 14.52
N GLY C 337 -15.57 20.84 14.90
CA GLY C 337 -16.58 20.86 15.95
C GLY C 337 -17.73 19.91 15.67
N GLU C 338 -18.33 20.04 14.49
CA GLU C 338 -19.36 19.10 14.08
C GLU C 338 -18.87 17.65 14.16
N LEU C 339 -17.70 17.35 13.59
CA LEU C 339 -17.27 15.96 13.54
C LEU C 339 -17.14 15.36 14.93
N MET C 340 -16.63 16.14 15.89
CA MET C 340 -16.48 15.59 17.24
C MET C 340 -17.81 15.49 17.97
N THR C 341 -18.74 16.44 17.76
CA THR C 341 -20.06 16.30 18.35
C THR C 341 -20.74 15.03 17.86
N ASP C 342 -20.64 14.71 16.58
CA ASP C 342 -21.20 13.44 16.14
C ASP C 342 -20.75 12.32 17.04
N GLN C 343 -19.44 12.15 17.20
CA GLN C 343 -18.98 11.11 18.11
C GLN C 343 -19.56 11.28 19.51
N PHE C 344 -19.86 12.53 19.89
CA PHE C 344 -20.40 12.79 21.23
C PHE C 344 -21.83 12.30 21.33
N ARG C 345 -22.64 12.54 20.30
CA ARG C 345 -23.99 12.01 20.21
C ARG C 345 -24.03 10.50 20.20
N VAL C 346 -22.87 9.85 20.11
CA VAL C 346 -22.80 8.39 20.05
C VAL C 346 -22.39 7.84 21.42
N GLY C 347 -21.63 8.61 22.19
CA GLY C 347 -21.40 8.21 23.58
C GLY C 347 -22.65 8.40 24.41
N LEU C 348 -23.22 9.61 24.35
CA LEU C 348 -24.51 9.85 24.97
C LEU C 348 -25.54 8.77 24.62
N ALA C 349 -25.53 8.31 23.36
CA ALA C 349 -26.48 7.28 22.97
C ALA C 349 -26.22 6.00 23.74
N ARG C 350 -24.95 5.58 23.84
CA ARG C 350 -24.65 4.34 24.55
C ARG C 350 -24.96 4.49 26.03
N LEU C 351 -24.52 5.60 26.64
CA LEU C 351 -24.82 5.88 28.04
C LEU C 351 -26.31 5.75 28.37
N ALA C 352 -27.20 6.11 27.43
CA ALA C 352 -28.63 6.00 27.72
C ALA C 352 -29.13 4.57 27.59
N ARG C 353 -28.55 3.77 26.68
CA ARG C 353 -28.85 2.34 26.66
C ARG C 353 -28.58 1.71 28.02
N GLY C 354 -27.56 2.19 28.73
CA GLY C 354 -27.18 1.62 30.01
C GLY C 354 -27.88 2.18 31.23
N VAL C 355 -28.46 3.39 31.13
CA VAL C 355 -29.21 3.89 32.26
C VAL C 355 -30.57 3.21 32.35
N ARG C 356 -31.34 3.25 31.26
CA ARG C 356 -32.63 2.58 31.29
C ARG C 356 -32.48 1.10 31.65
N GLU C 357 -31.37 0.48 31.25
CA GLU C 357 -31.12 -0.90 31.65
C GLU C 357 -31.14 -1.04 33.18
N ARG C 358 -30.41 -0.17 33.87
CA ARG C 358 -30.43 -0.11 35.33
C ARG C 358 -31.58 0.74 35.87
N MET C 359 -32.45 1.25 35.00
CA MET C 359 -33.72 1.80 35.47
C MET C 359 -34.74 0.70 35.70
N LEU C 360 -34.81 -0.27 34.79
CA LEU C 360 -35.73 -1.39 34.91
C LEU C 360 -34.99 -2.66 35.34
N MET C 361 -34.01 -2.49 36.22
CA MET C 361 -33.58 -3.57 37.09
C MET C 361 -32.62 -3.03 38.15
N GLY C 362 -32.91 -3.33 39.42
CA GLY C 362 -31.98 -3.11 40.52
C GLY C 362 -32.51 -2.43 41.77
N SER C 363 -33.25 -1.33 41.68
CA SER C 363 -34.24 -1.00 42.71
C SER C 363 -35.04 0.24 42.30
N GLU C 364 -36.36 0.11 42.04
CA GLU C 364 -36.96 1.28 41.38
C GLU C 364 -37.12 2.54 42.31
N ASP C 365 -36.65 2.65 43.55
CA ASP C 365 -36.87 3.89 44.30
C ASP C 365 -35.62 4.42 45.01
N SER C 366 -34.68 3.54 45.37
CA SER C 366 -33.44 3.97 46.03
C SER C 366 -32.32 4.11 44.98
N LEU C 367 -32.44 5.16 44.17
CA LEU C 367 -31.53 5.38 43.06
C LEU C 367 -31.32 6.88 42.87
N THR C 368 -30.21 7.22 42.23
CA THR C 368 -29.72 8.58 42.06
C THR C 368 -29.29 8.79 40.61
N PRO C 369 -29.08 10.05 40.20
CA PRO C 369 -28.29 10.28 38.98
C PRO C 369 -26.91 9.67 39.08
N ALA C 370 -26.27 9.84 40.23
CA ALA C 370 -24.91 9.38 40.43
C ALA C 370 -24.72 7.94 39.92
N LYS C 371 -25.46 6.99 40.49
CA LYS C 371 -25.20 5.57 40.24
C LYS C 371 -26.02 4.98 39.10
N LEU C 372 -26.87 5.78 38.48
CA LEU C 372 -27.58 5.37 37.28
C LEU C 372 -26.84 5.71 36.00
N VAL C 373 -25.66 6.33 36.11
CA VAL C 373 -24.85 6.75 34.97
C VAL C 373 -23.47 6.11 35.09
N ASN C 374 -23.06 5.39 34.06
CA ASN C 374 -21.69 4.92 33.91
C ASN C 374 -21.07 5.70 32.74
N SER C 375 -20.15 6.61 33.06
CA SER C 375 -19.64 7.55 32.06
C SER C 375 -18.89 6.84 30.92
N ARG C 376 -18.17 5.77 31.24
CA ARG C 376 -17.19 5.19 30.31
C ARG C 376 -17.66 5.05 28.87
N PRO C 377 -18.87 4.56 28.55
CA PRO C 377 -19.27 4.55 27.14
C PRO C 377 -19.09 5.90 26.45
N LEU C 378 -19.32 7.01 27.15
CA LEU C 378 -18.99 8.31 26.58
C LEU C 378 -17.48 8.48 26.42
N GLU C 379 -16.74 8.36 27.52
CA GLU C 379 -15.28 8.45 27.48
C GLU C 379 -14.66 7.76 26.26
N ALA C 380 -15.01 6.48 26.04
CA ALA C 380 -14.33 5.72 24.99
C ALA C 380 -14.73 6.17 23.58
N ALA C 381 -15.95 6.71 23.42
CA ALA C 381 -16.36 7.24 22.11
C ALA C 381 -15.54 8.47 21.75
N ILE C 382 -15.31 9.35 22.71
CA ILE C 382 -14.43 10.49 22.48
C ILE C 382 -13.03 10.00 22.22
N ARG C 383 -12.44 9.31 23.19
CA ARG C 383 -11.08 8.80 23.06
C ARG C 383 -10.90 8.18 21.67
N GLU C 384 -11.95 7.50 21.20
CA GLU C 384 -11.87 6.78 19.93
C GLU C 384 -11.72 7.74 18.76
N PHE C 385 -12.57 8.77 18.73
CA PHE C 385 -12.55 9.69 17.60
C PHE C 385 -11.22 10.40 17.49
N PHE C 386 -10.53 10.59 18.61
CA PHE C 386 -9.28 11.33 18.64
C PHE C 386 -8.05 10.46 18.52
N SER C 387 -8.14 9.15 18.71
CA SER C 387 -6.95 8.31 18.70
C SER C 387 -6.87 7.36 17.53
N ARG C 388 -7.99 7.08 16.88
CA ARG C 388 -7.93 6.20 15.72
C ARG C 388 -8.85 6.64 14.58
N SER C 389 -9.42 7.84 14.63
CA SER C 389 -10.18 8.27 13.48
C SER C 389 -9.28 8.37 12.25
N GLN C 390 -9.90 8.39 11.09
CA GLN C 390 -9.15 8.68 9.88
C GLN C 390 -9.05 10.18 9.63
N LEU C 391 -9.70 10.99 10.46
CA LEU C 391 -9.58 12.43 10.39
C LEU C 391 -8.72 12.99 11.51
N SER C 392 -8.37 12.17 12.50
CA SER C 392 -7.44 12.61 13.53
C SER C 392 -6.05 12.22 13.06
N GLN C 393 -5.28 13.22 12.61
CA GLN C 393 -3.97 13.01 12.01
C GLN C 393 -2.88 13.58 12.89
N PHE C 394 -1.82 12.78 13.06
CA PHE C 394 -0.52 13.26 13.47
C PHE C 394 -0.22 14.60 12.80
N LYS C 395 0.00 15.64 13.61
CA LYS C 395 0.15 17.01 13.08
C LYS C 395 1.39 17.11 12.22
N ASP C 396 1.29 17.91 11.17
CA ASP C 396 2.41 18.21 10.27
C ASP C 396 3.07 19.54 10.70
N GLU C 397 4.01 19.45 11.63
CA GLU C 397 4.74 20.62 12.08
C GLU C 397 6.21 20.51 11.66
N THR C 398 6.41 20.12 10.40
CA THR C 398 7.74 20.19 9.79
C THR C 398 8.27 21.61 9.83
N ASN C 399 7.48 22.54 9.32
CA ASN C 399 7.71 23.98 9.47
C ASN C 399 6.36 24.62 9.77
N PRO C 400 6.33 25.88 10.21
CA PRO C 400 5.04 26.46 10.62
C PRO C 400 4.00 26.50 9.53
N LEU C 401 4.41 26.47 8.25
CA LEU C 401 3.43 26.41 7.18
C LEU C 401 2.78 25.02 7.11
N SER C 402 3.58 23.97 7.28
CA SER C 402 3.01 22.64 7.17
C SER C 402 1.91 22.45 8.20
N SER C 403 2.10 23.02 9.40
CA SER C 403 1.05 22.98 10.42
C SER C 403 -0.16 23.82 10.02
N LEU C 404 0.04 25.03 9.50
CA LEU C 404 -1.10 25.84 9.09
C LEU C 404 -1.82 25.24 7.89
N ARG C 405 -1.08 24.64 6.95
CA ARG C 405 -1.77 24.09 5.79
C ARG C 405 -2.62 22.90 6.20
N HIS C 406 -2.13 22.11 7.17
CA HIS C 406 -2.87 20.97 7.67
C HIS C 406 -4.24 21.38 8.18
N LYS C 407 -4.25 22.29 9.16
CA LYS C 407 -5.48 22.81 9.73
C LYS C 407 -6.43 23.32 8.66
N ARG C 408 -5.95 23.63 7.46
CA ARG C 408 -6.81 24.11 6.39
C ARG C 408 -7.04 23.07 5.29
N ARG C 409 -6.78 21.79 5.57
CA ARG C 409 -6.98 20.72 4.61
C ARG C 409 -8.43 20.22 4.62
N ILE C 410 -8.80 19.52 3.55
CA ILE C 410 -10.17 19.10 3.32
C ILE C 410 -10.15 17.71 2.71
N SER C 411 -10.64 16.72 3.45
CA SER C 411 -10.65 15.32 2.99
C SER C 411 -12.06 14.95 2.54
N ALA C 412 -12.16 14.37 1.35
CA ALA C 412 -13.44 13.80 0.96
C ALA C 412 -13.59 12.40 1.48
N LEU C 413 -12.53 11.83 2.06
CA LEU C 413 -12.49 10.50 2.61
C LEU C 413 -12.98 10.48 4.06
N GLY C 414 -13.09 9.29 4.63
CA GLY C 414 -13.36 9.15 6.05
C GLY C 414 -14.72 8.57 6.44
N PRO C 415 -14.87 8.30 7.74
CA PRO C 415 -16.16 7.80 8.24
C PRO C 415 -17.29 8.76 7.91
N GLY C 416 -18.20 8.32 7.04
CA GLY C 416 -19.27 9.16 6.55
C GLY C 416 -19.03 9.71 5.17
N GLY C 417 -17.92 9.34 4.53
CA GLY C 417 -17.62 9.84 3.21
C GLY C 417 -17.40 8.72 2.24
N LEU C 418 -16.28 8.81 1.52
CA LEU C 418 -15.95 7.91 0.42
C LEU C 418 -14.84 6.95 0.83
N THR C 419 -15.00 5.70 0.44
CA THR C 419 -13.89 4.76 0.39
C THR C 419 -13.13 5.00 -0.91
N ARG C 420 -11.81 4.78 -0.86
CA ARG C 420 -11.00 4.97 -2.06
C ARG C 420 -11.69 4.44 -3.32
N GLU C 421 -12.15 3.18 -3.27
CA GLU C 421 -12.85 2.57 -4.39
C GLU C 421 -14.13 3.32 -4.74
N ARG C 422 -14.77 3.94 -3.76
CA ARG C 422 -15.99 4.70 -4.04
C ARG C 422 -15.71 5.91 -4.92
N ALA C 423 -14.46 6.39 -4.96
CA ALA C 423 -14.13 7.69 -5.54
C ALA C 423 -14.01 7.57 -7.06
N GLY C 424 -14.95 8.21 -7.78
CA GLY C 424 -14.94 8.26 -9.24
C GLY C 424 -14.06 9.37 -9.77
N PHE C 425 -14.47 10.00 -10.89
CA PHE C 425 -13.84 11.23 -11.40
C PHE C 425 -14.48 12.48 -10.81
N ASP C 426 -15.80 12.56 -10.92
CA ASP C 426 -16.52 13.79 -10.62
C ASP C 426 -16.20 14.32 -9.23
N VAL C 427 -15.98 13.42 -8.26
CA VAL C 427 -15.59 13.89 -6.93
C VAL C 427 -14.23 14.57 -6.97
N ARG C 428 -13.36 14.14 -7.88
CA ARG C 428 -11.99 14.61 -7.91
C ARG C 428 -11.82 15.84 -8.81
N ASP C 429 -12.60 15.92 -9.88
CA ASP C 429 -12.52 17.07 -10.76
C ASP C 429 -12.54 18.36 -9.96
N VAL C 430 -11.87 19.38 -10.51
CA VAL C 430 -12.11 20.77 -10.09
C VAL C 430 -13.51 21.13 -10.57
N HIS C 431 -14.31 21.73 -9.68
CA HIS C 431 -15.64 22.19 -10.08
C HIS C 431 -15.65 23.69 -10.38
N ARG C 432 -16.45 24.06 -11.38
CA ARG C 432 -16.67 25.47 -11.69
C ARG C 432 -16.87 26.32 -10.44
N THR C 433 -17.44 25.72 -9.39
CA THR C 433 -17.74 26.39 -8.13
C THR C 433 -16.59 26.33 -7.16
N HIS C 434 -15.52 25.58 -7.46
CA HIS C 434 -14.38 25.63 -6.56
C HIS C 434 -13.79 27.02 -6.55
N TYR C 435 -14.01 27.77 -7.64
CA TYR C 435 -13.47 29.10 -7.82
C TYR C 435 -13.61 29.90 -6.54
N GLY C 436 -12.48 30.29 -5.98
CA GLY C 436 -12.50 31.06 -4.76
C GLY C 436 -12.87 30.31 -3.50
N ARG C 437 -13.11 28.99 -3.57
CA ARG C 437 -13.40 28.23 -2.36
C ARG C 437 -12.39 27.15 -2.06
N ILE C 438 -12.12 26.26 -3.01
CA ILE C 438 -11.13 25.21 -2.85
C ILE C 438 -10.04 25.45 -3.88
N CYS C 439 -8.78 25.46 -3.43
CA CYS C 439 -7.71 25.69 -4.38
C CYS C 439 -7.78 24.66 -5.50
N PRO C 440 -7.46 25.07 -6.73
CA PRO C 440 -7.37 24.13 -7.86
C PRO C 440 -5.98 23.57 -8.07
N VAL C 441 -4.98 24.04 -7.32
CA VAL C 441 -3.62 23.56 -7.44
C VAL C 441 -3.27 22.59 -6.34
N GLU C 442 -3.50 22.97 -5.08
CA GLU C 442 -2.98 22.21 -3.94
C GLU C 442 -3.86 21.01 -3.72
N THR C 443 -3.40 19.91 -4.28
CA THR C 443 -3.90 18.58 -4.07
C THR C 443 -2.72 17.65 -4.20
N PRO C 444 -2.84 16.40 -3.76
CA PRO C 444 -1.72 15.48 -3.84
C PRO C 444 -1.70 14.73 -5.17
N GLU C 445 -0.52 14.50 -5.70
CA GLU C 445 -0.40 13.66 -6.89
C GLU C 445 -0.53 12.20 -6.44
N GLY C 446 -1.22 11.39 -7.23
CA GLY C 446 -1.43 10.01 -6.81
C GLY C 446 -2.86 9.63 -6.45
N ALA C 447 -3.02 8.61 -5.60
CA ALA C 447 -4.35 8.00 -5.40
C ALA C 447 -5.36 9.00 -4.85
N ASN C 448 -4.93 9.88 -3.94
CA ASN C 448 -5.79 10.82 -3.23
C ASN C 448 -6.08 12.10 -4.01
N ILE C 449 -5.56 12.22 -5.23
CA ILE C 449 -5.75 13.38 -6.09
C ILE C 449 -7.22 13.75 -6.16
N GLY C 450 -7.54 15.00 -5.81
CA GLY C 450 -8.91 15.49 -5.89
C GLY C 450 -9.80 15.13 -4.71
N LEU C 451 -9.34 14.35 -3.75
CA LEU C 451 -10.12 14.10 -2.54
C LEU C 451 -9.65 14.99 -1.41
N ILE C 452 -8.33 15.02 -1.17
CA ILE C 452 -7.72 15.97 -0.27
C ILE C 452 -7.40 17.24 -1.04
N THR C 453 -7.88 18.37 -0.53
CA THR C 453 -7.73 19.66 -1.17
C THR C 453 -7.59 20.71 -0.07
N SER C 454 -7.49 21.96 -0.47
CA SER C 454 -7.17 23.01 0.49
C SER C 454 -8.17 24.15 0.38
N LEU C 455 -8.21 24.93 1.44
CA LEU C 455 -9.20 25.99 1.58
C LEU C 455 -8.67 27.23 0.89
N ALA C 456 -9.46 27.80 -0.03
CA ALA C 456 -9.03 29.01 -0.72
C ALA C 456 -8.61 30.04 0.30
N ALA C 457 -7.82 31.02 -0.10
CA ALA C 457 -7.19 31.84 0.93
C ALA C 457 -8.19 32.83 1.55
N TYR C 458 -9.16 33.29 0.78
CA TYR C 458 -10.10 34.27 1.30
C TYR C 458 -11.38 33.63 1.81
N ALA C 459 -11.52 32.32 1.68
CA ALA C 459 -12.78 31.61 1.84
C ALA C 459 -13.05 31.29 3.30
N ARG C 460 -14.33 31.16 3.62
CA ARG C 460 -14.74 30.77 4.94
C ARG C 460 -15.99 29.90 4.84
N VAL C 461 -16.16 29.01 5.82
CA VAL C 461 -17.31 28.11 5.91
C VAL C 461 -18.35 28.73 6.82
N ASP C 462 -19.58 28.84 6.32
CA ASP C 462 -20.62 29.51 7.06
C ASP C 462 -21.24 28.57 8.12
N GLU C 463 -22.24 29.10 8.84
CA GLU C 463 -22.81 28.36 9.97
C GLU C 463 -23.47 27.06 9.52
N LEU C 464 -23.95 27.02 8.28
CA LEU C 464 -24.53 25.82 7.70
C LEU C 464 -23.50 24.83 7.18
N GLY C 465 -22.25 25.25 7.05
CA GLY C 465 -21.18 24.37 6.61
C GLY C 465 -20.86 24.42 5.14
N PHE C 466 -21.24 25.49 4.45
CA PHE C 466 -20.88 25.71 3.06
C PHE C 466 -19.71 26.66 2.96
N ILE C 467 -18.81 26.41 2.00
CA ILE C 467 -17.74 27.35 1.73
C ILE C 467 -18.31 28.54 0.99
N ARG C 468 -17.81 29.73 1.30
CA ARG C 468 -18.15 30.89 0.50
C ARG C 468 -17.01 31.89 0.50
N THR C 469 -17.04 32.78 -0.50
CA THR C 469 -15.94 33.62 -0.93
C THR C 469 -16.41 35.04 -1.17
N PRO C 470 -15.57 36.03 -0.90
CA PRO C 470 -15.99 37.43 -0.97
C PRO C 470 -15.89 38.02 -2.36
N TYR C 471 -16.77 39.00 -2.60
CA TYR C 471 -16.85 39.73 -3.85
C TYR C 471 -17.28 41.15 -3.52
N ARG C 472 -16.67 42.13 -4.17
CA ARG C 472 -17.05 43.52 -4.00
C ARG C 472 -18.30 43.81 -4.83
N ARG C 473 -19.23 44.59 -4.27
CA ARG C 473 -20.42 44.96 -5.02
C ARG C 473 -20.13 46.17 -5.91
N VAL C 474 -20.41 46.03 -7.19
CA VAL C 474 -20.31 47.15 -8.13
C VAL C 474 -21.73 47.57 -8.49
N VAL C 475 -22.05 48.84 -8.26
CA VAL C 475 -23.35 49.42 -8.60
C VAL C 475 -23.15 50.57 -9.58
N GLY C 476 -24.07 50.69 -10.54
CA GLY C 476 -23.90 51.59 -11.66
C GLY C 476 -22.69 51.08 -12.40
N GLY C 477 -21.59 51.82 -12.30
CA GLY C 477 -20.31 51.33 -12.77
C GLY C 477 -19.26 51.45 -11.70
N VAL C 478 -19.62 51.98 -10.56
CA VAL C 478 -18.67 52.25 -9.50
C VAL C 478 -18.64 51.08 -8.54
N VAL C 479 -17.46 50.81 -7.98
CA VAL C 479 -17.22 49.63 -7.14
C VAL C 479 -17.27 50.05 -5.67
N THR C 480 -18.14 49.40 -4.90
CA THR C 480 -18.21 49.68 -3.47
C THR C 480 -17.00 49.09 -2.76
N ASP C 481 -16.89 49.44 -1.47
CA ASP C 481 -16.02 48.74 -0.53
C ASP C 481 -16.78 47.73 0.31
N GLU C 482 -18.08 47.56 0.04
CA GLU C 482 -18.94 46.62 0.76
C GLU C 482 -18.70 45.20 0.25
N VAL C 483 -18.08 44.37 1.05
CA VAL C 483 -17.77 43.01 0.62
C VAL C 483 -18.81 42.04 1.19
N VAL C 484 -19.12 40.99 0.42
CA VAL C 484 -20.17 40.06 0.78
C VAL C 484 -19.79 38.65 0.35
N TYR C 485 -20.04 37.68 1.23
CA TYR C 485 -19.62 36.30 1.03
C TYR C 485 -20.78 35.46 0.51
N MET C 486 -20.56 34.77 -0.61
CA MET C 486 -21.63 34.06 -1.30
C MET C 486 -21.36 32.56 -1.32
N THR C 487 -22.39 31.77 -1.02
CA THR C 487 -22.33 30.37 -1.36
C THR C 487 -22.29 30.23 -2.87
N ALA C 488 -21.79 29.09 -3.33
CA ALA C 488 -21.78 28.86 -4.77
C ALA C 488 -23.15 29.08 -5.41
N THR C 489 -24.25 28.95 -4.65
CA THR C 489 -25.57 29.03 -5.25
C THR C 489 -25.96 30.47 -5.60
N GLU C 490 -25.78 31.38 -4.66
CA GLU C 490 -26.13 32.76 -4.97
C GLU C 490 -25.14 33.37 -5.94
N GLU C 491 -23.88 32.90 -5.90
CA GLU C 491 -22.90 33.31 -6.91
C GLU C 491 -23.48 33.23 -8.30
N ASP C 492 -24.03 32.06 -8.66
CA ASP C 492 -24.55 31.81 -10.01
C ASP C 492 -25.60 32.83 -10.43
N ARG C 493 -26.03 33.69 -9.50
CA ARG C 493 -27.07 34.68 -9.80
C ARG C 493 -26.53 35.91 -10.54
N TYR C 494 -25.23 36.17 -10.47
CA TYR C 494 -24.70 37.46 -10.87
C TYR C 494 -23.68 37.32 -11.99
N THR C 495 -23.33 38.49 -12.55
CA THR C 495 -22.25 38.66 -13.52
C THR C 495 -21.10 39.31 -12.76
N ILE C 496 -20.00 38.56 -12.57
CA ILE C 496 -18.94 38.95 -11.62
C ILE C 496 -17.65 39.21 -12.39
N ALA C 497 -17.22 40.48 -12.41
CA ALA C 497 -16.06 40.90 -13.18
C ALA C 497 -14.76 40.60 -12.44
N GLN C 498 -13.69 40.51 -13.22
CA GLN C 498 -12.42 39.95 -12.76
C GLN C 498 -11.67 40.92 -11.84
N ALA C 499 -10.79 40.33 -11.03
CA ALA C 499 -10.18 41.07 -9.95
C ALA C 499 -9.44 42.30 -10.46
N ASN C 500 -8.83 42.21 -11.64
CA ASN C 500 -7.93 43.25 -12.14
C ASN C 500 -8.56 44.05 -13.27
N THR C 501 -9.88 44.15 -13.33
CA THR C 501 -10.48 45.02 -14.34
C THR C 501 -10.11 46.46 -14.00
N PRO C 502 -9.67 47.25 -14.99
CA PRO C 502 -8.97 48.50 -14.68
C PRO C 502 -9.93 49.60 -14.25
N LEU C 503 -9.50 50.42 -13.30
CA LEU C 503 -10.37 51.43 -12.70
C LEU C 503 -9.72 52.81 -12.68
N GLU C 504 -10.57 53.83 -12.55
CA GLU C 504 -10.18 55.19 -12.17
C GLU C 504 -10.80 55.49 -10.82
N GLY C 505 -9.99 55.61 -9.80
CA GLY C 505 -10.56 55.73 -8.47
C GLY C 505 -11.30 54.46 -8.14
N ASN C 506 -12.64 54.50 -8.20
CA ASN C 506 -13.45 53.31 -7.95
C ASN C 506 -14.46 53.08 -9.07
N ARG C 507 -14.20 53.61 -10.26
CA ARG C 507 -15.06 53.39 -11.42
C ARG C 507 -14.37 52.46 -12.41
N ILE C 508 -15.18 51.70 -13.15
CA ILE C 508 -14.67 50.68 -14.06
C ILE C 508 -14.29 51.38 -15.35
N ALA C 509 -12.99 51.62 -15.53
CA ALA C 509 -12.52 52.33 -16.72
C ALA C 509 -12.88 51.54 -17.99
N ALA C 510 -12.39 50.31 -18.12
CA ALA C 510 -12.52 49.58 -19.38
C ALA C 510 -13.94 49.61 -19.95
N GLU C 511 -14.06 49.40 -21.25
CA GLU C 511 -15.35 49.33 -21.93
C GLU C 511 -15.80 47.89 -22.18
N ARG C 512 -14.83 46.99 -22.25
CA ARG C 512 -15.03 45.56 -22.09
C ARG C 512 -14.54 45.17 -20.70
N VAL C 513 -15.35 44.40 -19.97
CA VAL C 513 -14.96 43.88 -18.66
C VAL C 513 -15.00 42.37 -18.75
N VAL C 514 -14.12 41.73 -17.98
CA VAL C 514 -13.89 40.31 -18.07
C VAL C 514 -14.53 39.68 -16.85
N ALA C 515 -15.66 38.99 -17.07
CA ALA C 515 -16.51 38.54 -15.99
C ALA C 515 -16.98 37.13 -16.28
N ARG C 516 -17.51 36.47 -15.26
CA ARG C 516 -18.17 35.17 -15.40
C ARG C 516 -19.63 35.27 -14.95
N ARG C 517 -20.50 34.51 -15.62
CA ARG C 517 -21.87 34.25 -15.16
C ARG C 517 -22.01 32.74 -15.03
N LYS C 518 -22.30 32.27 -13.82
CA LYS C 518 -22.34 30.85 -13.55
C LYS C 518 -21.05 30.19 -13.98
N GLY C 519 -19.94 30.87 -13.67
CA GLY C 519 -18.62 30.36 -13.92
C GLY C 519 -18.15 30.37 -15.36
N GLU C 520 -19.06 30.61 -16.35
CA GLU C 520 -18.61 30.72 -17.73
C GLU C 520 -18.00 32.10 -17.98
N PRO C 521 -16.96 32.19 -18.81
CA PRO C 521 -16.32 33.49 -19.05
C PRO C 521 -17.05 34.30 -20.12
N VAL C 522 -17.37 35.55 -19.80
CA VAL C 522 -18.20 36.40 -20.64
C VAL C 522 -17.57 37.78 -20.77
N ILE C 523 -17.63 38.35 -21.96
CA ILE C 523 -17.19 39.73 -22.19
C ILE C 523 -18.43 40.59 -22.22
N VAL C 524 -18.40 41.69 -21.47
CA VAL C 524 -19.62 42.39 -21.11
C VAL C 524 -19.27 43.81 -20.73
N SER C 525 -20.25 44.71 -20.86
CA SER C 525 -20.08 46.12 -20.58
C SER C 525 -20.24 46.43 -19.10
N PRO C 526 -19.58 47.48 -18.60
CA PRO C 526 -19.60 47.74 -17.15
C PRO C 526 -20.99 48.00 -16.58
N GLU C 527 -21.99 48.35 -17.40
CA GLU C 527 -23.36 48.49 -16.90
C GLU C 527 -23.91 47.15 -16.42
N GLU C 528 -23.51 46.06 -17.07
CA GLU C 528 -24.00 44.70 -16.83
C GLU C 528 -23.33 44.01 -15.64
N VAL C 529 -22.47 44.69 -14.91
CA VAL C 529 -21.60 44.04 -13.93
C VAL C 529 -22.12 44.37 -12.54
N GLU C 530 -22.26 43.33 -11.71
CA GLU C 530 -22.85 43.41 -10.38
C GLU C 530 -21.86 43.21 -9.24
N PHE C 531 -20.81 42.41 -9.43
CA PHE C 531 -19.81 42.19 -8.39
C PHE C 531 -18.42 42.11 -9.03
N MET C 532 -17.38 42.15 -8.21
CA MET C 532 -16.02 42.04 -8.71
C MET C 532 -15.20 41.20 -7.74
N ASP C 533 -14.34 40.33 -8.26
CA ASP C 533 -13.47 39.56 -7.40
C ASP C 533 -12.76 40.48 -6.42
N VAL C 534 -12.38 39.95 -5.27
CA VAL C 534 -11.73 40.78 -4.27
C VAL C 534 -10.25 40.91 -4.60
N SER C 535 -9.62 39.81 -5.01
CA SER C 535 -8.18 39.74 -5.26
C SER C 535 -7.91 38.49 -6.06
N PRO C 536 -6.84 38.47 -6.84
CA PRO C 536 -6.40 37.18 -7.40
C PRO C 536 -6.09 36.15 -6.33
N LYS C 537 -5.53 36.57 -5.18
CA LYS C 537 -5.20 35.61 -4.13
C LYS C 537 -6.40 34.78 -3.68
N GLN C 538 -7.63 35.18 -4.05
CA GLN C 538 -8.85 34.55 -3.56
C GLN C 538 -9.20 33.25 -4.29
N VAL C 539 -8.43 32.86 -5.30
CA VAL C 539 -8.71 31.64 -6.04
C VAL C 539 -7.85 30.47 -5.62
N PHE C 540 -6.83 30.71 -4.77
CA PHE C 540 -5.73 29.77 -4.59
C PHE C 540 -5.49 29.46 -3.13
N SER C 541 -4.85 28.31 -2.90
CA SER C 541 -4.46 27.87 -1.58
C SER C 541 -3.57 28.93 -0.91
N VAL C 542 -3.30 28.76 0.37
CA VAL C 542 -2.31 29.62 0.98
C VAL C 542 -0.93 29.35 0.38
N ASN C 543 -0.52 28.08 0.36
CA ASN C 543 0.79 27.75 -0.21
C ASN C 543 0.90 28.25 -1.65
N THR C 544 -0.09 27.94 -2.47
CA THR C 544 -0.07 28.41 -3.84
C THR C 544 0.20 29.92 -3.90
N ASN C 545 -0.39 30.68 -2.97
CA ASN C 545 -0.22 32.13 -2.93
C ASN C 545 1.20 32.55 -2.56
N LEU C 546 2.04 31.62 -2.09
CA LEU C 546 3.44 31.88 -1.79
C LEU C 546 4.35 31.79 -3.01
N ILE C 547 3.78 31.54 -4.18
CA ILE C 547 4.54 31.24 -5.39
C ILE C 547 4.60 32.51 -6.24
N PRO C 548 5.75 33.16 -6.34
CA PRO C 548 5.83 34.35 -7.21
C PRO C 548 5.79 33.99 -8.68
N PHE C 549 5.25 34.91 -9.47
CA PHE C 549 5.09 34.67 -10.91
C PHE C 549 4.33 33.38 -11.15
N LEU C 550 3.30 33.13 -10.35
CA LEU C 550 2.54 31.89 -10.53
C LEU C 550 2.01 31.78 -11.95
N GLU C 551 1.61 32.91 -12.56
CA GLU C 551 0.96 32.84 -13.87
C GLU C 551 1.91 32.49 -15.01
N HIS C 552 3.19 32.30 -14.76
CA HIS C 552 4.10 31.76 -15.77
C HIS C 552 4.40 30.27 -15.56
N ASP C 553 3.83 29.65 -14.52
CA ASP C 553 4.10 28.27 -14.17
C ASP C 553 2.97 27.35 -14.65
N ASP C 554 3.30 26.33 -15.44
CA ASP C 554 2.30 25.31 -15.74
C ASP C 554 1.64 24.82 -14.47
N ALA C 555 0.34 24.47 -14.57
CA ALA C 555 -0.38 24.06 -13.37
C ALA C 555 0.32 22.87 -12.69
N ASN C 556 0.69 21.87 -13.48
CA ASN C 556 1.18 20.61 -12.90
C ASN C 556 2.47 20.78 -12.13
N ARG C 557 3.14 21.92 -12.19
CA ARG C 557 4.27 22.05 -11.29
C ARG C 557 4.14 23.19 -10.30
N ALA C 558 3.21 24.12 -10.50
CA ALA C 558 2.73 24.91 -9.37
C ALA C 558 2.30 23.99 -8.24
N LEU C 559 1.72 22.85 -8.59
CA LEU C 559 1.23 21.92 -7.58
C LEU C 559 2.37 21.33 -6.75
N MET C 560 3.46 20.90 -7.39
CA MET C 560 4.61 20.44 -6.63
C MET C 560 5.26 21.60 -5.87
N GLY C 561 5.27 22.79 -6.48
CA GLY C 561 5.76 23.94 -5.76
C GLY C 561 4.94 24.22 -4.51
N SER C 562 3.62 24.11 -4.61
CA SER C 562 2.77 24.27 -3.43
C SER C 562 3.13 23.25 -2.36
N ASN C 563 3.12 21.97 -2.74
CA ASN C 563 3.27 20.94 -1.73
C ASN C 563 4.67 20.91 -1.15
N MET C 564 5.70 21.10 -1.97
CA MET C 564 7.03 20.91 -1.42
C MET C 564 7.31 21.93 -0.33
N GLN C 565 6.61 23.05 -0.36
CA GLN C 565 6.83 24.03 0.69
C GLN C 565 6.64 23.36 2.04
N THR C 566 5.49 22.74 2.22
CA THR C 566 5.15 22.18 3.52
C THR C 566 6.21 21.19 3.96
N GLN C 567 7.16 20.87 3.07
CA GLN C 567 8.22 19.91 3.38
C GLN C 567 9.53 20.61 3.68
N ALA C 568 9.52 21.94 3.76
CA ALA C 568 10.74 22.71 3.92
C ALA C 568 11.26 22.61 5.34
N VAL C 569 12.50 22.17 5.48
CA VAL C 569 13.13 21.93 6.79
C VAL C 569 13.59 23.27 7.37
N PRO C 570 13.27 23.57 8.63
CA PRO C 570 13.71 24.84 9.22
C PRO C 570 15.23 24.92 9.24
N LEU C 571 15.76 26.01 8.68
CA LEU C 571 17.20 26.19 8.51
C LEU C 571 17.73 27.16 9.55
N ILE C 572 18.93 26.88 10.08
CA ILE C 572 19.45 27.69 11.19
C ILE C 572 19.76 29.11 10.73
N ARG C 573 20.22 29.28 9.49
CA ARG C 573 20.43 30.58 8.87
C ARG C 573 19.34 30.88 7.85
N ALA C 574 18.10 30.52 8.16
CA ALA C 574 17.04 30.61 7.16
C ALA C 574 16.76 32.06 6.79
N GLN C 575 16.35 32.28 5.55
CA GLN C 575 16.06 33.63 5.10
C GLN C 575 14.83 33.63 4.20
N ALA C 576 14.10 34.76 4.22
CA ALA C 576 12.92 34.93 3.40
C ALA C 576 13.31 35.21 1.95
N PRO C 577 12.45 34.81 1.00
CA PRO C 577 12.83 34.86 -0.41
C PRO C 577 13.05 36.29 -0.88
N VAL C 578 14.09 36.49 -1.70
CA VAL C 578 14.34 37.82 -2.29
C VAL C 578 13.21 38.28 -3.19
N VAL C 579 12.37 37.34 -3.65
CA VAL C 579 11.14 37.67 -4.34
C VAL C 579 9.99 37.08 -3.54
N MET C 580 9.03 37.92 -3.14
CA MET C 580 7.93 37.45 -2.31
C MET C 580 6.60 37.79 -2.96
N THR C 581 5.52 37.37 -2.30
CA THR C 581 4.17 37.59 -2.79
C THR C 581 3.34 38.48 -1.88
N GLY C 582 3.83 38.82 -0.69
CA GLY C 582 3.12 39.69 0.22
C GLY C 582 2.30 38.97 1.26
N LEU C 583 2.39 37.64 1.32
CA LEU C 583 1.77 36.86 2.40
C LEU C 583 2.79 36.35 3.41
N GLU C 584 4.07 36.32 3.05
CA GLU C 584 5.11 35.77 3.90
C GLU C 584 5.02 36.26 5.34
N GLU C 585 4.39 37.41 5.56
CA GLU C 585 4.29 38.00 6.90
C GLU C 585 3.07 37.47 7.65
N ARG C 586 1.88 37.60 7.07
CA ARG C 586 0.70 36.98 7.68
C ARG C 586 0.99 35.53 8.06
N VAL C 587 1.52 34.75 7.11
CA VAL C 587 1.74 33.33 7.36
C VAL C 587 2.51 33.12 8.66
N VAL C 588 3.53 33.94 8.91
CA VAL C 588 4.24 33.81 10.18
C VAL C 588 3.33 34.21 11.34
N ARG C 589 2.50 35.23 11.11
CA ARG C 589 1.54 35.68 12.10
C ARG C 589 0.59 34.57 12.53
N ASP C 590 -0.25 34.09 11.60
CA ASP C 590 -1.25 33.10 11.97
C ASP C 590 -0.63 31.76 12.34
N SER C 591 0.55 31.47 11.84
CA SER C 591 1.30 30.25 12.16
C SER C 591 1.60 30.21 13.64
N LEU C 592 1.22 31.28 14.35
CA LEU C 592 1.29 31.36 15.80
C LEU C 592 2.60 30.75 16.27
N ALA C 593 3.66 30.94 15.51
CA ALA C 593 4.99 30.44 15.87
C ALA C 593 5.94 31.56 16.24
N ALA C 594 5.91 32.67 15.48
CA ALA C 594 6.55 33.92 15.84
C ALA C 594 5.86 34.55 17.05
N LEU C 595 6.50 35.56 17.64
CA LEU C 595 6.09 36.09 18.93
C LEU C 595 6.04 37.61 18.87
N TYR C 596 4.93 38.22 19.30
CA TYR C 596 4.71 39.65 19.07
C TYR C 596 4.37 40.37 20.37
N ALA C 597 4.04 41.67 20.25
CA ALA C 597 3.85 42.55 21.41
C ALA C 597 2.38 42.83 21.61
N GLU C 598 1.90 42.61 22.85
CA GLU C 598 0.46 42.64 23.17
C GLU C 598 -0.07 44.06 23.25
N GLU C 599 0.72 44.99 23.80
CA GLU C 599 0.38 46.42 23.78
C GLU C 599 1.67 47.21 23.69
N ASP C 600 1.55 48.52 23.53
CA ASP C 600 2.74 49.39 23.46
C ASP C 600 3.54 49.29 24.76
N GLY C 601 4.82 49.63 24.68
CA GLY C 601 5.64 49.61 25.88
C GLY C 601 7.13 49.66 25.58
N GLU C 602 7.91 49.05 26.46
CA GLU C 602 9.36 49.06 26.29
C GLU C 602 9.92 47.74 26.80
N VAL C 603 11.10 47.41 26.29
CA VAL C 603 11.74 46.13 26.58
C VAL C 603 12.54 46.25 27.86
N ALA C 604 12.15 45.47 28.87
CA ALA C 604 12.88 45.47 30.14
C ALA C 604 14.15 44.62 30.03
N LYS C 605 14.01 43.34 29.76
CA LYS C 605 15.16 42.47 29.64
C LYS C 605 15.03 41.71 28.33
N VAL C 606 16.12 41.02 27.95
CA VAL C 606 16.12 40.20 26.74
C VAL C 606 17.25 39.19 26.88
N ASP C 607 17.06 38.01 26.29
CA ASP C 607 17.81 36.84 26.73
C ASP C 607 17.49 35.64 25.86
N GLY C 608 18.46 34.75 25.63
CA GLY C 608 18.23 33.56 24.84
C GLY C 608 17.06 32.72 25.30
N ASN C 609 16.57 33.00 26.51
CA ASN C 609 15.58 32.19 27.19
C ASN C 609 14.26 32.91 27.44
N ARG C 610 14.26 34.22 27.66
CA ARG C 610 13.01 34.94 27.91
C ARG C 610 13.11 36.38 27.43
N ILE C 611 11.95 37.01 27.31
CA ILE C 611 11.81 38.42 26.95
C ILE C 611 10.74 39.03 27.84
N VAL C 612 11.12 39.96 28.71
CA VAL C 612 10.17 40.70 29.53
C VAL C 612 10.04 42.12 29.01
N VAL C 613 8.80 42.61 28.95
CA VAL C 613 8.50 43.92 28.38
C VAL C 613 7.65 44.70 29.38
N ARG C 614 8.11 45.89 29.75
CA ARG C 614 7.30 46.82 30.51
C ARG C 614 6.27 47.47 29.59
N TYR C 615 5.00 47.39 29.97
CA TYR C 615 3.94 47.99 29.18
C TYR C 615 3.59 49.38 29.70
N GLU C 616 3.03 50.19 28.80
CA GLU C 616 2.41 51.46 29.19
C GLU C 616 1.37 51.26 30.29
N ASP C 617 0.87 50.04 30.48
CA ASP C 617 -0.07 49.70 31.52
C ASP C 617 0.62 49.26 32.82
N GLY C 618 1.90 49.60 33.00
CA GLY C 618 2.62 49.20 34.21
C GLY C 618 2.79 47.71 34.42
N ARG C 619 2.10 46.88 33.64
CA ARG C 619 2.28 45.44 33.70
C ARG C 619 3.69 45.06 33.24
N LEU C 620 4.29 44.07 33.90
CA LEU C 620 5.55 43.49 33.46
C LEU C 620 5.22 42.08 32.99
N VAL C 621 4.82 41.96 31.71
CA VAL C 621 4.58 40.67 31.09
C VAL C 621 5.92 40.06 30.72
N GLU C 622 6.09 38.77 31.01
CA GLU C 622 7.32 38.07 30.69
C GLU C 622 6.99 36.89 29.78
N TYR C 623 7.29 37.04 28.49
CA TYR C 623 7.14 35.97 27.52
C TYR C 623 8.38 35.09 27.53
N PRO C 624 8.28 33.82 27.87
CA PRO C 624 9.45 32.93 27.77
C PRO C 624 9.48 32.22 26.43
N LEU C 625 10.66 31.74 26.07
CA LEU C 625 10.97 31.40 24.69
C LEU C 625 11.09 29.89 24.54
N ARG C 626 10.24 29.33 23.66
CA ARG C 626 10.30 27.91 23.36
C ARG C 626 11.58 27.65 22.60
N ARG C 627 12.64 27.28 23.32
CA ARG C 627 13.97 27.20 22.75
C ARG C 627 14.37 25.75 22.51
N PHE C 628 14.49 25.36 21.24
CA PHE C 628 14.96 24.03 20.82
C PHE C 628 13.98 22.93 21.20
N TYR C 629 12.71 23.11 20.82
CA TYR C 629 11.66 22.11 21.00
C TYR C 629 11.68 21.16 19.81
N ARG C 630 11.52 19.85 20.09
CA ARG C 630 11.39 18.84 19.04
C ARG C 630 9.94 18.73 18.57
N SER C 631 9.76 18.76 17.25
CA SER C 631 8.46 18.66 16.61
C SER C 631 8.16 17.21 16.22
N ASN C 632 6.90 16.98 15.78
CA ASN C 632 6.51 15.63 15.37
C ASN C 632 7.49 15.00 14.40
N GLN C 633 8.05 15.82 13.50
CA GLN C 633 8.89 15.34 12.43
C GLN C 633 10.37 15.44 12.77
N GLY C 634 10.70 15.83 13.99
CA GLY C 634 12.08 15.91 14.43
C GLY C 634 12.74 17.26 14.21
N THR C 635 12.05 18.20 13.58
CA THR C 635 12.68 19.41 13.11
C THR C 635 12.58 20.46 14.19
N ALA C 636 13.73 20.83 14.74
CA ALA C 636 13.84 21.75 15.85
C ALA C 636 12.93 22.96 15.69
N LEU C 637 11.97 23.07 16.60
CA LEU C 637 11.06 24.22 16.66
C LEU C 637 11.67 25.21 17.64
N ASP C 638 12.43 26.18 17.11
CA ASP C 638 13.28 27.07 17.93
C ASP C 638 12.86 28.52 17.77
N GLN C 639 12.73 29.21 18.90
CA GLN C 639 12.34 30.61 18.98
C GLN C 639 13.56 31.44 19.37
N ARG C 640 13.79 32.53 18.65
CA ARG C 640 14.94 33.40 18.84
C ARG C 640 14.48 34.85 18.98
N PRO C 641 15.18 35.66 19.77
CA PRO C 641 14.69 37.01 20.09
C PRO C 641 15.20 38.05 19.12
N ARG C 642 14.33 39.05 18.81
CA ARG C 642 14.63 40.04 17.77
C ARG C 642 14.50 41.49 18.26
N VAL C 643 14.67 41.72 19.57
CA VAL C 643 14.74 43.07 20.13
C VAL C 643 15.78 43.11 21.24
N VAL C 644 16.25 44.31 21.56
CA VAL C 644 17.26 44.48 22.60
C VAL C 644 16.70 45.31 23.76
N VAL C 645 17.41 45.24 24.90
CA VAL C 645 17.01 46.01 26.07
C VAL C 645 16.75 47.44 25.65
N GLY C 646 15.68 48.01 26.20
CA GLY C 646 15.31 49.38 25.95
C GLY C 646 14.52 49.62 24.68
N GLN C 647 14.46 48.64 23.76
CA GLN C 647 13.83 48.91 22.47
C GLN C 647 12.39 49.35 22.68
N ARG C 648 12.04 50.50 22.12
CA ARG C 648 10.69 51.05 22.30
C ARG C 648 9.79 50.46 21.24
N VAL C 649 8.78 49.69 21.67
CA VAL C 649 8.01 48.81 20.79
C VAL C 649 6.56 49.27 20.77
N ARG C 650 6.07 49.64 19.59
CA ARG C 650 4.65 49.86 19.38
C ARG C 650 3.91 48.51 19.44
N LYS C 651 2.58 48.56 19.40
CA LYS C 651 1.81 47.32 19.50
C LYS C 651 1.91 46.53 18.21
N GLY C 652 1.82 45.21 18.34
CA GLY C 652 1.91 44.34 17.19
C GLY C 652 3.29 44.19 16.57
N ASP C 653 4.32 44.84 17.11
CA ASP C 653 5.66 44.61 16.58
C ASP C 653 6.18 43.24 17.02
N LEU C 654 7.28 42.83 16.40
CA LEU C 654 7.89 41.53 16.64
C LEU C 654 8.76 41.56 17.88
N LEU C 655 8.89 40.41 18.54
CA LEU C 655 9.79 40.23 19.68
C LEU C 655 10.71 39.03 19.51
N ALA C 656 10.24 37.96 18.88
CA ALA C 656 11.09 36.80 18.62
C ALA C 656 10.68 36.20 17.29
N ASP C 657 11.65 35.63 16.58
CA ASP C 657 11.38 34.95 15.33
C ASP C 657 11.11 33.48 15.61
N GLY C 658 10.02 32.96 15.02
CA GLY C 658 9.75 31.55 15.06
C GLY C 658 10.81 30.78 14.30
N PRO C 659 10.56 29.50 14.01
CA PRO C 659 11.41 28.81 13.04
C PRO C 659 10.99 29.20 11.63
N ALA C 660 11.94 29.13 10.69
CA ALA C 660 11.65 29.45 9.28
C ALA C 660 11.05 30.85 9.14
N SER C 661 11.47 31.75 10.04
CA SER C 661 11.03 33.14 10.07
C SER C 661 12.27 33.98 10.25
N GLU C 662 12.38 35.06 9.47
CA GLU C 662 13.54 35.95 9.48
C GLU C 662 13.02 37.38 9.56
N ASN C 663 12.93 37.89 10.79
CA ASN C 663 12.33 39.19 11.07
C ASN C 663 10.83 39.22 10.79
N GLY C 664 10.20 38.05 10.71
CA GLY C 664 8.78 37.96 10.50
C GLY C 664 8.30 37.63 9.10
N PHE C 665 9.20 37.24 8.20
CA PHE C 665 8.78 36.75 6.90
C PHE C 665 9.11 35.26 6.81
N LEU C 666 8.20 34.49 6.19
CA LEU C 666 8.31 33.04 6.17
C LEU C 666 9.57 32.62 5.41
N ALA C 667 10.54 32.02 6.12
CA ALA C 667 11.84 31.67 5.56
C ALA C 667 11.98 30.15 5.43
N LEU C 668 11.45 29.62 4.33
CA LEU C 668 11.49 28.18 4.17
C LEU C 668 12.81 27.70 3.59
N GLY C 669 13.61 28.59 3.04
CA GLY C 669 14.92 28.23 2.50
C GLY C 669 15.90 29.37 2.51
N GLN C 670 16.74 29.40 1.47
CA GLN C 670 17.87 30.32 1.39
C GLN C 670 17.96 30.86 -0.02
N ASN C 671 18.33 32.14 -0.14
CA ASN C 671 18.55 32.77 -1.44
C ASN C 671 19.99 32.49 -1.88
N VAL C 672 20.15 31.89 -3.06
CA VAL C 672 21.49 31.54 -3.50
C VAL C 672 21.74 32.09 -4.90
N LEU C 673 23.02 32.23 -5.21
CA LEU C 673 23.47 32.66 -6.52
C LEU C 673 23.43 31.48 -7.45
N VAL C 674 22.53 31.52 -8.44
CA VAL C 674 22.23 30.33 -9.24
C VAL C 674 22.72 30.56 -10.65
N ALA C 675 23.41 29.57 -11.19
CA ALA C 675 23.82 29.55 -12.59
C ALA C 675 23.10 28.41 -13.30
N ILE C 676 22.63 28.67 -14.51
CA ILE C 676 21.74 27.77 -15.23
C ILE C 676 22.48 27.25 -16.45
N MET C 677 23.09 26.08 -16.34
CA MET C 677 23.83 25.52 -17.45
C MET C 677 24.09 24.06 -17.19
N PRO C 678 24.21 23.23 -18.23
CA PRO C 678 24.74 21.88 -18.04
C PRO C 678 26.03 21.98 -17.25
N PHE C 679 26.36 20.94 -16.50
CA PHE C 679 27.64 20.95 -15.82
C PHE C 679 28.29 19.58 -15.82
N ASP C 680 28.44 18.98 -16.99
CA ASP C 680 29.33 17.85 -17.13
C ASP C 680 28.75 16.54 -16.62
N GLY C 681 27.42 16.41 -16.57
CA GLY C 681 26.76 15.21 -16.10
C GLY C 681 26.06 15.37 -14.77
N TYR C 682 26.72 16.07 -13.85
CA TYR C 682 26.20 16.26 -12.50
C TYR C 682 24.92 17.11 -12.50
N ASN C 683 24.44 17.48 -13.67
CA ASN C 683 23.12 18.07 -13.81
C ASN C 683 22.10 17.09 -14.29
N PHE C 684 22.54 15.93 -14.73
CA PHE C 684 21.68 15.01 -15.47
C PHE C 684 20.33 14.81 -14.79
N GLU C 685 19.28 14.81 -15.61
CA GLU C 685 17.94 14.41 -15.17
C GLU C 685 17.62 14.95 -13.79
N ASP C 686 17.71 16.27 -13.65
CA ASP C 686 17.24 17.02 -12.51
C ASP C 686 18.21 16.98 -11.34
N ALA C 687 19.32 16.26 -11.42
CA ALA C 687 20.31 16.40 -10.37
C ALA C 687 20.83 17.84 -10.26
N ILE C 688 21.31 18.16 -9.06
CA ILE C 688 21.75 19.51 -8.74
C ILE C 688 23.23 19.52 -8.36
N VAL C 689 23.95 20.57 -8.76
CA VAL C 689 25.37 20.74 -8.43
C VAL C 689 25.51 21.96 -7.54
N ILE C 690 26.27 21.83 -6.44
CA ILE C 690 26.36 22.89 -5.43
C ILE C 690 27.82 23.24 -5.09
N SER C 691 28.00 24.44 -4.55
CA SER C 691 29.33 24.91 -4.20
C SER C 691 29.64 24.57 -2.75
N GLU C 692 30.82 23.98 -2.52
CA GLU C 692 31.24 23.72 -1.15
C GLU C 692 31.07 24.95 -0.26
N GLU C 693 31.15 26.15 -0.83
CA GLU C 693 30.95 27.36 -0.04
C GLU C 693 29.60 27.37 0.67
N LEU C 694 28.65 26.54 0.24
CA LEU C 694 27.36 26.54 0.91
C LEU C 694 27.45 25.88 2.29
N LEU C 695 28.18 24.76 2.40
CA LEU C 695 28.44 24.20 3.72
C LEU C 695 29.34 25.10 4.54
N LYS C 696 30.28 25.80 3.89
CA LYS C 696 31.23 26.67 4.61
C LYS C 696 30.50 27.71 5.44
N ARG C 697 29.69 28.55 4.79
CA ARG C 697 28.96 29.57 5.54
C ARG C 697 27.68 29.02 6.16
N ASP C 698 27.59 27.68 6.29
CA ASP C 698 26.50 26.98 6.97
C ASP C 698 25.14 27.33 6.39
N PHE C 699 25.05 27.35 5.06
CA PHE C 699 23.77 27.40 4.37
C PHE C 699 23.21 25.98 4.27
N TYR C 700 21.87 25.87 4.26
CA TYR C 700 21.22 24.56 4.14
C TYR C 700 21.73 23.62 5.23
N THR C 701 21.64 24.09 6.47
CA THR C 701 21.97 23.31 7.65
C THR C 701 20.81 23.43 8.63
N SER C 702 20.51 22.31 9.28
CA SER C 702 19.26 22.22 10.02
C SER C 702 19.49 21.30 11.19
N ILE C 703 18.82 21.59 12.30
CA ILE C 703 18.94 20.80 13.53
C ILE C 703 17.81 19.79 13.62
N HIS C 704 18.15 18.57 14.04
CA HIS C 704 17.17 17.49 14.11
C HIS C 704 17.34 16.74 15.42
N ILE C 705 16.23 16.24 15.96
CA ILE C 705 16.25 15.47 17.19
C ILE C 705 15.42 14.21 17.05
N GLU C 706 15.91 13.10 17.60
CA GLU C 706 15.20 11.83 17.68
C GLU C 706 15.04 11.44 19.15
N ARG C 707 13.79 11.14 19.55
CA ARG C 707 13.54 10.63 20.90
C ARG C 707 13.85 9.14 20.95
N TYR C 708 14.50 8.71 22.04
CA TYR C 708 14.82 7.30 22.26
C TYR C 708 14.32 6.92 23.64
N GLU C 709 13.21 6.16 23.70
CA GLU C 709 12.53 5.78 24.94
C GLU C 709 12.92 4.37 25.33
N ILE C 710 12.84 4.07 26.64
CA ILE C 710 12.99 2.69 27.10
C ILE C 710 12.22 2.55 28.41
N GLU C 711 11.74 1.33 28.69
CA GLU C 711 10.96 1.01 29.88
C GLU C 711 11.62 -0.09 30.72
N ALA C 712 11.61 0.08 32.05
CA ALA C 712 12.09 -0.92 33.00
C ALA C 712 10.89 -1.56 33.71
N ARG C 713 10.64 -2.85 33.45
CA ARG C 713 9.36 -3.46 33.81
C ARG C 713 9.54 -4.65 34.75
N ASP C 714 8.49 -4.90 35.56
CA ASP C 714 8.44 -6.06 36.43
C ASP C 714 8.20 -7.32 35.58
N THR C 715 9.01 -8.34 35.82
CA THR C 715 8.90 -9.61 35.10
C THR C 715 8.60 -10.73 36.07
N LYS C 716 8.10 -11.84 35.50
CA LYS C 716 7.97 -13.10 36.22
C LYS C 716 9.33 -13.70 36.56
N LEU C 717 10.41 -13.24 35.93
CA LEU C 717 11.75 -13.77 36.17
C LEU C 717 12.60 -12.82 36.98
N GLY C 718 12.06 -11.67 37.36
CA GLY C 718 12.79 -10.66 38.07
C GLY C 718 12.30 -9.30 37.63
N PRO C 719 12.86 -8.23 38.18
CA PRO C 719 12.63 -6.90 37.61
C PRO C 719 13.73 -6.52 36.63
N GLU C 720 13.40 -5.56 35.77
CA GLU C 720 14.37 -4.91 34.92
C GLU C 720 14.99 -3.76 35.70
N ARG C 721 16.31 -3.68 35.67
CA ARG C 721 17.06 -2.63 36.35
C ARG C 721 17.69 -1.70 35.33
N ILE C 722 17.49 -0.40 35.53
CA ILE C 722 18.26 0.63 34.86
C ILE C 722 19.52 0.87 35.68
N THR C 723 20.64 0.32 35.22
CA THR C 723 21.88 0.36 35.99
C THR C 723 23.01 0.98 35.17
N ARG C 724 24.17 1.08 35.81
CA ARG C 724 25.43 1.30 35.12
C ARG C 724 26.31 0.05 35.17
N ASP C 725 25.72 -1.11 35.49
CA ASP C 725 26.45 -2.35 35.79
C ASP C 725 26.01 -3.42 34.78
N ILE C 726 26.69 -3.46 33.64
CA ILE C 726 26.26 -4.28 32.50
C ILE C 726 27.32 -5.35 32.20
N PRO C 727 27.03 -6.64 32.41
CA PRO C 727 28.10 -7.64 32.39
C PRO C 727 28.85 -7.71 31.06
N HIS C 728 30.16 -8.03 31.16
CA HIS C 728 31.03 -8.26 30.02
C HIS C 728 31.27 -7.00 29.20
N LEU C 729 31.25 -5.83 29.83
CA LEU C 729 31.38 -4.58 29.10
C LEU C 729 32.49 -3.73 29.71
N SER C 730 33.29 -3.14 28.81
CA SER C 730 34.53 -2.44 29.15
C SER C 730 34.28 -0.99 29.52
N GLU C 731 35.07 -0.49 30.47
CA GLU C 731 34.89 0.89 30.94
C GLU C 731 34.88 1.89 29.80
N ALA C 732 35.61 1.62 28.72
CA ALA C 732 35.45 2.40 27.50
C ALA C 732 33.98 2.47 27.11
N ALA C 733 33.33 1.31 27.00
CA ALA C 733 31.94 1.22 26.57
C ALA C 733 30.98 1.84 27.58
N LEU C 734 31.48 2.43 28.66
CA LEU C 734 30.63 3.03 29.66
C LEU C 734 31.02 4.45 30.01
N ARG C 735 32.12 4.98 29.45
CA ARG C 735 32.71 6.23 29.92
C ARG C 735 31.75 7.42 29.88
N ASP C 736 30.62 7.32 29.18
CA ASP C 736 29.74 8.48 29.02
C ASP C 736 28.41 8.30 29.78
N LEU C 737 28.33 7.33 30.68
CA LEU C 737 27.13 7.05 31.44
C LEU C 737 27.28 7.52 32.90
N ASP C 738 26.22 8.12 33.44
CA ASP C 738 26.23 8.45 34.86
C ASP C 738 26.14 7.16 35.68
N GLU C 739 26.11 7.30 37.01
CA GLU C 739 26.12 6.10 37.87
C GLU C 739 24.86 5.26 37.68
N GLU C 740 23.76 5.88 37.28
CA GLU C 740 22.51 5.15 37.10
C GLU C 740 22.42 4.42 35.77
N GLY C 741 23.24 4.79 34.79
CA GLY C 741 23.16 4.22 33.45
C GLY C 741 22.58 5.11 32.38
N VAL C 742 22.43 6.39 32.63
CA VAL C 742 22.01 7.38 31.65
C VAL C 742 23.25 8.06 31.07
N VAL C 743 23.28 8.23 29.74
CA VAL C 743 24.32 9.04 29.12
C VAL C 743 24.31 10.42 29.76
N ARG C 744 25.47 11.05 29.79
CA ARG C 744 25.58 12.39 30.35
C ARG C 744 25.10 13.42 29.34
N ILE C 745 24.14 14.26 29.74
CA ILE C 745 23.73 15.37 28.89
C ILE C 745 24.95 16.11 28.34
N GLY C 746 24.94 16.34 27.04
CA GLY C 746 26.13 16.83 26.38
C GLY C 746 27.17 15.75 26.20
N ALA C 747 26.90 14.78 25.34
CA ALA C 747 27.91 13.82 24.96
C ALA C 747 27.77 13.58 23.47
N GLU C 748 28.71 12.82 22.92
CA GLU C 748 28.64 12.42 21.52
C GLU C 748 28.41 10.92 21.49
N VAL C 749 27.27 10.54 20.91
CA VAL C 749 26.84 9.17 20.82
C VAL C 749 26.75 8.82 19.33
N LYS C 750 27.30 7.67 18.95
CA LYS C 750 27.27 7.18 17.58
C LYS C 750 26.85 5.71 17.54
N PRO C 751 26.53 5.16 16.33
CA PRO C 751 26.12 3.76 16.25
C PRO C 751 26.90 2.79 17.14
N GLY C 752 26.15 1.94 17.88
CA GLY C 752 26.71 0.99 18.84
C GLY C 752 26.71 1.48 20.27
N ASP C 753 26.66 2.78 20.47
CA ASP C 753 26.86 3.35 21.79
C ASP C 753 25.64 3.09 22.66
N ILE C 754 25.90 2.69 23.90
CA ILE C 754 24.81 2.56 24.86
C ILE C 754 24.31 3.95 25.23
N LEU C 755 23.01 4.17 25.10
CA LEU C 755 22.45 5.36 25.74
C LEU C 755 21.94 5.08 27.14
N VAL C 756 21.38 3.89 27.38
CA VAL C 756 20.83 3.52 28.69
C VAL C 756 21.13 2.05 28.95
N GLY C 757 21.89 1.78 30.02
CA GLY C 757 22.09 0.41 30.43
C GLY C 757 20.82 -0.15 31.06
N ARG C 758 20.49 -1.37 30.69
CA ARG C 758 19.37 -2.07 31.30
C ARG C 758 19.77 -3.52 31.49
N THR C 759 19.30 -4.11 32.59
CA THR C 759 19.56 -5.51 32.92
C THR C 759 18.25 -6.27 32.99
N SER C 760 18.26 -7.51 32.52
CA SER C 760 17.09 -8.37 32.52
C SER C 760 17.52 -9.79 32.83
N PHE C 761 16.64 -10.55 33.48
CA PHE C 761 17.03 -11.86 33.99
C PHE C 761 16.95 -12.93 32.91
N LYS C 762 17.84 -13.93 33.02
CA LYS C 762 17.94 -14.99 32.01
C LYS C 762 16.93 -16.10 32.27
N GLY C 763 16.41 -16.67 31.19
CA GLY C 763 15.32 -17.64 31.28
C GLY C 763 15.75 -19.07 31.53
N GLU C 764 14.87 -20.01 31.14
CA GLU C 764 15.11 -21.44 31.25
C GLU C 764 16.25 -21.91 30.35
N SER C 765 16.89 -20.99 29.64
CA SER C 765 18.20 -21.20 29.06
C SER C 765 19.32 -20.74 29.99
N GLU C 766 19.07 -20.71 31.31
CA GLU C 766 20.18 -20.52 32.23
C GLU C 766 21.25 -21.56 31.90
N PRO C 767 22.55 -21.18 31.90
CA PRO C 767 23.53 -21.82 31.02
C PRO C 767 23.34 -23.31 30.73
N THR C 768 23.42 -23.66 29.44
CA THR C 768 23.44 -25.06 29.02
C THR C 768 24.81 -25.66 29.28
N PRO C 769 24.96 -27.00 29.15
CA PRO C 769 26.29 -27.60 29.32
C PRO C 769 27.39 -26.90 28.51
N GLU C 770 27.21 -26.77 27.20
CA GLU C 770 28.23 -26.12 26.39
C GLU C 770 28.71 -24.83 27.04
N GLU C 771 27.79 -24.08 27.63
CA GLU C 771 28.11 -22.76 28.15
C GLU C 771 28.56 -22.78 29.60
N ARG C 772 27.94 -23.59 30.46
CA ARG C 772 28.45 -23.70 31.82
C ARG C 772 29.91 -24.12 31.79
N LEU C 773 30.23 -25.09 30.94
CA LEU C 773 31.59 -25.59 30.91
C LEU C 773 32.56 -24.53 30.42
N LEU C 774 32.22 -23.85 29.31
CA LEU C 774 33.10 -22.82 28.78
C LEU C 774 33.48 -21.81 29.85
N ARG C 775 32.56 -21.49 30.75
CA ARG C 775 32.89 -20.59 31.84
C ARG C 775 33.65 -21.29 32.95
N SER C 776 33.39 -22.59 33.15
CA SER C 776 34.19 -23.38 34.09
C SER C 776 35.67 -23.22 33.83
N ILE C 777 36.05 -22.94 32.58
CA ILE C 777 37.45 -22.72 32.23
C ILE C 777 37.91 -21.34 32.67
N PHE C 778 37.03 -20.34 32.58
CA PHE C 778 37.40 -18.94 32.74
C PHE C 778 37.23 -18.42 34.16
N GLY C 779 36.94 -19.31 35.12
CA GLY C 779 36.88 -18.93 36.52
C GLY C 779 35.85 -17.87 36.83
N GLU C 780 35.04 -17.54 35.83
CA GLU C 780 33.91 -16.62 35.97
C GLU C 780 32.66 -17.47 35.82
N LYS C 781 31.88 -17.60 36.88
CA LYS C 781 30.72 -18.47 36.78
C LYS C 781 29.55 -17.70 36.19
N ALA C 782 28.58 -18.45 35.69
CA ALA C 782 27.40 -17.90 35.01
C ALA C 782 26.84 -16.69 35.73
N ARG C 783 26.80 -15.56 35.04
CA ARG C 783 26.09 -14.38 35.53
C ARG C 783 24.61 -14.49 35.18
N ASP C 784 23.76 -13.94 36.03
CA ASP C 784 22.32 -14.21 35.94
C ASP C 784 21.53 -13.07 35.31
N VAL C 785 22.16 -11.93 35.05
CA VAL C 785 21.50 -10.80 34.40
C VAL C 785 22.06 -10.66 32.97
N LYS C 786 21.44 -9.76 32.19
CA LYS C 786 21.78 -9.65 30.78
C LYS C 786 21.86 -8.19 30.36
N ASP C 787 22.71 -7.94 29.37
CA ASP C 787 22.80 -6.64 28.70
C ASP C 787 21.61 -6.50 27.77
N THR C 788 20.59 -5.78 28.22
CA THR C 788 19.47 -5.42 27.37
C THR C 788 19.45 -3.92 27.09
N SER C 789 20.59 -3.25 27.25
CA SER C 789 20.67 -1.79 27.17
C SER C 789 20.06 -1.27 25.87
N LEU C 790 19.75 0.03 25.85
CA LEU C 790 19.31 0.73 24.64
C LEU C 790 20.52 1.39 23.96
N ARG C 791 21.01 0.80 22.85
CA ARG C 791 22.08 1.37 22.04
C ARG C 791 21.51 2.35 21.01
N VAL C 792 22.33 2.84 20.08
CA VAL C 792 21.83 3.68 18.99
C VAL C 792 21.76 2.85 17.72
N PRO C 793 20.73 3.06 16.90
CA PRO C 793 20.55 2.25 15.70
C PRO C 793 21.55 2.66 14.64
N PRO C 794 21.75 1.81 13.63
CA PRO C 794 22.71 2.14 12.57
C PRO C 794 22.30 3.40 11.85
N GLY C 795 23.29 4.25 11.53
CA GLY C 795 23.02 5.48 10.83
C GLY C 795 22.37 6.61 11.61
N GLU C 796 22.45 6.59 12.93
CA GLU C 796 21.91 7.66 13.75
C GLU C 796 22.98 8.09 14.75
N GLY C 797 22.66 9.11 15.53
CA GLY C 797 23.64 9.60 16.49
C GLY C 797 23.65 11.12 16.59
N GLY C 798 24.33 11.63 17.61
CA GLY C 798 24.28 13.07 17.85
C GLY C 798 24.79 13.41 19.23
N ILE C 799 24.28 14.52 19.77
CA ILE C 799 24.76 15.09 21.03
C ILE C 799 23.62 15.01 22.04
N VAL C 800 23.79 14.20 23.07
CA VAL C 800 22.73 14.03 24.05
C VAL C 800 22.35 15.42 24.51
N VAL C 801 21.10 15.80 24.33
CA VAL C 801 20.64 17.13 24.74
C VAL C 801 19.86 17.14 26.04
N ARG C 802 19.26 16.01 26.43
CA ARG C 802 18.30 16.00 27.53
C ARG C 802 17.98 14.56 27.89
N THR C 803 17.51 14.38 29.13
CA THR C 803 17.03 13.08 29.59
C THR C 803 15.85 13.31 30.50
N VAL C 804 14.78 12.54 30.32
CA VAL C 804 13.68 12.49 31.26
C VAL C 804 13.69 11.13 31.93
N ARG C 805 13.64 11.11 33.25
CA ARG C 805 13.53 9.84 33.97
C ARG C 805 12.24 9.83 34.76
N LEU C 806 11.30 8.99 34.35
CA LEU C 806 10.04 8.80 35.08
C LEU C 806 10.12 7.43 35.74
N ARG C 807 10.21 7.43 37.08
CA ARG C 807 10.04 6.22 37.85
C ARG C 807 8.63 6.21 38.40
N ARG C 808 8.29 5.14 39.11
CA ARG C 808 7.15 5.17 40.00
C ARG C 808 7.61 4.75 41.38
N GLY C 809 6.99 5.37 42.37
CA GLY C 809 7.61 5.56 43.66
C GLY C 809 8.10 6.96 43.87
N ASP C 810 8.26 7.71 42.78
CA ASP C 810 8.49 9.15 42.78
C ASP C 810 7.15 9.87 42.79
N PRO C 811 7.15 11.19 43.01
CA PRO C 811 5.90 11.95 42.97
C PRO C 811 5.44 12.19 41.54
N GLY C 812 4.18 12.62 41.42
CA GLY C 812 3.61 13.02 40.16
C GLY C 812 3.23 11.87 39.24
N VAL C 813 3.94 10.75 39.36
CA VAL C 813 4.08 9.79 38.27
C VAL C 813 3.43 8.45 38.61
N GLU C 814 2.84 7.84 37.58
CA GLU C 814 2.33 6.47 37.61
C GLU C 814 2.12 6.02 36.17
N LEU C 815 2.72 4.87 35.80
CA LEU C 815 2.82 4.39 34.44
C LEU C 815 1.95 3.14 34.24
N LYS C 816 1.84 2.72 32.98
CA LYS C 816 1.05 1.54 32.65
C LYS C 816 1.46 0.37 33.53
N PRO C 817 0.53 -0.52 33.86
CA PRO C 817 0.80 -1.56 34.85
C PRO C 817 2.02 -2.40 34.54
N GLY C 818 2.78 -2.72 35.58
CA GLY C 818 3.94 -3.58 35.42
C GLY C 818 5.23 -2.89 35.00
N VAL C 819 5.25 -1.57 34.82
CA VAL C 819 6.47 -0.85 34.49
C VAL C 819 6.92 -0.08 35.72
N ARG C 820 8.18 -0.26 36.10
CA ARG C 820 8.73 0.46 37.24
C ARG C 820 9.14 1.86 36.83
N GLU C 821 9.95 1.96 35.77
CA GLU C 821 10.55 3.22 35.37
C GLU C 821 10.76 3.22 33.87
N VAL C 822 10.59 4.42 33.29
CA VAL C 822 10.83 4.68 31.88
C VAL C 822 11.80 5.86 31.74
N VAL C 823 12.74 5.75 30.81
CA VAL C 823 13.72 6.82 30.56
C VAL C 823 13.69 7.20 29.08
N ARG C 824 13.55 8.50 28.81
CA ARG C 824 13.64 9.07 27.47
C ARG C 824 14.91 9.92 27.37
N VAL C 825 15.64 9.79 26.27
CA VAL C 825 16.83 10.64 26.05
C VAL C 825 16.79 11.24 24.65
N TYR C 826 16.62 12.56 24.58
CA TYR C 826 16.60 13.25 23.29
C TYR C 826 18.02 13.55 22.80
N VAL C 827 18.25 13.32 21.48
CA VAL C 827 19.57 13.41 20.87
C VAL C 827 19.53 14.35 19.66
N ALA C 828 20.43 15.33 19.64
CA ALA C 828 20.45 16.32 18.58
C ALA C 828 21.51 16.01 17.53
N GLN C 829 21.28 16.54 16.33
CA GLN C 829 22.26 16.51 15.26
C GLN C 829 22.18 17.81 14.48
N LYS C 830 23.34 18.45 14.25
CA LYS C 830 23.46 19.49 13.24
C LYS C 830 23.63 18.82 11.90
N ARG C 831 22.83 19.21 10.93
CA ARG C 831 22.85 18.56 9.61
C ARG C 831 23.29 19.56 8.55
N LYS C 832 24.54 19.44 8.12
CA LYS C 832 24.92 20.18 6.93
C LYS C 832 24.31 19.50 5.72
N LEU C 833 24.17 20.28 4.65
CA LEU C 833 23.71 19.72 3.39
C LEU C 833 24.72 18.68 2.92
N GLN C 834 24.25 17.68 2.19
CA GLN C 834 25.14 16.59 1.84
C GLN C 834 24.63 15.91 0.58
N VAL C 835 25.49 15.07 -0.01
CA VAL C 835 25.20 14.51 -1.31
C VAL C 835 24.12 13.45 -1.15
N GLY C 836 22.93 13.74 -1.68
CA GLY C 836 21.77 12.90 -1.55
C GLY C 836 20.56 13.68 -1.08
N ASP C 837 20.78 14.75 -0.31
CA ASP C 837 19.66 15.54 0.16
C ASP C 837 18.94 16.18 -1.02
N LYS C 838 17.71 16.58 -0.78
CA LYS C 838 16.80 16.98 -1.84
C LYS C 838 16.53 18.46 -1.68
N LEU C 839 16.57 19.17 -2.80
CA LEU C 839 16.37 20.61 -2.83
C LEU C 839 15.22 20.94 -3.76
N ALA C 840 14.58 22.09 -3.52
CA ALA C 840 13.49 22.49 -4.39
C ALA C 840 13.20 23.95 -4.18
N ASN C 841 12.56 24.52 -5.20
CA ASN C 841 12.18 25.91 -5.28
C ASN C 841 10.68 26.01 -5.49
N ARG C 842 10.15 27.11 -5.26
CA ARG C 842 8.71 27.18 -5.31
C ARG C 842 8.15 26.93 -6.67
N HIS C 843 8.83 26.53 -7.73
CA HIS C 843 8.18 26.41 -9.04
C HIS C 843 8.01 24.97 -9.49
N GLY C 844 8.17 24.03 -8.59
CA GLY C 844 8.16 22.66 -9.01
C GLY C 844 9.50 22.13 -9.45
N ASN C 845 10.58 22.91 -9.30
CA ASN C 845 11.87 22.39 -9.67
C ASN C 845 12.45 21.66 -8.47
N LYS C 846 12.77 20.39 -8.65
CA LYS C 846 13.26 19.61 -7.54
C LYS C 846 14.40 18.74 -8.01
N GLY C 847 15.38 18.55 -7.16
CA GLY C 847 16.45 17.62 -7.47
C GLY C 847 17.31 17.33 -6.25
N VAL C 848 18.14 16.30 -6.41
CA VAL C 848 19.00 15.79 -5.35
C VAL C 848 20.40 16.32 -5.55
N VAL C 849 20.97 16.93 -4.51
CA VAL C 849 22.35 17.38 -4.61
C VAL C 849 23.19 16.19 -5.07
N ALA C 850 23.79 16.26 -6.26
CA ALA C 850 24.55 15.14 -6.81
C ALA C 850 26.06 15.32 -6.70
N LYS C 851 26.54 16.54 -6.47
CA LYS C 851 27.97 16.85 -6.38
C LYS C 851 28.17 18.19 -5.68
N ILE C 852 29.20 18.24 -4.83
CA ILE C 852 29.68 19.48 -4.22
C ILE C 852 31.12 19.77 -4.68
N LEU C 853 31.27 20.72 -5.63
CA LEU C 853 32.58 21.19 -6.08
C LEU C 853 33.21 22.14 -5.06
N PRO C 854 34.54 22.16 -4.98
CA PRO C 854 35.22 23.25 -4.27
C PRO C 854 35.12 24.55 -5.05
N VAL C 855 35.14 25.67 -4.31
CA VAL C 855 34.84 26.97 -4.92
C VAL C 855 35.66 27.22 -6.18
N GLU C 856 36.90 26.72 -6.23
CA GLU C 856 37.73 26.92 -7.41
C GLU C 856 37.16 26.28 -8.70
N ASP C 857 36.23 25.29 -8.60
CA ASP C 857 35.63 24.72 -9.81
C ASP C 857 34.31 25.38 -10.21
N MET C 858 33.64 25.99 -9.26
CA MET C 858 32.38 26.66 -9.55
C MET C 858 32.55 27.67 -10.68
N PRO C 859 31.64 27.70 -11.65
CA PRO C 859 31.52 28.89 -12.49
C PRO C 859 31.52 30.14 -11.63
N HIS C 860 32.12 31.20 -12.18
CA HIS C 860 32.19 32.50 -11.54
C HIS C 860 32.11 33.60 -12.59
N LEU C 861 31.72 34.77 -12.13
CA LEU C 861 31.65 35.97 -12.94
C LEU C 861 32.97 36.71 -12.93
N PRO C 862 33.16 37.63 -13.89
CA PRO C 862 34.47 38.27 -14.05
C PRO C 862 34.98 38.93 -12.79
N ASP C 863 34.10 39.53 -11.97
CA ASP C 863 34.61 40.19 -10.77
C ASP C 863 34.94 39.23 -9.65
N GLY C 864 35.11 37.93 -9.97
CA GLY C 864 35.69 36.95 -9.07
C GLY C 864 34.69 36.17 -8.24
N THR C 865 33.42 36.59 -8.23
CA THR C 865 32.41 35.96 -7.40
C THR C 865 31.99 34.60 -7.97
N PRO C 866 31.95 33.49 -7.13
CA PRO C 866 31.50 32.19 -7.65
C PRO C 866 30.02 31.90 -7.40
N VAL C 867 29.33 31.33 -8.40
CA VAL C 867 27.93 30.94 -8.18
C VAL C 867 27.84 29.90 -7.07
N ASP C 868 26.65 29.85 -6.46
CA ASP C 868 26.29 28.90 -5.39
C ASP C 868 25.70 27.59 -5.93
N VAL C 869 24.80 27.65 -6.93
CA VAL C 869 24.03 26.51 -7.43
C VAL C 869 24.08 26.49 -8.94
N ILE C 870 24.22 25.29 -9.52
CA ILE C 870 24.19 25.11 -10.99
C ILE C 870 22.98 24.25 -11.35
N LEU C 871 21.88 24.87 -11.76
CA LEU C 871 20.67 24.13 -12.17
C LEU C 871 20.64 23.96 -13.70
N ASN C 872 20.53 22.73 -14.16
CA ASN C 872 20.61 22.44 -15.60
C ASN C 872 19.37 22.95 -16.32
N PRO C 873 19.52 23.52 -17.53
CA PRO C 873 18.35 24.11 -18.20
C PRO C 873 17.41 23.08 -18.79
N LEU C 874 17.86 21.84 -18.97
CA LEU C 874 16.96 20.82 -19.50
C LEU C 874 15.76 20.63 -18.59
N GLY C 875 15.83 21.10 -17.34
CA GLY C 875 14.69 21.00 -16.45
C GLY C 875 13.52 21.89 -16.86
N VAL C 876 13.81 23.03 -17.47
CA VAL C 876 12.75 24.00 -17.74
C VAL C 876 11.82 23.62 -18.89
N PRO C 877 12.32 23.51 -20.11
CA PRO C 877 11.39 23.43 -21.26
C PRO C 877 10.21 22.50 -21.09
N SER C 878 10.42 21.22 -20.73
CA SER C 878 9.28 20.30 -20.70
C SER C 878 8.36 20.56 -19.50
N ARG C 879 8.91 21.03 -18.38
CA ARG C 879 8.12 21.37 -17.21
C ARG C 879 7.33 22.67 -17.35
N MET C 880 7.69 23.57 -18.26
CA MET C 880 6.94 24.80 -18.51
C MET C 880 6.65 25.58 -17.23
N ASN C 881 7.63 25.63 -16.32
CA ASN C 881 7.52 26.48 -15.12
C ASN C 881 8.40 27.72 -15.24
N LEU C 882 8.08 28.61 -16.19
CA LEU C 882 8.95 29.76 -16.49
C LEU C 882 9.12 30.70 -15.31
N GLY C 883 8.16 30.74 -14.40
CA GLY C 883 8.27 31.65 -13.27
C GLY C 883 9.62 31.58 -12.57
N GLN C 884 10.22 30.38 -12.52
CA GLN C 884 11.52 30.34 -11.87
C GLN C 884 12.51 31.18 -12.64
N ILE C 885 12.32 31.31 -13.95
CA ILE C 885 13.23 32.10 -14.76
C ILE C 885 13.13 33.58 -14.40
N LEU C 886 11.92 34.15 -14.45
CA LEU C 886 11.72 35.50 -13.92
C LEU C 886 12.31 35.63 -12.52
N GLU C 887 12.07 34.66 -11.63
CA GLU C 887 12.54 34.81 -10.26
C GLU C 887 14.04 35.09 -10.21
N THR C 888 14.80 34.54 -11.16
CA THR C 888 16.23 34.77 -11.18
C THR C 888 16.54 36.17 -11.67
N HIS C 889 16.08 36.51 -12.88
CA HIS C 889 16.31 37.82 -13.48
C HIS C 889 16.11 38.94 -12.46
N LEU C 890 14.90 39.07 -11.91
CA LEU C 890 14.66 40.06 -10.86
C LEU C 890 15.51 39.78 -9.63
N GLY C 891 16.04 38.56 -9.52
CA GLY C 891 16.95 38.25 -8.44
C GLY C 891 18.36 38.69 -8.72
N LEU C 892 18.73 38.72 -10.00
CA LEU C 892 19.98 39.36 -10.43
C LEU C 892 20.00 40.81 -9.98
N ALA C 893 19.07 41.60 -10.53
CA ALA C 893 18.88 42.99 -10.11
C ALA C 893 19.00 43.14 -8.60
N GLY C 894 18.14 42.45 -7.84
CA GLY C 894 18.14 42.61 -6.41
C GLY C 894 19.48 42.30 -5.78
N TYR C 895 20.30 41.47 -6.43
CA TYR C 895 21.59 41.10 -5.85
C TYR C 895 22.60 42.21 -5.94
N PHE C 896 22.42 43.13 -6.87
CA PHE C 896 23.34 44.25 -7.03
C PHE C 896 22.76 45.57 -6.54
N LEU C 897 21.44 45.74 -6.57
CA LEU C 897 20.83 46.87 -5.88
C LEU C 897 20.58 46.58 -4.40
N GLY C 898 20.95 45.41 -3.89
CA GLY C 898 20.68 45.08 -2.49
C GLY C 898 19.21 45.15 -2.14
N GLN C 899 18.35 44.64 -3.01
CA GLN C 899 16.91 44.77 -2.86
C GLN C 899 16.26 43.40 -2.74
N ARG C 900 15.12 43.40 -2.06
CA ARG C 900 14.12 42.36 -2.14
C ARG C 900 12.90 42.95 -2.83
N TYR C 901 12.00 42.09 -3.32
CA TYR C 901 10.83 42.56 -4.05
C TYR C 901 9.58 41.82 -3.59
N ILE C 902 8.43 42.47 -3.76
CA ILE C 902 7.14 41.87 -3.49
C ILE C 902 6.39 41.90 -4.83
N SER C 903 6.31 40.75 -5.48
CA SER C 903 5.61 40.67 -6.75
C SER C 903 4.31 39.90 -6.54
N PRO C 904 3.19 40.59 -6.36
CA PRO C 904 1.92 39.89 -6.15
C PRO C 904 1.64 38.91 -7.28
N ILE C 905 0.96 37.83 -6.93
CA ILE C 905 0.56 36.82 -7.89
C ILE C 905 -0.40 37.45 -8.89
N PHE C 906 -0.17 37.21 -10.18
CA PHE C 906 -1.14 37.63 -11.18
C PHE C 906 -1.26 39.14 -11.25
N ASP C 907 -0.61 39.82 -10.32
CA ASP C 907 -0.61 41.27 -10.25
C ASP C 907 0.76 41.73 -9.76
N GLY C 908 1.82 41.19 -10.37
CA GLY C 908 3.15 41.52 -9.89
C GLY C 908 4.01 42.32 -10.87
N ALA C 909 5.30 42.04 -10.80
CA ALA C 909 6.27 42.71 -11.65
C ALA C 909 6.21 42.12 -13.04
N LYS C 910 5.94 42.96 -14.05
CA LYS C 910 5.96 42.55 -15.44
C LYS C 910 7.38 42.72 -15.99
N GLU C 911 7.58 42.54 -17.30
CA GLU C 911 8.91 42.40 -17.89
C GLU C 911 9.66 43.73 -18.06
N PRO C 912 9.06 44.72 -18.74
CA PRO C 912 9.65 46.07 -18.69
C PRO C 912 10.00 46.46 -17.28
N GLU C 913 9.05 46.40 -16.34
CA GLU C 913 9.31 46.88 -14.99
C GLU C 913 10.56 46.26 -14.38
N ILE C 914 10.92 45.06 -14.84
CA ILE C 914 12.07 44.37 -14.25
C ILE C 914 13.31 44.62 -15.07
N LYS C 915 13.19 44.63 -16.40
CA LYS C 915 14.31 45.06 -17.24
C LYS C 915 14.81 46.45 -16.83
N GLU C 916 13.90 47.34 -16.42
CA GLU C 916 14.34 48.62 -15.88
C GLU C 916 15.24 48.40 -14.66
N LEU C 917 14.82 47.51 -13.76
CA LEU C 917 15.65 47.20 -12.58
C LEU C 917 16.96 46.57 -13.00
N LEU C 918 16.91 45.72 -14.04
CA LEU C 918 18.11 45.02 -14.46
C LEU C 918 19.16 45.97 -15.04
N ALA C 919 18.74 47.14 -15.56
CA ALA C 919 19.72 48.11 -16.03
C ALA C 919 20.37 48.85 -14.86
N GLN C 920 19.54 49.43 -13.98
CA GLN C 920 20.04 50.06 -12.76
C GLN C 920 21.04 49.18 -12.03
N ALA C 921 20.92 47.86 -12.16
CA ALA C 921 21.92 46.99 -11.56
C ALA C 921 23.16 46.90 -12.41
N PHE C 922 23.01 46.97 -13.74
CA PHE C 922 24.17 46.84 -14.61
C PHE C 922 25.23 47.86 -14.25
N GLU C 923 24.83 49.11 -14.08
CA GLU C 923 25.77 50.18 -13.76
C GLU C 923 26.59 49.82 -12.53
N VAL C 924 25.95 49.24 -11.51
CA VAL C 924 26.66 48.84 -10.30
C VAL C 924 27.67 47.75 -10.61
N TYR C 925 27.26 46.76 -11.42
CA TYR C 925 28.08 45.58 -11.66
C TYR C 925 29.31 45.92 -12.50
N PHE C 926 29.18 46.88 -13.41
CA PHE C 926 30.21 47.12 -14.44
C PHE C 926 30.84 48.49 -14.34
N GLY C 927 30.03 49.54 -14.14
CA GLY C 927 30.58 50.89 -14.03
C GLY C 927 31.61 50.99 -12.92
N LYS C 928 31.30 50.39 -11.77
CA LYS C 928 32.28 50.16 -10.72
C LYS C 928 33.62 49.74 -11.32
N ARG C 929 33.56 48.94 -12.39
CA ARG C 929 34.77 48.39 -12.98
C ARG C 929 35.54 49.44 -13.78
N LYS C 930 34.91 49.99 -14.83
CA LYS C 930 35.60 50.79 -15.84
C LYS C 930 36.27 51.99 -15.18
N GLY C 931 36.02 52.19 -13.89
CA GLY C 931 36.61 53.26 -13.14
C GLY C 931 37.70 52.77 -12.21
N GLU C 932 37.69 51.49 -11.84
CA GLU C 932 38.67 50.95 -10.91
C GLU C 932 40.00 50.61 -11.59
N GLY C 933 40.20 51.06 -12.82
CA GLY C 933 41.43 50.79 -13.54
C GLY C 933 41.40 49.57 -14.41
N PHE C 934 40.20 49.07 -14.75
CA PHE C 934 40.08 47.91 -15.62
C PHE C 934 38.98 48.16 -16.66
N GLY C 935 39.28 47.85 -17.91
CA GLY C 935 38.36 48.06 -19.00
C GLY C 935 37.58 46.80 -19.28
N VAL C 936 37.31 46.53 -20.56
CA VAL C 936 36.70 45.28 -20.95
C VAL C 936 37.78 44.20 -20.89
N ASP C 937 37.36 42.93 -20.98
CA ASP C 937 38.25 41.79 -20.88
C ASP C 937 38.28 41.05 -22.22
N LYS C 938 39.39 40.34 -22.44
CA LYS C 938 39.60 39.70 -23.73
C LYS C 938 38.65 38.53 -23.95
N ARG C 939 38.31 37.77 -22.89
CA ARG C 939 37.35 36.66 -23.01
C ARG C 939 35.90 37.15 -23.15
N GLU C 940 35.53 38.24 -22.48
CA GLU C 940 34.25 38.89 -22.76
C GLU C 940 34.10 39.30 -24.23
N VAL C 941 35.18 39.55 -24.96
CA VAL C 941 34.95 39.85 -26.37
C VAL C 941 34.73 38.56 -27.16
N GLU C 942 35.53 37.53 -26.92
CA GLU C 942 35.26 36.26 -27.59
C GLU C 942 33.82 35.82 -27.37
N VAL C 943 33.30 35.97 -26.15
CA VAL C 943 31.90 35.62 -25.91
C VAL C 943 31.00 36.51 -26.76
N LEU C 944 31.26 37.81 -26.74
CA LEU C 944 30.40 38.74 -27.47
C LEU C 944 30.40 38.45 -28.96
N ARG C 945 31.58 38.16 -29.53
CA ARG C 945 31.62 37.60 -30.86
C ARG C 945 30.53 36.54 -31.02
N ARG C 946 30.46 35.59 -30.07
CA ARG C 946 29.49 34.50 -30.18
C ARG C 946 28.07 35.00 -29.96
N ALA C 947 27.82 35.67 -28.84
CA ALA C 947 26.49 36.21 -28.59
C ALA C 947 25.93 36.91 -29.83
N GLU C 948 26.79 37.57 -30.61
CA GLU C 948 26.33 38.30 -31.79
C GLU C 948 25.84 37.34 -32.88
N LYS C 949 26.59 36.27 -33.14
CA LYS C 949 26.10 35.28 -34.09
C LYS C 949 24.76 34.71 -33.63
N LEU C 950 24.66 34.38 -32.34
CA LEU C 950 23.38 33.96 -31.78
C LEU C 950 22.29 35.00 -32.08
N GLY C 951 22.60 36.27 -31.91
CA GLY C 951 21.64 37.31 -32.12
C GLY C 951 21.18 37.94 -30.86
N LEU C 952 21.97 37.87 -29.79
CA LEU C 952 21.58 38.43 -28.52
C LEU C 952 21.88 39.90 -28.45
N VAL C 953 22.95 40.34 -29.11
CA VAL C 953 23.49 41.70 -29.06
C VAL C 953 23.43 42.31 -30.44
N THR C 954 23.38 43.65 -30.47
CA THR C 954 23.31 44.39 -31.73
C THR C 954 24.72 44.59 -32.30
N PRO C 955 25.01 44.09 -33.51
CA PRO C 955 26.38 44.21 -34.05
C PRO C 955 26.80 45.66 -34.17
N GLY C 956 28.11 45.90 -33.94
CA GLY C 956 28.59 47.26 -34.02
C GLY C 956 28.08 48.09 -32.86
N LYS C 957 28.59 47.79 -31.66
CA LYS C 957 28.18 48.48 -30.45
C LYS C 957 29.24 48.22 -29.40
N THR C 958 29.39 49.17 -28.48
CA THR C 958 30.54 49.07 -27.59
C THR C 958 30.36 47.86 -26.69
N PRO C 959 31.43 47.21 -26.33
CA PRO C 959 31.34 46.19 -25.29
C PRO C 959 30.38 46.55 -24.15
N GLU C 960 30.54 47.70 -23.50
CA GLU C 960 29.59 48.06 -22.45
C GLU C 960 28.16 48.07 -23.00
N GLU C 961 27.96 48.67 -24.19
CA GLU C 961 26.61 48.65 -24.77
C GLU C 961 26.08 47.23 -24.88
N GLN C 962 26.93 46.29 -25.30
CA GLN C 962 26.49 44.93 -25.56
C GLN C 962 26.34 44.11 -24.28
N LEU C 963 27.32 44.21 -23.36
CA LEU C 963 27.11 43.58 -22.05
C LEU C 963 25.83 44.07 -21.41
N LYS C 964 25.60 45.38 -21.44
CA LYS C 964 24.29 45.90 -21.08
C LYS C 964 23.16 45.07 -21.70
N GLU C 965 23.24 44.81 -23.02
CA GLU C 965 22.13 44.14 -23.69
C GLU C 965 21.91 42.71 -23.16
N LEU C 966 23.01 42.02 -22.84
CA LEU C 966 22.91 40.69 -22.28
C LEU C 966 22.40 40.75 -20.85
N PHE C 967 22.93 41.68 -20.06
CA PHE C 967 22.43 41.83 -18.71
C PHE C 967 20.91 41.99 -18.68
N LEU C 968 20.37 42.90 -19.50
CA LEU C 968 18.93 43.04 -19.60
C LEU C 968 18.22 41.73 -19.93
N GLN C 969 18.94 40.75 -20.45
CA GLN C 969 18.38 39.47 -20.82
C GLN C 969 18.48 38.44 -19.69
N GLY C 970 18.94 38.86 -18.53
CA GLY C 970 19.27 37.98 -17.45
C GLY C 970 20.60 37.30 -17.59
N LYS C 971 21.38 37.62 -18.63
CA LYS C 971 22.56 36.84 -19.00
C LYS C 971 23.85 37.61 -18.74
N VAL C 972 24.90 36.88 -18.33
CA VAL C 972 26.19 37.46 -17.97
C VAL C 972 27.30 36.54 -18.43
N VAL C 973 28.52 37.07 -18.51
CA VAL C 973 29.65 36.29 -19.00
C VAL C 973 30.14 35.40 -17.87
N LEU C 974 30.54 34.18 -18.20
CA LEU C 974 30.84 33.24 -17.13
C LEU C 974 32.12 32.50 -17.44
N TYR C 975 32.97 32.35 -16.45
CA TYR C 975 34.26 31.70 -16.63
C TYR C 975 34.25 30.37 -15.91
N ASP C 976 34.51 29.28 -16.64
CA ASP C 976 34.78 28.01 -15.99
C ASP C 976 36.01 28.17 -15.11
N GLY C 977 35.84 27.98 -13.80
CA GLY C 977 36.93 28.08 -12.86
C GLY C 977 37.95 26.97 -12.99
N ARG C 978 37.63 25.89 -13.70
CA ARG C 978 38.64 24.86 -14.00
C ARG C 978 39.62 25.30 -15.09
N THR C 979 39.32 26.36 -15.83
CA THR C 979 40.20 26.75 -16.93
C THR C 979 40.46 28.24 -17.03
N GLY C 980 39.62 29.10 -16.47
CA GLY C 980 39.67 30.51 -16.77
C GLY C 980 39.08 30.91 -18.11
N GLU C 981 38.92 29.97 -19.03
CA GLU C 981 38.28 30.24 -20.31
C GLU C 981 36.80 30.51 -20.08
N PRO C 982 36.19 31.37 -20.91
CA PRO C 982 34.77 31.71 -20.70
C PRO C 982 33.85 30.56 -21.07
N ILE C 983 32.60 30.69 -20.66
CA ILE C 983 31.61 29.77 -21.21
C ILE C 983 31.29 30.30 -22.61
N GLU C 984 31.38 29.43 -23.60
CA GLU C 984 31.24 29.83 -25.00
C GLU C 984 30.00 30.69 -25.20
N GLY C 985 29.12 30.75 -24.21
CA GLY C 985 27.93 31.56 -24.32
C GLY C 985 27.73 32.41 -23.10
N PRO C 986 26.80 33.35 -23.20
CA PRO C 986 26.35 34.03 -22.01
C PRO C 986 25.22 33.27 -21.34
N ILE C 987 25.33 33.23 -20.02
CA ILE C 987 24.55 32.34 -19.18
C ILE C 987 23.51 33.17 -18.44
N VAL C 988 22.54 32.49 -17.86
CA VAL C 988 21.55 33.12 -16.98
C VAL C 988 22.03 32.90 -15.55
N VAL C 989 22.48 33.96 -14.88
CA VAL C 989 22.84 33.89 -13.48
C VAL C 989 21.96 34.86 -12.71
N GLY C 990 21.51 34.42 -11.54
CA GLY C 990 20.60 35.21 -10.74
C GLY C 990 20.37 34.58 -9.38
N GLN C 991 19.44 35.19 -8.64
CA GLN C 991 19.20 34.87 -7.24
C GLN C 991 17.83 34.21 -7.08
N MET C 992 17.83 33.00 -6.51
CA MET C 992 16.68 32.11 -6.48
C MET C 992 16.46 31.59 -5.07
N PHE C 993 15.18 31.49 -4.69
CA PHE C 993 14.79 30.97 -3.38
C PHE C 993 14.63 29.45 -3.47
N ILE C 994 15.45 28.73 -2.69
CA ILE C 994 15.60 27.28 -2.82
C ILE C 994 15.67 26.64 -1.44
N MET C 995 14.77 25.68 -1.17
CA MET C 995 14.61 25.07 0.15
C MET C 995 15.25 23.68 0.20
N LYS C 996 15.57 23.26 1.43
CA LYS C 996 16.00 21.90 1.70
C LYS C 996 14.77 21.11 2.09
N LEU C 997 14.53 19.98 1.43
CA LEU C 997 13.32 19.22 1.74
C LEU C 997 13.59 18.20 2.85
N TYR C 998 12.49 17.68 3.42
CA TYR C 998 12.58 16.71 4.52
C TYR C 998 13.23 15.39 4.12
N HIS C 999 13.55 15.20 2.85
CA HIS C 999 13.97 13.89 2.33
C HIS C 999 15.49 13.81 2.24
N MET C 1000 16.13 13.47 3.35
CA MET C 1000 17.59 13.44 3.40
C MET C 1000 18.11 12.02 3.45
N VAL C 1001 19.16 11.73 2.68
CA VAL C 1001 19.81 10.43 2.63
C VAL C 1001 20.03 9.82 4.00
N GLU C 1002 20.30 10.67 4.99
CA GLU C 1002 20.57 10.17 6.33
C GLU C 1002 19.36 9.37 6.86
N ASP C 1003 18.17 9.86 6.57
CA ASP C 1003 16.98 9.15 7.00
C ASP C 1003 16.70 7.89 6.18
N LYS C 1004 17.42 7.67 5.09
CA LYS C 1004 17.01 6.70 4.08
C LYS C 1004 18.08 5.72 3.63
N MET C 1005 19.31 5.82 4.08
CA MET C 1005 20.24 4.78 3.68
C MET C 1005 20.11 3.62 4.66
N HIS C 1006 19.88 2.43 4.15
CA HIS C 1006 19.69 1.28 5.02
C HIS C 1006 20.12 0.01 4.28
N ALA C 1007 20.68 -0.93 5.03
CA ALA C 1007 21.08 -2.18 4.40
C ALA C 1007 21.19 -3.23 5.49
N ARG C 1008 21.08 -4.49 5.07
CA ARG C 1008 21.02 -5.62 5.99
C ARG C 1008 21.70 -6.82 5.37
N SER C 1009 22.65 -7.39 6.09
CA SER C 1009 23.09 -8.74 5.77
C SER C 1009 22.04 -9.78 6.20
N THR C 1010 21.74 -9.83 7.50
CA THR C 1010 20.67 -10.64 8.08
C THR C 1010 20.20 -9.95 9.36
N GLY C 1011 18.98 -10.27 9.79
CA GLY C 1011 18.39 -9.63 10.96
C GLY C 1011 17.15 -10.33 11.51
N PRO C 1012 16.21 -9.54 12.03
CA PRO C 1012 14.97 -10.11 12.54
C PRO C 1012 14.17 -10.82 11.45
N TYR C 1013 13.31 -11.75 11.89
CA TYR C 1013 12.43 -12.51 11.00
C TYR C 1013 11.00 -12.46 11.50
N SER C 1014 10.09 -12.96 10.69
CA SER C 1014 8.66 -12.86 10.95
C SER C 1014 8.13 -14.16 11.58
N LEU C 1015 7.26 -14.02 12.59
CA LEU C 1015 6.77 -15.17 13.37
C LEU C 1015 6.35 -16.38 12.54
N ILE C 1016 5.31 -16.22 11.72
CA ILE C 1016 4.78 -17.41 11.05
C ILE C 1016 5.58 -17.72 9.79
N THR C 1017 5.96 -16.69 9.01
CA THR C 1017 6.57 -16.92 7.70
C THR C 1017 8.08 -17.16 7.75
N GLN C 1018 8.74 -16.80 8.85
CA GLN C 1018 10.19 -16.90 8.97
C GLN C 1018 10.92 -16.13 7.87
N GLN C 1019 10.27 -15.09 7.32
CA GLN C 1019 10.85 -14.19 6.36
C GLN C 1019 11.21 -12.89 7.04
N PRO C 1020 12.21 -12.17 6.53
CA PRO C 1020 12.73 -10.99 7.25
C PRO C 1020 11.69 -9.88 7.32
N LEU C 1021 11.68 -9.17 8.46
CA LEU C 1021 10.76 -8.03 8.61
C LEU C 1021 11.06 -6.93 7.60
N GLY C 1022 10.29 -5.85 7.65
CA GLY C 1022 10.45 -4.76 6.70
C GLY C 1022 10.56 -3.42 7.40
N GLY C 1023 11.20 -2.50 6.71
CA GLY C 1023 11.34 -1.16 7.26
C GLY C 1023 12.69 -0.91 7.89
N LYS C 1024 13.12 0.33 7.83
CA LYS C 1024 14.42 0.66 8.39
C LYS C 1024 14.45 0.38 9.89
N ALA C 1025 13.36 0.71 10.59
CA ALA C 1025 13.41 0.67 12.06
C ALA C 1025 13.41 -0.75 12.58
N GLN C 1026 12.94 -1.70 11.81
CA GLN C 1026 13.04 -3.08 12.22
C GLN C 1026 14.34 -3.71 11.78
N PHE C 1027 15.17 -2.98 11.07
CA PHE C 1027 16.31 -3.58 10.39
C PHE C 1027 15.81 -4.51 9.29
N GLY C 1028 14.95 -3.97 8.45
CA GLY C 1028 14.26 -4.72 7.43
C GLY C 1028 15.11 -5.53 6.48
N GLY C 1029 14.42 -6.25 5.59
CA GLY C 1029 14.96 -6.70 4.33
C GLY C 1029 14.09 -6.05 3.27
N GLN C 1030 14.51 -6.20 2.04
CA GLN C 1030 13.87 -5.48 0.96
C GLN C 1030 12.89 -6.42 0.28
N ARG C 1031 11.69 -5.94 0.04
CA ARG C 1031 10.71 -6.83 -0.55
C ARG C 1031 11.08 -7.14 -2.00
N PHE C 1032 11.39 -8.40 -2.29
CA PHE C 1032 11.57 -8.86 -3.67
C PHE C 1032 10.25 -9.42 -4.20
N GLY C 1033 9.39 -8.52 -4.67
CA GLY C 1033 8.02 -8.87 -5.01
C GLY C 1033 7.86 -9.58 -6.34
N GLU C 1034 6.59 -9.86 -6.64
CA GLU C 1034 6.19 -10.52 -7.89
C GLU C 1034 6.89 -9.90 -9.09
N MET C 1035 6.90 -8.56 -9.18
CA MET C 1035 7.39 -7.92 -10.39
C MET C 1035 8.91 -8.03 -10.51
N GLU C 1036 9.60 -7.98 -9.37
CA GLU C 1036 11.02 -8.28 -9.33
C GLU C 1036 11.27 -9.74 -9.73
N VAL C 1037 10.55 -10.68 -9.12
CA VAL C 1037 10.70 -12.09 -9.51
C VAL C 1037 10.57 -12.22 -11.02
N TRP C 1038 9.54 -11.61 -11.59
CA TRP C 1038 9.41 -11.62 -13.03
C TRP C 1038 10.71 -11.19 -13.67
N ALA C 1039 11.27 -10.07 -13.19
CA ALA C 1039 12.51 -9.55 -13.78
C ALA C 1039 13.57 -10.63 -13.84
N LEU C 1040 13.88 -11.22 -12.68
CA LEU C 1040 14.85 -12.31 -12.64
C LEU C 1040 14.42 -13.45 -13.56
N GLU C 1041 13.12 -13.75 -13.59
CA GLU C 1041 12.62 -14.79 -14.48
C GLU C 1041 12.95 -14.48 -15.93
N ALA C 1042 12.68 -13.24 -16.37
CA ALA C 1042 12.91 -12.90 -17.77
C ALA C 1042 14.36 -13.06 -18.14
N TYR C 1043 15.27 -12.61 -17.28
CA TYR C 1043 16.69 -12.80 -17.51
C TYR C 1043 17.08 -14.27 -17.60
N GLY C 1044 16.29 -15.16 -17.00
CA GLY C 1044 16.75 -16.52 -16.82
C GLY C 1044 17.77 -16.72 -15.72
N ALA C 1045 17.82 -15.83 -14.75
CA ALA C 1045 18.71 -16.04 -13.60
C ALA C 1045 18.06 -17.02 -12.61
N ALA C 1046 18.07 -18.30 -12.96
CA ALA C 1046 17.44 -19.29 -12.10
C ALA C 1046 18.05 -19.28 -10.72
N HIS C 1047 19.38 -19.44 -10.65
CA HIS C 1047 20.01 -19.63 -9.35
C HIS C 1047 19.91 -18.38 -8.50
N THR C 1048 19.98 -17.22 -9.13
CA THR C 1048 19.86 -15.97 -8.39
C THR C 1048 18.47 -15.79 -7.83
N LEU C 1049 17.46 -16.23 -8.58
CA LEU C 1049 16.09 -16.21 -8.10
C LEU C 1049 15.90 -17.22 -6.97
N GLN C 1050 16.27 -18.47 -7.22
CA GLN C 1050 16.19 -19.48 -6.17
C GLN C 1050 16.78 -18.96 -4.87
N GLU C 1051 17.92 -18.26 -4.96
CA GLU C 1051 18.55 -17.70 -3.78
C GLU C 1051 17.63 -16.71 -3.08
N MET C 1052 17.01 -15.82 -3.84
CA MET C 1052 16.12 -14.86 -3.22
C MET C 1052 14.91 -15.55 -2.59
N LEU C 1053 14.53 -16.70 -3.13
CA LEU C 1053 13.37 -17.41 -2.65
C LEU C 1053 13.70 -18.40 -1.53
N THR C 1054 14.98 -18.78 -1.34
CA THR C 1054 15.32 -19.66 -0.23
C THR C 1054 16.38 -19.09 0.70
N LEU C 1055 17.66 -19.02 0.28
CA LEU C 1055 18.74 -18.74 1.24
C LEU C 1055 18.63 -17.35 1.83
N LYS C 1056 18.08 -16.43 1.09
CA LYS C 1056 18.08 -15.07 1.58
C LYS C 1056 16.82 -14.71 2.34
N SER C 1057 15.79 -15.56 2.34
CA SER C 1057 14.54 -15.21 3.02
C SER C 1057 14.19 -16.19 4.13
N ASP C 1058 13.80 -17.43 3.79
CA ASP C 1058 13.20 -18.31 4.79
C ASP C 1058 13.50 -19.80 4.59
N ASP C 1059 14.59 -20.16 3.91
CA ASP C 1059 15.06 -21.54 3.90
C ASP C 1059 16.00 -21.71 5.09
N ILE C 1060 15.39 -21.79 6.29
CA ILE C 1060 16.13 -21.66 7.55
C ILE C 1060 17.34 -22.57 7.57
N GLU C 1061 17.19 -23.77 7.02
CA GLU C 1061 18.35 -24.64 6.93
C GLU C 1061 19.46 -23.94 6.13
N GLY C 1062 19.25 -23.75 4.83
CA GLY C 1062 20.32 -23.23 3.98
C GLY C 1062 20.66 -21.77 4.23
N ARG C 1063 19.77 -21.05 4.90
CA ARG C 1063 20.09 -19.69 5.31
C ARG C 1063 21.14 -19.70 6.43
N ASN C 1064 20.79 -20.26 7.59
CA ASN C 1064 21.79 -20.59 8.59
C ASN C 1064 23.01 -21.28 7.96
N ALA C 1065 22.76 -22.14 6.97
CA ALA C 1065 23.85 -22.91 6.37
C ALA C 1065 24.80 -22.01 5.59
N ALA C 1066 24.25 -20.99 4.91
CA ALA C 1066 25.08 -20.06 4.15
C ALA C 1066 25.92 -19.19 5.08
N TYR C 1067 25.26 -18.43 5.96
CA TYR C 1067 26.01 -17.50 6.82
C TYR C 1067 27.07 -18.20 7.64
N GLU C 1068 27.09 -19.52 7.66
CA GLU C 1068 28.27 -20.23 8.14
C GLU C 1068 29.29 -20.42 7.03
N ALA C 1069 28.83 -20.61 5.79
CA ALA C 1069 29.74 -20.86 4.67
C ALA C 1069 30.52 -19.60 4.32
N ILE C 1070 29.87 -18.44 4.38
CA ILE C 1070 30.58 -17.22 4.08
C ILE C 1070 31.67 -17.00 5.13
N ILE C 1071 31.28 -16.97 6.41
CA ILE C 1071 32.24 -16.67 7.45
C ILE C 1071 33.38 -17.67 7.46
N LYS C 1072 33.15 -18.86 6.87
CA LYS C 1072 34.14 -19.93 6.82
C LYS C 1072 34.85 -20.02 5.48
N GLY C 1073 34.43 -19.21 4.49
CA GLY C 1073 35.11 -19.19 3.21
C GLY C 1073 34.77 -20.33 2.27
N GLU C 1074 33.60 -20.96 2.45
CA GLU C 1074 33.15 -22.04 1.57
C GLU C 1074 31.93 -21.56 0.79
N ASP C 1075 31.78 -22.07 -0.44
CA ASP C 1075 30.64 -21.70 -1.26
C ASP C 1075 29.33 -22.01 -0.53
N VAL C 1076 28.23 -21.41 -0.99
CA VAL C 1076 26.97 -21.49 -0.25
C VAL C 1076 26.27 -22.79 -0.59
N PRO C 1077 25.55 -23.35 0.37
CA PRO C 1077 24.93 -24.65 0.17
C PRO C 1077 23.74 -24.56 -0.75
N GLU C 1078 23.56 -25.57 -1.59
CA GLU C 1078 22.32 -25.69 -2.34
C GLU C 1078 21.14 -25.75 -1.38
N PRO C 1079 20.01 -25.16 -1.71
CA PRO C 1079 18.94 -24.96 -0.73
C PRO C 1079 17.90 -26.07 -0.69
N SER C 1080 17.29 -26.18 0.48
CA SER C 1080 16.14 -27.04 0.77
C SER C 1080 14.86 -26.24 0.56
N VAL C 1081 13.73 -26.71 1.10
CA VAL C 1081 12.43 -26.08 0.82
C VAL C 1081 12.19 -24.85 1.68
N PRO C 1082 11.67 -23.76 1.10
CA PRO C 1082 11.31 -22.59 1.91
C PRO C 1082 10.35 -22.97 3.02
N GLU C 1083 10.69 -22.58 4.25
CA GLU C 1083 9.76 -22.81 5.35
C GLU C 1083 8.40 -22.20 5.09
N SER C 1084 8.24 -21.33 4.10
CA SER C 1084 6.94 -20.69 3.93
C SER C 1084 5.99 -21.55 3.11
N PHE C 1085 6.55 -22.44 2.29
CA PHE C 1085 5.69 -23.38 1.58
C PHE C 1085 5.03 -24.35 2.56
N ARG C 1086 5.82 -24.86 3.52
CA ARG C 1086 5.26 -25.67 4.59
C ARG C 1086 4.07 -24.99 5.25
N VAL C 1087 4.22 -23.74 5.69
CA VAL C 1087 3.08 -23.01 6.23
C VAL C 1087 1.88 -23.14 5.30
N LEU C 1088 2.13 -23.20 4.01
CA LEU C 1088 1.04 -23.28 3.05
C LEU C 1088 0.35 -24.63 3.13
N VAL C 1089 1.13 -25.71 3.17
CA VAL C 1089 0.62 -27.06 3.34
C VAL C 1089 -0.26 -27.16 4.58
N LYS C 1090 0.33 -26.88 5.73
CA LYS C 1090 -0.40 -26.96 6.98
C LYS C 1090 -1.63 -26.07 6.98
N GLU C 1091 -1.58 -24.93 6.29
CA GLU C 1091 -2.79 -24.12 6.26
C GLU C 1091 -3.84 -24.71 5.33
N LEU C 1092 -3.45 -25.59 4.42
CA LEU C 1092 -4.45 -26.23 3.61
C LEU C 1092 -4.98 -27.48 4.28
N GLN C 1093 -4.11 -28.19 5.00
CA GLN C 1093 -4.60 -29.22 5.90
C GLN C 1093 -5.68 -28.65 6.81
N ALA C 1094 -5.40 -27.50 7.42
CA ALA C 1094 -6.39 -26.91 8.33
C ALA C 1094 -7.67 -26.51 7.63
N LEU C 1095 -7.74 -26.64 6.32
CA LEU C 1095 -8.97 -26.54 5.57
C LEU C 1095 -9.39 -27.88 5.02
N ALA C 1096 -8.88 -28.96 5.61
CA ALA C 1096 -9.25 -30.31 5.21
C ALA C 1096 -8.80 -30.63 3.80
N LEU C 1097 -7.65 -30.10 3.39
CA LEU C 1097 -7.12 -30.31 2.06
C LEU C 1097 -5.74 -30.94 2.16
N ASP C 1098 -5.55 -32.01 1.43
CA ASP C 1098 -4.40 -32.89 1.60
C ASP C 1098 -3.46 -32.64 0.45
N VAL C 1099 -2.47 -31.79 0.69
CA VAL C 1099 -1.46 -31.45 -0.31
C VAL C 1099 -0.28 -32.39 -0.15
N GLN C 1100 0.16 -33.03 -1.22
CA GLN C 1100 1.21 -34.04 -1.09
C GLN C 1100 2.33 -33.85 -2.10
N THR C 1101 3.54 -33.63 -1.61
CA THR C 1101 4.72 -33.67 -2.48
C THR C 1101 4.99 -35.09 -2.92
N LEU C 1102 5.14 -35.28 -4.23
CA LEU C 1102 5.28 -36.60 -4.81
C LEU C 1102 6.51 -36.69 -5.70
N ASP C 1103 7.31 -37.74 -5.52
CA ASP C 1103 8.40 -38.05 -6.45
C ASP C 1103 7.83 -38.54 -7.78
N GLU C 1104 8.70 -38.81 -8.75
CA GLU C 1104 8.23 -39.06 -10.10
C GLU C 1104 7.42 -40.35 -10.19
N LYS C 1105 7.76 -41.36 -9.38
CA LYS C 1105 6.98 -42.58 -9.33
C LYS C 1105 5.77 -42.44 -8.40
N ASP C 1106 5.37 -41.21 -8.07
CA ASP C 1106 4.08 -40.93 -7.48
C ASP C 1106 3.97 -41.39 -6.03
N ASN C 1107 5.10 -41.48 -5.34
CA ASN C 1107 4.96 -41.79 -3.92
C ASN C 1107 5.42 -40.61 -3.07
N PRO C 1108 4.75 -40.36 -1.95
CA PRO C 1108 4.93 -39.09 -1.25
C PRO C 1108 6.38 -38.74 -0.95
N VAL C 1109 6.60 -37.48 -0.59
CA VAL C 1109 7.90 -37.00 -0.17
C VAL C 1109 7.66 -36.19 1.10
N ASP C 1110 8.32 -36.58 2.19
CA ASP C 1110 8.05 -35.95 3.47
C ASP C 1110 8.88 -34.70 3.56
N ILE C 1111 8.27 -33.55 3.31
CA ILE C 1111 9.04 -32.33 3.36
C ILE C 1111 9.05 -31.83 4.79
N PHE C 1112 8.67 -32.69 5.73
CA PHE C 1112 8.83 -32.38 7.14
C PHE C 1112 9.85 -33.29 7.82
N GLU C 1113 10.61 -34.06 7.03
CA GLU C 1113 11.58 -35.04 7.53
C GLU C 1113 11.07 -35.73 8.79
N GLY C 1114 9.90 -36.35 8.65
CA GLY C 1114 9.34 -37.20 9.68
C GLY C 1114 8.84 -36.50 10.92
N LEU C 1115 8.95 -35.17 11.00
CA LEU C 1115 8.53 -34.47 12.21
C LEU C 1115 7.02 -34.43 12.41
N ALA C 1116 6.23 -34.79 11.38
CA ALA C 1116 4.78 -34.81 11.48
C ALA C 1116 4.20 -36.22 11.34
N SER C 1117 4.98 -37.15 10.80
CA SER C 1117 4.59 -38.56 10.84
C SER C 1117 4.53 -39.04 12.28
N LYS C 1118 3.88 -40.19 12.48
CA LYS C 1118 3.82 -40.83 13.78
C LYS C 1118 4.42 -42.23 13.70
N LYS D 3 14.41 -39.10 -1.89
CA LYS D 3 13.91 -38.95 -3.25
C LYS D 3 13.55 -37.49 -3.54
N GLU D 4 13.21 -37.22 -4.80
CA GLU D 4 13.16 -35.87 -5.37
C GLU D 4 11.72 -35.47 -5.72
N VAL D 5 11.23 -34.43 -5.03
CA VAL D 5 9.90 -33.90 -5.32
C VAL D 5 9.76 -33.59 -6.80
N ARG D 6 8.67 -34.03 -7.42
CA ARG D 6 8.44 -33.73 -8.82
C ARG D 6 7.00 -33.39 -9.17
N LYS D 7 6.07 -33.49 -8.23
CA LYS D 7 4.68 -33.13 -8.46
C LYS D 7 4.11 -32.64 -7.14
N VAL D 8 2.91 -32.07 -7.19
CA VAL D 8 2.23 -31.71 -5.96
C VAL D 8 0.74 -32.02 -6.09
N ARG D 9 0.28 -33.07 -5.38
CA ARG D 9 -1.10 -33.56 -5.40
C ARG D 9 -1.93 -32.81 -4.37
N ILE D 10 -3.18 -32.53 -4.72
CA ILE D 10 -4.10 -31.91 -3.77
C ILE D 10 -5.45 -32.61 -3.86
N ALA D 11 -6.00 -32.97 -2.71
CA ALA D 11 -7.23 -33.77 -2.69
C ALA D 11 -7.88 -33.68 -1.31
N LEU D 12 -9.07 -34.26 -1.24
CA LEU D 12 -9.92 -34.14 -0.07
C LEU D 12 -9.42 -34.97 1.12
N ALA D 13 -9.71 -34.48 2.31
CA ALA D 13 -9.28 -35.14 3.54
C ALA D 13 -10.45 -35.95 4.09
N SER D 14 -10.34 -37.27 4.03
CA SER D 14 -11.32 -38.11 4.72
C SER D 14 -11.25 -37.79 6.22
N PRO D 15 -12.38 -37.79 6.91
CA PRO D 15 -12.31 -37.63 8.37
C PRO D 15 -11.30 -38.56 8.99
N GLU D 16 -11.23 -39.82 8.56
CA GLU D 16 -10.24 -40.71 9.14
C GLU D 16 -8.86 -40.10 8.97
N LYS D 17 -8.60 -39.50 7.80
CA LYS D 17 -7.27 -38.98 7.48
C LYS D 17 -6.92 -37.79 8.35
N ILE D 18 -7.83 -36.82 8.43
CA ILE D 18 -7.71 -35.71 9.37
C ILE D 18 -7.26 -36.24 10.72
N ARG D 19 -7.97 -37.26 11.23
CA ARG D 19 -7.57 -37.95 12.46
C ARG D 19 -6.22 -38.63 12.29
N SER D 20 -5.89 -39.08 11.07
CA SER D 20 -4.57 -39.63 10.81
C SER D 20 -3.49 -38.60 11.06
N TRP D 21 -3.76 -37.33 10.73
CA TRP D 21 -2.80 -36.28 11.02
C TRP D 21 -2.68 -36.05 12.52
N SER D 22 -3.79 -36.13 13.25
CA SER D 22 -3.88 -35.46 14.54
C SER D 22 -3.04 -36.16 15.62
N TYR D 23 -2.76 -35.37 16.65
CA TYR D 23 -1.90 -35.72 17.77
C TYR D 23 -2.66 -35.53 19.05
N GLY D 24 -3.90 -35.05 18.96
CA GLY D 24 -4.61 -34.54 20.10
C GLY D 24 -5.98 -34.05 19.70
N GLU D 25 -6.99 -34.38 20.47
CA GLU D 25 -8.28 -33.73 20.36
C GLU D 25 -8.24 -32.52 21.28
N VAL D 26 -8.40 -31.33 20.70
CA VAL D 26 -8.36 -30.13 21.53
C VAL D 26 -9.69 -30.08 22.29
N GLU D 27 -9.65 -30.48 23.55
CA GLU D 27 -10.89 -30.59 24.31
C GLU D 27 -11.31 -29.25 24.89
N LYS D 28 -10.37 -28.49 25.43
CA LYS D 28 -10.72 -27.25 26.11
C LYS D 28 -10.36 -26.02 25.27
N PRO D 29 -11.19 -24.92 25.30
CA PRO D 29 -10.85 -23.73 24.53
C PRO D 29 -9.90 -22.80 25.29
N GLU D 30 -8.93 -23.40 25.95
CA GLU D 30 -8.04 -22.67 26.83
C GLU D 30 -6.72 -22.43 26.10
N THR D 31 -6.12 -21.29 26.36
CA THR D 31 -4.89 -21.02 25.65
C THR D 31 -3.70 -21.33 26.54
N ILE D 32 -3.49 -20.50 27.56
CA ILE D 32 -2.30 -20.56 28.40
C ILE D 32 -2.67 -20.03 29.78
N ASN D 33 -1.97 -20.51 30.79
CA ASN D 33 -2.45 -20.30 32.16
C ASN D 33 -2.23 -18.87 32.61
N TYR D 34 -3.29 -18.23 33.10
CA TYR D 34 -3.20 -16.81 33.41
C TYR D 34 -2.12 -16.48 34.43
N ARG D 35 -1.51 -17.47 35.06
CA ARG D 35 -0.41 -17.20 35.98
C ARG D 35 0.91 -17.77 35.47
N THR D 36 0.95 -19.08 35.20
CA THR D 36 2.16 -19.69 34.69
C THR D 36 2.55 -19.19 33.31
N LEU D 37 1.60 -18.61 32.58
CA LEU D 37 1.83 -18.20 31.19
C LEU D 37 2.31 -19.37 30.36
N LYS D 38 2.13 -20.57 30.87
CA LYS D 38 2.40 -21.79 30.13
C LYS D 38 1.10 -22.33 29.59
N PRO D 39 1.17 -23.28 28.66
CA PRO D 39 -0.06 -23.76 27.99
C PRO D 39 -0.86 -24.68 28.90
N GLU D 40 -2.17 -24.45 28.97
CA GLU D 40 -3.06 -25.33 29.71
C GLU D 40 -3.26 -26.63 28.94
N ARG D 41 -3.28 -27.76 29.65
CA ARG D 41 -3.39 -29.06 28.96
C ARG D 41 -4.80 -29.27 28.40
N ASP D 42 -4.84 -30.02 27.28
CA ASP D 42 -6.06 -30.27 26.52
C ASP D 42 -6.59 -29.03 25.81
N GLY D 43 -5.76 -28.01 25.66
CA GLY D 43 -6.16 -26.76 25.04
C GLY D 43 -5.34 -26.48 23.81
N LEU D 44 -5.52 -25.29 23.23
CA LEU D 44 -5.00 -25.02 21.90
C LEU D 44 -3.48 -25.01 21.84
N PHE D 45 -2.77 -24.82 22.95
CA PHE D 45 -1.31 -24.87 22.93
C PHE D 45 -0.72 -25.99 23.76
N ASP D 46 -1.54 -26.92 24.27
CA ASP D 46 -1.01 -28.04 25.05
C ASP D 46 0.14 -28.72 24.32
N GLU D 47 1.25 -28.92 25.02
CA GLU D 47 2.43 -29.49 24.39
C GLU D 47 2.39 -31.02 24.29
N ARG D 48 1.56 -31.70 25.11
CA ARG D 48 1.47 -33.15 24.97
C ARG D 48 0.86 -33.52 23.62
N ILE D 49 0.05 -32.61 23.05
CA ILE D 49 -0.41 -32.73 21.67
C ILE D 49 0.68 -32.30 20.69
N PHE D 50 1.00 -31.00 20.71
CA PHE D 50 1.66 -30.37 19.57
C PHE D 50 3.18 -30.49 19.59
N GLY D 51 3.84 -30.03 20.64
CA GLY D 51 5.23 -30.38 20.80
C GLY D 51 5.94 -29.75 21.99
N PRO D 52 7.17 -30.21 22.23
CA PRO D 52 8.01 -29.52 23.22
C PRO D 52 8.14 -28.06 22.83
N ILE D 53 7.85 -27.19 23.80
CA ILE D 53 8.01 -25.75 23.55
C ILE D 53 9.49 -25.39 23.45
N LYS D 54 10.34 -25.98 24.28
CA LYS D 54 11.77 -25.78 24.24
C LYS D 54 12.48 -27.07 23.80
N ASP D 55 13.51 -26.95 22.97
CA ASP D 55 14.07 -28.11 22.29
C ASP D 55 14.50 -29.18 23.29
N TYR D 56 14.21 -30.45 22.96
CA TYR D 56 14.63 -31.61 23.73
C TYR D 56 14.48 -31.36 25.22
N GLU D 57 13.32 -30.83 25.62
CA GLU D 57 13.05 -30.61 27.04
C GLU D 57 11.56 -30.81 27.27
N CYS D 58 11.21 -31.85 28.03
CA CYS D 58 9.81 -32.14 28.30
C CYS D 58 9.23 -31.05 29.22
N ALA D 59 7.90 -31.05 29.29
CA ALA D 59 7.19 -29.91 29.85
C ALA D 59 7.57 -29.67 31.31
N CYS D 60 7.47 -30.70 32.14
CA CYS D 60 7.56 -30.51 33.59
C CYS D 60 9.00 -30.35 34.05
N GLY D 61 9.92 -31.08 33.42
CA GLY D 61 11.32 -31.01 33.78
C GLY D 61 11.97 -32.38 33.72
N LYS D 62 11.18 -33.40 33.38
CA LYS D 62 11.65 -34.80 33.47
C LYS D 62 12.93 -35.03 32.68
N TYR D 63 12.86 -34.96 31.36
CA TYR D 63 13.98 -35.31 30.49
C TYR D 63 14.43 -34.06 29.75
N LYS D 64 15.73 -33.77 29.78
CA LYS D 64 16.17 -32.46 29.35
C LYS D 64 17.48 -32.55 28.56
N ARG D 65 17.59 -33.52 27.64
CA ARG D 65 18.42 -33.29 26.46
C ARG D 65 18.44 -34.43 25.46
N GLN D 66 19.35 -34.33 24.48
CA GLN D 66 19.17 -35.01 23.20
C GLN D 66 19.33 -36.53 23.26
N ARG D 67 20.00 -37.08 24.28
CA ARG D 67 20.11 -38.54 24.33
C ARG D 67 18.75 -39.18 24.56
N PHE D 68 17.93 -38.67 25.47
CA PHE D 68 16.49 -38.92 25.37
C PHE D 68 15.98 -38.22 24.11
N GLU D 69 15.47 -38.98 23.15
CA GLU D 69 14.84 -38.33 22.01
C GLU D 69 13.72 -39.23 21.52
N GLY D 70 12.48 -38.79 21.71
CA GLY D 70 11.31 -39.57 21.37
C GLY D 70 10.58 -40.15 22.55
N LYS D 71 11.13 -40.10 23.75
CA LYS D 71 10.45 -40.64 24.92
C LYS D 71 9.37 -39.68 25.39
N VAL D 72 8.14 -40.14 25.44
CA VAL D 72 7.06 -39.35 26.01
C VAL D 72 7.11 -39.56 27.52
N CYS D 73 7.62 -38.56 28.24
CA CYS D 73 7.74 -38.67 29.70
C CYS D 73 6.40 -39.06 30.28
N GLU D 74 6.43 -39.64 31.49
CA GLU D 74 5.24 -40.12 32.20
C GLU D 74 4.50 -39.01 32.95
N ARG D 75 5.24 -38.13 33.63
CA ARG D 75 4.60 -37.14 34.51
C ARG D 75 3.68 -36.21 33.71
N CYS D 76 4.21 -35.58 32.66
CA CYS D 76 3.48 -34.55 31.92
C CYS D 76 3.11 -34.94 30.50
N GLY D 77 3.83 -35.88 29.88
CA GLY D 77 3.37 -36.51 28.66
C GLY D 77 3.83 -35.89 27.36
N VAL D 78 4.99 -35.22 27.35
CA VAL D 78 5.45 -34.44 26.22
C VAL D 78 6.66 -35.10 25.58
N GLU D 79 6.70 -35.09 24.25
CA GLU D 79 7.82 -35.73 23.56
C GLU D 79 9.09 -34.90 23.72
N VAL D 80 10.24 -35.55 23.57
CA VAL D 80 11.53 -34.88 23.67
C VAL D 80 12.06 -34.77 22.24
N THR D 81 11.84 -33.60 21.63
CA THR D 81 12.24 -33.37 20.25
C THR D 81 12.57 -31.88 20.09
N LYS D 82 12.85 -31.50 18.84
CA LYS D 82 12.98 -30.10 18.47
C LYS D 82 11.64 -29.39 18.65
N SER D 83 11.69 -28.16 19.18
CA SER D 83 10.51 -27.31 19.34
C SER D 83 9.90 -26.91 17.99
N ILE D 84 10.62 -27.15 16.90
CA ILE D 84 10.14 -26.78 15.58
C ILE D 84 8.87 -27.53 15.22
N VAL D 85 8.52 -28.55 16.00
CA VAL D 85 7.33 -29.33 15.68
C VAL D 85 6.04 -28.57 16.01
N LYS D 86 6.07 -27.62 16.96
CA LYS D 86 4.86 -26.83 17.22
C LYS D 86 4.44 -26.11 15.94
N ARG D 87 5.22 -26.27 14.88
CA ARG D 87 4.91 -25.72 13.57
C ARG D 87 4.23 -26.69 12.64
N TYR D 88 4.33 -28.00 12.89
CA TYR D 88 3.93 -28.99 11.91
C TYR D 88 2.91 -29.98 12.41
N ARG D 89 2.68 -30.09 13.71
CA ARG D 89 1.88 -31.15 14.28
C ARG D 89 0.43 -30.70 14.36
N MET D 90 -0.42 -31.34 13.56
CA MET D 90 -1.83 -31.02 13.51
C MET D 90 -2.56 -31.52 14.76
N GLY D 91 -3.61 -30.81 15.14
CA GLY D 91 -4.61 -31.30 16.07
C GLY D 91 -5.96 -31.40 15.38
N HIS D 92 -6.93 -31.96 16.09
CA HIS D 92 -8.26 -32.11 15.53
C HIS D 92 -9.32 -31.87 16.58
N ILE D 93 -10.50 -31.47 16.12
CA ILE D 93 -11.61 -31.22 17.00
C ILE D 93 -12.73 -32.17 16.59
N GLU D 94 -13.06 -33.12 17.45
CA GLU D 94 -14.06 -34.11 17.06
C GLU D 94 -15.46 -33.54 17.26
N LEU D 95 -16.17 -33.36 16.16
CA LEU D 95 -17.48 -32.75 16.15
C LEU D 95 -18.54 -33.75 16.55
N ALA D 96 -19.54 -33.27 17.30
CA ALA D 96 -20.68 -34.10 17.70
C ALA D 96 -21.63 -34.35 16.52
N THR D 97 -22.23 -33.29 16.00
CA THR D 97 -22.88 -33.57 14.73
C THR D 97 -22.04 -33.02 13.58
N PRO D 98 -21.90 -33.76 12.47
CA PRO D 98 -20.97 -33.32 11.40
C PRO D 98 -21.39 -32.01 10.76
N ALA D 99 -20.45 -31.43 9.99
CA ALA D 99 -20.55 -30.06 9.51
C ALA D 99 -20.00 -29.92 8.10
N ALA D 100 -20.60 -29.01 7.34
CA ALA D 100 -20.29 -28.86 5.92
C ALA D 100 -19.13 -27.91 5.74
N HIS D 101 -18.17 -28.32 4.93
CA HIS D 101 -17.08 -27.45 4.47
C HIS D 101 -17.68 -26.38 3.57
N ILE D 102 -17.76 -25.14 4.05
CA ILE D 102 -18.50 -24.11 3.30
C ILE D 102 -18.01 -23.94 1.87
N TRP D 103 -16.78 -24.37 1.54
CA TRP D 103 -16.33 -24.18 0.17
C TRP D 103 -17.23 -24.98 -0.75
N PHE D 104 -17.36 -26.28 -0.46
CA PHE D 104 -18.23 -27.16 -1.22
C PHE D 104 -19.70 -26.82 -1.04
N VAL D 105 -20.08 -25.91 -0.15
CA VAL D 105 -21.46 -25.44 -0.09
C VAL D 105 -21.64 -24.23 -1.00
N LYS D 106 -20.92 -23.17 -0.69
CA LYS D 106 -21.25 -21.85 -1.20
C LYS D 106 -20.42 -21.43 -2.42
N ASP D 107 -19.48 -22.27 -2.86
CA ASP D 107 -18.76 -22.00 -4.10
C ASP D 107 -19.70 -22.34 -5.25
N VAL D 108 -20.37 -21.30 -5.77
CA VAL D 108 -21.38 -21.46 -6.83
C VAL D 108 -20.69 -21.91 -8.11
N PRO D 109 -21.26 -22.88 -8.84
CA PRO D 109 -22.44 -23.65 -8.46
C PRO D 109 -22.06 -24.70 -7.46
N SER D 110 -22.86 -24.90 -6.43
CA SER D 110 -22.42 -25.75 -5.34
C SER D 110 -21.98 -27.12 -5.85
N LYS D 111 -20.96 -27.68 -5.20
CA LYS D 111 -20.46 -28.98 -5.58
C LYS D 111 -21.27 -30.09 -4.95
N ILE D 112 -21.73 -29.88 -3.71
CA ILE D 112 -22.70 -30.78 -3.11
C ILE D 112 -24.09 -30.57 -3.70
N GLY D 113 -24.42 -29.32 -4.04
CA GLY D 113 -25.75 -29.03 -4.55
C GLY D 113 -25.98 -29.48 -5.98
N THR D 114 -24.92 -29.55 -6.79
CA THR D 114 -25.15 -30.15 -8.10
C THR D 114 -25.06 -31.67 -8.02
N LEU D 115 -24.14 -32.19 -7.19
CA LEU D 115 -24.03 -33.64 -7.06
C LEU D 115 -25.32 -34.32 -6.57
N LEU D 116 -26.32 -33.58 -6.05
CA LEU D 116 -27.56 -34.22 -5.57
C LEU D 116 -28.80 -33.55 -6.12
N ASP D 117 -28.71 -32.88 -7.26
CA ASP D 117 -29.81 -32.08 -7.80
C ASP D 117 -30.53 -31.34 -6.66
N LEU D 118 -29.74 -30.67 -5.83
CA LEU D 118 -30.24 -29.83 -4.75
C LEU D 118 -30.02 -28.37 -5.10
N SER D 119 -31.10 -27.60 -5.14
CA SER D 119 -31.01 -26.19 -5.44
C SER D 119 -30.07 -25.51 -4.48
N ALA D 120 -29.60 -24.32 -4.88
CA ALA D 120 -28.87 -23.47 -3.96
C ALA D 120 -29.65 -23.28 -2.67
N THR D 121 -30.85 -22.72 -2.78
CA THR D 121 -31.61 -22.35 -1.59
C THR D 121 -32.20 -23.55 -0.87
N GLU D 122 -32.18 -24.75 -1.46
CA GLU D 122 -32.49 -25.94 -0.68
C GLU D 122 -31.35 -26.29 0.27
N LEU D 123 -30.14 -26.44 -0.28
CA LEU D 123 -28.98 -26.80 0.53
C LEU D 123 -28.81 -25.87 1.73
N GLU D 124 -29.28 -24.63 1.62
CA GLU D 124 -29.21 -23.69 2.73
C GLU D 124 -30.19 -24.09 3.80
N GLN D 125 -31.48 -24.06 3.44
CA GLN D 125 -32.55 -24.51 4.32
C GLN D 125 -32.19 -25.81 5.03
N VAL D 126 -31.83 -26.84 4.27
CA VAL D 126 -31.51 -28.11 4.92
C VAL D 126 -30.27 -27.98 5.82
N LEU D 127 -29.37 -27.03 5.52
CA LEU D 127 -28.10 -26.92 6.22
C LEU D 127 -28.15 -25.94 7.39
N TYR D 128 -28.85 -24.82 7.20
CA TYR D 128 -29.10 -23.83 8.25
C TYR D 128 -30.50 -23.97 8.84
N PHE D 129 -31.06 -25.19 8.74
CA PHE D 129 -32.20 -25.65 9.53
C PHE D 129 -33.46 -24.79 9.29
N SER D 130 -33.84 -24.64 8.02
CA SER D 130 -35.09 -23.98 7.67
C SER D 130 -36.16 -24.95 7.15
N LYS D 131 -35.80 -26.23 6.94
CA LYS D 131 -36.61 -27.24 6.29
C LYS D 131 -35.98 -28.60 6.51
N TYR D 132 -36.83 -29.60 6.67
CA TYR D 132 -36.42 -30.99 6.85
C TYR D 132 -36.22 -31.62 5.48
N ILE D 133 -35.57 -32.78 5.45
CA ILE D 133 -35.33 -33.49 4.19
C ILE D 133 -35.45 -34.99 4.44
N VAL D 134 -36.43 -35.62 3.79
CA VAL D 134 -36.84 -36.96 4.19
C VAL D 134 -35.88 -37.98 3.59
N LEU D 135 -35.48 -38.95 4.41
CA LEU D 135 -34.67 -40.05 3.91
C LEU D 135 -35.44 -41.36 3.76
N ASP D 136 -36.58 -41.50 4.46
CA ASP D 136 -37.42 -42.71 4.45
C ASP D 136 -38.81 -42.41 4.98
N PRO D 137 -39.77 -41.96 4.16
CA PRO D 137 -41.03 -41.48 4.72
C PRO D 137 -41.84 -42.56 5.45
N LYS D 138 -41.35 -43.80 5.50
CA LYS D 138 -42.03 -44.87 6.22
C LYS D 138 -43.52 -44.85 5.94
N GLY D 139 -43.86 -44.42 4.72
CA GLY D 139 -45.22 -44.38 4.26
C GLY D 139 -45.99 -43.12 4.59
N ALA D 140 -45.34 -42.09 5.12
CA ALA D 140 -46.12 -40.93 5.46
C ALA D 140 -46.85 -40.41 4.24
N ILE D 141 -47.76 -39.47 4.47
CA ILE D 141 -48.49 -38.85 3.38
C ILE D 141 -49.00 -37.51 3.85
N LEU D 142 -48.92 -36.51 2.98
CA LEU D 142 -49.15 -35.12 3.33
C LEU D 142 -50.17 -34.51 2.37
N ASN D 143 -51.35 -34.20 2.89
CA ASN D 143 -52.37 -33.49 2.10
C ASN D 143 -52.81 -34.31 0.88
N GLY D 144 -53.02 -35.62 1.10
CA GLY D 144 -53.48 -36.50 0.03
C GLY D 144 -52.46 -36.74 -1.08
N VAL D 145 -51.21 -37.02 -0.72
CA VAL D 145 -50.16 -37.46 -1.63
C VAL D 145 -49.06 -38.09 -0.78
N PRO D 146 -48.64 -39.33 -1.04
CA PRO D 146 -47.50 -39.84 -0.27
C PRO D 146 -46.29 -38.93 -0.45
N VAL D 147 -45.46 -38.87 0.57
CA VAL D 147 -44.27 -38.06 0.55
C VAL D 147 -43.09 -38.97 0.22
N GLU D 148 -42.27 -38.54 -0.74
CA GLU D 148 -41.23 -39.38 -1.32
C GLU D 148 -39.87 -39.01 -0.75
N LYS D 149 -38.95 -39.97 -0.83
CA LYS D 149 -37.58 -39.77 -0.41
C LYS D 149 -37.00 -38.50 -1.04
N ARG D 150 -36.25 -37.73 -0.23
CA ARG D 150 -35.63 -36.48 -0.64
C ARG D 150 -36.69 -35.41 -0.95
N GLN D 151 -37.54 -35.15 0.02
CA GLN D 151 -38.56 -34.12 -0.08
C GLN D 151 -38.39 -33.10 1.06
N LEU D 152 -38.70 -31.83 0.76
CA LEU D 152 -38.46 -30.73 1.70
C LEU D 152 -39.75 -30.32 2.40
N LEU D 153 -39.84 -30.63 3.68
CA LEU D 153 -41.00 -30.33 4.50
C LEU D 153 -40.66 -29.19 5.46
N THR D 154 -41.53 -28.18 5.51
CA THR D 154 -41.42 -27.15 6.53
C THR D 154 -41.60 -27.76 7.94
N ASP D 155 -41.46 -26.91 8.96
CA ASP D 155 -41.50 -27.42 10.33
C ASP D 155 -42.88 -27.98 10.68
N GLU D 156 -43.92 -27.16 10.49
CA GLU D 156 -45.29 -27.59 10.72
C GLU D 156 -45.59 -28.89 9.97
N GLU D 157 -45.32 -28.89 8.66
CA GLU D 157 -45.50 -30.12 7.90
C GLU D 157 -44.83 -31.30 8.61
N TYR D 158 -43.60 -31.14 9.08
CA TYR D 158 -42.94 -32.26 9.75
C TYR D 158 -43.58 -32.59 11.08
N ARG D 159 -44.16 -31.60 11.77
CA ARG D 159 -44.82 -31.90 13.03
C ARG D 159 -46.10 -32.69 12.79
N GLU D 160 -46.86 -32.32 11.76
CA GLU D 160 -48.02 -33.12 11.36
C GLU D 160 -47.63 -34.57 11.11
N LEU D 161 -46.78 -34.82 10.12
CA LEU D 161 -46.47 -36.20 9.75
C LEU D 161 -45.83 -36.97 10.91
N ARG D 162 -45.12 -36.29 11.80
CA ARG D 162 -44.38 -36.98 12.85
C ARG D 162 -45.09 -36.98 14.20
N TYR D 163 -45.91 -35.96 14.48
CA TYR D 163 -46.54 -35.79 15.78
C TYR D 163 -48.06 -35.64 15.71
N GLY D 164 -48.62 -35.36 14.55
CA GLY D 164 -50.05 -35.44 14.38
C GLY D 164 -50.76 -34.12 14.64
N LYS D 165 -51.93 -33.97 14.02
CA LYS D 165 -52.72 -32.76 14.15
C LYS D 165 -53.43 -32.75 15.50
N GLN D 166 -53.60 -31.54 16.04
CA GLN D 166 -54.34 -31.33 17.28
C GLN D 166 -54.44 -29.83 17.51
N GLU D 167 -55.55 -29.40 18.10
CA GLU D 167 -55.81 -27.98 18.32
C GLU D 167 -56.68 -27.82 19.56
N THR D 168 -56.18 -27.08 20.54
CA THR D 168 -56.89 -26.79 21.77
C THR D 168 -57.68 -25.49 21.66
N TYR D 169 -58.87 -25.47 22.26
CA TYR D 169 -59.72 -24.29 22.16
C TYR D 169 -60.15 -23.82 23.54
N PRO D 170 -60.01 -22.54 23.84
CA PRO D 170 -60.40 -22.03 25.16
C PRO D 170 -61.88 -21.66 25.19
N LEU D 171 -62.46 -21.78 26.38
CA LEU D 171 -63.85 -21.42 26.51
C LEU D 171 -64.00 -20.27 27.50
N PRO D 172 -64.93 -19.35 27.28
CA PRO D 172 -65.23 -18.36 28.30
C PRO D 172 -65.34 -19.02 29.65
N PRO D 173 -64.57 -18.59 30.63
CA PRO D 173 -64.60 -19.25 31.95
C PRO D 173 -66.03 -19.40 32.44
N GLY D 174 -66.37 -20.60 32.88
CA GLY D 174 -67.73 -20.89 33.31
C GLY D 174 -68.64 -21.50 32.27
N VAL D 175 -68.66 -20.94 31.07
CA VAL D 175 -69.50 -21.51 30.04
C VAL D 175 -69.18 -22.99 29.88
N ASP D 176 -70.21 -23.81 29.79
CA ASP D 176 -69.99 -25.25 29.85
C ASP D 176 -69.80 -25.83 28.45
N ALA D 177 -69.61 -27.15 28.41
CA ALA D 177 -69.17 -27.87 27.23
C ALA D 177 -70.37 -28.45 26.49
N LEU D 178 -70.67 -27.89 25.32
CA LEU D 178 -71.76 -28.45 24.51
C LEU D 178 -71.52 -29.91 24.15
N VAL D 179 -70.26 -30.33 24.01
CA VAL D 179 -69.92 -31.74 23.90
C VAL D 179 -69.27 -32.09 25.23
N LYS D 180 -68.94 -33.36 25.45
CA LYS D 180 -68.27 -33.67 26.69
C LYS D 180 -67.27 -34.80 26.49
N ASP D 181 -66.38 -34.94 27.47
CA ASP D 181 -65.12 -35.67 27.38
C ASP D 181 -65.23 -37.04 26.73
N GLY D 182 -64.13 -37.55 26.17
CA GLY D 182 -64.09 -38.78 25.41
C GLY D 182 -64.71 -38.67 24.05
N GLU D 183 -65.38 -37.55 23.75
CA GLU D 183 -66.31 -37.38 22.64
C GLU D 183 -65.59 -37.27 21.30
N GLU D 184 -65.87 -38.18 20.38
CA GLU D 184 -65.42 -37.98 19.01
C GLU D 184 -66.30 -36.96 18.31
N VAL D 185 -65.67 -36.08 17.53
CA VAL D 185 -66.35 -35.00 16.85
C VAL D 185 -65.62 -34.71 15.55
N VAL D 186 -66.15 -33.80 14.75
CA VAL D 186 -65.55 -33.47 13.47
C VAL D 186 -65.75 -32.00 13.17
N LYS D 187 -65.01 -31.51 12.17
CA LYS D 187 -64.82 -30.11 11.86
C LYS D 187 -66.11 -29.29 11.91
N GLY D 188 -65.98 -28.01 12.25
CA GLY D 188 -67.11 -27.10 12.28
C GLY D 188 -68.18 -27.42 13.29
N GLN D 189 -67.94 -28.40 14.17
CA GLN D 189 -68.93 -28.87 15.15
C GLN D 189 -68.88 -28.01 16.41
N GLU D 190 -70.05 -27.56 16.87
CA GLU D 190 -70.11 -26.65 18.02
C GLU D 190 -69.66 -27.35 19.29
N LEU D 191 -68.60 -26.84 19.93
CA LEU D 191 -68.09 -27.38 21.19
C LEU D 191 -68.43 -26.50 22.40
N ALA D 192 -68.95 -25.31 22.19
CA ALA D 192 -69.36 -24.44 23.29
C ALA D 192 -69.98 -23.19 22.69
N PRO D 193 -70.76 -22.42 23.45
CA PRO D 193 -71.50 -21.31 22.86
C PRO D 193 -70.74 -20.54 21.79
N GLY D 194 -69.55 -20.05 22.09
CA GLY D 194 -68.74 -19.34 21.12
C GLY D 194 -67.69 -20.18 20.43
N VAL D 195 -67.51 -21.44 20.85
CA VAL D 195 -66.36 -22.25 20.47
C VAL D 195 -66.82 -23.38 19.55
N VAL D 196 -66.12 -23.53 18.43
CA VAL D 196 -66.40 -24.57 17.43
C VAL D 196 -65.07 -25.09 16.88
N SER D 197 -64.96 -26.41 16.75
CA SER D 197 -63.73 -27.03 16.28
C SER D 197 -63.57 -26.84 14.77
N ARG D 198 -62.32 -26.88 14.31
CA ARG D 198 -62.01 -26.74 12.89
C ARG D 198 -61.27 -27.94 12.30
N LEU D 199 -61.29 -29.08 13.00
CA LEU D 199 -60.74 -30.31 12.45
C LEU D 199 -61.58 -31.47 12.97
N ASP D 200 -61.11 -32.68 12.68
CA ASP D 200 -61.74 -33.90 13.15
C ASP D 200 -60.91 -34.49 14.28
N GLY D 201 -61.58 -35.18 15.21
CA GLY D 201 -60.89 -35.98 16.20
C GLY D 201 -61.66 -36.09 17.51
N VAL D 202 -60.98 -36.70 18.48
CA VAL D 202 -61.53 -37.12 19.76
C VAL D 202 -61.25 -36.04 20.80
N ALA D 203 -62.25 -35.21 21.08
CA ALA D 203 -62.10 -34.13 22.05
C ALA D 203 -61.74 -34.68 23.44
N LEU D 204 -60.95 -33.91 24.19
CA LEU D 204 -60.55 -34.30 25.53
C LEU D 204 -60.63 -33.10 26.48
N TYR D 205 -61.05 -33.37 27.71
CA TYR D 205 -61.25 -32.31 28.69
C TYR D 205 -59.92 -31.93 29.31
N ARG D 206 -59.72 -30.62 29.54
CA ARG D 206 -58.45 -30.21 30.13
C ARG D 206 -58.54 -30.09 31.65
N PHE D 207 -59.30 -29.13 32.13
CA PHE D 207 -59.34 -28.85 33.57
C PHE D 207 -60.75 -28.55 34.02
N PRO D 208 -61.48 -29.58 34.43
CA PRO D 208 -62.80 -29.36 35.01
C PRO D 208 -62.71 -28.53 36.29
N ARG D 209 -63.34 -27.36 36.26
CA ARG D 209 -63.44 -26.58 37.48
C ARG D 209 -64.60 -27.07 38.35
N ARG D 210 -65.62 -27.67 37.74
CA ARG D 210 -66.78 -28.22 38.44
C ARG D 210 -66.83 -29.73 38.27
N VAL D 211 -66.63 -30.45 39.37
CA VAL D 211 -66.81 -31.90 39.43
C VAL D 211 -68.10 -32.15 40.21
N ARG D 212 -69.07 -32.80 39.57
CA ARG D 212 -70.31 -33.22 40.21
C ARG D 212 -70.31 -34.73 40.40
N VAL D 213 -70.68 -35.16 41.60
CA VAL D 213 -70.83 -36.58 41.92
C VAL D 213 -72.31 -36.84 42.10
N GLU D 214 -72.87 -37.68 41.23
CA GLU D 214 -74.19 -38.26 41.46
C GLU D 214 -74.01 -39.45 42.40
N TYR D 215 -74.25 -39.22 43.69
CA TYR D 215 -74.18 -40.27 44.70
C TYR D 215 -75.48 -41.11 44.71
N VAL D 216 -75.33 -42.42 44.88
CA VAL D 216 -76.42 -43.38 44.70
C VAL D 216 -77.11 -43.65 46.05
N LYS D 217 -78.45 -43.60 46.06
CA LYS D 217 -79.28 -43.96 47.21
C LYS D 217 -80.25 -45.08 46.84
N LYS D 218 -80.41 -46.05 47.74
CA LYS D 218 -81.46 -47.05 47.63
C LYS D 218 -82.06 -47.28 49.01
N GLU D 219 -83.35 -47.00 49.15
CA GLU D 219 -84.01 -47.05 50.45
C GLU D 219 -85.50 -47.36 50.26
N ARG D 220 -86.24 -47.31 51.38
CA ARG D 220 -87.65 -47.69 51.46
C ARG D 220 -88.48 -46.52 51.98
N ALA D 221 -89.56 -46.18 51.26
CA ALA D 221 -90.48 -45.12 51.64
C ALA D 221 -91.91 -45.52 51.30
N GLY D 222 -92.88 -44.94 52.03
CA GLY D 222 -94.28 -45.28 51.81
C GLY D 222 -95.24 -44.16 51.48
N LEU D 223 -96.41 -44.53 50.96
CA LEU D 223 -97.42 -43.53 50.61
C LEU D 223 -98.79 -44.20 50.62
N ARG D 224 -99.79 -43.52 51.21
CA ARG D 224 -101.16 -44.01 51.23
C ARG D 224 -102.01 -43.18 50.28
N LEU D 225 -102.84 -43.87 49.51
CA LEU D 225 -103.64 -43.29 48.44
C LEU D 225 -104.99 -43.99 48.38
N PRO D 226 -106.00 -43.33 47.79
CA PRO D 226 -107.26 -44.02 47.49
C PRO D 226 -107.03 -45.21 46.58
N LEU D 227 -107.81 -46.28 46.83
CA LEU D 227 -107.66 -47.53 46.06
C LEU D 227 -108.17 -47.38 44.64
N ALA D 228 -109.15 -46.51 44.41
CA ALA D 228 -109.71 -46.30 43.08
C ALA D 228 -108.98 -45.22 42.30
N ALA D 229 -107.77 -44.84 42.71
CA ALA D 229 -107.04 -43.79 42.02
C ALA D 229 -105.60 -44.15 41.67
N TRP D 230 -105.09 -45.29 42.11
CA TRP D 230 -103.73 -45.72 41.79
C TRP D 230 -103.77 -46.83 40.74
N VAL D 231 -102.75 -46.86 39.88
CA VAL D 231 -102.59 -47.90 38.88
C VAL D 231 -101.70 -48.99 39.43
N GLU D 232 -102.12 -50.24 39.28
CA GLU D 232 -101.36 -51.38 39.78
C GLU D 232 -100.18 -51.66 38.85
N LYS D 233 -98.98 -51.63 39.42
CA LYS D 233 -97.77 -52.14 38.79
C LYS D 233 -96.86 -52.58 39.91
N GLU D 234 -96.00 -53.56 39.64
CA GLU D 234 -95.03 -53.96 40.65
C GLU D 234 -93.72 -53.18 40.54
N ALA D 235 -93.70 -52.10 39.75
CA ALA D 235 -92.58 -51.18 39.74
C ALA D 235 -93.00 -49.95 38.93
N TYR D 236 -92.22 -48.89 39.05
CA TYR D 236 -92.56 -47.61 38.41
C TYR D 236 -91.29 -47.00 37.81
N LYS D 237 -91.02 -47.32 36.55
CA LYS D 237 -89.96 -46.67 35.78
C LYS D 237 -90.10 -45.16 35.93
N PRO D 238 -89.00 -44.41 35.93
CA PRO D 238 -89.11 -42.96 36.11
C PRO D 238 -90.14 -42.32 35.19
N GLY D 239 -90.64 -41.15 35.54
CA GLY D 239 -91.68 -40.48 34.78
C GLY D 239 -93.00 -41.23 34.71
N GLU D 240 -93.05 -42.47 35.22
CA GLU D 240 -94.18 -43.36 35.01
C GLU D 240 -95.33 -43.04 35.95
N ILE D 241 -96.50 -42.74 35.38
CA ILE D 241 -97.67 -42.45 36.20
C ILE D 241 -98.03 -43.67 37.04
N LEU D 242 -98.20 -43.44 38.35
CA LEU D 242 -98.58 -44.50 39.28
C LEU D 242 -99.93 -44.28 39.94
N ALA D 243 -100.53 -43.10 39.83
CA ALA D 243 -101.92 -42.94 40.27
C ALA D 243 -102.44 -41.61 39.75
N GLU D 244 -103.77 -41.50 39.74
CA GLU D 244 -104.48 -40.28 39.37
C GLU D 244 -105.70 -40.15 40.28
N LEU D 245 -105.91 -38.95 40.81
CA LEU D 245 -106.95 -38.73 41.81
C LEU D 245 -108.11 -37.95 41.21
N PRO D 246 -109.33 -38.47 41.30
CA PRO D 246 -110.49 -37.67 40.88
C PRO D 246 -110.43 -36.23 41.39
N GLU D 247 -110.41 -36.06 42.71
CA GLU D 247 -110.30 -34.74 43.34
C GLU D 247 -109.10 -34.73 44.28
N PRO D 248 -108.78 -33.60 44.91
CA PRO D 248 -107.63 -33.56 45.80
C PRO D 248 -107.86 -34.38 47.06
N TYR D 249 -106.85 -35.15 47.44
CA TYR D 249 -106.88 -36.02 48.62
C TYR D 249 -105.63 -35.75 49.44
N LEU D 250 -105.80 -35.48 50.74
CA LEU D 250 -104.72 -35.02 51.59
C LEU D 250 -104.01 -36.23 52.20
N PHE D 251 -102.71 -36.33 51.97
CA PHE D 251 -101.90 -37.41 52.54
C PHE D 251 -101.58 -37.08 53.98
N ARG D 252 -102.06 -37.90 54.92
CA ARG D 252 -102.02 -37.60 56.34
C ARG D 252 -100.94 -38.39 57.07
N ALA D 253 -100.48 -37.84 58.19
CA ALA D 253 -99.47 -38.53 58.99
C ALA D 253 -100.02 -39.82 59.61
N GLU D 254 -99.10 -40.76 59.82
CA GLU D 254 -99.38 -42.01 60.50
C GLU D 254 -98.33 -42.27 61.57
N GLU D 255 -97.67 -41.22 62.02
CA GLU D 255 -96.95 -41.19 63.28
C GLU D 255 -96.87 -39.73 63.69
N GLU D 256 -96.40 -39.49 64.90
CA GLU D 256 -96.17 -38.13 65.35
C GLU D 256 -94.67 -37.91 65.47
N GLY D 257 -94.25 -36.68 65.18
CA GLY D 257 -92.86 -36.32 65.30
C GLY D 257 -92.55 -35.03 64.56
N VAL D 258 -91.24 -34.78 64.41
CA VAL D 258 -90.73 -33.61 63.72
C VAL D 258 -90.38 -34.00 62.30
N VAL D 259 -90.64 -33.08 61.38
CA VAL D 259 -90.45 -33.30 59.95
C VAL D 259 -88.99 -33.07 59.56
N GLU D 260 -88.47 -33.99 58.75
CA GLU D 260 -87.22 -33.78 58.03
C GLU D 260 -87.56 -33.81 56.54
N LEU D 261 -87.80 -32.63 55.97
CA LEU D 261 -88.11 -32.47 54.55
C LEU D 261 -86.83 -32.57 53.72
N LYS D 262 -86.92 -33.31 52.61
CA LYS D 262 -85.77 -33.55 51.73
C LYS D 262 -86.23 -33.39 50.28
N GLU D 263 -86.19 -32.17 49.76
CA GLU D 263 -86.72 -31.86 48.43
C GLU D 263 -85.76 -32.29 47.33
N LEU D 264 -86.33 -32.66 46.18
CA LEU D 264 -85.58 -33.11 45.01
C LEU D 264 -85.85 -32.19 43.84
N GLU D 265 -85.13 -32.43 42.73
CA GLU D 265 -85.38 -31.64 41.52
C GLU D 265 -86.88 -31.59 41.25
N GLU D 266 -87.47 -32.76 41.01
CA GLU D 266 -88.92 -32.88 41.00
C GLU D 266 -89.30 -34.03 41.93
N GLY D 267 -90.20 -33.75 42.86
CA GLY D 267 -90.50 -34.67 43.92
C GLY D 267 -89.93 -34.23 45.25
N ALA D 268 -90.16 -35.05 46.26
CA ALA D 268 -89.77 -34.73 47.62
C ALA D 268 -89.83 -35.98 48.50
N PHE D 269 -89.00 -35.99 49.53
CA PHE D 269 -89.08 -36.97 50.60
C PHE D 269 -89.52 -36.26 51.86
N LEU D 270 -90.13 -37.04 52.76
CA LEU D 270 -90.58 -36.55 54.05
C LEU D 270 -90.23 -37.61 55.07
N VAL D 271 -89.52 -37.23 56.12
CA VAL D 271 -89.16 -38.18 57.16
C VAL D 271 -89.59 -37.62 58.50
N LEU D 272 -90.32 -38.43 59.27
CA LEU D 272 -90.72 -38.07 60.62
C LEU D 272 -89.79 -38.74 61.61
N ARG D 273 -89.56 -38.07 62.74
CA ARG D 273 -88.81 -38.69 63.82
C ARG D 273 -89.21 -38.02 65.13
N ARG D 274 -89.73 -38.82 66.06
CA ARG D 274 -89.56 -38.57 67.49
C ARG D 274 -88.07 -38.80 67.77
N GLU D 275 -87.64 -38.73 69.04
CA GLU D 275 -86.20 -38.50 69.30
C GLU D 275 -85.29 -39.25 68.33
N ASP D 276 -84.08 -38.72 68.09
CA ASP D 276 -83.46 -38.66 66.77
C ASP D 276 -83.45 -39.97 65.99
N GLU D 277 -84.12 -41.02 66.52
CA GLU D 277 -84.42 -42.19 65.72
C GLU D 277 -85.57 -41.90 64.74
N PRO D 278 -85.54 -42.51 63.55
CA PRO D 278 -86.62 -42.30 62.58
C PRO D 278 -87.86 -43.13 62.89
N VAL D 279 -89.01 -42.55 62.53
CA VAL D 279 -90.30 -43.16 62.79
C VAL D 279 -91.00 -43.63 61.52
N ALA D 280 -90.79 -42.94 60.40
CA ALA D 280 -91.44 -43.20 59.13
C ALA D 280 -90.72 -42.40 58.07
N THR D 281 -90.79 -42.88 56.82
CA THR D 281 -90.20 -42.21 55.67
C THR D 281 -91.25 -42.18 54.56
N TYR D 282 -91.96 -41.07 54.43
CA TYR D 282 -92.98 -40.97 53.41
C TYR D 282 -92.37 -40.42 52.13
N PHE D 283 -92.95 -40.79 50.99
CA PHE D 283 -92.43 -40.37 49.69
C PHE D 283 -93.49 -39.59 48.93
N LEU D 284 -93.28 -38.31 48.75
CA LEU D 284 -94.17 -37.53 47.91
C LEU D 284 -93.74 -37.64 46.45
N PRO D 285 -94.58 -38.19 45.55
CA PRO D 285 -94.27 -38.15 44.13
C PRO D 285 -94.57 -36.78 43.52
N VAL D 286 -94.48 -36.72 42.20
CA VAL D 286 -94.81 -35.50 41.48
C VAL D 286 -96.33 -35.37 41.42
N GLY D 287 -96.83 -34.19 41.77
CA GLY D 287 -98.26 -33.93 41.88
C GLY D 287 -98.75 -33.78 43.31
N MET D 288 -97.98 -34.28 44.27
CA MET D 288 -98.28 -34.10 45.67
C MET D 288 -97.39 -32.99 46.22
N THR D 289 -98.03 -31.90 46.67
CA THR D 289 -97.40 -30.65 47.07
C THR D 289 -97.29 -30.57 48.59
N PRO D 290 -96.10 -30.65 49.18
CA PRO D 290 -96.00 -30.66 50.64
C PRO D 290 -96.72 -29.50 51.32
N LEU D 291 -97.26 -29.77 52.52
CA LEU D 291 -97.94 -28.79 53.36
C LEU D 291 -97.24 -28.61 54.71
N VAL D 292 -95.98 -29.02 54.81
CA VAL D 292 -95.15 -28.81 55.99
C VAL D 292 -93.86 -28.09 55.60
N VAL D 293 -93.06 -27.75 56.63
CA VAL D 293 -91.74 -27.15 56.50
C VAL D 293 -90.74 -28.04 57.22
N HIS D 294 -89.48 -27.91 56.84
CA HIS D 294 -88.47 -28.66 57.58
C HIS D 294 -88.42 -28.17 59.02
N GLY D 295 -88.32 -29.12 59.95
CA GLY D 295 -88.21 -28.80 61.36
C GLY D 295 -89.53 -28.68 62.07
N GLU D 296 -90.54 -29.39 61.62
CA GLU D 296 -91.91 -29.12 61.99
C GLU D 296 -92.52 -30.30 62.71
N ILE D 297 -93.45 -29.98 63.62
CA ILE D 297 -94.12 -30.94 64.47
C ILE D 297 -95.43 -31.34 63.83
N VAL D 298 -95.68 -32.65 63.73
CA VAL D 298 -96.97 -33.18 63.31
C VAL D 298 -97.39 -34.33 64.22
N GLU D 299 -98.68 -34.34 64.56
CA GLU D 299 -99.27 -35.46 65.27
C GLU D 299 -99.86 -36.44 64.26
N LYS D 300 -100.45 -37.54 64.75
CA LYS D 300 -101.06 -38.51 63.85
C LYS D 300 -102.28 -37.91 63.15
N GLY D 301 -102.40 -38.19 61.85
CA GLY D 301 -103.59 -37.91 61.09
C GLY D 301 -103.74 -36.49 60.58
N GLN D 302 -102.62 -35.51 60.80
CA GLN D 302 -102.79 -34.23 60.14
C GLN D 302 -102.15 -34.26 58.75
N PRO D 303 -102.70 -33.45 57.85
CA PRO D 303 -102.26 -33.48 56.45
C PRO D 303 -100.82 -33.02 56.25
N LEU D 304 -100.04 -33.81 55.52
CA LEU D 304 -98.70 -33.44 55.09
C LEU D 304 -98.71 -32.79 53.70
N ALA D 305 -99.23 -33.50 52.70
CA ALA D 305 -99.23 -33.03 51.31
C ALA D 305 -100.67 -32.91 50.81
N GLU D 306 -100.82 -32.46 49.57
CA GLU D 306 -102.09 -32.56 48.85
C GLU D 306 -101.82 -33.12 47.48
N ALA D 307 -102.62 -34.11 47.07
CA ALA D 307 -102.56 -34.66 45.73
C ALA D 307 -103.60 -33.97 44.87
N LYS D 308 -103.23 -33.69 43.62
CA LYS D 308 -104.10 -33.01 42.67
C LYS D 308 -103.88 -33.64 41.30
N GLY D 309 -104.87 -34.42 40.85
CA GLY D 309 -104.88 -34.89 39.47
C GLY D 309 -103.97 -36.08 39.26
N LEU D 310 -103.19 -36.05 38.18
CA LEU D 310 -102.21 -37.10 37.93
C LEU D 310 -101.01 -36.92 38.86
N LEU D 311 -100.53 -38.01 39.43
CA LEU D 311 -99.24 -37.98 40.10
C LEU D 311 -98.41 -39.12 39.54
N ARG D 312 -97.14 -38.80 39.23
CA ARG D 312 -96.24 -39.65 38.48
C ARG D 312 -94.88 -39.68 39.17
N MET D 313 -94.15 -40.78 38.96
CA MET D 313 -92.78 -40.85 39.45
C MET D 313 -91.95 -39.70 38.86
N PRO D 314 -91.00 -39.16 39.62
CA PRO D 314 -89.98 -38.29 39.02
C PRO D 314 -89.02 -39.10 38.15
N ARG D 315 -88.22 -38.37 37.36
CA ARG D 315 -87.40 -39.03 36.35
C ARG D 315 -86.07 -39.54 36.89
N GLN D 316 -85.50 -38.91 37.91
CA GLN D 316 -84.26 -39.44 38.46
C GLN D 316 -84.48 -40.64 39.37
N VAL D 317 -85.74 -40.96 39.69
CA VAL D 317 -86.09 -41.83 40.80
C VAL D 317 -86.84 -43.06 40.28
N ARG D 318 -86.48 -44.23 40.83
CA ARG D 318 -86.97 -45.52 40.36
C ARG D 318 -87.87 -46.17 41.41
N ALA D 319 -88.65 -47.14 40.95
CA ALA D 319 -89.49 -47.98 41.79
C ALA D 319 -89.00 -49.40 41.57
N ALA D 320 -88.04 -49.82 42.39
CA ALA D 320 -87.40 -51.13 42.24
C ALA D 320 -88.40 -52.27 42.40
N GLN D 321 -88.93 -52.42 43.61
CA GLN D 321 -90.06 -53.29 43.91
C GLN D 321 -91.11 -52.45 44.62
N VAL D 322 -92.38 -52.82 44.45
CA VAL D 322 -93.52 -52.07 45.02
C VAL D 322 -94.42 -53.05 45.77
N GLU D 323 -94.48 -52.92 47.08
CA GLU D 323 -95.40 -53.69 47.90
C GLU D 323 -96.61 -52.83 48.26
N ALA D 324 -97.81 -53.38 48.11
CA ALA D 324 -99.04 -52.71 48.49
C ALA D 324 -99.81 -53.55 49.49
N GLU D 325 -100.74 -52.89 50.18
CA GLU D 325 -101.57 -53.54 51.20
C GLU D 325 -102.84 -52.69 51.34
N GLU D 326 -103.99 -53.28 50.99
CA GLU D 326 -105.26 -52.57 51.13
C GLU D 326 -105.73 -52.59 52.59
N GLU D 327 -106.50 -51.57 52.94
CA GLU D 327 -107.22 -51.52 54.20
C GLU D 327 -108.11 -50.29 54.15
N GLY D 328 -109.31 -50.40 54.70
CA GLY D 328 -110.20 -49.32 54.37
C GLY D 328 -110.35 -49.21 52.87
N GLU D 329 -110.60 -47.99 52.42
CA GLU D 329 -110.72 -47.68 51.01
C GLU D 329 -109.43 -47.07 50.47
N THR D 330 -108.30 -47.54 50.99
CA THR D 330 -107.02 -47.01 50.61
C THR D 330 -106.08 -48.18 50.44
N VAL D 331 -104.96 -47.91 49.77
CA VAL D 331 -103.81 -48.79 49.79
C VAL D 331 -102.62 -47.95 50.19
N TYR D 332 -101.67 -48.60 50.86
CA TYR D 332 -100.45 -47.96 51.32
C TYR D 332 -99.27 -48.74 50.74
N LEU D 333 -98.59 -48.09 49.78
CA LEU D 333 -97.39 -48.60 49.15
C LEU D 333 -96.19 -48.39 50.04
N THR D 334 -95.34 -49.41 50.13
CA THR D 334 -93.97 -49.26 50.56
C THR D 334 -93.14 -49.55 49.32
N LEU D 335 -92.63 -48.48 48.68
CA LEU D 335 -91.84 -48.59 47.46
C LEU D 335 -90.38 -48.76 47.83
N PHE D 336 -89.67 -49.52 47.01
CA PHE D 336 -88.23 -49.71 47.16
C PHE D 336 -87.54 -48.72 46.21
N LEU D 337 -87.55 -47.45 46.61
CA LEU D 337 -87.11 -46.39 45.72
C LEU D 337 -85.60 -46.44 45.53
N GLU D 338 -85.16 -45.88 44.38
CA GLU D 338 -83.77 -45.78 43.99
C GLU D 338 -83.58 -44.50 43.18
N TRP D 339 -82.50 -43.78 43.48
CA TRP D 339 -82.28 -42.45 42.91
C TRP D 339 -80.87 -42.01 43.31
N THR D 340 -80.48 -40.79 42.88
CA THR D 340 -79.16 -40.24 43.16
C THR D 340 -79.26 -38.72 43.34
N GLU D 341 -78.28 -38.17 44.09
CA GLU D 341 -78.25 -36.75 44.43
C GLU D 341 -76.97 -36.07 43.93
N PRO D 342 -77.08 -34.83 43.40
CA PRO D 342 -75.88 -34.08 43.02
C PRO D 342 -75.23 -33.29 44.16
N LYS D 343 -73.90 -33.45 44.29
CA LYS D 343 -73.07 -32.59 45.13
C LYS D 343 -71.91 -32.06 44.27
N ASP D 344 -71.94 -30.76 43.96
CA ASP D 344 -70.99 -30.15 43.05
C ASP D 344 -69.72 -29.73 43.77
N TYR D 345 -68.58 -30.29 43.37
CA TYR D 345 -67.27 -29.96 43.92
C TYR D 345 -66.53 -28.98 43.01
N ARG D 346 -65.75 -28.09 43.61
CA ARG D 346 -64.96 -27.11 42.87
C ARG D 346 -63.50 -27.54 42.86
N VAL D 347 -62.94 -27.67 41.67
CA VAL D 347 -61.53 -28.01 41.50
C VAL D 347 -60.73 -26.75 41.26
N GLN D 348 -59.58 -26.65 41.92
CA GLN D 348 -58.78 -25.44 41.91
C GLN D 348 -57.55 -25.59 41.04
N PRO D 349 -57.01 -24.45 40.56
CA PRO D 349 -55.88 -24.51 39.64
C PRO D 349 -54.72 -25.39 40.07
N HIS D 350 -54.40 -25.48 41.36
CA HIS D 350 -53.29 -26.32 41.76
C HIS D 350 -53.69 -27.77 42.02
N MET D 351 -54.94 -28.14 41.74
CA MET D 351 -55.37 -29.52 41.92
C MET D 351 -55.77 -30.16 40.59
N ASN D 352 -55.85 -31.49 40.61
CA ASN D 352 -56.10 -32.31 39.43
C ASN D 352 -57.10 -33.42 39.78
N VAL D 353 -58.28 -33.39 39.15
CA VAL D 353 -59.18 -34.53 39.23
C VAL D 353 -58.45 -35.77 38.73
N VAL D 354 -58.52 -36.85 39.50
CA VAL D 354 -57.81 -38.07 39.19
C VAL D 354 -58.75 -39.22 38.88
N VAL D 355 -59.98 -38.90 38.47
CA VAL D 355 -60.93 -39.94 38.11
C VAL D 355 -61.51 -39.61 36.73
N PRO D 356 -61.76 -40.62 35.90
CA PRO D 356 -62.32 -40.39 34.57
C PRO D 356 -63.74 -39.86 34.58
N GLU D 357 -64.38 -39.77 33.41
CA GLU D 357 -65.80 -39.44 33.33
C GLU D 357 -66.62 -40.71 33.52
N GLY D 358 -67.55 -40.66 34.47
CA GLY D 358 -68.43 -41.79 34.72
C GLY D 358 -67.78 -42.93 35.48
N ALA D 359 -66.77 -42.64 36.30
CA ALA D 359 -66.14 -43.72 37.06
C ALA D 359 -66.95 -44.04 38.33
N ARG D 360 -66.93 -45.30 38.70
CA ARG D 360 -67.56 -45.74 39.94
C ARG D 360 -66.60 -45.55 41.11
N VAL D 361 -67.12 -45.07 42.24
CA VAL D 361 -66.36 -44.96 43.47
C VAL D 361 -67.20 -45.42 44.66
N GLU D 362 -66.50 -45.87 45.71
CA GLU D 362 -67.10 -46.16 47.00
C GLU D 362 -66.80 -45.00 47.94
N ALA D 363 -67.12 -45.17 49.22
CA ALA D 363 -66.60 -44.25 50.22
C ALA D 363 -65.08 -44.42 50.33
N GLY D 364 -64.39 -43.32 50.54
CA GLY D 364 -62.95 -43.37 50.66
C GLY D 364 -62.19 -42.97 49.41
N ASP D 365 -62.74 -43.35 48.25
CA ASP D 365 -62.06 -43.14 46.98
C ASP D 365 -61.79 -41.67 46.71
N LYS D 366 -60.64 -41.40 46.09
CA LYS D 366 -60.14 -40.04 45.87
C LYS D 366 -60.57 -39.52 44.50
N ILE D 367 -61.14 -38.32 44.50
CA ILE D 367 -61.62 -37.70 43.27
C ILE D 367 -60.61 -36.67 42.76
N VAL D 368 -60.27 -35.72 43.63
CA VAL D 368 -59.33 -34.66 43.32
C VAL D 368 -58.19 -34.74 44.33
N ALA D 369 -56.99 -34.33 43.89
CA ALA D 369 -55.84 -34.23 44.76
C ALA D 369 -55.37 -32.78 44.83
N ALA D 370 -54.50 -32.49 45.79
CA ALA D 370 -54.00 -31.13 45.97
C ALA D 370 -52.72 -31.18 46.82
N ILE D 371 -52.14 -29.99 47.06
CA ILE D 371 -50.78 -29.96 47.60
C ILE D 371 -50.80 -30.37 49.07
N ASP D 372 -51.71 -29.79 49.85
CA ASP D 372 -52.03 -30.06 51.25
C ASP D 372 -53.19 -31.07 51.34
N PRO D 373 -53.17 -32.02 52.29
CA PRO D 373 -54.22 -33.05 52.28
C PRO D 373 -55.63 -32.51 52.48
N GLU D 374 -55.81 -31.42 53.24
CA GLU D 374 -57.09 -30.74 53.20
C GLU D 374 -57.34 -30.21 51.79
N GLU D 375 -58.58 -29.77 51.56
CA GLU D 375 -59.02 -29.24 50.27
C GLU D 375 -59.01 -30.33 49.20
N GLU D 376 -58.49 -31.53 49.52
CA GLU D 376 -58.77 -32.70 48.70
C GLU D 376 -60.25 -33.03 48.76
N VAL D 377 -60.76 -33.63 47.69
CA VAL D 377 -62.12 -34.16 47.68
C VAL D 377 -62.04 -35.68 47.69
N ILE D 378 -62.53 -36.27 48.78
CA ILE D 378 -62.71 -37.71 48.88
C ILE D 378 -64.18 -38.00 48.59
N ALA D 379 -64.44 -39.20 48.07
CA ALA D 379 -65.79 -39.60 47.67
C ALA D 379 -66.57 -40.07 48.90
N GLU D 380 -67.55 -39.27 49.32
CA GLU D 380 -68.23 -39.49 50.61
C GLU D 380 -68.71 -40.93 50.73
N ALA D 381 -69.40 -41.40 49.70
CA ALA D 381 -69.81 -42.79 49.66
C ALA D 381 -70.08 -43.12 48.19
N GLU D 382 -70.75 -44.25 47.96
CA GLU D 382 -70.92 -44.75 46.59
C GLU D 382 -71.57 -43.72 45.67
N GLY D 383 -70.99 -43.58 44.49
CA GLY D 383 -71.49 -42.69 43.46
C GLY D 383 -70.63 -42.81 42.22
N VAL D 384 -70.90 -41.93 41.25
CA VAL D 384 -70.14 -41.88 40.00
C VAL D 384 -70.02 -40.44 39.52
N VAL D 385 -68.99 -40.20 38.71
CA VAL D 385 -68.42 -38.87 38.54
C VAL D 385 -68.91 -38.23 37.24
N HIS D 386 -68.84 -36.90 37.19
CA HIS D 386 -69.16 -36.13 36.00
C HIS D 386 -68.29 -34.87 35.96
N LEU D 387 -67.94 -34.45 34.74
CA LEU D 387 -67.06 -33.31 34.51
C LEU D 387 -67.83 -32.24 33.73
N HIS D 388 -67.94 -31.06 34.31
CA HIS D 388 -68.46 -29.87 33.63
C HIS D 388 -67.46 -28.74 33.80
N GLU D 389 -67.54 -27.75 32.91
CA GLU D 389 -66.68 -26.58 33.06
C GLU D 389 -65.20 -26.96 32.98
N PRO D 390 -64.69 -27.31 31.81
CA PRO D 390 -63.24 -27.43 31.64
C PRO D 390 -62.61 -26.08 31.36
N ALA D 391 -61.28 -26.03 31.53
CA ALA D 391 -60.54 -24.81 31.21
C ALA D 391 -60.58 -24.53 29.71
N SER D 392 -60.47 -25.59 28.92
CA SER D 392 -60.65 -25.56 27.48
C SER D 392 -60.45 -27.02 27.05
N ILE D 393 -60.82 -27.34 25.81
CA ILE D 393 -60.80 -28.72 25.37
C ILE D 393 -59.88 -28.88 24.16
N LEU D 394 -59.08 -29.95 24.20
CA LEU D 394 -58.10 -30.27 23.18
C LEU D 394 -58.73 -31.22 22.16
N VAL D 395 -58.91 -30.75 20.94
CA VAL D 395 -59.54 -31.55 19.87
C VAL D 395 -58.40 -32.24 19.14
N VAL D 396 -57.95 -33.37 19.68
CA VAL D 396 -56.93 -34.15 19.00
C VAL D 396 -57.56 -34.87 17.82
N LYS D 397 -56.70 -35.32 16.88
CA LYS D 397 -57.10 -36.29 15.86
C LYS D 397 -56.37 -37.60 16.19
N ALA D 398 -56.96 -38.39 17.09
CA ALA D 398 -56.42 -39.72 17.42
C ALA D 398 -57.50 -40.80 17.40
N ARG D 399 -57.11 -42.00 17.80
CA ARG D 399 -58.00 -43.14 17.90
C ARG D 399 -57.80 -43.82 19.25
N VAL D 400 -58.88 -43.90 20.03
CA VAL D 400 -58.86 -44.42 21.39
C VAL D 400 -59.15 -45.92 21.38
N TYR D 401 -58.59 -46.64 22.37
CA TYR D 401 -58.77 -48.09 22.49
C TYR D 401 -58.72 -48.46 23.98
N PRO D 402 -59.87 -48.73 24.61
CA PRO D 402 -59.86 -49.03 26.05
C PRO D 402 -59.25 -50.41 26.31
N PHE D 403 -58.93 -50.66 27.58
CA PHE D 403 -58.32 -51.92 28.01
C PHE D 403 -58.94 -52.40 29.33
N GLU D 404 -58.62 -53.64 29.71
CA GLU D 404 -59.10 -54.25 30.94
C GLU D 404 -57.99 -54.76 31.86
N ASP D 405 -56.76 -54.82 31.39
CA ASP D 405 -55.69 -55.47 32.16
C ASP D 405 -54.37 -54.76 31.83
N ASP D 406 -53.25 -55.41 32.18
CA ASP D 406 -51.92 -54.88 31.92
C ASP D 406 -51.70 -54.52 30.45
N VAL D 407 -51.20 -53.28 30.21
CA VAL D 407 -50.93 -52.77 28.86
C VAL D 407 -49.51 -53.13 28.45
N GLU D 408 -49.36 -53.53 27.19
CA GLU D 408 -48.09 -54.02 26.67
C GLU D 408 -47.24 -52.93 26.00
N VAL D 409 -47.82 -51.76 25.73
CA VAL D 409 -47.11 -50.64 25.13
C VAL D 409 -47.11 -49.48 26.11
N SER D 410 -45.94 -48.87 26.30
CA SER D 410 -45.83 -47.70 27.16
C SER D 410 -46.12 -46.43 26.36
N THR D 411 -46.10 -45.28 27.04
CA THR D 411 -46.30 -44.01 26.35
C THR D 411 -45.02 -43.58 25.64
N GLY D 412 -45.19 -43.04 24.42
CA GLY D 412 -44.10 -42.62 23.57
C GLY D 412 -43.89 -43.51 22.36
N ASP D 413 -44.30 -44.77 22.45
CA ASP D 413 -43.99 -45.74 21.40
C ASP D 413 -44.63 -45.37 20.06
N ARG D 414 -43.83 -45.45 19.00
CA ARG D 414 -44.34 -45.40 17.64
C ARG D 414 -44.95 -46.76 17.32
N VAL D 415 -45.98 -46.78 16.47
CA VAL D 415 -46.57 -48.05 16.07
C VAL D 415 -47.46 -47.86 14.85
N ALA D 416 -47.66 -48.97 14.10
CA ALA D 416 -48.46 -49.14 12.89
C ALA D 416 -49.74 -49.92 13.19
N PRO D 417 -50.65 -50.06 12.22
CA PRO D 417 -51.82 -50.92 12.46
C PRO D 417 -51.40 -52.36 12.75
N GLY D 418 -52.26 -53.05 13.51
CA GLY D 418 -52.10 -54.47 13.79
C GLY D 418 -51.18 -54.83 14.94
N ASP D 419 -50.49 -53.88 15.55
CA ASP D 419 -49.55 -54.21 16.61
C ASP D 419 -50.32 -54.34 17.92
N VAL D 420 -49.78 -55.16 18.85
CA VAL D 420 -50.53 -55.56 20.05
C VAL D 420 -50.44 -54.48 21.12
N LEU D 421 -51.54 -53.73 21.33
CA LEU D 421 -51.55 -52.63 22.29
C LEU D 421 -51.54 -53.14 23.74
N ALA D 422 -52.58 -53.87 24.15
CA ALA D 422 -52.70 -54.36 25.52
C ALA D 422 -53.59 -55.58 25.57
N ASP D 423 -53.76 -56.13 26.77
CA ASP D 423 -54.69 -57.23 27.03
C ASP D 423 -54.36 -58.43 26.13
N GLY D 424 -53.19 -59.01 26.43
CA GLY D 424 -52.78 -60.30 25.91
C GLY D 424 -52.90 -60.47 24.41
N GLY D 425 -53.08 -59.38 23.67
CA GLY D 425 -53.16 -59.43 22.24
C GLY D 425 -54.53 -59.17 21.68
N LYS D 426 -55.52 -58.88 22.53
CA LYS D 426 -56.86 -58.64 22.01
C LYS D 426 -56.93 -57.29 21.29
N VAL D 427 -56.67 -56.20 22.00
CA VAL D 427 -56.73 -54.86 21.43
C VAL D 427 -55.47 -54.58 20.61
N LYS D 428 -55.66 -53.92 19.47
CA LYS D 428 -54.57 -53.73 18.52
C LYS D 428 -54.79 -52.43 17.75
N SER D 429 -53.73 -51.95 17.10
CA SER D 429 -53.75 -50.62 16.53
C SER D 429 -54.51 -50.59 15.23
N ASP D 430 -55.43 -49.63 15.10
CA ASP D 430 -56.04 -49.32 13.80
C ASP D 430 -55.03 -48.65 12.88
N VAL D 431 -54.60 -47.45 13.24
CA VAL D 431 -53.90 -46.56 12.34
C VAL D 431 -52.41 -46.63 12.64
N TYR D 432 -51.62 -46.03 11.74
CA TYR D 432 -50.27 -45.60 12.07
C TYR D 432 -50.32 -44.45 13.08
N GLY D 433 -49.54 -44.53 14.16
CA GLY D 433 -49.54 -43.39 15.05
C GLY D 433 -48.72 -43.55 16.32
N ARG D 434 -49.03 -42.65 17.26
CA ARG D 434 -48.15 -42.29 18.35
C ARG D 434 -48.88 -42.50 19.68
N VAL D 435 -48.37 -43.43 20.51
CA VAL D 435 -49.11 -43.98 21.65
C VAL D 435 -49.11 -43.01 22.83
N GLU D 436 -50.22 -43.01 23.57
CA GLU D 436 -50.41 -42.13 24.72
C GLU D 436 -51.27 -42.91 25.73
N VAL D 437 -50.60 -43.64 26.62
CA VAL D 437 -51.22 -44.49 27.63
C VAL D 437 -51.90 -43.60 28.67
N ASP D 438 -53.23 -43.52 28.66
CA ASP D 438 -54.01 -42.72 29.61
C ASP D 438 -54.37 -43.61 30.79
N LEU D 439 -53.84 -43.30 31.98
CA LEU D 439 -54.17 -44.10 33.17
C LEU D 439 -55.39 -43.59 33.92
N VAL D 440 -55.75 -42.31 33.75
CA VAL D 440 -56.99 -41.78 34.29
C VAL D 440 -58.19 -42.35 33.52
N ARG D 441 -58.15 -42.29 32.19
CA ARG D 441 -59.24 -42.78 31.34
C ARG D 441 -59.14 -44.27 31.01
N ASN D 442 -58.01 -44.90 31.33
CA ASN D 442 -57.77 -46.31 31.05
C ASN D 442 -58.10 -46.66 29.60
N VAL D 443 -57.77 -45.73 28.71
CA VAL D 443 -57.69 -45.95 27.26
C VAL D 443 -56.21 -45.92 26.87
N VAL D 444 -55.86 -46.63 25.80
CA VAL D 444 -54.55 -46.46 25.16
C VAL D 444 -54.75 -45.63 23.90
N ARG D 445 -54.22 -44.42 23.89
CA ARG D 445 -54.40 -43.52 22.75
C ARG D 445 -53.37 -43.79 21.66
N VAL D 446 -53.78 -43.56 20.41
CA VAL D 446 -52.89 -43.61 19.27
C VAL D 446 -53.17 -42.37 18.43
N VAL D 447 -52.13 -41.59 18.17
CA VAL D 447 -52.26 -40.32 17.44
C VAL D 447 -51.74 -40.53 16.03
N GLU D 448 -52.53 -40.11 15.05
CA GLU D 448 -52.23 -40.44 13.66
C GLU D 448 -50.91 -39.75 13.31
N SER D 449 -49.84 -40.55 13.17
CA SER D 449 -48.48 -40.01 13.04
C SER D 449 -47.49 -41.12 12.65
N TYR D 450 -46.60 -40.81 11.70
CA TYR D 450 -45.71 -41.78 11.07
C TYR D 450 -44.30 -41.74 11.66
N ASP D 451 -43.59 -42.86 11.51
CA ASP D 451 -42.23 -43.06 11.96
C ASP D 451 -41.20 -42.58 10.93
N ILE D 452 -41.57 -41.56 10.15
CA ILE D 452 -40.77 -40.90 9.12
C ILE D 452 -39.36 -40.61 9.63
N ASP D 453 -38.38 -40.64 8.72
CA ASP D 453 -36.99 -40.24 9.01
C ASP D 453 -36.67 -38.98 8.21
N ALA D 454 -36.76 -37.81 8.84
CA ALA D 454 -36.63 -36.54 8.14
C ALA D 454 -35.72 -35.60 8.94
N ARG D 455 -34.51 -35.41 8.47
CA ARG D 455 -33.47 -34.74 9.24
C ARG D 455 -33.24 -33.32 8.73
N MET D 456 -32.34 -32.62 9.45
CA MET D 456 -31.86 -31.29 9.11
C MET D 456 -30.34 -31.28 9.22
N GLY D 457 -29.71 -30.29 8.59
CA GLY D 457 -28.28 -30.12 8.72
C GLY D 457 -27.40 -30.98 7.82
N ALA D 458 -26.10 -30.90 8.13
CA ALA D 458 -25.11 -31.73 7.46
C ALA D 458 -25.27 -33.21 7.79
N GLU D 459 -25.95 -33.54 8.90
CA GLU D 459 -26.24 -34.94 9.19
C GLU D 459 -26.96 -35.59 8.02
N ALA D 460 -28.05 -34.97 7.58
CA ALA D 460 -28.72 -35.40 6.36
C ALA D 460 -27.72 -35.55 5.21
N ILE D 461 -27.09 -34.42 4.84
CA ILE D 461 -26.33 -34.38 3.60
C ILE D 461 -25.18 -35.38 3.62
N GLN D 462 -24.55 -35.56 4.80
CA GLN D 462 -23.50 -36.56 4.86
C GLN D 462 -24.04 -37.94 4.52
N GLN D 463 -25.34 -38.13 4.72
CA GLN D 463 -26.00 -39.41 4.45
C GLN D 463 -26.34 -39.53 2.97
N LEU D 464 -27.12 -38.58 2.46
CA LEU D 464 -27.44 -38.57 1.03
C LEU D 464 -26.17 -38.69 0.18
N LEU D 465 -25.15 -37.88 0.48
CA LEU D 465 -23.86 -38.06 -0.16
C LEU D 465 -23.36 -39.49 0.03
N LYS D 466 -23.43 -40.01 1.26
CA LYS D 466 -22.93 -41.35 1.56
C LYS D 466 -23.65 -42.43 0.74
N GLU D 467 -24.87 -42.16 0.29
CA GLU D 467 -25.69 -43.10 -0.49
C GLU D 467 -25.61 -42.82 -1.98
N LEU D 468 -24.48 -42.45 -2.51
CA LEU D 468 -24.39 -42.16 -3.94
C LEU D 468 -23.52 -43.23 -4.59
N ASP D 469 -24.18 -44.14 -5.30
CA ASP D 469 -23.49 -45.01 -6.24
C ASP D 469 -23.12 -44.16 -7.43
N LEU D 470 -21.84 -43.75 -7.50
CA LEU D 470 -21.45 -42.75 -8.48
C LEU D 470 -21.55 -43.29 -9.90
N GLU D 471 -21.20 -44.57 -10.10
CA GLU D 471 -21.31 -45.19 -11.41
C GLU D 471 -22.75 -45.22 -11.89
N ALA D 472 -23.69 -45.53 -10.99
CA ALA D 472 -25.10 -45.39 -11.30
C ALA D 472 -25.39 -44.04 -11.93
N LEU D 473 -25.10 -42.96 -11.20
CA LEU D 473 -25.48 -41.63 -11.64
C LEU D 473 -24.84 -41.29 -12.98
N GLU D 474 -23.57 -41.66 -13.17
CA GLU D 474 -22.93 -41.50 -14.46
C GLU D 474 -23.78 -42.17 -15.55
N LYS D 475 -24.12 -43.44 -15.35
CA LYS D 475 -25.01 -44.15 -16.27
C LYS D 475 -26.18 -43.27 -16.69
N GLU D 476 -26.96 -42.82 -15.70
CA GLU D 476 -28.17 -42.06 -16.00
C GLU D 476 -27.86 -40.79 -16.78
N LEU D 477 -26.76 -40.13 -16.44
CA LEU D 477 -26.53 -38.79 -16.96
C LEU D 477 -26.12 -38.81 -18.43
N LEU D 478 -25.19 -39.69 -18.79
CA LEU D 478 -24.93 -39.89 -20.22
C LEU D 478 -26.17 -40.48 -20.89
N GLU D 479 -26.83 -41.45 -20.24
CA GLU D 479 -28.11 -41.94 -20.73
C GLU D 479 -29.09 -40.81 -21.00
N GLU D 480 -28.85 -39.63 -20.40
CA GLU D 480 -29.60 -38.42 -20.70
C GLU D 480 -28.76 -37.37 -21.43
N MET D 481 -27.43 -37.52 -21.48
CA MET D 481 -26.67 -36.74 -22.44
C MET D 481 -27.21 -36.91 -23.86
N LYS D 482 -28.09 -37.92 -24.08
CA LYS D 482 -28.69 -38.23 -25.38
C LYS D 482 -29.94 -37.41 -25.71
N HIS D 483 -30.35 -36.51 -24.84
CA HIS D 483 -31.59 -35.78 -24.99
C HIS D 483 -31.41 -34.55 -25.86
N PRO D 484 -32.52 -34.11 -26.51
CA PRO D 484 -32.54 -32.81 -27.18
C PRO D 484 -32.72 -31.63 -26.23
N SER D 485 -32.90 -30.44 -26.79
CA SER D 485 -33.26 -29.27 -25.99
C SER D 485 -32.02 -28.72 -25.29
N ARG D 486 -30.95 -29.52 -25.29
CA ARG D 486 -29.55 -29.09 -25.08
C ARG D 486 -29.35 -28.34 -23.76
N ALA D 487 -30.41 -28.07 -23.01
CA ALA D 487 -30.23 -27.52 -21.67
C ALA D 487 -30.24 -28.63 -20.63
N ARG D 488 -31.00 -29.69 -20.90
CA ARG D 488 -30.87 -30.93 -20.14
C ARG D 488 -29.54 -31.61 -20.46
N ARG D 489 -29.21 -31.72 -21.75
CA ARG D 489 -27.88 -32.21 -22.12
C ARG D 489 -26.79 -31.38 -21.47
N ALA D 490 -27.03 -30.08 -21.30
CA ALA D 490 -26.01 -29.19 -20.77
C ALA D 490 -25.76 -29.44 -19.29
N LYS D 491 -26.84 -29.48 -18.49
CA LYS D 491 -26.68 -29.67 -17.04
C LYS D 491 -26.19 -31.07 -16.72
N ALA D 492 -26.62 -32.06 -17.50
CA ALA D 492 -26.09 -33.41 -17.30
C ALA D 492 -24.58 -33.43 -17.49
N ARG D 493 -24.04 -32.51 -18.30
CA ARG D 493 -22.59 -32.39 -18.38
C ARG D 493 -22.03 -31.85 -17.08
N LYS D 494 -22.44 -30.63 -16.71
CA LYS D 494 -21.96 -29.99 -15.49
C LYS D 494 -21.99 -30.95 -14.30
N ARG D 495 -23.12 -31.62 -14.07
CA ARG D 495 -23.21 -32.63 -13.03
C ARG D 495 -22.24 -33.79 -13.30
N LEU D 496 -22.28 -34.33 -14.52
CA LEU D 496 -21.42 -35.47 -14.82
C LEU D 496 -19.94 -35.13 -14.65
N GLU D 497 -19.58 -33.87 -14.93
CA GLU D 497 -18.20 -33.46 -14.73
C GLU D 497 -17.81 -33.55 -13.25
N VAL D 498 -18.74 -33.24 -12.35
CA VAL D 498 -18.50 -33.42 -10.92
C VAL D 498 -18.43 -34.90 -10.55
N VAL D 499 -19.32 -35.72 -11.12
CA VAL D 499 -19.24 -37.15 -10.85
C VAL D 499 -17.88 -37.70 -11.26
N ARG D 500 -17.55 -37.53 -12.55
CA ARG D 500 -16.33 -38.15 -13.06
C ARG D 500 -15.10 -37.54 -12.41
N ALA D 501 -15.19 -36.28 -11.99
CA ALA D 501 -14.23 -35.74 -11.04
C ALA D 501 -14.00 -36.69 -9.89
N PHE D 502 -15.08 -37.07 -9.18
CA PHE D 502 -14.91 -37.91 -8.01
C PHE D 502 -14.49 -39.32 -8.38
N LEU D 503 -15.08 -39.87 -9.45
CA LEU D 503 -14.73 -41.20 -9.88
C LEU D 503 -13.24 -41.32 -10.13
N ASP D 504 -12.68 -40.44 -10.97
CA ASP D 504 -11.30 -40.57 -11.42
C ASP D 504 -10.29 -40.29 -10.31
N SER D 505 -10.65 -39.50 -9.29
CA SER D 505 -9.74 -39.24 -8.19
C SER D 505 -9.81 -40.26 -7.08
N GLY D 506 -10.99 -40.82 -6.80
CA GLY D 506 -11.14 -41.62 -5.59
C GLY D 506 -11.50 -40.80 -4.37
N ASN D 507 -12.10 -39.63 -4.55
CA ASN D 507 -12.59 -38.88 -3.43
C ASN D 507 -14.02 -39.32 -3.16
N ARG D 508 -14.41 -39.33 -1.89
CA ARG D 508 -15.77 -39.70 -1.54
C ARG D 508 -16.58 -38.42 -1.30
N PRO D 509 -17.63 -38.20 -2.05
CA PRO D 509 -18.46 -36.99 -1.86
C PRO D 509 -18.73 -36.59 -0.41
N GLU D 510 -19.16 -37.55 0.41
CA GLU D 510 -19.36 -37.30 1.83
C GLU D 510 -18.18 -36.59 2.50
N TRP D 511 -16.96 -36.69 1.93
CA TRP D 511 -15.79 -36.00 2.48
C TRP D 511 -15.90 -34.48 2.41
N MET D 512 -16.87 -33.93 1.66
CA MET D 512 -17.15 -32.51 1.72
C MET D 512 -17.94 -32.17 2.99
N ILE D 513 -17.90 -33.06 3.96
CA ILE D 513 -18.55 -32.88 5.25
C ILE D 513 -17.48 -33.23 6.27
N LEU D 514 -17.47 -32.55 7.40
CA LEU D 514 -16.43 -32.83 8.39
C LEU D 514 -17.06 -33.37 9.66
N GLU D 515 -16.53 -34.49 10.12
CA GLU D 515 -16.70 -34.89 11.50
C GLU D 515 -15.57 -34.29 12.32
N ALA D 516 -14.32 -34.60 11.95
CA ALA D 516 -13.14 -34.08 12.62
C ALA D 516 -12.59 -32.85 11.87
N VAL D 517 -12.84 -31.67 12.44
CA VAL D 517 -12.23 -30.42 12.00
C VAL D 517 -10.76 -30.42 12.37
N PRO D 518 -9.84 -30.16 11.43
CA PRO D 518 -8.41 -30.12 11.77
C PRO D 518 -8.03 -28.83 12.50
N VAL D 519 -6.90 -28.88 13.20
CA VAL D 519 -6.41 -27.71 13.92
C VAL D 519 -4.97 -27.43 13.53
N LEU D 520 -4.68 -26.17 13.29
CA LEU D 520 -3.43 -25.75 12.67
C LEU D 520 -2.32 -25.62 13.70
N PRO D 521 -1.11 -26.13 13.44
CA PRO D 521 -0.04 -26.13 14.48
C PRO D 521 0.05 -24.78 15.18
N PRO D 522 0.26 -24.77 16.51
CA PRO D 522 0.15 -23.49 17.24
C PRO D 522 1.15 -22.41 16.81
N ASP D 523 2.37 -22.78 16.39
CA ASP D 523 3.35 -21.76 16.00
C ASP D 523 2.85 -20.94 14.80
N LEU D 524 2.11 -21.57 13.86
CA LEU D 524 1.50 -20.86 12.74
C LEU D 524 0.30 -20.00 13.15
N ARG D 525 0.08 -19.79 14.43
CA ARG D 525 -1.03 -19.00 14.92
C ARG D 525 -0.71 -18.64 16.35
N PRO D 526 0.35 -17.88 16.57
CA PRO D 526 1.00 -17.88 17.89
C PRO D 526 0.26 -17.04 18.90
N MET D 527 0.69 -17.23 20.15
CA MET D 527 0.44 -16.27 21.20
C MET D 527 1.80 -15.86 21.74
N VAL D 528 2.09 -14.56 21.67
CA VAL D 528 3.43 -14.07 21.95
C VAL D 528 3.34 -12.86 22.88
N GLN D 529 4.39 -12.74 23.68
CA GLN D 529 4.66 -11.58 24.50
C GLN D 529 5.47 -10.57 23.70
N VAL D 530 4.86 -9.42 23.45
CA VAL D 530 5.52 -8.25 22.90
C VAL D 530 6.32 -7.61 24.03
N ASP D 531 7.13 -6.59 23.71
CA ASP D 531 8.02 -5.93 24.67
C ASP D 531 7.41 -5.82 26.06
N GLY D 532 6.26 -5.18 26.16
CA GLY D 532 5.74 -4.80 27.46
C GLY D 532 5.10 -5.95 28.19
N GLY D 533 5.56 -7.17 27.92
CA GLY D 533 4.99 -8.36 28.54
C GLY D 533 3.54 -8.57 28.17
N ARG D 534 3.01 -7.71 27.30
CA ARG D 534 1.66 -7.88 26.78
C ARG D 534 1.67 -8.96 25.69
N PHE D 535 0.48 -9.39 25.31
CA PHE D 535 0.33 -10.60 24.53
C PHE D 535 -0.31 -10.28 23.20
N ALA D 536 0.12 -11.01 22.18
CA ALA D 536 -0.38 -10.80 20.84
C ALA D 536 -0.78 -12.15 20.26
N THR D 537 -1.98 -12.25 19.70
CA THR D 537 -2.46 -13.56 19.27
C THR D 537 -3.20 -13.46 17.95
N SER D 538 -3.08 -14.52 17.16
CA SER D 538 -3.81 -14.69 15.90
C SER D 538 -5.32 -14.71 16.11
N ASP D 539 -6.02 -14.33 15.05
CA ASP D 539 -7.47 -14.41 15.06
C ASP D 539 -7.96 -15.85 15.17
N LEU D 540 -7.21 -16.80 14.61
CA LEU D 540 -7.68 -18.18 14.55
C LEU D 540 -8.02 -18.71 15.93
N ASN D 541 -7.17 -18.43 16.91
CA ASN D 541 -7.47 -18.91 18.25
C ASN D 541 -8.87 -18.51 18.64
N ASP D 542 -9.23 -17.24 18.48
CA ASP D 542 -10.59 -16.84 18.83
C ASP D 542 -11.64 -17.48 17.92
N LEU D 543 -11.27 -17.99 16.74
CA LEU D 543 -12.28 -18.64 15.93
C LEU D 543 -12.45 -20.10 16.32
N TYR D 544 -11.35 -20.78 16.65
CA TYR D 544 -11.44 -22.09 17.30
C TYR D 544 -12.18 -21.99 18.62
N ARG D 545 -11.60 -21.25 19.59
CA ARG D 545 -12.27 -21.04 20.87
C ARG D 545 -13.77 -20.90 20.69
N ARG D 546 -14.18 -19.95 19.85
CA ARG D 546 -15.59 -19.78 19.50
C ARG D 546 -16.23 -21.11 19.15
N LEU D 547 -15.51 -21.97 18.43
CA LEU D 547 -16.08 -23.24 17.97
C LEU D 547 -16.10 -24.27 19.08
N ILE D 548 -14.98 -24.41 19.78
CA ILE D 548 -14.91 -25.48 20.77
C ILE D 548 -15.89 -25.25 21.90
N ASN D 549 -16.30 -24.00 22.14
CA ASN D 549 -17.35 -23.74 23.13
C ASN D 549 -18.66 -24.35 22.68
N ARG D 550 -18.98 -24.23 21.38
CA ARG D 550 -20.26 -24.72 20.88
C ARG D 550 -20.29 -26.24 20.78
N ASN D 551 -19.28 -26.85 20.14
CA ASN D 551 -19.16 -28.30 20.14
C ASN D 551 -19.25 -28.87 21.55
N ASN D 552 -18.71 -28.14 22.53
CA ASN D 552 -18.68 -28.66 23.90
C ASN D 552 -20.05 -28.54 24.55
N ARG D 553 -20.68 -27.38 24.48
CA ARG D 553 -22.01 -27.26 25.05
C ARG D 553 -23.06 -27.97 24.22
N LEU D 554 -22.70 -28.48 23.04
CA LEU D 554 -23.61 -29.38 22.33
C LEU D 554 -23.47 -30.80 22.85
N LYS D 555 -22.24 -31.27 23.02
CA LYS D 555 -22.03 -32.56 23.65
C LYS D 555 -22.73 -32.63 24.99
N LYS D 556 -22.80 -31.51 25.71
CA LYS D 556 -23.53 -31.46 26.96
C LYS D 556 -25.03 -31.34 26.71
N LEU D 557 -25.46 -30.41 25.84
CA LEU D 557 -26.90 -30.27 25.62
C LEU D 557 -27.55 -31.57 25.14
N LEU D 558 -26.78 -32.41 24.45
CA LEU D 558 -27.27 -33.74 24.07
C LEU D 558 -27.53 -34.58 25.31
N ALA D 559 -26.47 -34.93 26.05
CA ALA D 559 -26.59 -35.93 27.11
C ALA D 559 -27.62 -35.53 28.14
N GLN D 560 -27.74 -34.23 28.40
CA GLN D 560 -28.77 -33.76 29.31
C GLN D 560 -30.14 -33.63 28.62
N GLY D 561 -30.32 -34.32 27.50
CA GLY D 561 -31.62 -34.52 26.86
C GLY D 561 -32.38 -33.27 26.53
N ALA D 562 -31.96 -32.57 25.57
CA ALA D 562 -32.70 -31.32 25.50
C ALA D 562 -33.71 -31.34 24.35
N PRO D 563 -34.75 -30.51 24.46
CA PRO D 563 -35.68 -30.36 23.34
C PRO D 563 -34.94 -30.11 22.03
N GLU D 564 -35.58 -30.46 20.90
CA GLU D 564 -34.96 -30.21 19.61
C GLU D 564 -34.69 -28.73 19.43
N ILE D 565 -35.73 -27.91 19.56
CA ILE D 565 -35.63 -26.47 19.36
C ILE D 565 -34.33 -25.92 19.94
N ILE D 566 -33.94 -26.39 21.13
CA ILE D 566 -32.63 -26.07 21.68
C ILE D 566 -31.52 -26.77 20.91
N ILE D 567 -31.50 -28.10 20.91
CA ILE D 567 -30.47 -28.77 20.12
C ILE D 567 -30.34 -28.19 18.71
N ARG D 568 -31.45 -27.72 18.13
CA ARG D 568 -31.38 -27.18 16.77
C ARG D 568 -30.48 -25.96 16.74
N ASN D 569 -30.82 -24.96 17.56
CA ASN D 569 -30.03 -23.75 17.65
C ASN D 569 -28.57 -24.03 17.96
N GLU D 570 -28.24 -25.15 18.58
CA GLU D 570 -26.85 -25.40 18.89
C GLU D 570 -26.10 -25.92 17.68
N LYS D 571 -26.75 -26.72 16.83
CA LYS D 571 -26.08 -27.27 15.67
C LYS D 571 -25.89 -26.20 14.60
N ARG D 572 -26.96 -25.46 14.31
CA ARG D 572 -26.87 -24.31 13.44
C ARG D 572 -25.68 -23.44 13.86
N MET D 573 -25.73 -22.93 15.09
CA MET D 573 -24.63 -22.15 15.64
C MET D 573 -23.29 -22.86 15.44
N LEU D 574 -23.28 -24.19 15.53
CA LEU D 574 -22.02 -24.89 15.29
C LEU D 574 -21.56 -24.74 13.85
N GLN D 575 -22.48 -24.86 12.88
CA GLN D 575 -22.04 -24.69 11.50
C GLN D 575 -21.48 -23.30 11.29
N GLU D 576 -22.20 -22.28 11.76
CA GLU D 576 -21.72 -20.91 11.58
C GLU D 576 -20.34 -20.71 12.20
N ALA D 577 -20.11 -21.29 13.37
CA ALA D 577 -18.75 -21.39 13.89
C ALA D 577 -17.82 -21.94 12.82
N VAL D 578 -18.06 -23.17 12.35
CA VAL D 578 -17.11 -23.75 11.41
C VAL D 578 -17.03 -22.93 10.12
N ASP D 579 -18.16 -22.35 9.70
CA ASP D 579 -18.16 -21.54 8.48
C ASP D 579 -17.37 -20.24 8.64
N ALA D 580 -17.01 -19.88 9.86
CA ALA D 580 -16.17 -18.73 10.11
C ALA D 580 -14.71 -19.09 10.32
N LEU D 581 -14.42 -20.16 11.04
CA LEU D 581 -13.05 -20.67 11.05
C LEU D 581 -12.48 -20.70 9.63
N LEU D 582 -13.25 -21.25 8.69
CA LEU D 582 -12.75 -21.58 7.36
C LEU D 582 -12.87 -20.43 6.37
N ASP D 583 -14.00 -19.73 6.33
CA ASP D 583 -14.19 -18.70 5.33
C ASP D 583 -15.03 -17.56 5.87
N ASN D 584 -14.66 -17.01 7.04
CA ASN D 584 -15.49 -16.00 7.71
C ASN D 584 -15.94 -14.94 6.72
N GLY D 585 -17.13 -14.38 6.89
CA GLY D 585 -17.67 -13.42 5.94
C GLY D 585 -18.34 -14.04 4.72
N ARG D 586 -17.80 -15.17 4.27
CA ARG D 586 -18.38 -15.87 3.13
C ARG D 586 -19.90 -15.92 3.23
N ARG D 587 -20.46 -16.53 4.28
CA ARG D 587 -21.91 -16.58 4.46
C ARG D 587 -22.39 -15.71 5.63
N GLY D 588 -23.46 -14.94 5.39
CA GLY D 588 -24.04 -14.12 6.41
C GLY D 588 -23.06 -13.13 7.02
N ALA D 589 -23.33 -12.79 8.28
CA ALA D 589 -22.51 -11.81 8.98
C ALA D 589 -21.10 -12.36 9.19
N PRO D 590 -20.11 -11.48 9.22
CA PRO D 590 -18.75 -11.90 9.57
C PRO D 590 -18.52 -11.75 11.06
N VAL D 591 -17.74 -12.69 11.58
CA VAL D 591 -17.44 -12.77 13.01
C VAL D 591 -16.45 -11.67 13.36
N THR D 592 -16.90 -10.67 14.10
CA THR D 592 -16.04 -9.65 14.64
C THR D 592 -15.79 -9.91 16.12
N ASN D 593 -14.61 -9.53 16.60
CA ASN D 593 -14.39 -9.54 18.03
C ASN D 593 -15.12 -8.35 18.67
N PRO D 594 -15.32 -8.38 19.99
CA PRO D 594 -16.12 -7.33 20.62
C PRO D 594 -15.36 -6.02 20.59
N GLY D 595 -16.09 -4.93 20.37
CA GLY D 595 -15.48 -3.61 20.46
C GLY D 595 -14.80 -3.11 19.20
N SER D 596 -15.18 -3.65 18.05
CA SER D 596 -14.68 -3.20 16.76
C SER D 596 -15.51 -3.92 15.70
N ASP D 597 -15.36 -3.47 14.47
CA ASP D 597 -16.10 -4.01 13.35
C ASP D 597 -15.19 -4.78 12.41
N ARG D 598 -14.08 -5.28 12.92
CA ARG D 598 -13.05 -5.84 12.07
C ARG D 598 -13.31 -7.33 11.87
N PRO D 599 -13.72 -7.76 10.69
CA PRO D 599 -13.80 -9.21 10.44
C PRO D 599 -12.60 -9.93 11.02
N LEU D 600 -12.79 -11.10 11.58
CA LEU D 600 -11.63 -11.88 11.94
C LEU D 600 -11.05 -12.49 10.67
N ARG D 601 -9.79 -12.92 10.75
CA ARG D 601 -9.09 -13.38 9.57
C ARG D 601 -9.23 -14.91 9.46
N SER D 602 -10.10 -15.33 8.55
CA SER D 602 -10.37 -16.75 8.38
C SER D 602 -9.26 -17.40 7.58
N LEU D 603 -9.25 -18.73 7.60
CA LEU D 603 -8.21 -19.44 6.87
C LEU D 603 -8.20 -19.06 5.39
N THR D 604 -9.37 -18.82 4.78
CA THR D 604 -9.31 -18.43 3.37
C THR D 604 -8.80 -17.00 3.23
N ASP D 605 -9.23 -16.09 4.12
CA ASP D 605 -8.64 -14.77 4.16
C ASP D 605 -7.10 -14.84 4.20
N ILE D 606 -6.55 -15.74 5.04
CA ILE D 606 -5.11 -15.95 5.07
C ILE D 606 -4.61 -16.36 3.70
N LEU D 607 -5.33 -17.24 3.04
CA LEU D 607 -4.78 -17.89 1.87
C LEU D 607 -4.76 -16.97 0.66
N SER D 608 -5.63 -15.98 0.62
CA SER D 608 -6.02 -15.40 -0.66
C SER D 608 -6.17 -13.90 -0.55
N GLY D 609 -6.17 -13.26 -1.72
CA GLY D 609 -6.07 -11.83 -1.80
C GLY D 609 -4.65 -11.37 -2.09
N LYS D 610 -4.54 -10.07 -2.37
CA LYS D 610 -3.23 -9.47 -2.58
C LYS D 610 -2.33 -9.66 -1.36
N GLN D 611 -2.89 -9.65 -0.14
CA GLN D 611 -2.11 -9.91 1.07
C GLN D 611 -2.19 -11.36 1.51
N GLY D 612 -2.76 -12.24 0.69
CA GLY D 612 -2.80 -13.64 0.96
C GLY D 612 -1.41 -14.28 1.02
N ARG D 613 -1.40 -15.56 1.38
CA ARG D 613 -0.15 -16.28 1.55
C ARG D 613 0.59 -16.45 0.22
N PHE D 614 -0.14 -16.77 -0.85
CA PHE D 614 0.48 -16.96 -2.16
C PHE D 614 1.21 -15.70 -2.65
N ARG D 615 0.47 -14.61 -2.77
CA ARG D 615 0.98 -13.43 -3.44
C ARG D 615 1.93 -12.62 -2.57
N GLN D 616 1.90 -12.79 -1.26
CA GLN D 616 2.71 -11.96 -0.38
C GLN D 616 3.88 -12.70 0.25
N ASN D 617 3.97 -14.01 0.10
CA ASN D 617 5.04 -14.78 0.71
C ASN D 617 5.60 -15.89 -0.18
N LEU D 618 4.91 -16.28 -1.26
CA LEU D 618 5.33 -17.41 -2.08
C LEU D 618 5.83 -16.99 -3.45
N LEU D 619 5.10 -16.11 -4.13
CA LEU D 619 5.50 -15.53 -5.40
C LEU D 619 6.41 -14.31 -5.21
N GLY D 620 6.61 -13.85 -3.97
CA GLY D 620 7.73 -13.00 -3.62
C GLY D 620 7.84 -12.55 -2.17
N LYS D 621 8.98 -12.80 -1.53
CA LYS D 621 9.24 -12.53 -0.12
C LYS D 621 10.02 -11.24 0.04
N ARG D 622 10.31 -10.87 1.30
CA ARG D 622 11.40 -9.94 1.57
C ARG D 622 12.71 -10.72 1.55
N VAL D 623 13.85 -10.01 1.56
CA VAL D 623 15.13 -10.68 1.37
C VAL D 623 16.24 -10.05 2.21
N ASP D 624 17.20 -10.92 2.56
CA ASP D 624 18.48 -10.63 3.20
C ASP D 624 19.50 -10.13 2.18
N TYR D 625 20.56 -9.49 2.71
CA TYR D 625 21.64 -8.95 1.89
C TYR D 625 21.11 -7.96 0.85
N SER D 626 20.37 -6.98 1.34
CA SER D 626 19.74 -6.05 0.43
C SER D 626 19.61 -4.72 1.15
N GLY D 627 19.65 -3.63 0.38
CA GLY D 627 19.50 -2.32 0.97
C GLY D 627 18.82 -1.37 0.01
N ARG D 628 18.57 -0.17 0.52
CA ARG D 628 17.90 0.90 -0.20
C ARG D 628 18.67 2.20 0.05
N SER D 629 18.64 3.12 -0.92
CA SER D 629 19.12 4.47 -0.65
C SER D 629 18.68 5.40 -1.77
N VAL D 630 18.99 6.68 -1.59
CA VAL D 630 18.74 7.63 -2.66
C VAL D 630 19.75 7.44 -3.80
N ILE D 631 19.29 7.62 -5.04
CA ILE D 631 20.24 7.57 -6.15
C ILE D 631 20.59 8.99 -6.58
N VAL D 632 21.69 9.07 -7.31
CA VAL D 632 22.44 10.29 -7.60
C VAL D 632 23.31 9.92 -8.80
N VAL D 633 23.34 10.79 -9.80
CA VAL D 633 24.01 10.48 -11.06
C VAL D 633 25.52 10.54 -10.85
N GLY D 634 26.23 9.50 -11.32
CA GLY D 634 27.66 9.60 -11.45
C GLY D 634 28.13 9.54 -12.90
N PRO D 635 28.45 10.70 -13.49
CA PRO D 635 28.79 10.68 -14.92
C PRO D 635 30.15 10.09 -15.18
N GLN D 636 31.03 10.14 -14.18
CA GLN D 636 32.33 9.47 -14.21
C GLN D 636 32.24 7.96 -14.27
N LEU D 637 31.08 7.35 -14.03
CA LEU D 637 31.04 5.89 -13.95
C LEU D 637 31.24 5.28 -15.34
N LYS D 638 31.81 4.10 -15.37
CA LYS D 638 31.77 3.38 -16.63
C LYS D 638 30.46 2.59 -16.76
N LEU D 639 30.14 2.17 -17.99
CA LEU D 639 28.80 1.66 -18.23
C LEU D 639 28.42 0.58 -17.23
N HIS D 640 29.39 -0.24 -16.81
CA HIS D 640 29.16 -1.42 -15.98
C HIS D 640 29.34 -1.17 -14.49
N GLN D 641 29.14 0.06 -14.00
CA GLN D 641 29.50 0.36 -12.63
C GLN D 641 28.45 1.24 -11.95
N CYS D 642 28.64 1.43 -10.65
CA CYS D 642 27.73 2.22 -9.83
C CYS D 642 28.42 2.65 -8.54
N GLY D 643 27.79 3.57 -7.83
CA GLY D 643 28.41 4.11 -6.63
C GLY D 643 27.76 3.63 -5.35
N LEU D 644 28.42 2.69 -4.68
CA LEU D 644 27.88 2.07 -3.48
C LEU D 644 28.49 2.66 -2.22
N PRO D 645 27.72 3.39 -1.41
CA PRO D 645 28.24 3.87 -0.13
C PRO D 645 28.94 2.77 0.65
N LYS D 646 30.11 3.09 1.22
CA LYS D 646 30.91 2.01 1.80
C LYS D 646 30.21 1.43 3.02
N ARG D 647 29.37 2.22 3.69
CA ARG D 647 28.64 1.69 4.84
C ARG D 647 27.55 0.68 4.44
N MET D 648 26.75 0.99 3.41
CA MET D 648 25.93 -0.06 2.81
C MET D 648 26.78 -1.29 2.49
N ALA D 649 27.95 -1.08 1.88
CA ALA D 649 28.80 -2.20 1.46
C ALA D 649 29.14 -3.11 2.64
N LEU D 650 29.54 -2.49 3.75
CA LEU D 650 30.03 -3.24 4.88
C LEU D 650 28.98 -4.24 5.36
N GLU D 651 27.76 -3.76 5.65
CA GLU D 651 26.67 -4.65 6.04
C GLU D 651 26.38 -5.67 4.96
N LEU D 652 26.00 -5.22 3.76
CA LEU D 652 25.63 -6.17 2.72
C LEU D 652 26.65 -7.29 2.54
N PHE D 653 27.92 -7.05 2.87
CA PHE D 653 28.93 -8.08 2.70
C PHE D 653 29.46 -8.57 4.04
N LYS D 654 28.82 -8.14 5.15
CA LYS D 654 29.26 -8.43 6.51
C LYS D 654 29.80 -9.83 6.71
N PRO D 655 29.14 -10.87 6.29
CA PRO D 655 29.81 -12.17 6.31
C PRO D 655 31.18 -12.08 5.65
N PHE D 656 31.23 -11.71 4.37
CA PHE D 656 32.50 -11.79 3.64
C PHE D 656 33.58 -10.98 4.34
N LEU D 657 33.21 -9.78 4.81
CA LEU D 657 34.17 -8.93 5.49
C LEU D 657 34.70 -9.60 6.74
N LEU D 658 33.80 -10.18 7.55
CA LEU D 658 34.21 -10.92 8.73
C LEU D 658 35.30 -11.94 8.38
N LYS D 659 35.09 -12.77 7.36
CA LYS D 659 36.13 -13.74 7.02
C LYS D 659 37.43 -13.03 6.64
N LYS D 660 37.41 -12.30 5.53
CA LYS D 660 38.64 -11.65 5.09
C LYS D 660 39.33 -10.98 6.28
N MET D 661 38.54 -10.28 7.13
CA MET D 661 39.10 -9.65 8.32
C MET D 661 39.97 -10.62 9.11
N GLU D 662 39.69 -11.92 9.02
CA GLU D 662 40.55 -12.93 9.65
C GLU D 662 41.68 -13.36 8.71
N GLU D 663 41.35 -13.66 7.45
CA GLU D 663 42.35 -14.14 6.50
C GLU D 663 43.49 -13.15 6.30
N LYS D 664 43.37 -11.95 6.85
CA LYS D 664 44.50 -11.06 6.99
C LYS D 664 44.95 -10.99 8.43
N GLY D 665 44.05 -10.65 9.35
CA GLY D 665 44.44 -10.58 10.74
C GLY D 665 43.98 -9.35 11.46
N ILE D 666 43.08 -8.57 10.84
CA ILE D 666 42.55 -7.38 11.49
C ILE D 666 41.73 -7.78 12.73
N ALA D 667 41.55 -9.09 12.95
CA ALA D 667 40.91 -9.62 14.14
C ALA D 667 41.30 -11.08 14.29
N PRO D 668 41.26 -11.64 15.51
CA PRO D 668 41.78 -13.01 15.71
C PRO D 668 40.91 -14.06 15.07
N ASN D 669 39.59 -13.88 15.15
CA ASN D 669 38.60 -14.85 14.68
C ASN D 669 37.40 -14.04 14.18
N VAL D 670 36.35 -14.75 13.73
CA VAL D 670 35.24 -14.05 13.09
C VAL D 670 34.35 -13.38 14.14
N LYS D 671 34.18 -14.00 15.30
CA LYS D 671 33.25 -13.47 16.28
C LYS D 671 33.74 -12.15 16.87
N ALA D 672 35.05 -12.02 17.10
CA ALA D 672 35.60 -10.74 17.56
C ALA D 672 35.61 -9.71 16.43
N ALA D 673 35.91 -10.15 15.21
CA ALA D 673 35.79 -9.26 14.05
C ALA D 673 34.43 -8.59 14.01
N ARG D 674 33.36 -9.35 14.25
CA ARG D 674 32.02 -8.77 14.20
C ARG D 674 31.85 -7.69 15.25
N ARG D 675 32.38 -7.91 16.46
CA ARG D 675 32.16 -6.94 17.54
C ARG D 675 32.88 -5.63 17.28
N MET D 676 33.90 -5.65 16.40
CA MET D 676 34.55 -4.42 15.98
C MET D 676 33.59 -3.51 15.22
N LEU D 677 32.88 -4.06 14.23
CA LEU D 677 32.01 -3.28 13.38
C LEU D 677 30.66 -2.95 14.01
N GLU D 678 30.41 -3.34 15.27
CA GLU D 678 29.09 -3.14 15.86
C GLU D 678 28.94 -1.78 16.53
N ARG D 679 30.01 -1.18 17.03
CA ARG D 679 30.04 0.23 17.39
C ARG D 679 30.98 0.98 16.46
N GLN D 680 30.52 2.14 15.97
CA GLN D 680 31.16 2.79 14.83
C GLN D 680 32.58 3.28 15.14
N ARG D 681 32.86 3.62 16.40
CA ARG D 681 34.20 4.04 16.76
C ARG D 681 35.23 2.95 16.47
N ASP D 682 34.90 1.71 16.82
CA ASP D 682 35.84 0.60 16.72
C ASP D 682 36.27 0.27 15.30
N ILE D 683 35.63 0.81 14.26
CA ILE D 683 35.99 0.44 12.89
C ILE D 683 37.29 1.16 12.51
N LYS D 684 38.36 0.39 12.30
CA LYS D 684 39.66 0.91 11.95
C LYS D 684 39.85 0.93 10.43
N ASP D 685 40.74 1.82 9.97
CA ASP D 685 40.84 2.12 8.55
C ASP D 685 41.06 0.87 7.71
N GLU D 686 41.90 -0.07 8.17
CA GLU D 686 42.16 -1.23 7.32
C GLU D 686 40.97 -2.17 7.22
N VAL D 687 39.84 -1.86 7.86
CA VAL D 687 38.62 -2.57 7.53
C VAL D 687 38.25 -2.30 6.07
N TRP D 688 38.35 -1.04 5.65
CA TRP D 688 37.87 -0.66 4.33
C TRP D 688 38.75 -1.24 3.24
N ASP D 689 40.07 -1.17 3.43
CA ASP D 689 40.93 -1.85 2.48
C ASP D 689 40.58 -3.34 2.42
N ALA D 690 40.15 -3.89 3.56
CA ALA D 690 39.73 -5.29 3.63
C ALA D 690 38.46 -5.53 2.83
N LEU D 691 37.47 -4.63 2.92
CA LEU D 691 36.27 -4.74 2.10
C LEU D 691 36.60 -4.65 0.61
N GLU D 692 37.31 -3.59 0.19
CA GLU D 692 37.77 -3.45 -1.20
C GLU D 692 38.28 -4.76 -1.77
N GLU D 693 39.13 -5.45 -1.00
CA GLU D 693 39.54 -6.80 -1.35
C GLU D 693 38.32 -7.67 -1.62
N VAL D 694 37.34 -7.62 -0.70
CA VAL D 694 36.23 -8.57 -0.65
C VAL D 694 35.45 -8.59 -1.96
N ILE D 695 34.87 -7.44 -2.31
CA ILE D 695 33.95 -7.31 -3.43
C ILE D 695 34.62 -7.35 -4.78
N HIS D 696 35.93 -7.58 -4.84
CA HIS D 696 36.61 -7.48 -6.12
C HIS D 696 35.92 -8.36 -7.15
N GLY D 697 35.60 -7.78 -8.28
CA GLY D 697 35.17 -8.56 -9.41
C GLY D 697 33.70 -8.89 -9.41
N LYS D 698 33.08 -9.01 -8.22
CA LYS D 698 31.69 -9.41 -8.13
C LYS D 698 30.76 -8.21 -8.27
N VAL D 699 29.53 -8.49 -8.72
CA VAL D 699 28.56 -7.45 -9.02
C VAL D 699 27.43 -7.48 -8.01
N VAL D 700 26.69 -6.36 -7.96
CA VAL D 700 25.47 -6.25 -7.18
C VAL D 700 24.32 -5.97 -8.12
N LEU D 701 23.10 -6.03 -7.59
CA LEU D 701 21.90 -5.80 -8.36
C LEU D 701 21.22 -4.52 -7.90
N LEU D 702 20.78 -3.72 -8.87
CA LEU D 702 20.05 -2.49 -8.60
C LEU D 702 18.64 -2.64 -9.13
N ASN D 703 17.66 -2.24 -8.30
CA ASN D 703 16.24 -2.30 -8.61
C ASN D 703 15.68 -0.92 -8.40
N ARG D 704 14.83 -0.46 -9.31
CA ARG D 704 14.18 0.82 -9.13
C ARG D 704 12.68 0.64 -9.28
N ALA D 705 11.97 1.71 -8.94
CA ALA D 705 10.72 1.53 -8.22
C ALA D 705 9.91 0.51 -8.98
N PRO D 706 9.19 0.84 -10.06
CA PRO D 706 8.35 -0.20 -10.68
C PRO D 706 9.14 -1.05 -11.65
N THR D 707 9.38 -2.30 -11.28
CA THR D 707 10.05 -3.23 -12.19
C THR D 707 9.06 -3.62 -13.29
N LEU D 708 8.91 -2.70 -14.24
CA LEU D 708 8.04 -2.96 -15.37
C LEU D 708 8.65 -3.97 -16.33
N HIS D 709 9.98 -4.12 -16.43
CA HIS D 709 10.47 -5.09 -17.42
C HIS D 709 11.95 -5.45 -17.24
N ARG D 710 12.23 -6.48 -16.49
CA ARG D 710 13.49 -7.17 -16.74
C ARG D 710 14.69 -6.25 -16.53
N LEU D 711 14.46 -4.94 -16.48
CA LEU D 711 15.52 -3.93 -16.50
C LEU D 711 15.28 -2.87 -15.46
N GLY D 712 14.16 -2.97 -14.71
CA GLY D 712 14.17 -2.47 -13.36
C GLY D 712 15.19 -3.17 -12.52
N ILE D 713 15.84 -4.20 -13.05
CA ILE D 713 16.99 -4.84 -12.37
C ILE D 713 18.11 -5.04 -13.38
N GLN D 714 19.30 -4.52 -13.08
CA GLN D 714 20.52 -4.79 -13.84
C GLN D 714 21.67 -4.89 -12.85
N ALA D 715 22.77 -5.47 -13.31
CA ALA D 715 23.90 -5.76 -12.44
C ALA D 715 25.10 -4.86 -12.75
N PHE D 716 25.88 -4.56 -11.72
CA PHE D 716 26.90 -3.53 -11.72
C PHE D 716 28.07 -3.96 -10.83
N GLN D 717 29.29 -3.64 -11.28
CA GLN D 717 30.41 -3.73 -10.37
C GLN D 717 30.35 -2.51 -9.47
N PRO D 718 30.35 -2.66 -8.15
CA PRO D 718 30.22 -1.49 -7.28
C PRO D 718 31.60 -0.96 -6.95
N VAL D 719 31.75 0.36 -7.02
CA VAL D 719 32.94 1.04 -6.52
C VAL D 719 32.50 1.79 -5.26
N LEU D 720 33.26 1.64 -4.19
CA LEU D 720 32.85 2.21 -2.93
C LEU D 720 32.96 3.72 -2.98
N VAL D 721 32.30 4.38 -2.04
CA VAL D 721 32.22 5.84 -2.03
C VAL D 721 31.91 6.28 -0.62
N GLU D 722 32.40 7.45 -0.24
CA GLU D 722 31.88 8.00 1.00
C GLU D 722 30.51 8.60 0.70
N GLY D 723 29.82 9.10 1.74
CA GLY D 723 28.49 9.64 1.54
C GLY D 723 27.43 8.56 1.39
N GLN D 724 26.16 8.96 1.55
CA GLN D 724 25.06 7.97 1.63
C GLN D 724 24.58 7.48 0.26
N SER D 725 24.47 8.37 -0.72
CA SER D 725 23.70 8.12 -1.92
C SER D 725 24.33 7.06 -2.80
N ILE D 726 23.48 6.36 -3.55
CA ILE D 726 23.92 5.45 -4.61
C ILE D 726 24.27 6.27 -5.85
N GLN D 727 25.22 5.78 -6.65
CA GLN D 727 25.58 6.45 -7.89
C GLN D 727 25.14 5.59 -9.06
N LEU D 728 24.21 6.11 -9.85
CA LEU D 728 23.70 5.40 -11.02
C LEU D 728 24.36 5.89 -12.32
N HIS D 729 24.50 5.01 -13.26
CA HIS D 729 25.08 5.44 -14.52
C HIS D 729 24.04 6.19 -15.35
N PRO D 730 24.41 7.26 -16.04
CA PRO D 730 23.39 8.03 -16.76
C PRO D 730 22.75 7.25 -17.89
N LEU D 731 23.48 6.34 -18.53
CA LEU D 731 22.91 5.63 -19.67
C LEU D 731 21.77 4.72 -19.26
N VAL D 732 21.82 4.18 -18.04
CA VAL D 732 20.78 3.24 -17.65
C VAL D 732 19.53 3.93 -17.08
N CYS D 733 19.57 5.24 -16.84
CA CYS D 733 18.41 5.91 -16.27
C CYS D 733 17.12 5.66 -17.07
N GLU D 734 17.20 5.47 -18.39
CA GLU D 734 15.99 5.31 -19.19
C GLU D 734 15.30 4.01 -18.86
N ALA D 735 16.04 2.91 -18.90
CA ALA D 735 15.44 1.61 -18.64
C ALA D 735 14.77 1.59 -17.28
N PHE D 736 15.46 2.08 -16.25
CA PHE D 736 14.81 2.16 -14.94
C PHE D 736 13.75 3.26 -14.88
N ASN D 737 13.67 4.14 -15.87
CA ASN D 737 12.90 5.37 -15.74
C ASN D 737 13.31 6.16 -14.49
N ALA D 738 14.63 6.19 -14.23
CA ALA D 738 15.20 6.93 -13.10
C ALA D 738 15.60 8.34 -13.53
N ASP D 739 15.16 9.35 -12.78
CA ASP D 739 15.74 10.67 -12.75
C ASP D 739 16.18 10.90 -11.31
N PHE D 740 16.47 12.14 -10.95
CA PHE D 740 17.06 12.44 -9.65
C PHE D 740 16.32 13.58 -8.96
N ASP D 741 14.99 13.58 -9.09
CA ASP D 741 14.05 14.29 -8.23
C ASP D 741 13.92 13.64 -6.85
N GLY D 742 14.82 12.73 -6.50
CA GLY D 742 14.75 12.02 -5.24
C GLY D 742 14.48 10.52 -5.31
N ASP D 743 14.57 9.89 -6.47
CA ASP D 743 14.34 8.46 -6.64
C ASP D 743 15.22 7.68 -5.66
N GLN D 744 14.85 6.45 -5.35
CA GLN D 744 15.70 5.57 -4.54
C GLN D 744 15.82 4.24 -5.25
N MET D 745 16.83 3.46 -4.91
CA MET D 745 16.99 2.19 -5.56
C MET D 745 17.35 1.12 -4.54
N ALA D 746 17.05 -0.12 -4.88
CA ALA D 746 17.33 -1.24 -4.00
C ALA D 746 18.58 -1.96 -4.47
N VAL D 747 19.30 -2.55 -3.51
CA VAL D 747 20.57 -3.23 -3.79
C VAL D 747 20.46 -4.66 -3.27
N HIS D 748 20.98 -5.59 -4.05
CA HIS D 748 20.87 -7.01 -3.76
C HIS D 748 22.18 -7.69 -4.07
N VAL D 749 22.83 -8.25 -3.05
CA VAL D 749 24.09 -8.98 -3.26
C VAL D 749 23.77 -10.41 -3.69
N PRO D 750 24.12 -10.83 -4.91
CA PRO D 750 24.11 -12.28 -5.19
C PRO D 750 25.12 -12.96 -4.30
N LEU D 751 24.91 -14.25 -4.06
CA LEU D 751 25.78 -14.95 -3.12
C LEU D 751 26.57 -16.08 -3.79
N SER D 752 25.89 -17.04 -4.38
CA SER D 752 26.61 -18.20 -4.88
C SER D 752 27.46 -17.81 -6.06
N SER D 753 28.47 -18.64 -6.34
CA SER D 753 29.21 -18.45 -7.57
C SER D 753 28.29 -18.57 -8.78
N PHE D 754 27.13 -19.20 -8.64
CA PHE D 754 26.17 -19.32 -9.73
C PHE D 754 25.37 -18.05 -9.92
N ALA D 755 25.00 -17.41 -8.80
CA ALA D 755 24.26 -16.15 -8.89
C ALA D 755 25.15 -15.03 -9.39
N GLN D 756 26.39 -14.98 -8.91
CA GLN D 756 27.39 -14.07 -9.43
C GLN D 756 27.60 -14.30 -10.94
N ALA D 757 27.75 -15.56 -11.35
CA ALA D 757 27.92 -15.82 -12.78
C ALA D 757 26.68 -15.45 -13.57
N GLU D 758 25.50 -15.53 -12.96
CA GLU D 758 24.30 -15.12 -13.66
C GLU D 758 24.28 -13.61 -13.88
N ALA D 759 24.65 -12.84 -12.86
CA ALA D 759 24.53 -11.38 -12.96
C ALA D 759 25.58 -10.81 -13.92
N ARG D 760 26.80 -11.30 -13.83
CA ARG D 760 27.84 -10.79 -14.71
C ARG D 760 27.51 -11.12 -16.16
N ILE D 761 27.19 -12.36 -16.46
CA ILE D 761 26.98 -12.73 -17.86
C ILE D 761 25.68 -12.14 -18.39
N GLN D 762 24.58 -12.32 -17.67
CA GLN D 762 23.28 -12.12 -18.28
C GLN D 762 22.65 -10.79 -17.96
N MET D 763 22.94 -10.26 -16.77
CA MET D 763 22.21 -9.12 -16.23
C MET D 763 23.05 -7.86 -16.12
N LEU D 764 24.35 -7.94 -16.43
CA LEU D 764 25.22 -6.78 -16.45
C LEU D 764 24.70 -5.78 -17.47
N SER D 765 24.72 -4.51 -17.10
CA SER D 765 24.19 -3.47 -17.98
C SER D 765 24.77 -3.59 -19.38
N ALA D 766 26.10 -3.55 -19.48
CA ALA D 766 26.76 -3.43 -20.78
C ALA D 766 26.41 -4.57 -21.71
N HIS D 767 25.94 -5.70 -21.18
CA HIS D 767 25.51 -6.74 -22.08
C HIS D 767 24.08 -6.53 -22.54
N ASN D 768 23.33 -5.68 -21.86
CA ASN D 768 21.92 -5.51 -22.18
C ASN D 768 21.75 -4.13 -22.77
N LEU D 769 22.00 -4.01 -24.06
CA LEU D 769 21.99 -2.70 -24.71
C LEU D 769 20.79 -2.50 -25.60
N LEU D 770 20.27 -3.57 -26.20
CA LEU D 770 19.07 -3.51 -27.01
C LEU D 770 17.86 -3.88 -26.16
N SER D 771 16.73 -3.26 -26.49
CA SER D 771 15.48 -3.61 -25.82
C SER D 771 15.03 -4.99 -26.26
N PRO D 772 14.44 -5.78 -25.35
CA PRO D 772 13.88 -7.06 -25.75
C PRO D 772 12.50 -6.93 -26.38
N ALA D 773 11.86 -5.77 -26.28
CA ALA D 773 10.52 -5.55 -26.82
C ALA D 773 10.56 -5.18 -28.29
N SER D 774 11.32 -4.14 -28.63
CA SER D 774 11.49 -3.70 -30.00
C SER D 774 12.76 -4.19 -30.64
N GLY D 775 13.80 -4.47 -29.87
CA GLY D 775 15.07 -4.78 -30.48
C GLY D 775 15.97 -3.60 -30.78
N GLU D 776 15.42 -2.35 -30.75
CA GLU D 776 16.11 -1.06 -30.78
C GLU D 776 17.06 -0.90 -29.60
N PRO D 777 17.92 0.12 -29.64
CA PRO D 777 18.82 0.37 -28.51
C PRO D 777 18.10 1.10 -27.39
N LEU D 778 18.54 0.85 -26.17
CA LEU D 778 17.90 1.29 -24.95
C LEU D 778 18.85 2.05 -24.06
N ALA D 779 20.09 1.57 -23.96
CA ALA D 779 21.20 2.44 -23.58
C ALA D 779 21.51 3.30 -24.79
N LYS D 780 21.35 4.61 -24.66
CA LYS D 780 21.56 5.47 -25.82
C LYS D 780 21.64 6.90 -25.33
N PRO D 781 22.28 7.76 -26.08
CA PRO D 781 22.38 9.15 -25.66
C PRO D 781 21.01 9.72 -25.34
N SER D 782 20.96 10.58 -24.33
CA SER D 782 19.78 11.30 -23.93
C SER D 782 20.25 12.61 -23.33
N ARG D 783 19.42 13.21 -22.49
CA ARG D 783 19.32 14.67 -22.42
C ARG D 783 20.61 15.45 -22.67
N ASP D 784 21.56 15.48 -21.73
CA ASP D 784 22.76 16.28 -21.95
C ASP D 784 23.58 15.71 -23.10
N ILE D 785 23.74 14.40 -23.15
CA ILE D 785 24.70 13.79 -24.04
C ILE D 785 24.40 14.17 -25.49
N ILE D 786 23.13 14.17 -25.90
CA ILE D 786 22.87 14.57 -27.27
C ILE D 786 22.94 16.08 -27.40
N LEU D 787 22.46 16.82 -26.38
CA LEU D 787 22.62 18.27 -26.44
C LEU D 787 24.08 18.64 -26.67
N GLY D 788 25.01 17.96 -26.00
CA GLY D 788 26.41 18.26 -26.22
C GLY D 788 26.87 17.96 -27.64
N LEU D 789 26.39 16.87 -28.23
CA LEU D 789 26.89 16.52 -29.54
C LEU D 789 26.20 17.32 -30.66
N TYR D 790 24.92 17.63 -30.49
CA TYR D 790 24.23 18.46 -31.45
C TYR D 790 24.93 19.79 -31.63
N TYR D 791 25.27 20.44 -30.51
CA TYR D 791 25.94 21.73 -30.53
C TYR D 791 27.21 21.66 -31.39
N ILE D 792 28.14 20.79 -31.01
CA ILE D 792 29.38 20.70 -31.76
C ILE D 792 29.21 20.19 -33.18
N THR D 793 28.06 19.62 -33.55
CA THR D 793 27.92 19.11 -34.90
C THR D 793 26.94 19.91 -35.74
N GLN D 794 26.29 20.92 -35.17
CA GLN D 794 25.58 21.83 -36.05
C GLN D 794 26.59 22.72 -36.79
N VAL D 795 26.06 23.48 -37.74
CA VAL D 795 26.84 24.30 -38.64
C VAL D 795 26.12 25.64 -38.73
N ARG D 796 26.90 26.73 -38.67
CA ARG D 796 26.33 28.05 -38.81
C ARG D 796 25.87 28.27 -40.24
N LYS D 797 24.81 29.03 -40.39
CA LYS D 797 24.34 29.50 -41.68
C LYS D 797 24.10 31.00 -41.51
N GLU D 798 25.04 31.83 -41.98
CA GLU D 798 25.01 33.27 -41.76
C GLU D 798 24.42 34.00 -42.96
N LYS D 799 23.91 35.19 -42.69
CA LYS D 799 23.01 35.85 -43.62
C LYS D 799 23.63 37.06 -44.32
N LYS D 800 24.91 37.37 -44.04
CA LYS D 800 25.50 38.62 -44.51
C LYS D 800 25.66 38.62 -46.02
N GLY D 801 26.52 37.74 -46.54
CA GLY D 801 26.74 37.69 -47.98
C GLY D 801 25.46 37.54 -48.77
N ALA D 802 24.57 36.64 -48.31
CA ALA D 802 23.24 36.51 -48.88
C ALA D 802 23.28 36.01 -50.31
N GLY D 803 24.27 35.18 -50.63
CA GLY D 803 24.34 34.59 -51.95
C GLY D 803 24.78 35.55 -53.05
N LEU D 804 25.95 36.15 -52.88
CA LEU D 804 26.52 36.95 -53.95
C LEU D 804 27.07 36.03 -55.05
N GLU D 805 27.38 36.63 -56.18
CA GLU D 805 27.97 35.93 -57.31
C GLU D 805 29.39 36.46 -57.51
N PHE D 806 30.38 35.65 -57.16
CA PHE D 806 31.78 35.98 -57.38
C PHE D 806 32.39 34.91 -58.28
N ALA D 807 33.13 35.34 -59.30
CA ALA D 807 33.71 34.39 -60.24
C ALA D 807 35.02 33.81 -59.72
N THR D 808 35.80 34.59 -58.96
CA THR D 808 37.15 34.21 -58.54
C THR D 808 37.30 34.20 -57.02
N PRO D 809 37.66 33.04 -56.41
CA PRO D 809 38.10 33.02 -55.02
C PRO D 809 38.93 34.22 -54.61
N GLU D 810 39.90 34.60 -55.47
CA GLU D 810 40.82 35.67 -55.15
C GLU D 810 40.10 36.86 -54.53
N GLU D 811 38.97 37.26 -55.13
CA GLU D 811 38.24 38.45 -54.73
C GLU D 811 37.24 38.17 -53.62
N ALA D 812 36.59 37.00 -53.68
CA ALA D 812 35.67 36.56 -52.63
C ALA D 812 36.27 36.74 -51.24
N LEU D 813 37.43 36.14 -51.01
CA LEU D 813 38.15 36.40 -49.77
C LEU D 813 38.21 37.90 -49.50
N ALA D 814 38.81 38.65 -50.43
CA ALA D 814 38.92 40.11 -50.29
C ALA D 814 37.61 40.71 -49.77
N ALA D 815 36.50 40.42 -50.47
CA ALA D 815 35.20 40.90 -50.02
C ALA D 815 34.95 40.54 -48.56
N HIS D 816 35.16 39.28 -48.20
CA HIS D 816 35.05 38.88 -46.81
C HIS D 816 36.03 39.65 -45.94
N GLU D 817 37.26 39.87 -46.44
CA GLU D 817 38.18 40.72 -45.70
C GLU D 817 37.66 42.15 -45.68
N ARG D 818 36.90 42.54 -46.70
CA ARG D 818 36.23 43.84 -46.65
C ARG D 818 35.23 43.91 -45.51
N GLY D 819 34.63 42.78 -45.13
CA GLY D 819 33.60 42.78 -44.12
C GLY D 819 32.21 42.82 -44.67
N GLU D 820 32.05 42.52 -45.96
CA GLU D 820 30.78 42.67 -46.65
C GLU D 820 30.08 41.33 -46.83
N VAL D 821 30.73 40.22 -46.46
CA VAL D 821 30.20 38.88 -46.70
C VAL D 821 30.61 37.97 -45.55
N ALA D 822 29.63 37.48 -44.78
CA ALA D 822 29.96 36.73 -43.58
C ALA D 822 30.54 35.36 -43.94
N LEU D 823 31.25 34.78 -42.97
CA LEU D 823 32.13 33.67 -43.28
C LEU D 823 31.39 32.45 -43.81
N ASN D 824 30.13 32.25 -43.40
CA ASN D 824 29.38 31.03 -43.68
C ASN D 824 28.18 31.28 -44.59
N ALA D 825 28.01 32.50 -45.09
CA ALA D 825 26.96 32.76 -46.05
C ALA D 825 27.14 31.88 -47.28
N PRO D 826 26.05 31.31 -47.80
CA PRO D 826 26.15 30.52 -49.04
C PRO D 826 26.22 31.44 -50.25
N ILE D 827 27.26 31.25 -51.06
CA ILE D 827 27.47 32.04 -52.26
C ILE D 827 27.74 31.10 -53.41
N LYS D 828 27.16 31.41 -54.57
CA LYS D 828 27.57 30.79 -55.82
C LYS D 828 28.85 31.50 -56.28
N VAL D 829 29.91 30.73 -56.48
CA VAL D 829 31.19 31.29 -56.91
C VAL D 829 31.73 30.42 -58.05
N ALA D 830 31.95 31.05 -59.20
CA ALA D 830 32.47 30.39 -60.40
C ALA D 830 31.87 28.99 -60.59
N GLY D 831 30.55 28.96 -60.67
CA GLY D 831 29.86 27.70 -60.92
C GLY D 831 29.23 27.07 -59.68
N ARG D 832 29.92 26.09 -59.11
CA ARG D 832 29.43 25.41 -57.93
C ARG D 832 29.17 26.39 -56.81
N GLU D 833 28.24 26.01 -55.93
CA GLU D 833 27.95 26.75 -54.72
C GLU D 833 28.93 26.30 -53.64
N THR D 834 29.67 27.25 -53.07
CA THR D 834 30.48 26.96 -51.89
C THR D 834 30.37 28.17 -50.96
N SER D 835 31.29 28.25 -50.00
CA SER D 835 31.20 29.25 -48.95
C SER D 835 32.57 29.86 -48.71
N VAL D 836 32.53 31.10 -48.20
CA VAL D 836 33.75 31.86 -47.98
C VAL D 836 34.76 31.06 -47.18
N GLY D 837 34.28 30.40 -46.11
CA GLY D 837 35.16 29.69 -45.19
C GLY D 837 35.71 28.40 -45.72
N ARG D 838 35.03 27.78 -46.70
CA ARG D 838 35.57 26.60 -47.35
C ARG D 838 36.71 26.93 -48.28
N LEU D 839 37.05 28.21 -48.46
CA LEU D 839 38.17 28.66 -49.27
C LEU D 839 39.31 29.23 -48.44
N LYS D 840 39.02 30.12 -47.50
CA LYS D 840 40.09 30.73 -46.71
C LYS D 840 40.96 29.67 -46.04
N TYR D 841 40.29 28.67 -45.47
CA TYR D 841 40.86 27.64 -44.61
C TYR D 841 40.73 26.29 -45.31
N VAL D 842 41.87 25.61 -45.49
CA VAL D 842 41.94 24.29 -46.11
C VAL D 842 43.05 23.49 -45.43
N PHE D 843 42.66 22.51 -44.59
CA PHE D 843 43.58 21.71 -43.79
C PHE D 843 43.80 20.36 -44.43
N ALA D 844 45.03 19.83 -44.34
CA ALA D 844 45.33 18.58 -45.00
C ALA D 844 45.03 17.39 -44.13
N ASN D 845 44.67 17.63 -42.88
CA ASN D 845 44.42 16.55 -41.95
C ASN D 845 43.63 17.13 -40.80
N PRO D 846 43.02 16.27 -39.97
CA PRO D 846 42.08 16.77 -38.96
C PRO D 846 42.78 17.46 -37.80
N ASP D 847 43.94 16.95 -37.36
CA ASP D 847 44.64 17.62 -36.27
C ASP D 847 44.77 19.12 -36.51
N GLU D 848 45.09 19.50 -37.75
CA GLU D 848 45.33 20.89 -38.12
C GLU D 848 44.08 21.74 -37.93
N ALA D 849 42.98 21.31 -38.53
CA ALA D 849 41.70 22.00 -38.32
C ALA D 849 41.40 22.17 -36.83
N LEU D 850 41.73 21.17 -36.01
CA LEU D 850 41.47 21.32 -34.58
C LEU D 850 42.51 22.20 -33.88
N LEU D 851 43.75 22.19 -34.38
CA LEU D 851 44.71 23.20 -33.95
C LEU D 851 44.28 24.61 -34.35
N ALA D 852 43.56 24.75 -35.46
CA ALA D 852 43.02 26.06 -35.80
C ALA D 852 42.00 26.48 -34.77
N VAL D 853 41.07 25.56 -34.47
CA VAL D 853 40.06 25.79 -33.45
C VAL D 853 40.69 26.10 -32.12
N ALA D 854 41.82 25.44 -31.83
CA ALA D 854 42.52 25.72 -30.60
C ALA D 854 42.92 27.19 -30.50
N HIS D 855 43.30 27.81 -31.62
CA HIS D 855 43.94 29.12 -31.60
C HIS D 855 43.01 30.25 -31.98
N GLY D 856 41.72 30.06 -31.85
CA GLY D 856 40.76 31.09 -32.17
C GLY D 856 40.44 31.18 -33.62
N ILE D 857 41.18 30.48 -34.48
CA ILE D 857 41.10 30.75 -35.91
C ILE D 857 39.68 30.53 -36.41
N VAL D 858 39.13 29.34 -36.16
CA VAL D 858 37.75 29.01 -36.53
C VAL D 858 37.02 28.38 -35.36
N ASP D 859 35.71 28.38 -35.49
CA ASP D 859 34.87 27.70 -34.50
C ASP D 859 34.51 26.31 -35.00
N LEU D 860 33.97 25.48 -34.10
CA LEU D 860 33.63 24.12 -34.49
C LEU D 860 32.46 24.11 -35.44
N GLN D 861 31.59 25.10 -35.34
CA GLN D 861 30.38 25.14 -36.13
C GLN D 861 30.58 25.82 -37.47
N ASP D 862 31.79 26.34 -37.74
CA ASP D 862 32.18 26.89 -39.03
C ASP D 862 32.44 25.77 -40.02
N VAL D 863 31.77 25.80 -41.17
CA VAL D 863 32.05 24.84 -42.23
C VAL D 863 33.23 25.33 -43.07
N VAL D 864 34.16 24.41 -43.32
CA VAL D 864 35.54 24.63 -43.71
C VAL D 864 35.90 23.57 -44.76
N THR D 865 37.16 23.47 -45.20
CA THR D 865 37.58 22.36 -46.05
C THR D 865 38.70 21.60 -45.35
N VAL D 866 38.53 20.27 -45.18
CA VAL D 866 39.54 19.44 -44.54
C VAL D 866 39.67 18.10 -45.28
N ARG D 867 40.88 17.55 -45.26
CA ARG D 867 41.22 16.35 -46.00
C ARG D 867 41.33 15.22 -44.99
N TYR D 868 40.37 14.32 -45.02
CA TYR D 868 40.30 13.23 -44.05
C TYR D 868 40.14 11.92 -44.80
N MET D 869 41.06 10.99 -44.56
CA MET D 869 41.01 9.73 -45.28
C MET D 869 40.82 9.94 -46.77
N GLY D 870 41.82 10.50 -47.43
CA GLY D 870 41.64 10.77 -48.82
C GLY D 870 40.62 11.86 -48.97
N LYS D 871 39.43 11.53 -49.48
CA LYS D 871 38.48 12.48 -50.05
C LYS D 871 38.54 13.84 -49.34
N ARG D 872 38.64 14.91 -50.11
CA ARG D 872 38.76 16.24 -49.55
C ARG D 872 37.36 16.77 -49.27
N LEU D 873 37.07 17.00 -47.99
CA LEU D 873 35.70 17.10 -47.47
C LEU D 873 35.32 18.53 -47.14
N GLU D 874 34.03 18.85 -47.36
CA GLU D 874 33.41 20.09 -46.86
C GLU D 874 32.51 19.74 -45.66
N THR D 875 33.00 20.00 -44.44
CA THR D 875 32.17 19.93 -43.24
C THR D 875 32.69 20.97 -42.25
N SER D 876 32.34 20.81 -40.98
CA SER D 876 32.90 21.60 -39.90
C SER D 876 34.04 20.85 -39.26
N PRO D 877 34.82 21.52 -38.41
CA PRO D 877 35.73 20.78 -37.51
C PRO D 877 34.95 19.95 -36.48
N GLY D 878 33.91 20.51 -35.86
CA GLY D 878 33.05 19.72 -35.00
C GLY D 878 32.59 18.41 -35.62
N ARG D 879 32.10 18.45 -36.86
CA ARG D 879 31.71 17.19 -37.47
C ARG D 879 32.89 16.26 -37.64
N ILE D 880 34.11 16.81 -37.72
CA ILE D 880 35.32 16.01 -37.85
C ILE D 880 35.73 15.41 -36.51
N LEU D 881 35.63 16.21 -35.45
CA LEU D 881 35.96 15.74 -34.11
C LEU D 881 35.03 14.61 -33.71
N PHE D 882 33.72 14.80 -33.91
CA PHE D 882 32.76 13.74 -33.71
C PHE D 882 33.28 12.45 -34.30
N ALA D 883 33.52 12.44 -35.60
CA ALA D 883 33.92 11.19 -36.24
C ALA D 883 35.17 10.60 -35.60
N ARG D 884 36.07 11.45 -35.11
CA ARG D 884 37.22 10.86 -34.43
C ARG D 884 36.78 10.21 -33.13
N ILE D 885 35.85 10.86 -32.42
CA ILE D 885 35.26 10.30 -31.20
C ILE D 885 34.82 8.86 -31.43
N VAL D 886 33.96 8.66 -32.43
CA VAL D 886 33.58 7.30 -32.80
C VAL D 886 34.82 6.47 -33.12
N ALA D 887 35.70 7.00 -33.96
CA ALA D 887 36.78 6.19 -34.52
C ALA D 887 37.76 5.74 -33.45
N GLU D 888 38.09 6.64 -32.51
CA GLU D 888 38.94 6.26 -31.41
C GLU D 888 38.24 5.28 -30.46
N ALA D 889 36.92 5.42 -30.26
CA ALA D 889 36.25 4.60 -29.26
C ALA D 889 36.11 3.15 -29.70
N VAL D 890 35.67 2.92 -30.93
CA VAL D 890 35.65 1.56 -31.45
C VAL D 890 36.99 1.09 -31.98
N GLU D 891 38.00 1.95 -32.05
CA GLU D 891 39.34 1.57 -32.49
C GLU D 891 39.29 0.85 -33.84
N ASP D 892 38.50 1.40 -34.75
CA ASP D 892 38.46 0.88 -36.10
C ASP D 892 38.07 2.07 -36.98
N GLU D 893 39.07 2.81 -37.46
CA GLU D 893 38.78 4.06 -38.13
C GLU D 893 38.02 3.84 -39.43
N LYS D 894 38.29 2.72 -40.09
CA LYS D 894 37.64 2.44 -41.36
C LYS D 894 36.15 2.21 -41.15
N VAL D 895 35.80 1.33 -40.21
CA VAL D 895 34.41 0.97 -39.94
C VAL D 895 33.64 2.16 -39.41
N ALA D 896 34.21 2.83 -38.41
CA ALA D 896 33.58 4.02 -37.85
C ALA D 896 33.22 5.03 -38.93
N TRP D 897 34.01 5.08 -40.01
CA TRP D 897 33.69 6.05 -41.05
C TRP D 897 32.42 5.66 -41.81
N GLU D 898 32.17 4.35 -41.99
CA GLU D 898 30.94 3.93 -42.64
C GLU D 898 29.71 4.12 -41.75
N LEU D 899 29.85 3.99 -40.44
CA LEU D 899 28.68 3.99 -39.56
C LEU D 899 28.05 5.37 -39.45
N ILE D 900 28.83 6.38 -39.03
CA ILE D 900 28.27 7.72 -38.87
C ILE D 900 27.64 8.19 -40.17
N GLN D 901 26.65 9.07 -40.05
CA GLN D 901 26.28 9.91 -41.18
C GLN D 901 26.77 11.27 -40.79
N LEU D 902 27.73 11.79 -41.54
CA LEU D 902 28.45 12.97 -41.10
C LEU D 902 27.76 14.26 -41.48
N ASP D 903 26.92 14.26 -42.52
CA ASP D 903 26.59 15.55 -43.11
C ASP D 903 25.34 16.13 -42.49
N VAL D 904 25.33 16.14 -41.17
CA VAL D 904 24.07 16.33 -40.44
C VAL D 904 24.30 16.41 -38.93
N PRO D 905 23.50 17.16 -38.19
CA PRO D 905 23.75 17.27 -36.76
C PRO D 905 23.31 15.98 -36.08
N GLN D 906 24.08 15.58 -35.08
CA GLN D 906 23.72 14.39 -34.34
C GLN D 906 22.58 14.74 -33.38
N GLU D 907 21.54 13.92 -33.38
CA GLU D 907 20.39 14.08 -32.52
C GLU D 907 19.89 12.69 -32.12
N LYS D 908 18.74 12.62 -31.44
CA LYS D 908 18.37 11.37 -30.80
C LYS D 908 18.40 10.21 -31.78
N ASN D 909 17.88 10.42 -32.98
CA ASN D 909 17.74 9.30 -33.92
C ASN D 909 19.08 8.86 -34.49
N SER D 910 19.79 9.79 -35.13
CA SER D 910 21.08 9.42 -35.72
C SER D 910 21.94 8.69 -34.70
N LEU D 911 21.93 9.16 -33.45
CA LEU D 911 22.78 8.54 -32.44
C LEU D 911 22.26 7.16 -32.08
N LYS D 912 20.96 7.03 -31.86
CA LYS D 912 20.37 5.70 -31.71
C LYS D 912 20.76 4.80 -32.87
N ASP D 913 20.62 5.29 -34.11
CA ASP D 913 20.99 4.48 -35.27
C ASP D 913 22.45 4.08 -35.23
N LEU D 914 23.33 4.94 -34.70
CA LEU D 914 24.75 4.61 -34.65
C LEU D 914 25.02 3.47 -33.68
N VAL D 915 24.35 3.49 -32.51
CA VAL D 915 24.53 2.44 -31.51
C VAL D 915 24.05 1.08 -32.04
N TYR D 916 22.88 1.05 -32.70
CA TYR D 916 22.44 -0.20 -33.29
C TYR D 916 23.43 -0.66 -34.36
N GLN D 917 23.92 0.26 -35.20
CA GLN D 917 24.82 -0.10 -36.30
C GLN D 917 26.18 -0.54 -35.78
N ALA D 918 26.69 0.19 -34.79
CA ALA D 918 27.86 -0.28 -34.05
C ALA D 918 27.61 -1.66 -33.48
N PHE D 919 26.46 -1.88 -32.83
CA PHE D 919 26.17 -3.15 -32.17
C PHE D 919 26.26 -4.32 -33.17
N LEU D 920 25.53 -4.21 -34.28
CA LEU D 920 25.56 -5.27 -35.29
C LEU D 920 26.98 -5.55 -35.78
N ARG D 921 27.76 -4.50 -36.10
CA ARG D 921 29.04 -4.78 -36.75
C ARG D 921 30.24 -4.82 -35.81
N LEU D 922 30.13 -4.44 -34.55
CA LEU D 922 31.29 -4.46 -33.68
C LEU D 922 31.08 -5.15 -32.35
N GLY D 923 29.85 -5.40 -31.93
CA GLY D 923 29.63 -6.21 -30.75
C GLY D 923 29.38 -5.37 -29.50
N MET D 924 29.02 -6.07 -28.44
CA MET D 924 28.61 -5.35 -27.25
C MET D 924 29.78 -4.66 -26.60
N GLU D 925 30.90 -5.38 -26.47
CA GLU D 925 32.03 -4.84 -25.73
C GLU D 925 32.36 -3.45 -26.24
N LYS D 926 32.49 -3.33 -27.56
CA LYS D 926 32.90 -2.06 -28.13
C LYS D 926 31.78 -1.04 -28.03
N THR D 927 30.53 -1.44 -28.34
CA THR D 927 29.46 -0.48 -28.25
C THR D 927 29.39 0.11 -26.85
N ALA D 928 29.70 -0.71 -25.85
CA ALA D 928 29.81 -0.22 -24.48
C ALA D 928 30.86 0.87 -24.37
N ARG D 929 32.05 0.63 -24.94
CA ARG D 929 33.10 1.63 -24.90
C ARG D 929 32.74 2.83 -25.77
N LEU D 930 32.21 2.56 -26.97
CA LEU D 930 31.60 3.61 -27.76
C LEU D 930 30.66 4.48 -26.93
N LEU D 931 29.92 3.86 -26.01
CA LEU D 931 28.84 4.55 -25.32
C LEU D 931 29.37 5.44 -24.19
N ASP D 932 30.30 4.92 -23.39
CA ASP D 932 30.94 5.78 -22.41
C ASP D 932 31.57 6.97 -23.11
N ALA D 933 32.13 6.73 -24.31
CA ALA D 933 32.74 7.75 -25.16
C ALA D 933 31.78 8.88 -25.50
N LEU D 934 30.66 8.55 -26.15
CA LEU D 934 29.60 9.53 -26.33
C LEU D 934 29.12 10.11 -25.00
N LYS D 935 29.12 9.31 -23.94
CA LYS D 935 28.78 9.85 -22.62
C LYS D 935 29.74 10.96 -22.24
N TYR D 936 31.05 10.71 -22.37
CA TYR D 936 32.07 11.61 -21.87
C TYR D 936 32.05 12.94 -22.61
N TYR D 937 32.23 12.90 -23.94
CA TYR D 937 32.39 14.14 -24.69
C TYR D 937 31.10 14.94 -24.70
N GLY D 938 29.98 14.29 -25.04
CA GLY D 938 28.71 14.96 -25.00
C GLY D 938 28.47 15.73 -23.70
N PHE D 939 29.08 15.29 -22.60
CA PHE D 939 28.86 15.94 -21.30
C PHE D 939 29.73 17.19 -21.14
N THR D 940 31.04 17.08 -21.42
CA THR D 940 31.91 18.25 -21.33
C THR D 940 31.44 19.35 -22.28
N PHE D 941 31.12 18.98 -23.52
CA PHE D 941 30.68 19.96 -24.51
C PHE D 941 29.44 20.69 -24.04
N SER D 942 28.43 19.94 -23.60
CA SER D 942 27.23 20.52 -23.06
C SER D 942 27.49 21.69 -22.13
N THR D 943 28.58 21.68 -21.37
CA THR D 943 28.67 22.72 -20.35
C THR D 943 29.31 23.99 -20.89
N THR D 944 30.43 23.84 -21.60
CA THR D 944 31.12 24.96 -22.25
C THR D 944 30.31 25.55 -23.41
N SER D 945 29.38 24.79 -23.97
CA SER D 945 28.58 25.27 -25.10
C SER D 945 27.81 26.55 -24.81
N GLY D 946 27.49 26.84 -23.56
CA GLY D 946 26.78 28.06 -23.25
C GLY D 946 25.28 28.01 -23.33
N ILE D 947 24.68 26.83 -23.19
CA ILE D 947 23.24 26.68 -23.31
C ILE D 947 22.58 27.07 -22.00
N THR D 948 21.46 27.79 -22.08
CA THR D 948 20.81 28.33 -20.89
C THR D 948 19.33 28.58 -21.21
N ILE D 949 18.60 29.14 -20.26
CA ILE D 949 17.20 29.54 -20.48
C ILE D 949 16.99 30.86 -19.78
N GLY D 950 16.77 31.92 -20.55
CA GLY D 950 16.36 33.20 -20.01
C GLY D 950 15.04 33.57 -20.64
N ILE D 951 14.28 34.38 -19.93
CA ILE D 951 12.89 34.63 -20.34
C ILE D 951 12.88 35.09 -21.79
N ASP D 952 13.99 35.65 -22.22
CA ASP D 952 14.10 36.22 -23.55
C ASP D 952 14.32 35.19 -24.61
N ASP D 953 14.27 33.90 -24.26
CA ASP D 953 14.48 32.88 -25.27
C ASP D 953 13.17 32.32 -25.77
N ALA D 954 12.08 32.61 -25.07
CA ALA D 954 10.73 32.30 -25.53
C ALA D 954 10.32 33.38 -26.52
N VAL D 955 10.62 33.16 -27.78
CA VAL D 955 10.48 34.19 -28.80
C VAL D 955 9.03 34.14 -29.27
N ILE D 956 8.24 35.08 -28.77
CA ILE D 956 6.90 35.27 -29.30
C ILE D 956 7.07 35.67 -30.76
N PRO D 957 6.81 34.80 -31.72
CA PRO D 957 6.88 35.23 -33.12
C PRO D 957 5.87 36.34 -33.37
N GLU D 958 6.23 37.27 -34.26
CA GLU D 958 5.33 38.40 -34.44
C GLU D 958 4.23 38.07 -35.43
N GLU D 959 4.38 37.01 -36.21
CA GLU D 959 3.27 36.45 -36.95
C GLU D 959 2.06 36.21 -36.05
N LYS D 960 2.25 36.27 -34.72
CA LYS D 960 1.17 35.89 -33.81
C LYS D 960 -0.04 36.81 -33.94
N LYS D 961 0.15 38.11 -33.72
CA LYS D 961 -1.03 38.96 -33.61
C LYS D 961 -1.75 39.09 -34.95
N GLN D 962 -1.04 38.92 -36.07
CA GLN D 962 -1.74 38.78 -37.35
C GLN D 962 -2.79 37.69 -37.25
N TYR D 963 -2.35 36.50 -36.82
CA TYR D 963 -3.23 35.35 -36.71
C TYR D 963 -4.31 35.54 -35.63
N LEU D 964 -4.00 36.25 -34.55
CA LEU D 964 -4.99 36.53 -33.51
C LEU D 964 -6.07 37.48 -34.02
N GLU D 965 -5.65 38.59 -34.64
CA GLU D 965 -6.60 39.51 -35.27
C GLU D 965 -7.38 38.79 -36.37
N GLU D 966 -6.68 38.03 -37.23
CA GLU D 966 -7.36 37.29 -38.28
C GLU D 966 -8.45 36.36 -37.73
N ALA D 967 -8.38 35.99 -36.45
CA ALA D 967 -9.35 35.06 -35.88
C ALA D 967 -10.62 35.76 -35.41
N ASP D 968 -10.47 36.80 -34.57
CA ASP D 968 -11.66 37.48 -34.06
C ASP D 968 -12.60 37.89 -35.18
N ARG D 969 -12.05 38.45 -36.26
CA ARG D 969 -12.91 38.86 -37.36
C ARG D 969 -13.68 37.67 -37.91
N LYS D 970 -13.01 36.53 -38.09
CA LYS D 970 -13.70 35.32 -38.52
C LYS D 970 -14.53 34.72 -37.39
N LEU D 971 -14.23 35.07 -36.14
CA LEU D 971 -15.05 34.59 -35.02
C LEU D 971 -16.42 35.24 -35.05
N LEU D 972 -16.47 36.58 -35.09
CA LEU D 972 -17.76 37.22 -35.30
C LEU D 972 -18.22 37.11 -36.74
N GLN D 973 -17.36 36.65 -37.66
CA GLN D 973 -17.77 36.12 -38.94
C GLN D 973 -18.69 34.92 -38.80
N ILE D 974 -18.63 34.22 -37.67
CA ILE D 974 -19.58 33.16 -37.37
C ILE D 974 -20.57 33.58 -36.28
N GLU D 975 -20.18 34.42 -35.34
CA GLU D 975 -21.14 35.01 -34.42
C GLU D 975 -22.19 35.83 -35.16
N GLN D 976 -22.02 36.06 -36.46
CA GLN D 976 -23.02 36.76 -37.26
C GLN D 976 -23.89 35.82 -38.07
N ALA D 977 -23.34 34.71 -38.60
CA ALA D 977 -24.21 33.71 -39.20
C ALA D 977 -25.04 32.98 -38.14
N TYR D 978 -24.97 33.42 -36.89
CA TYR D 978 -25.86 33.03 -35.81
C TYR D 978 -26.56 34.23 -35.18
N GLU D 979 -25.84 35.35 -35.02
CA GLU D 979 -26.46 36.60 -34.58
C GLU D 979 -27.68 36.92 -35.44
N MET D 980 -27.56 36.68 -36.74
CA MET D 980 -28.68 36.72 -37.68
C MET D 980 -29.35 35.37 -37.82
N GLY D 981 -29.37 34.58 -36.74
CA GLY D 981 -30.11 33.34 -36.66
C GLY D 981 -29.95 32.46 -37.88
N PHE D 982 -28.79 32.55 -38.52
CA PHE D 982 -28.57 31.84 -39.78
C PHE D 982 -28.32 30.35 -39.60
N LEU D 983 -27.80 29.93 -38.43
CA LEU D 983 -27.59 28.51 -38.12
C LEU D 983 -27.21 28.38 -36.63
N THR D 984 -27.30 27.15 -36.12
CA THR D 984 -27.59 26.89 -34.70
C THR D 984 -26.39 27.17 -33.79
N ASP D 985 -26.58 26.88 -32.48
CA ASP D 985 -25.49 26.87 -31.50
C ASP D 985 -24.63 25.61 -31.66
N ARG D 986 -25.28 24.44 -31.78
CA ARG D 986 -24.53 23.23 -32.12
C ARG D 986 -23.73 23.41 -33.39
N GLU D 987 -24.20 24.29 -34.29
CA GLU D 987 -23.42 24.63 -35.48
C GLU D 987 -22.29 25.59 -35.14
N ARG D 988 -22.60 26.65 -34.38
CA ARG D 988 -21.60 27.66 -34.03
C ARG D 988 -20.40 27.02 -33.35
N TYR D 989 -20.64 26.40 -32.18
CA TYR D 989 -19.56 25.79 -31.40
C TYR D 989 -18.71 24.87 -32.26
N ASP D 990 -19.34 23.93 -32.97
CA ASP D 990 -18.64 23.03 -33.88
C ASP D 990 -17.59 23.78 -34.69
N GLN D 991 -17.93 24.98 -35.20
CA GLN D 991 -17.02 25.72 -36.06
C GLN D 991 -16.21 26.79 -35.31
N ILE D 992 -16.60 27.16 -34.10
CA ILE D 992 -15.74 28.07 -33.34
C ILE D 992 -14.44 27.38 -33.00
N LEU D 993 -14.48 26.08 -32.78
CA LEU D 993 -13.29 25.41 -32.27
C LEU D 993 -12.42 24.82 -33.36
N GLN D 994 -12.97 24.56 -34.55
CA GLN D 994 -12.10 24.20 -35.67
C GLN D 994 -11.26 25.41 -36.08
N LEU D 995 -11.85 26.60 -36.08
CA LEU D 995 -11.06 27.80 -36.28
C LEU D 995 -9.85 27.79 -35.35
N TRP D 996 -10.09 27.77 -34.04
CA TRP D 996 -9.01 27.96 -33.08
C TRP D 996 -7.98 26.83 -33.09
N THR D 997 -8.32 25.63 -33.55
CA THR D 997 -7.28 24.60 -33.55
C THR D 997 -6.32 24.79 -34.71
N GLU D 998 -6.83 25.06 -35.93
CA GLU D 998 -5.92 25.31 -37.04
C GLU D 998 -5.21 26.66 -36.90
N THR D 999 -5.74 27.56 -36.07
CA THR D 999 -4.97 28.74 -35.65
C THR D 999 -3.77 28.32 -34.83
N THR D 1000 -3.99 27.51 -33.79
CA THR D 1000 -2.90 26.98 -32.97
C THR D 1000 -1.82 26.37 -33.85
N GLU D 1001 -2.23 25.62 -34.88
CA GLU D 1001 -1.26 25.06 -35.80
C GLU D 1001 -0.41 26.16 -36.40
N LYS D 1002 -1.06 27.18 -36.96
CA LYS D 1002 -0.36 28.27 -37.64
C LYS D 1002 0.74 28.85 -36.76
N VAL D 1003 0.39 29.27 -35.53
CA VAL D 1003 1.37 29.96 -34.71
C VAL D 1003 2.45 29.01 -34.21
N THR D 1004 2.10 27.74 -33.99
CA THR D 1004 3.15 26.78 -33.67
C THR D 1004 4.17 26.73 -34.79
N GLN D 1005 3.71 26.80 -36.03
CA GLN D 1005 4.63 26.82 -37.16
C GLN D 1005 5.49 28.07 -37.13
N ALA D 1006 4.86 29.26 -37.10
CA ALA D 1006 5.63 30.48 -37.08
C ALA D 1006 6.65 30.49 -35.94
N VAL D 1007 6.38 29.75 -34.86
CA VAL D 1007 7.36 29.64 -33.77
C VAL D 1007 8.61 28.92 -34.27
N PHE D 1008 8.42 27.89 -35.07
CA PHE D 1008 9.57 27.11 -35.52
C PHE D 1008 10.20 27.68 -36.79
N LYS D 1009 9.39 28.18 -37.73
CA LYS D 1009 9.95 28.97 -38.81
C LYS D 1009 10.77 30.12 -38.25
N ASN D 1010 10.19 30.89 -37.34
CA ASN D 1010 10.94 32.03 -36.82
C ASN D 1010 12.22 31.58 -36.12
N PHE D 1011 12.23 30.37 -35.56
CA PHE D 1011 13.43 29.87 -34.87
C PHE D 1011 14.50 29.49 -35.87
N GLU D 1012 14.15 28.57 -36.77
CA GLU D 1012 15.14 27.98 -37.66
C GLU D 1012 15.66 29.00 -38.67
N GLU D 1013 14.87 30.03 -38.99
CA GLU D 1013 15.32 31.01 -39.95
C GLU D 1013 16.15 32.10 -39.29
N ASN D 1014 15.85 32.46 -38.06
CA ASN D 1014 16.56 33.57 -37.43
C ASN D 1014 17.44 33.15 -36.27
N TYR D 1015 16.92 32.46 -35.27
CA TYR D 1015 17.68 32.10 -34.08
C TYR D 1015 17.86 30.59 -34.00
N PRO D 1016 18.53 29.97 -34.98
CA PRO D 1016 18.62 28.50 -35.01
C PRO D 1016 19.45 27.90 -33.88
N PHE D 1017 20.06 28.70 -33.01
CA PHE D 1017 20.82 28.17 -31.89
C PHE D 1017 20.16 28.51 -30.56
N ASN D 1018 18.95 29.05 -30.62
CA ASN D 1018 18.14 29.31 -29.45
C ASN D 1018 17.92 28.03 -28.64
N PRO D 1019 18.01 28.10 -27.29
CA PRO D 1019 18.04 26.86 -26.48
C PRO D 1019 16.77 26.03 -26.55
N LEU D 1020 15.59 26.64 -26.53
CA LEU D 1020 14.38 25.87 -26.79
C LEU D 1020 14.49 25.17 -28.14
N TYR D 1021 14.83 25.90 -29.20
CA TYR D 1021 14.89 25.25 -30.51
C TYR D 1021 15.84 24.06 -30.49
N VAL D 1022 17.11 24.33 -30.17
CA VAL D 1022 18.11 23.27 -30.01
C VAL D 1022 17.56 22.10 -29.19
N MET D 1023 17.05 22.39 -27.97
CA MET D 1023 16.66 21.31 -27.04
C MET D 1023 15.58 20.42 -27.62
N ALA D 1024 14.49 21.01 -28.10
CA ALA D 1024 13.45 20.24 -28.79
C ALA D 1024 13.98 19.57 -30.06
N GLN D 1025 14.82 20.26 -30.83
CA GLN D 1025 15.17 19.74 -32.15
C GLN D 1025 16.04 18.49 -32.07
N SER D 1026 17.00 18.49 -31.15
CA SER D 1026 17.83 17.33 -30.95
C SER D 1026 17.09 16.16 -30.31
N GLY D 1027 15.98 16.41 -29.63
CA GLY D 1027 15.42 15.40 -28.74
C GLY D 1027 16.02 15.40 -27.36
N ALA D 1028 16.64 16.51 -26.94
CA ALA D 1028 17.17 16.58 -25.60
C ALA D 1028 16.10 16.95 -24.58
N ARG D 1029 15.03 17.57 -25.02
CA ARG D 1029 13.89 17.91 -24.20
C ARG D 1029 12.83 18.54 -25.11
N GLY D 1030 11.67 18.78 -24.53
CA GLY D 1030 10.70 19.64 -25.16
C GLY D 1030 10.18 19.11 -26.46
N ASN D 1031 8.98 19.52 -26.83
CA ASN D 1031 8.42 19.16 -28.12
C ASN D 1031 7.56 20.33 -28.58
N PRO D 1032 7.21 20.35 -29.87
CA PRO D 1032 6.58 21.54 -30.43
C PRO D 1032 5.41 22.04 -29.62
N GLN D 1033 4.62 21.14 -29.05
CA GLN D 1033 3.39 21.59 -28.41
C GLN D 1033 3.66 22.25 -27.07
N GLN D 1034 4.56 21.71 -26.27
CA GLN D 1034 5.00 22.45 -25.10
C GLN D 1034 5.62 23.79 -25.52
N ILE D 1035 6.66 23.74 -26.37
CA ILE D 1035 7.38 24.94 -26.78
C ILE D 1035 6.40 26.01 -27.28
N ARG D 1036 5.39 25.60 -28.07
CA ARG D 1036 4.34 26.53 -28.46
C ARG D 1036 3.77 27.26 -27.27
N GLN D 1037 3.53 26.54 -26.17
CA GLN D 1037 2.95 27.12 -24.97
C GLN D 1037 3.96 27.96 -24.18
N LEU D 1038 5.24 27.88 -24.49
CA LEU D 1038 6.16 28.86 -23.92
C LEU D 1038 6.10 30.17 -24.69
N CYS D 1039 5.89 30.11 -26.02
CA CYS D 1039 6.13 31.17 -26.99
C CYS D 1039 4.87 31.73 -27.64
N GLY D 1040 3.93 30.88 -28.04
CA GLY D 1040 2.74 31.33 -28.72
C GLY D 1040 1.56 31.54 -27.79
N LEU D 1041 0.55 30.70 -27.93
CA LEU D 1041 -0.59 30.69 -27.03
C LEU D 1041 -0.71 29.31 -26.40
N ARG D 1042 -1.43 29.25 -25.28
CA ARG D 1042 -1.67 27.96 -24.64
C ARG D 1042 -2.68 27.15 -25.42
N GLY D 1043 -3.82 27.74 -25.78
CA GLY D 1043 -4.71 27.07 -26.69
C GLY D 1043 -6.09 26.81 -26.12
N LEU D 1044 -6.84 25.93 -26.76
CA LEU D 1044 -8.15 25.54 -26.23
C LEU D 1044 -7.95 24.66 -25.01
N MET D 1045 -8.68 24.96 -23.93
CA MET D 1045 -8.61 24.15 -22.71
C MET D 1045 -9.88 23.30 -22.59
N GLN D 1046 -9.78 22.25 -21.77
CA GLN D 1046 -10.91 21.37 -21.50
C GLN D 1046 -11.77 21.90 -20.37
N LYS D 1047 -13.05 21.63 -20.45
CA LYS D 1047 -14.01 21.81 -19.37
C LYS D 1047 -14.19 20.47 -18.64
N PRO D 1048 -14.62 20.49 -17.36
CA PRO D 1048 -14.66 19.23 -16.59
C PRO D 1048 -15.38 18.10 -17.30
N SER D 1049 -16.56 18.37 -17.85
CA SER D 1049 -17.30 17.36 -18.60
C SER D 1049 -16.40 16.57 -19.54
N GLY D 1050 -15.74 17.27 -20.47
CA GLY D 1050 -15.03 16.64 -21.56
C GLY D 1050 -15.14 17.50 -22.79
N GLU D 1051 -16.09 18.43 -22.77
CA GLU D 1051 -16.22 19.45 -23.79
C GLU D 1051 -15.13 20.50 -23.63
N THR D 1052 -14.75 21.12 -24.75
CA THR D 1052 -13.73 22.15 -24.74
C THR D 1052 -14.38 23.52 -24.59
N PHE D 1053 -13.70 24.42 -23.87
CA PHE D 1053 -14.11 25.82 -23.85
C PHE D 1053 -13.94 26.41 -25.24
N GLU D 1054 -14.95 27.17 -25.67
CA GLU D 1054 -14.78 27.88 -26.94
C GLU D 1054 -13.84 29.08 -26.77
N VAL D 1055 -13.67 29.58 -25.56
CA VAL D 1055 -12.65 30.57 -25.29
C VAL D 1055 -11.32 29.82 -25.14
N PRO D 1056 -10.36 30.04 -26.04
CA PRO D 1056 -8.98 29.61 -25.80
C PRO D 1056 -8.22 30.60 -24.94
N VAL D 1057 -7.31 30.06 -24.12
CA VAL D 1057 -6.39 30.91 -23.38
C VAL D 1057 -5.33 31.38 -24.38
N ARG D 1058 -5.40 32.67 -24.77
CA ARG D 1058 -4.48 33.24 -25.74
C ARG D 1058 -3.14 33.66 -25.13
N SER D 1059 -3.08 33.86 -23.81
CA SER D 1059 -1.82 34.13 -23.14
C SER D 1059 -0.79 33.06 -23.47
N SER D 1060 0.48 33.45 -23.46
CA SER D 1060 1.58 32.50 -23.45
C SER D 1060 2.05 32.29 -22.01
N PHE D 1061 2.92 31.30 -21.82
CA PHE D 1061 3.56 31.14 -20.52
C PHE D 1061 4.60 32.22 -20.28
N ARG D 1062 5.28 32.70 -21.35
CA ARG D 1062 6.13 33.88 -21.21
C ARG D 1062 5.29 35.09 -20.85
N GLU D 1063 4.19 35.29 -21.57
CA GLU D 1063 3.39 36.49 -21.34
C GLU D 1063 2.79 36.49 -19.94
N GLY D 1064 2.18 35.38 -19.54
CA GLY D 1064 1.45 35.33 -18.28
C GLY D 1064 -0.03 35.17 -18.51
N LEU D 1065 -0.67 34.37 -17.67
CA LEU D 1065 -2.09 34.06 -17.80
C LEU D 1065 -2.92 34.94 -16.88
N THR D 1066 -4.14 35.23 -17.33
CA THR D 1066 -5.12 35.83 -16.46
C THR D 1066 -5.57 34.79 -15.43
N VAL D 1067 -5.88 35.26 -14.21
CA VAL D 1067 -6.35 34.31 -13.21
C VAL D 1067 -7.43 33.43 -13.80
N LEU D 1068 -8.33 34.02 -14.57
CA LEU D 1068 -9.37 33.24 -15.23
C LEU D 1068 -8.77 32.21 -16.18
N GLU D 1069 -7.84 32.63 -17.03
CA GLU D 1069 -7.16 31.67 -17.88
C GLU D 1069 -6.50 30.58 -17.04
N TYR D 1070 -5.91 30.95 -15.90
CA TYR D 1070 -5.26 29.95 -15.07
C TYR D 1070 -6.27 28.95 -14.52
N PHE D 1071 -7.45 29.43 -14.11
CA PHE D 1071 -8.45 28.54 -13.53
C PHE D 1071 -9.02 27.59 -14.58
N ILE D 1072 -9.54 28.12 -15.68
CA ILE D 1072 -10.02 27.32 -16.79
C ILE D 1072 -9.01 26.19 -17.03
N SER D 1073 -7.73 26.55 -17.04
CA SER D 1073 -6.67 25.63 -17.43
C SER D 1073 -6.41 24.56 -16.37
N SER D 1074 -7.16 24.59 -15.27
CA SER D 1074 -6.94 23.76 -14.09
C SER D 1074 -7.67 22.44 -14.20
N HIS D 1075 -8.95 22.50 -14.59
CA HIS D 1075 -9.73 21.30 -14.88
C HIS D 1075 -8.93 20.28 -15.69
N GLY D 1076 -8.35 20.71 -16.81
CA GLY D 1076 -7.65 19.76 -17.64
C GLY D 1076 -6.57 19.01 -16.87
N ALA D 1077 -5.71 19.75 -16.17
CA ALA D 1077 -4.58 19.11 -15.53
C ALA D 1077 -5.01 18.13 -14.46
N ARG D 1078 -6.02 18.51 -13.66
CA ARG D 1078 -6.54 17.60 -12.63
C ARG D 1078 -7.18 16.37 -13.25
N LYS D 1079 -8.08 16.58 -14.22
CA LYS D 1079 -8.66 15.46 -14.95
C LYS D 1079 -7.62 14.59 -15.61
N GLY D 1080 -6.36 14.98 -15.64
CA GLY D 1080 -5.33 14.12 -16.19
C GLY D 1080 -4.56 13.53 -15.05
N GLY D 1081 -4.55 14.25 -13.93
CA GLY D 1081 -3.96 13.71 -12.72
C GLY D 1081 -4.72 12.49 -12.25
N ALA D 1082 -6.04 12.59 -12.20
CA ALA D 1082 -6.90 11.45 -11.90
C ALA D 1082 -6.70 10.34 -12.92
N ASP D 1083 -6.62 10.70 -14.20
CA ASP D 1083 -6.37 9.72 -15.26
C ASP D 1083 -5.15 8.85 -14.96
N THR D 1084 -3.98 9.47 -14.82
CA THR D 1084 -2.78 8.67 -14.59
C THR D 1084 -2.88 7.82 -13.33
N ALA D 1085 -3.74 8.20 -12.37
CA ALA D 1085 -3.82 7.45 -11.11
C ALA D 1085 -4.73 6.23 -11.21
N LEU D 1086 -5.92 6.40 -11.80
CA LEU D 1086 -6.75 5.23 -12.07
C LEU D 1086 -6.09 4.33 -13.10
N ARG D 1087 -5.87 4.84 -14.32
CA ARG D 1087 -5.24 4.08 -15.40
C ARG D 1087 -4.12 3.16 -14.90
N THR D 1088 -3.17 3.72 -14.15
CA THR D 1088 -2.07 2.90 -13.67
C THR D 1088 -2.56 1.57 -13.14
N ALA D 1089 -3.59 1.61 -12.28
CA ALA D 1089 -4.13 0.37 -11.74
C ALA D 1089 -4.46 -0.64 -12.83
N ASP D 1090 -4.93 -0.18 -13.99
CA ASP D 1090 -5.33 -1.10 -15.03
C ASP D 1090 -4.13 -1.64 -15.80
N SER D 1091 -3.24 -0.76 -16.22
CA SER D 1091 -1.97 -1.23 -16.79
C SER D 1091 -1.39 -2.31 -15.88
N GLY D 1092 -1.28 -2.01 -14.59
CA GLY D 1092 -0.65 -2.94 -13.67
C GLY D 1092 -1.38 -4.27 -13.63
N TYR D 1093 -2.68 -4.22 -13.36
CA TYR D 1093 -3.53 -5.40 -13.41
C TYR D 1093 -3.37 -6.12 -14.75
N LEU D 1094 -3.46 -5.38 -15.87
CA LEU D 1094 -3.31 -6.01 -17.18
C LEU D 1094 -2.00 -6.76 -17.28
N THR D 1095 -0.90 -6.15 -16.82
CA THR D 1095 0.38 -6.85 -16.89
C THR D 1095 0.31 -8.18 -16.15
N ARG D 1096 -0.34 -8.21 -14.98
CA ARG D 1096 -0.33 -9.43 -14.17
C ARG D 1096 -1.10 -10.54 -14.82
N LYS D 1097 -2.22 -10.21 -15.45
CA LYS D 1097 -2.90 -11.21 -16.24
C LYS D 1097 -1.93 -11.78 -17.27
N LEU D 1098 -1.33 -10.90 -18.09
CA LEU D 1098 -0.41 -11.29 -19.16
C LEU D 1098 0.65 -12.27 -18.67
N VAL D 1099 1.27 -11.98 -17.52
CA VAL D 1099 2.25 -12.90 -16.95
C VAL D 1099 1.61 -14.24 -16.59
N ASP D 1100 0.43 -14.20 -15.95
CA ASP D 1100 -0.13 -15.49 -15.53
C ASP D 1100 -0.48 -16.35 -16.72
N VAL D 1101 -0.77 -15.74 -17.87
CA VAL D 1101 -1.19 -16.53 -19.01
C VAL D 1101 -0.04 -16.98 -19.91
N THR D 1102 1.16 -16.36 -19.79
CA THR D 1102 2.32 -16.68 -20.63
C THR D 1102 3.50 -17.30 -19.87
N HIS D 1103 3.50 -17.23 -18.54
CA HIS D 1103 4.70 -17.54 -17.75
C HIS D 1103 5.26 -18.91 -18.09
N GLU D 1104 4.41 -19.88 -18.36
CA GLU D 1104 5.02 -21.19 -18.58
C GLU D 1104 5.73 -21.30 -19.93
N ILE D 1105 5.65 -20.26 -20.75
CA ILE D 1105 6.10 -20.31 -22.14
C ILE D 1105 7.59 -20.01 -22.16
N VAL D 1106 8.38 -21.04 -22.49
CA VAL D 1106 9.84 -20.98 -22.53
C VAL D 1106 10.26 -21.47 -23.91
N VAL D 1107 11.53 -21.29 -24.25
CA VAL D 1107 12.03 -21.76 -25.53
C VAL D 1107 12.63 -23.14 -25.27
N ARG D 1108 11.84 -24.18 -25.52
CA ARG D 1108 12.16 -25.49 -24.97
C ARG D 1108 12.96 -26.39 -25.91
N GLU D 1109 13.11 -26.04 -27.19
CA GLU D 1109 13.80 -26.89 -28.15
C GLU D 1109 14.22 -26.05 -29.36
N ALA D 1110 14.97 -26.69 -30.27
CA ALA D 1110 15.58 -26.01 -31.41
C ALA D 1110 14.61 -25.84 -32.57
N ASP D 1111 13.97 -26.92 -33.02
CA ASP D 1111 12.96 -26.82 -34.06
C ASP D 1111 11.89 -27.85 -33.82
N CYS D 1112 10.63 -27.43 -33.83
CA CYS D 1112 9.47 -28.30 -33.74
C CYS D 1112 9.04 -28.83 -35.09
N GLY D 1113 9.87 -28.70 -36.12
CA GLY D 1113 9.56 -29.28 -37.41
C GLY D 1113 8.21 -28.93 -38.00
N THR D 1114 7.57 -27.86 -37.54
CA THR D 1114 6.29 -27.55 -38.13
C THR D 1114 6.45 -27.02 -39.55
N THR D 1115 5.65 -27.57 -40.45
CA THR D 1115 5.57 -27.09 -41.81
C THR D 1115 4.62 -25.91 -41.98
N ASN D 1116 4.11 -25.31 -40.88
CA ASN D 1116 3.12 -24.24 -40.96
C ASN D 1116 3.76 -22.91 -40.61
N TYR D 1117 3.18 -21.84 -41.15
CA TYR D 1117 3.81 -20.52 -41.11
C TYR D 1117 2.69 -19.49 -41.23
N ILE D 1118 3.06 -18.20 -41.14
CA ILE D 1118 2.11 -17.13 -41.36
C ILE D 1118 2.69 -16.14 -42.37
N SER D 1119 1.81 -15.48 -43.10
CA SER D 1119 2.18 -14.59 -44.20
C SER D 1119 1.91 -13.16 -43.79
N VAL D 1120 2.97 -12.48 -43.36
CA VAL D 1120 2.94 -11.06 -43.03
C VAL D 1120 2.64 -10.25 -44.28
N PRO D 1121 1.57 -9.45 -44.33
CA PRO D 1121 1.36 -8.57 -45.49
C PRO D 1121 2.28 -7.36 -45.43
N LEU D 1122 2.81 -6.97 -46.60
CA LEU D 1122 3.45 -5.66 -46.75
C LEU D 1122 2.48 -4.61 -47.25
N PHE D 1123 1.25 -4.98 -47.57
CA PHE D 1123 0.27 -4.07 -48.13
C PHE D 1123 -0.99 -4.05 -47.29
N GLN D 1124 -1.58 -2.87 -47.13
CA GLN D 1124 -2.80 -2.68 -46.36
C GLN D 1124 -3.95 -2.34 -47.30
N PRO D 1125 -5.02 -3.19 -47.36
CA PRO D 1125 -6.13 -2.91 -48.29
C PRO D 1125 -7.01 -1.77 -47.80
N ASP D 1126 -6.83 -0.61 -48.44
CA ASP D 1126 -7.45 0.66 -48.08
C ASP D 1126 -8.97 0.62 -48.18
N GLU D 1127 -9.59 1.74 -47.80
CA GLU D 1127 -10.91 2.12 -48.28
C GLU D 1127 -10.88 3.53 -48.85
N VAL D 1128 -9.74 4.23 -48.72
CA VAL D 1128 -9.55 5.53 -49.36
C VAL D 1128 -9.46 5.36 -50.88
N THR D 1129 -8.45 4.62 -51.34
CA THR D 1129 -8.45 4.07 -52.68
C THR D 1129 -9.04 2.66 -52.70
N ARG D 1130 -9.18 2.04 -51.53
CA ARG D 1130 -9.54 0.63 -51.32
C ARG D 1130 -8.78 -0.24 -52.30
N SER D 1131 -7.63 0.28 -52.75
CA SER D 1131 -6.54 -0.47 -53.36
C SER D 1131 -5.54 -0.81 -52.27
N LEU D 1132 -4.51 -1.57 -52.62
CA LEU D 1132 -3.43 -1.83 -51.70
C LEU D 1132 -2.43 -0.66 -51.69
N ARG D 1133 -2.15 -0.11 -50.51
CA ARG D 1133 -1.05 0.81 -50.29
C ARG D 1133 0.02 0.11 -49.45
N LEU D 1134 1.28 0.49 -49.66
CA LEU D 1134 2.34 -0.09 -48.84
C LEU D 1134 1.97 0.14 -47.38
N ARG D 1135 2.51 -0.65 -46.44
CA ARG D 1135 2.31 -0.38 -45.02
C ARG D 1135 3.46 0.45 -44.45
N LYS D 1136 3.17 1.22 -43.38
CA LYS D 1136 4.20 2.01 -42.71
C LYS D 1136 5.44 1.17 -42.38
N ARG D 1137 6.61 1.78 -42.51
CA ARG D 1137 7.87 1.03 -42.39
C ARG D 1137 8.01 0.42 -41.01
N ALA D 1138 7.84 1.23 -39.95
CA ALA D 1138 7.92 0.73 -38.59
C ALA D 1138 6.98 -0.46 -38.34
N ASP D 1139 5.78 -0.41 -38.94
CA ASP D 1139 4.85 -1.52 -38.78
C ASP D 1139 5.38 -2.78 -39.45
N ILE D 1140 6.01 -2.66 -40.61
CA ILE D 1140 6.56 -3.83 -41.29
C ILE D 1140 7.79 -4.33 -40.55
N GLU D 1141 8.62 -3.41 -40.06
CA GLU D 1141 9.76 -3.82 -39.25
C GLU D 1141 9.31 -4.69 -38.09
N ALA D 1142 8.17 -4.35 -37.47
CA ALA D 1142 7.64 -5.06 -36.30
C ALA D 1142 6.92 -6.38 -36.63
N GLY D 1143 6.50 -6.59 -37.87
CA GLY D 1143 6.05 -7.92 -38.26
C GLY D 1143 7.16 -8.84 -38.76
N LEU D 1144 8.36 -8.28 -39.10
CA LEU D 1144 9.39 -8.98 -39.87
C LEU D 1144 10.76 -9.09 -39.21
N TYR D 1145 11.18 -8.08 -38.44
CA TYR D 1145 12.56 -8.07 -37.98
C TYR D 1145 12.84 -9.28 -37.11
N GLY D 1146 13.89 -10.01 -37.46
CA GLY D 1146 14.29 -11.17 -36.68
C GLY D 1146 13.51 -12.45 -36.92
N ARG D 1147 12.55 -12.45 -37.85
CA ARG D 1147 11.75 -13.63 -38.14
C ARG D 1147 12.60 -14.71 -38.79
N VAL D 1148 11.98 -15.83 -39.17
CA VAL D 1148 12.65 -16.89 -39.89
C VAL D 1148 11.77 -17.27 -41.06
N LEU D 1149 12.31 -17.15 -42.28
CA LEU D 1149 11.51 -17.45 -43.45
C LEU D 1149 11.16 -18.93 -43.45
N ALA D 1150 9.88 -19.22 -43.67
CA ALA D 1150 9.46 -20.60 -43.76
C ALA D 1150 9.47 -21.13 -45.18
N ARG D 1151 9.72 -20.27 -46.16
CA ARG D 1151 9.87 -20.66 -47.56
C ARG D 1151 10.91 -19.76 -48.19
N GLU D 1152 11.46 -20.21 -49.32
CA GLU D 1152 12.43 -19.40 -50.06
C GLU D 1152 11.77 -18.12 -50.58
N VAL D 1153 12.58 -17.07 -50.71
CA VAL D 1153 12.15 -15.86 -51.39
C VAL D 1153 13.25 -15.40 -52.34
N GLU D 1154 12.86 -14.97 -53.53
CA GLU D 1154 13.81 -14.52 -54.52
C GLU D 1154 13.29 -13.18 -55.07
N VAL D 1155 13.93 -12.09 -54.66
CA VAL D 1155 13.51 -10.76 -55.07
C VAL D 1155 14.72 -9.87 -55.33
N LEU D 1156 14.62 -9.05 -56.38
CA LEU D 1156 15.71 -8.19 -56.85
C LEU D 1156 17.02 -8.97 -56.89
N GLY D 1157 17.00 -10.11 -57.57
CA GLY D 1157 18.17 -10.95 -57.73
C GLY D 1157 18.71 -11.54 -56.46
N VAL D 1158 18.19 -11.16 -55.31
CA VAL D 1158 18.66 -11.77 -54.07
C VAL D 1158 17.87 -13.03 -53.75
N ARG D 1159 18.54 -13.99 -53.14
CA ARG D 1159 17.91 -15.23 -52.71
C ARG D 1159 17.96 -15.27 -51.20
N LEU D 1160 16.80 -15.03 -50.57
CA LEU D 1160 16.63 -15.24 -49.13
C LEU D 1160 16.15 -16.66 -48.91
N GLU D 1161 16.91 -17.43 -48.15
CA GLU D 1161 16.70 -18.87 -48.05
C GLU D 1161 15.76 -19.23 -46.90
N GLU D 1162 15.12 -20.39 -47.03
CA GLU D 1162 14.36 -20.96 -45.92
C GLU D 1162 15.31 -21.11 -44.72
N GLY D 1163 14.85 -20.71 -43.56
CA GLY D 1163 15.64 -20.83 -42.36
C GLY D 1163 16.41 -19.58 -41.99
N ARG D 1164 16.37 -18.57 -42.85
CA ARG D 1164 17.18 -17.39 -42.61
C ARG D 1164 16.50 -16.45 -41.63
N TYR D 1165 17.27 -15.93 -40.68
CA TYR D 1165 16.80 -14.92 -39.76
C TYR D 1165 16.88 -13.55 -40.43
N LEU D 1166 15.74 -12.98 -40.81
CA LEU D 1166 15.76 -11.67 -41.47
C LEU D 1166 16.42 -10.64 -40.57
N SER D 1167 17.56 -10.12 -41.03
CA SER D 1167 18.28 -9.02 -40.41
C SER D 1167 17.59 -7.70 -40.68
N MET D 1168 17.97 -6.67 -39.94
CA MET D 1168 17.27 -5.41 -40.15
C MET D 1168 17.40 -4.97 -41.59
N ASP D 1169 18.49 -5.37 -42.25
CA ASP D 1169 18.69 -5.10 -43.67
C ASP D 1169 17.88 -6.03 -44.55
N ASP D 1170 17.84 -7.33 -44.23
CA ASP D 1170 16.92 -8.19 -44.95
C ASP D 1170 15.54 -7.56 -45.00
N VAL D 1171 15.17 -6.83 -43.95
CA VAL D 1171 13.83 -6.26 -43.92
C VAL D 1171 13.73 -5.11 -44.90
N HIS D 1172 14.62 -4.12 -44.76
CA HIS D 1172 14.59 -2.94 -45.62
C HIS D 1172 14.64 -3.34 -47.08
N LEU D 1173 15.43 -4.38 -47.40
CA LEU D 1173 15.40 -4.95 -48.73
C LEU D 1173 13.97 -5.29 -49.17
N LEU D 1174 13.32 -6.21 -48.47
CA LEU D 1174 11.99 -6.69 -48.89
C LEU D 1174 10.99 -5.55 -49.04
N ILE D 1175 11.07 -4.51 -48.23
CA ILE D 1175 10.22 -3.34 -48.46
C ILE D 1175 10.48 -2.80 -49.86
N LYS D 1176 11.76 -2.71 -50.25
CA LYS D 1176 12.11 -2.22 -51.58
C LYS D 1176 11.63 -3.18 -52.66
N ALA D 1177 11.80 -4.49 -52.45
CA ALA D 1177 11.25 -5.46 -53.39
C ALA D 1177 9.75 -5.29 -53.53
N ALA D 1178 9.08 -4.90 -52.45
CA ALA D 1178 7.64 -4.72 -52.47
C ALA D 1178 7.25 -3.40 -53.14
N GLU D 1179 8.04 -2.35 -52.93
CA GLU D 1179 7.82 -1.12 -53.68
C GLU D 1179 7.98 -1.36 -55.16
N ALA D 1180 8.77 -2.37 -55.54
CA ALA D 1180 8.98 -2.71 -56.93
C ALA D 1180 7.82 -3.53 -57.49
N GLY D 1181 7.25 -4.40 -56.67
CA GLY D 1181 6.14 -5.23 -57.11
C GLY D 1181 6.46 -6.70 -57.12
N GLU D 1182 7.64 -7.07 -56.58
CA GLU D 1182 8.07 -8.46 -56.61
C GLU D 1182 7.55 -9.29 -55.45
N ILE D 1183 6.87 -8.67 -54.48
CA ILE D 1183 6.49 -9.37 -53.27
C ILE D 1183 5.36 -8.60 -52.60
N GLN D 1184 4.40 -9.35 -52.04
CA GLN D 1184 3.26 -8.79 -51.35
C GLN D 1184 3.09 -9.27 -49.91
N GLU D 1185 3.66 -10.42 -49.56
CA GLU D 1185 3.60 -10.97 -48.22
C GLU D 1185 4.70 -12.01 -48.05
N VAL D 1186 5.36 -11.97 -46.90
CA VAL D 1186 6.57 -12.73 -46.62
C VAL D 1186 6.20 -13.89 -45.71
N PRO D 1187 6.52 -15.13 -46.07
CA PRO D 1187 6.19 -16.30 -45.23
C PRO D 1187 7.18 -16.47 -44.10
N VAL D 1188 6.67 -16.44 -42.87
CA VAL D 1188 7.51 -16.27 -41.69
C VAL D 1188 7.10 -17.27 -40.62
N ARG D 1189 8.09 -17.83 -39.93
CA ARG D 1189 7.84 -18.76 -38.84
C ARG D 1189 7.45 -18.02 -37.57
N SER D 1190 6.17 -18.06 -37.26
CA SER D 1190 5.56 -17.40 -36.12
C SER D 1190 5.38 -18.35 -34.98
N PRO D 1191 5.24 -17.82 -33.76
CA PRO D 1191 4.85 -18.68 -32.65
C PRO D 1191 3.35 -18.94 -32.63
N LEU D 1192 2.53 -18.17 -33.34
CA LEU D 1192 1.15 -18.60 -33.57
C LEU D 1192 1.07 -20.00 -34.15
N THR D 1193 2.19 -20.56 -34.59
CA THR D 1193 2.15 -21.86 -35.24
C THR D 1193 3.21 -22.82 -34.75
N CYS D 1194 4.00 -22.45 -33.76
CA CYS D 1194 4.91 -23.41 -33.20
C CYS D 1194 4.08 -24.58 -32.68
N GLN D 1195 4.66 -25.77 -32.77
CA GLN D 1195 4.06 -26.98 -32.24
C GLN D 1195 4.84 -27.51 -31.05
N THR D 1196 5.85 -26.79 -30.57
CA THR D 1196 6.47 -27.17 -29.32
C THR D 1196 5.42 -27.10 -28.21
N ARG D 1197 5.35 -28.16 -27.40
CA ARG D 1197 4.42 -28.18 -26.29
C ARG D 1197 4.98 -27.45 -25.09
N TYR D 1198 4.14 -26.59 -24.49
CA TYR D 1198 4.47 -25.83 -23.28
C TYR D 1198 5.42 -24.67 -23.54
N GLY D 1199 5.91 -24.50 -24.75
CA GLY D 1199 6.80 -23.40 -25.06
C GLY D 1199 6.69 -23.03 -26.51
N VAL D 1200 7.81 -22.54 -27.06
CA VAL D 1200 8.06 -22.46 -28.50
C VAL D 1200 9.48 -22.94 -28.72
N CYS D 1201 9.80 -23.19 -30.00
CA CYS D 1201 11.14 -23.50 -30.48
C CYS D 1201 11.89 -22.23 -30.90
N GLN D 1202 13.14 -22.40 -31.36
CA GLN D 1202 13.99 -21.28 -31.76
C GLN D 1202 13.48 -20.61 -33.02
N LYS D 1203 13.29 -21.41 -34.09
CA LYS D 1203 12.93 -20.89 -35.41
C LYS D 1203 11.63 -20.10 -35.37
N CYS D 1204 10.60 -20.65 -34.75
CA CYS D 1204 9.33 -19.96 -34.72
C CYS D 1204 9.42 -18.66 -33.92
N TYR D 1205 10.37 -18.57 -32.98
CA TYR D 1205 10.59 -17.32 -32.27
C TYR D 1205 11.33 -16.27 -33.11
N GLY D 1206 12.61 -16.51 -33.44
CA GLY D 1206 13.44 -15.49 -34.05
C GLY D 1206 14.53 -14.94 -33.15
N TYR D 1207 14.89 -13.67 -33.32
CA TYR D 1207 16.01 -13.11 -32.57
C TYR D 1207 15.64 -12.97 -31.12
N ASP D 1208 16.66 -13.00 -30.26
CA ASP D 1208 16.54 -12.40 -28.93
C ASP D 1208 16.80 -10.91 -29.15
N LEU D 1209 15.77 -10.18 -29.54
CA LEU D 1209 15.90 -8.77 -29.87
C LEU D 1209 16.91 -8.07 -28.98
N SER D 1210 16.94 -8.39 -27.68
CA SER D 1210 17.94 -7.76 -26.82
C SER D 1210 19.37 -7.96 -27.35
N MET D 1211 19.58 -8.94 -28.25
CA MET D 1211 20.90 -9.33 -28.75
C MET D 1211 20.99 -9.39 -30.28
N ALA D 1212 19.96 -8.96 -30.98
CA ALA D 1212 19.93 -8.95 -32.45
C ALA D 1212 20.53 -10.20 -33.06
N ARG D 1213 20.17 -11.35 -32.48
CA ARG D 1213 20.64 -12.62 -33.00
C ARG D 1213 19.69 -13.72 -32.54
N PRO D 1214 19.82 -14.90 -33.09
CA PRO D 1214 18.81 -15.91 -32.79
C PRO D 1214 18.80 -16.24 -31.31
N VAL D 1215 17.61 -16.67 -30.84
CA VAL D 1215 17.32 -16.68 -29.41
C VAL D 1215 17.88 -17.94 -28.80
N SER D 1216 18.44 -17.83 -27.60
CA SER D 1216 19.03 -18.97 -26.93
C SER D 1216 17.94 -19.85 -26.32
N ILE D 1217 17.95 -21.15 -26.66
CA ILE D 1217 17.04 -22.08 -26.01
C ILE D 1217 17.16 -21.92 -24.50
N GLY D 1218 16.03 -21.72 -23.85
CA GLY D 1218 16.00 -21.46 -22.43
C GLY D 1218 15.48 -20.09 -22.09
N GLU D 1219 15.30 -19.22 -23.08
CA GLU D 1219 14.81 -17.87 -22.81
C GLU D 1219 13.34 -17.95 -22.41
N ALA D 1220 12.99 -17.31 -21.30
CA ALA D 1220 11.62 -17.26 -20.85
C ALA D 1220 10.90 -16.20 -21.69
N VAL D 1221 10.52 -16.58 -22.92
CA VAL D 1221 9.95 -15.60 -23.84
C VAL D 1221 8.61 -15.10 -23.34
N GLY D 1222 7.74 -16.01 -22.85
CA GLY D 1222 6.43 -15.60 -22.38
C GLY D 1222 6.48 -14.48 -21.36
N ILE D 1223 7.30 -14.63 -20.32
CA ILE D 1223 7.52 -13.53 -19.40
C ILE D 1223 8.04 -12.29 -20.14
N VAL D 1224 9.01 -12.46 -21.06
CA VAL D 1224 9.49 -11.30 -21.82
C VAL D 1224 8.32 -10.65 -22.55
N ALA D 1225 7.58 -11.43 -23.35
CA ALA D 1225 6.35 -10.94 -23.97
C ALA D 1225 5.51 -10.06 -23.04
N ALA D 1226 5.22 -10.57 -21.85
CA ALA D 1226 4.29 -9.86 -20.98
C ALA D 1226 4.86 -8.51 -20.59
N GLN D 1227 6.08 -8.53 -20.06
CA GLN D 1227 6.74 -7.29 -19.68
C GLN D 1227 6.83 -6.33 -20.86
N SER D 1228 6.93 -6.88 -22.08
CA SER D 1228 7.05 -6.07 -23.27
C SER D 1228 5.74 -5.39 -23.64
N ILE D 1229 4.61 -5.89 -23.20
CA ILE D 1229 3.34 -5.32 -23.60
C ILE D 1229 2.79 -4.43 -22.50
N GLY D 1230 3.12 -4.78 -21.26
CA GLY D 1230 2.58 -4.07 -20.12
C GLY D 1230 3.32 -2.78 -19.86
N GLU D 1231 4.63 -2.78 -20.09
CA GLU D 1231 5.44 -1.66 -19.63
C GLU D 1231 5.05 -0.37 -20.30
N PRO D 1232 4.64 -0.36 -21.57
CA PRO D 1232 4.14 0.87 -22.19
C PRO D 1232 2.89 1.45 -21.56
N GLY D 1233 1.89 0.64 -21.16
CA GLY D 1233 0.62 1.27 -20.80
C GLY D 1233 0.77 2.01 -19.49
N THR D 1234 0.94 3.33 -19.53
CA THR D 1234 0.85 4.18 -18.34
C THR D 1234 0.26 5.58 -18.55
N GLN D 1235 0.63 6.36 -19.59
CA GLN D 1235 1.44 6.08 -20.81
C GLN D 1235 0.66 5.55 -22.06
N LEU D 1236 -0.68 5.48 -22.02
CA LEU D 1236 -1.55 5.17 -23.19
C LEU D 1236 -2.86 5.93 -23.05
N THR D 1237 -2.96 7.11 -23.65
CA THR D 1237 -4.04 8.06 -23.34
C THR D 1237 -5.06 8.13 -24.48
N MET D 1238 -6.30 7.69 -24.18
CA MET D 1238 -7.43 7.72 -25.12
C MET D 1238 -7.83 9.15 -25.51
N GLN D 1254 -9.78 4.44 -28.69
CA GLN D 1254 -9.73 4.33 -27.23
C GLN D 1254 -8.27 4.15 -26.79
N GLY D 1255 -8.00 4.32 -25.51
CA GLY D 1255 -6.63 4.23 -25.06
C GLY D 1255 -6.25 2.81 -24.71
N LEU D 1256 -5.64 2.67 -23.55
CA LEU D 1256 -5.44 1.36 -22.94
C LEU D 1256 -6.71 0.51 -22.85
N PRO D 1257 -7.87 1.06 -22.50
CA PRO D 1257 -9.12 0.32 -22.60
C PRO D 1257 -9.22 -0.62 -23.78
N ARG D 1258 -9.03 -0.08 -24.98
CA ARG D 1258 -9.21 -0.87 -26.19
C ARG D 1258 -8.29 -2.09 -26.18
N VAL D 1259 -7.04 -1.91 -25.75
CA VAL D 1259 -6.15 -3.05 -25.53
C VAL D 1259 -6.81 -4.07 -24.59
N ILE D 1260 -7.32 -3.60 -23.46
CA ILE D 1260 -7.90 -4.54 -22.50
C ILE D 1260 -9.11 -5.24 -23.11
N GLU D 1261 -10.00 -4.48 -23.74
CA GLU D 1261 -11.16 -5.09 -24.37
C GLU D 1261 -10.75 -6.15 -25.38
N LEU D 1262 -9.55 -6.05 -25.95
CA LEU D 1262 -9.06 -7.05 -26.89
C LEU D 1262 -8.39 -8.23 -26.20
N PHE D 1263 -7.53 -7.97 -25.21
CA PHE D 1263 -6.83 -9.08 -24.58
C PHE D 1263 -7.78 -9.97 -23.82
N GLU D 1264 -8.87 -9.42 -23.28
CA GLU D 1264 -9.89 -10.21 -22.63
C GLU D 1264 -10.88 -10.86 -23.60
N ALA D 1265 -10.94 -10.43 -24.86
CA ALA D 1265 -11.84 -11.04 -25.84
C ALA D 1265 -13.29 -10.70 -25.53
N ARG D 1266 -13.50 -9.51 -24.98
CA ARG D 1266 -14.81 -9.00 -24.72
C ARG D 1266 -15.48 -8.50 -25.99
N ARG D 1267 -16.80 -8.65 -26.04
CA ARG D 1267 -17.58 -8.16 -27.18
C ARG D 1267 -17.81 -6.67 -27.03
N PRO D 1268 -17.32 -5.84 -27.94
CA PRO D 1268 -17.36 -4.39 -27.75
C PRO D 1268 -18.80 -3.88 -27.76
N LYS D 1269 -18.98 -2.70 -27.16
CA LYS D 1269 -20.33 -2.16 -27.05
C LYS D 1269 -20.85 -1.74 -28.42
N ALA D 1270 -20.10 -0.87 -29.12
CA ALA D 1270 -20.49 -0.43 -30.45
C ALA D 1270 -19.96 -1.47 -31.44
N LYS D 1271 -20.66 -2.61 -31.49
CA LYS D 1271 -20.17 -3.78 -32.21
C LYS D 1271 -20.57 -3.71 -33.68
N ALA D 1272 -19.61 -3.99 -34.56
CA ALA D 1272 -19.90 -4.19 -35.97
C ALA D 1272 -20.64 -5.50 -36.17
N VAL D 1273 -21.25 -5.61 -37.34
CA VAL D 1273 -22.07 -6.76 -37.74
C VAL D 1273 -21.41 -7.36 -38.97
N ILE D 1274 -21.01 -8.62 -38.88
CA ILE D 1274 -20.24 -9.22 -39.95
C ILE D 1274 -21.10 -10.27 -40.64
N SER D 1275 -20.74 -10.58 -41.88
CA SER D 1275 -21.51 -11.55 -42.65
C SER D 1275 -21.15 -12.95 -42.21
N GLU D 1276 -22.17 -13.82 -42.12
CA GLU D 1276 -21.92 -15.17 -41.64
C GLU D 1276 -21.39 -16.10 -42.73
N ILE D 1277 -21.66 -15.79 -44.00
CA ILE D 1277 -21.35 -16.68 -45.13
C ILE D 1277 -20.91 -15.84 -46.33
N ASP D 1278 -20.55 -16.54 -47.41
CA ASP D 1278 -20.32 -15.92 -48.71
C ASP D 1278 -21.65 -15.59 -49.38
N GLY D 1279 -21.66 -14.49 -50.12
CA GLY D 1279 -22.88 -14.04 -50.78
C GLY D 1279 -22.66 -12.67 -51.38
N VAL D 1280 -23.77 -11.97 -51.64
CA VAL D 1280 -23.73 -10.61 -52.16
C VAL D 1280 -24.91 -9.81 -51.64
N VAL D 1281 -24.73 -8.48 -51.60
CA VAL D 1281 -25.54 -7.61 -50.77
C VAL D 1281 -26.66 -6.97 -51.58
N ARG D 1282 -27.69 -6.50 -50.87
CA ARG D 1282 -28.67 -5.58 -51.45
C ARG D 1282 -29.31 -4.80 -50.32
N ILE D 1283 -29.31 -3.47 -50.45
CA ILE D 1283 -29.80 -2.59 -49.40
C ILE D 1283 -31.31 -2.47 -49.48
N GLU D 1284 -31.91 -1.99 -48.40
CA GLU D 1284 -33.35 -1.68 -48.41
C GLU D 1284 -33.61 -0.66 -47.30
N GLU D 1285 -33.71 0.62 -47.67
CA GLU D 1285 -33.77 1.72 -46.69
C GLU D 1285 -35.14 2.37 -46.73
N THR D 1286 -36.02 1.95 -45.81
CA THR D 1286 -37.30 2.60 -45.60
C THR D 1286 -37.24 3.46 -44.33
N GLU D 1287 -38.30 4.23 -44.11
CA GLU D 1287 -38.28 5.27 -43.08
C GLU D 1287 -37.87 4.71 -41.73
N GLU D 1288 -38.68 3.81 -41.17
CA GLU D 1288 -38.43 3.29 -39.84
C GLU D 1288 -37.81 1.90 -39.86
N LYS D 1289 -37.05 1.56 -40.91
CA LYS D 1289 -36.23 0.36 -40.86
C LYS D 1289 -35.29 0.35 -42.06
N LEU D 1290 -34.08 -0.14 -41.83
CA LEU D 1290 -33.03 -0.22 -42.86
C LEU D 1290 -32.32 -1.56 -42.64
N SER D 1291 -32.76 -2.58 -43.39
CA SER D 1291 -32.21 -3.93 -43.28
C SER D 1291 -31.37 -4.24 -44.51
N VAL D 1292 -30.40 -5.13 -44.33
CA VAL D 1292 -29.45 -5.49 -45.38
C VAL D 1292 -29.36 -7.01 -45.48
N PHE D 1293 -29.28 -7.50 -46.71
CA PHE D 1293 -29.29 -8.93 -47.01
C PHE D 1293 -28.01 -9.31 -47.73
N VAL D 1294 -27.34 -10.37 -47.27
CA VAL D 1294 -26.21 -10.96 -48.00
C VAL D 1294 -26.75 -12.23 -48.66
N GLU D 1295 -27.26 -12.09 -49.88
CA GLU D 1295 -27.95 -13.18 -50.56
C GLU D 1295 -26.95 -14.13 -51.22
N SER D 1296 -27.21 -15.43 -51.07
CA SER D 1296 -26.31 -16.48 -51.50
C SER D 1296 -26.98 -17.40 -52.53
N GLU D 1297 -26.12 -18.06 -53.31
CA GLU D 1297 -26.58 -18.97 -54.36
C GLU D 1297 -27.52 -20.04 -53.83
N GLY D 1298 -27.50 -20.28 -52.52
CA GLY D 1298 -28.55 -21.00 -51.82
C GLY D 1298 -29.48 -19.99 -51.17
N PHE D 1299 -29.58 -20.01 -49.84
CA PHE D 1299 -30.43 -19.07 -49.13
C PHE D 1299 -29.58 -18.18 -48.22
N SER D 1300 -30.21 -17.15 -47.63
CA SER D 1300 -29.48 -16.11 -46.90
C SER D 1300 -30.26 -15.64 -45.67
N LYS D 1301 -29.60 -14.74 -44.91
CA LYS D 1301 -30.15 -14.13 -43.70
C LYS D 1301 -30.18 -12.61 -43.85
N GLU D 1302 -30.99 -11.98 -42.99
CA GLU D 1302 -31.31 -10.56 -43.01
C GLU D 1302 -30.68 -9.89 -41.79
N TYR D 1303 -30.08 -8.72 -42.00
CA TYR D 1303 -29.33 -8.04 -40.94
C TYR D 1303 -30.01 -6.72 -40.60
N LYS D 1304 -30.87 -6.76 -39.59
CA LYS D 1304 -31.45 -5.53 -39.04
C LYS D 1304 -30.36 -4.65 -38.44
N LEU D 1305 -30.48 -3.33 -38.59
CA LEU D 1305 -29.56 -2.43 -37.93
C LEU D 1305 -30.14 -1.02 -37.88
N PRO D 1306 -29.80 -0.22 -36.85
CA PRO D 1306 -30.29 1.16 -36.77
C PRO D 1306 -29.83 2.00 -37.96
N LYS D 1307 -30.71 2.91 -38.40
CA LYS D 1307 -30.57 3.47 -39.73
C LYS D 1307 -29.25 4.21 -39.92
N GLU D 1308 -28.96 5.17 -39.03
CA GLU D 1308 -27.76 5.96 -39.30
C GLU D 1308 -26.47 5.16 -39.14
N ALA D 1309 -26.54 3.88 -38.77
CA ALA D 1309 -25.35 3.06 -38.70
C ALA D 1309 -24.67 2.99 -40.06
N ARG D 1310 -23.35 3.18 -40.05
CA ARG D 1310 -22.57 3.38 -41.27
C ARG D 1310 -22.17 2.06 -41.91
N LEU D 1311 -22.20 2.00 -43.23
CA LEU D 1311 -21.97 0.78 -43.99
C LEU D 1311 -20.58 0.77 -44.62
N LEU D 1312 -20.07 -0.45 -44.84
CA LEU D 1312 -18.81 -0.67 -45.55
C LEU D 1312 -19.03 -1.53 -46.79
N VAL D 1313 -20.27 -1.62 -47.25
CA VAL D 1313 -20.67 -2.50 -48.34
C VAL D 1313 -21.43 -1.70 -49.37
N LYS D 1314 -20.86 -1.58 -50.57
CA LYS D 1314 -21.60 -1.03 -51.69
C LYS D 1314 -22.60 -2.08 -52.19
N ASP D 1315 -23.87 -1.67 -52.34
CA ASP D 1315 -24.92 -2.61 -52.73
C ASP D 1315 -24.47 -3.45 -53.92
N GLY D 1316 -24.72 -4.76 -53.84
CA GLY D 1316 -24.26 -5.70 -54.84
C GLY D 1316 -22.84 -6.19 -54.67
N ASP D 1317 -22.03 -5.53 -53.85
CA ASP D 1317 -20.66 -5.99 -53.62
C ASP D 1317 -20.68 -7.43 -53.09
N TYR D 1318 -19.51 -8.07 -53.17
CA TYR D 1318 -19.31 -9.46 -52.77
C TYR D 1318 -18.46 -9.52 -51.51
N VAL D 1319 -18.87 -10.38 -50.58
CA VAL D 1319 -18.39 -10.37 -49.20
C VAL D 1319 -17.88 -11.76 -48.82
N GLU D 1320 -16.69 -11.78 -48.20
CA GLU D 1320 -16.22 -12.97 -47.49
C GLU D 1320 -17.10 -13.22 -46.26
N ALA D 1321 -16.98 -14.41 -45.68
CA ALA D 1321 -17.71 -14.71 -44.44
C ALA D 1321 -16.94 -14.16 -43.24
N GLY D 1322 -17.56 -13.23 -42.50
CA GLY D 1322 -16.89 -12.49 -41.45
C GLY D 1322 -16.36 -11.13 -41.89
N GLN D 1323 -16.48 -10.79 -43.16
CA GLN D 1323 -16.16 -9.46 -43.64
C GLN D 1323 -17.12 -8.45 -43.04
N PRO D 1324 -16.63 -7.39 -42.40
CA PRO D 1324 -17.55 -6.47 -41.73
C PRO D 1324 -18.42 -5.70 -42.72
N LEU D 1325 -19.68 -5.52 -42.35
CA LEU D 1325 -20.64 -4.75 -43.12
C LEU D 1325 -20.87 -3.37 -42.51
N THR D 1326 -21.29 -3.31 -41.24
CA THR D 1326 -21.19 -2.01 -40.57
C THR D 1326 -19.74 -1.76 -40.16
N ARG D 1327 -19.48 -0.56 -39.72
CA ARG D 1327 -18.16 -0.27 -39.21
C ARG D 1327 -18.19 -0.27 -37.69
N GLY D 1328 -17.06 -0.66 -37.11
CA GLY D 1328 -16.93 -0.70 -35.67
C GLY D 1328 -15.93 -1.77 -35.28
N ALA D 1329 -15.92 -2.08 -33.99
CA ALA D 1329 -15.10 -3.20 -33.57
C ALA D 1329 -15.80 -4.51 -33.94
N ILE D 1330 -15.02 -5.57 -34.06
CA ILE D 1330 -15.52 -6.88 -34.47
C ILE D 1330 -15.48 -7.80 -33.27
N ASP D 1331 -16.62 -8.33 -32.89
CA ASP D 1331 -16.67 -9.29 -31.81
C ASP D 1331 -15.80 -10.47 -32.21
N PRO D 1332 -14.66 -10.71 -31.56
CA PRO D 1332 -13.77 -11.78 -32.05
C PRO D 1332 -14.46 -13.12 -32.18
N HIS D 1333 -15.33 -13.47 -31.24
CA HIS D 1333 -16.04 -14.74 -31.28
C HIS D 1333 -16.89 -14.88 -32.52
N GLN D 1334 -17.77 -13.89 -32.76
CA GLN D 1334 -18.49 -13.86 -34.04
C GLN D 1334 -17.53 -14.06 -35.20
N LEU D 1335 -16.35 -13.45 -35.11
CA LEU D 1335 -15.35 -13.64 -36.15
C LEU D 1335 -14.82 -15.07 -36.16
N LEU D 1336 -14.58 -15.64 -34.97
CA LEU D 1336 -13.91 -16.94 -34.92
C LEU D 1336 -14.78 -18.05 -35.49
N GLU D 1337 -16.10 -18.00 -35.24
CA GLU D 1337 -16.96 -19.05 -35.78
C GLU D 1337 -17.06 -18.92 -37.28
N ALA D 1338 -17.16 -17.67 -37.76
CA ALA D 1338 -17.33 -17.40 -39.17
C ALA D 1338 -16.05 -17.69 -39.96
N LYS D 1339 -14.89 -17.17 -39.51
CA LYS D 1339 -13.70 -17.20 -40.34
C LYS D 1339 -12.57 -18.09 -39.83
N GLY D 1340 -12.56 -18.46 -38.55
CA GLY D 1340 -11.60 -19.45 -38.08
C GLY D 1340 -10.46 -18.91 -37.21
N PRO D 1341 -9.64 -19.83 -36.69
CA PRO D 1341 -8.54 -19.42 -35.80
C PRO D 1341 -7.57 -18.41 -36.40
N GLU D 1342 -6.95 -18.75 -37.52
CA GLU D 1342 -5.97 -17.84 -38.10
C GLU D 1342 -6.58 -16.47 -38.31
N ALA D 1343 -7.85 -16.43 -38.73
CA ALA D 1343 -8.47 -15.15 -39.00
C ALA D 1343 -8.53 -14.29 -37.75
N VAL D 1344 -9.02 -14.84 -36.63
CA VAL D 1344 -9.11 -14.04 -35.42
C VAL D 1344 -7.72 -13.77 -34.85
N GLU D 1345 -6.84 -14.79 -34.85
CA GLU D 1345 -5.44 -14.56 -34.51
C GLU D 1345 -4.91 -13.32 -35.21
N ARG D 1346 -5.16 -13.18 -36.52
CA ARG D 1346 -4.80 -11.95 -37.24
C ARG D 1346 -5.42 -10.71 -36.60
N TYR D 1347 -6.76 -10.60 -36.65
CA TYR D 1347 -7.47 -9.45 -36.09
C TYR D 1347 -6.88 -8.99 -34.76
N LEU D 1348 -6.71 -9.93 -33.83
CA LEU D 1348 -6.30 -9.56 -32.48
C LEU D 1348 -4.93 -8.91 -32.49
N VAL D 1349 -3.95 -9.56 -33.12
CA VAL D 1349 -2.62 -8.98 -33.22
C VAL D 1349 -2.68 -7.57 -33.81
N GLU D 1350 -3.31 -7.42 -34.97
CA GLU D 1350 -3.32 -6.12 -35.61
C GLU D 1350 -4.04 -5.10 -34.75
N GLU D 1351 -5.25 -5.44 -34.30
CA GLU D 1351 -6.08 -4.50 -33.57
C GLU D 1351 -5.38 -4.00 -32.30
N ILE D 1352 -4.51 -4.83 -31.71
CA ILE D 1352 -3.74 -4.42 -30.53
C ILE D 1352 -2.61 -3.50 -30.93
N GLN D 1353 -1.91 -3.79 -32.04
CA GLN D 1353 -0.79 -2.95 -32.46
C GLN D 1353 -1.25 -1.54 -32.78
N LYS D 1354 -2.37 -1.41 -33.47
CA LYS D 1354 -2.95 -0.11 -33.77
C LYS D 1354 -2.91 0.79 -32.54
N VAL D 1355 -3.26 0.27 -31.37
CA VAL D 1355 -3.26 1.10 -30.16
C VAL D 1355 -1.85 1.60 -29.86
N TYR D 1356 -0.86 0.69 -29.94
CA TYR D 1356 0.48 1.01 -29.46
C TYR D 1356 1.20 1.97 -30.41
N ARG D 1357 1.20 1.62 -31.70
CA ARG D 1357 1.62 2.49 -32.78
C ARG D 1357 1.14 3.92 -32.54
N ALA D 1358 -0.13 4.10 -32.16
CA ALA D 1358 -0.69 5.43 -32.06
C ALA D 1358 -0.10 6.23 -30.91
N GLN D 1359 0.57 5.59 -29.97
CA GLN D 1359 1.33 6.33 -28.98
C GLN D 1359 2.81 6.29 -29.29
N GLY D 1360 3.17 5.86 -30.49
CA GLY D 1360 4.56 5.73 -30.85
C GLY D 1360 5.26 4.70 -29.99
N VAL D 1361 4.79 3.46 -30.05
CA VAL D 1361 5.35 2.38 -29.25
C VAL D 1361 5.68 1.28 -30.24
N LYS D 1362 6.93 1.25 -30.68
CA LYS D 1362 7.43 0.13 -31.46
C LYS D 1362 7.43 -1.09 -30.55
N LEU D 1363 6.89 -2.19 -31.05
CA LEU D 1363 6.71 -3.35 -30.18
C LEU D 1363 6.51 -4.57 -31.06
N HIS D 1364 7.39 -5.56 -30.94
CA HIS D 1364 7.41 -6.59 -31.96
C HIS D 1364 6.15 -7.45 -31.89
N ASP D 1365 5.46 -7.61 -33.03
CA ASP D 1365 4.32 -8.53 -33.08
C ASP D 1365 4.54 -9.83 -32.32
N LYS D 1366 5.69 -10.48 -32.50
CA LYS D 1366 5.89 -11.79 -31.89
C LYS D 1366 5.42 -11.83 -30.42
N HIS D 1367 5.57 -10.72 -29.69
CA HIS D 1367 5.15 -10.71 -28.30
C HIS D 1367 3.65 -10.91 -28.18
N ILE D 1368 2.85 -10.03 -28.79
CA ILE D 1368 1.39 -10.18 -28.78
C ILE D 1368 0.98 -11.58 -29.23
N GLU D 1369 1.64 -12.11 -30.26
CA GLU D 1369 1.31 -13.45 -30.75
C GLU D 1369 1.36 -14.49 -29.63
N ILE D 1370 2.51 -14.58 -28.95
CA ILE D 1370 2.71 -15.49 -27.83
C ILE D 1370 1.52 -15.46 -26.89
N VAL D 1371 1.16 -14.26 -26.42
CA VAL D 1371 -0.06 -14.12 -25.63
C VAL D 1371 -1.25 -14.71 -26.40
N VAL D 1372 -1.58 -14.12 -27.55
CA VAL D 1372 -2.75 -14.57 -28.30
C VAL D 1372 -2.77 -16.07 -28.42
N ARG D 1373 -1.61 -16.66 -28.70
CA ARG D 1373 -1.55 -18.11 -28.80
C ARG D 1373 -2.13 -18.79 -27.56
N GLN D 1374 -1.85 -18.25 -26.37
CA GLN D 1374 -2.42 -18.80 -25.15
C GLN D 1374 -3.93 -18.58 -25.10
N MET D 1375 -4.40 -17.42 -25.56
CA MET D 1375 -5.84 -17.21 -25.65
C MET D 1375 -6.54 -18.27 -26.48
N MET D 1376 -5.82 -18.96 -27.37
CA MET D 1376 -6.44 -19.96 -28.24
C MET D 1376 -6.09 -21.39 -27.83
N LYS D 1377 -5.58 -21.58 -26.60
CA LYS D 1377 -5.04 -22.85 -26.12
C LYS D 1377 -6.09 -23.94 -25.96
N TYR D 1378 -7.38 -23.59 -25.94
CA TYR D 1378 -8.43 -24.53 -25.58
C TYR D 1378 -9.40 -24.78 -26.72
N VAL D 1379 -10.21 -25.83 -26.55
CA VAL D 1379 -11.16 -26.25 -27.57
C VAL D 1379 -12.36 -26.91 -26.89
N GLU D 1380 -13.49 -26.95 -27.61
CA GLU D 1380 -14.77 -27.47 -27.14
C GLU D 1380 -15.13 -28.70 -27.95
N VAL D 1381 -15.59 -29.75 -27.26
CA VAL D 1381 -15.98 -30.99 -27.92
C VAL D 1381 -17.32 -30.80 -28.61
N THR D 1382 -17.50 -31.51 -29.72
CA THR D 1382 -18.74 -31.48 -30.48
C THR D 1382 -19.28 -32.85 -30.85
N ASP D 1383 -18.48 -33.90 -30.74
CA ASP D 1383 -18.93 -35.28 -30.76
C ASP D 1383 -17.78 -36.11 -30.23
N PRO D 1384 -17.98 -36.88 -29.15
CA PRO D 1384 -16.84 -37.59 -28.54
C PRO D 1384 -16.33 -38.76 -29.35
N GLY D 1385 -16.90 -39.04 -30.53
CA GLY D 1385 -16.55 -40.22 -31.29
C GLY D 1385 -16.56 -41.46 -30.39
N ASP D 1386 -15.39 -42.06 -30.20
CA ASP D 1386 -15.22 -43.26 -29.40
C ASP D 1386 -14.37 -42.98 -28.16
N SER D 1387 -14.64 -41.88 -27.45
CA SER D 1387 -13.84 -41.46 -26.29
C SER D 1387 -14.76 -41.20 -25.09
N ARG D 1388 -14.14 -41.06 -23.91
CA ARG D 1388 -14.88 -40.80 -22.68
C ARG D 1388 -15.32 -39.33 -22.56
N LEU D 1389 -15.05 -38.48 -23.55
CA LEU D 1389 -15.37 -37.06 -23.49
C LEU D 1389 -16.86 -36.82 -23.69
N LEU D 1390 -17.28 -35.56 -23.57
CA LEU D 1390 -18.71 -35.23 -23.57
C LEU D 1390 -18.96 -33.92 -24.31
N GLU D 1391 -19.90 -33.96 -25.26
CA GLU D 1391 -20.28 -32.78 -26.03
C GLU D 1391 -20.43 -31.56 -25.14
N GLY D 1392 -19.61 -30.55 -25.42
CA GLY D 1392 -19.58 -29.32 -24.68
C GLY D 1392 -18.38 -29.21 -23.77
N GLN D 1393 -17.84 -30.35 -23.33
CA GLN D 1393 -16.63 -30.37 -22.52
C GLN D 1393 -15.55 -29.57 -23.21
N VAL D 1394 -14.83 -28.79 -22.43
CA VAL D 1394 -13.71 -27.98 -22.93
C VAL D 1394 -12.43 -28.65 -22.50
N LEU D 1395 -11.39 -28.52 -23.33
CA LEU D 1395 -10.06 -28.98 -22.90
C LEU D 1395 -9.01 -28.35 -23.80
N GLU D 1396 -7.74 -28.50 -23.37
CA GLU D 1396 -6.63 -27.94 -24.12
C GLU D 1396 -6.57 -28.57 -25.50
N LYS D 1397 -6.38 -27.72 -26.52
CA LYS D 1397 -6.25 -28.19 -27.91
C LYS D 1397 -5.16 -29.23 -28.02
N TRP D 1398 -4.16 -29.18 -27.14
CA TRP D 1398 -3.09 -30.16 -27.22
C TRP D 1398 -3.59 -31.54 -26.86
N ASP D 1399 -4.42 -31.61 -25.84
CA ASP D 1399 -4.82 -32.87 -25.24
C ASP D 1399 -5.85 -33.62 -26.09
N VAL D 1400 -6.61 -32.92 -26.94
CA VAL D 1400 -7.49 -33.60 -27.88
C VAL D 1400 -6.74 -34.02 -29.13
N GLU D 1401 -5.89 -33.15 -29.68
CA GLU D 1401 -5.03 -33.60 -30.76
C GLU D 1401 -4.17 -34.76 -30.30
N ALA D 1402 -3.82 -34.77 -29.00
CA ALA D 1402 -3.01 -35.85 -28.44
C ALA D 1402 -3.69 -37.20 -28.61
N LEU D 1403 -4.87 -37.38 -28.01
CA LEU D 1403 -5.52 -38.69 -28.06
C LEU D 1403 -6.24 -38.95 -29.38
N ASN D 1404 -6.62 -37.92 -30.16
CA ASN D 1404 -7.11 -38.21 -31.50
C ASN D 1404 -6.06 -38.96 -32.32
N GLU D 1405 -4.79 -38.89 -31.93
CA GLU D 1405 -3.77 -39.82 -32.40
C GLU D 1405 -4.00 -41.23 -31.81
N ARG D 1406 -4.17 -41.32 -30.48
CA ARG D 1406 -4.45 -42.62 -29.85
C ARG D 1406 -5.70 -43.27 -30.42
N LEU D 1407 -6.55 -42.51 -31.11
CA LEU D 1407 -7.77 -43.05 -31.67
C LEU D 1407 -7.64 -43.38 -33.15
N ILE D 1408 -6.97 -42.54 -33.94
CA ILE D 1408 -6.53 -42.98 -35.26
C ILE D 1408 -5.56 -44.15 -35.16
N ALA D 1409 -5.02 -44.39 -33.96
CA ALA D 1409 -4.09 -45.50 -33.76
C ALA D 1409 -4.84 -46.81 -33.57
N GLU D 1410 -5.78 -46.84 -32.64
CA GLU D 1410 -6.65 -47.99 -32.48
C GLU D 1410 -7.83 -47.96 -33.45
N GLY D 1411 -7.77 -47.09 -34.47
CA GLY D 1411 -8.69 -47.09 -35.58
C GLY D 1411 -10.11 -46.63 -35.31
N LYS D 1412 -10.40 -46.14 -34.10
CA LYS D 1412 -11.77 -45.80 -33.72
C LYS D 1412 -12.14 -44.41 -34.23
N THR D 1413 -13.30 -43.89 -33.83
CA THR D 1413 -13.73 -42.58 -34.30
C THR D 1413 -12.96 -41.48 -33.56
N PRO D 1414 -12.63 -40.38 -34.24
CA PRO D 1414 -11.94 -39.28 -33.56
C PRO D 1414 -12.92 -38.26 -32.98
N VAL D 1415 -12.45 -37.54 -31.97
CA VAL D 1415 -13.27 -36.53 -31.33
C VAL D 1415 -13.46 -35.37 -32.28
N ALA D 1416 -14.70 -35.05 -32.58
CA ALA D 1416 -15.02 -33.79 -33.23
C ALA D 1416 -14.82 -32.65 -32.24
N TRP D 1417 -13.99 -31.67 -32.60
CA TRP D 1417 -13.83 -30.51 -31.74
C TRP D 1417 -13.99 -29.23 -32.53
N LYS D 1418 -13.66 -28.11 -31.90
CA LYS D 1418 -14.11 -26.80 -32.31
C LYS D 1418 -13.16 -25.80 -31.67
N PRO D 1419 -12.70 -24.77 -32.37
CA PRO D 1419 -11.76 -23.86 -31.73
C PRO D 1419 -12.50 -23.02 -30.69
N LEU D 1420 -11.81 -22.76 -29.58
CA LEU D 1420 -12.28 -21.92 -28.50
C LEU D 1420 -11.38 -20.68 -28.34
N LEU D 1421 -12.00 -19.49 -28.29
CA LEU D 1421 -11.25 -18.26 -27.98
C LEU D 1421 -11.60 -17.79 -26.57
N MET D 1422 -10.66 -17.93 -25.66
CA MET D 1422 -10.82 -17.38 -24.31
C MET D 1422 -9.99 -16.11 -24.15
N GLY D 1423 -10.40 -15.28 -23.20
CA GLY D 1423 -9.61 -14.11 -22.82
C GLY D 1423 -8.50 -14.52 -21.88
N VAL D 1424 -7.64 -13.55 -21.53
CA VAL D 1424 -6.42 -13.93 -20.79
C VAL D 1424 -6.76 -14.38 -19.38
N THR D 1425 -7.71 -13.69 -18.71
CA THR D 1425 -8.08 -14.09 -17.35
C THR D 1425 -8.59 -15.52 -17.30
N LYS D 1426 -9.60 -15.83 -18.11
CA LYS D 1426 -10.11 -17.19 -18.10
C LYS D 1426 -9.02 -18.17 -18.50
N SER D 1427 -8.16 -17.79 -19.45
CA SER D 1427 -7.18 -18.73 -19.97
C SER D 1427 -6.12 -19.08 -18.95
N ALA D 1428 -5.86 -18.20 -17.99
CA ALA D 1428 -4.91 -18.55 -16.95
C ALA D 1428 -5.55 -19.43 -15.87
N LEU D 1429 -6.78 -19.08 -15.45
CA LEU D 1429 -7.55 -19.87 -14.50
C LEU D 1429 -7.84 -21.29 -15.00
N SER D 1430 -7.85 -21.48 -16.32
CA SER D 1430 -8.08 -22.78 -16.88
C SER D 1430 -6.81 -23.61 -17.05
N THR D 1431 -5.63 -23.03 -16.85
CA THR D 1431 -4.41 -23.83 -16.97
C THR D 1431 -4.44 -25.14 -16.19
N LYS D 1432 -3.66 -26.12 -16.64
CA LYS D 1432 -3.55 -27.38 -15.91
C LYS D 1432 -3.04 -27.15 -14.49
N SER D 1433 -1.93 -26.45 -14.33
CA SER D 1433 -1.26 -26.37 -13.04
C SER D 1433 -2.14 -25.61 -12.03
N TRP D 1434 -2.69 -26.35 -11.04
CA TRP D 1434 -3.55 -25.72 -10.04
C TRP D 1434 -2.77 -24.80 -9.12
N LEU D 1435 -1.46 -25.01 -9.02
CA LEU D 1435 -0.64 -24.07 -8.26
C LEU D 1435 -0.50 -22.74 -8.98
N SER D 1436 -0.29 -22.75 -10.30
CA SER D 1436 -0.34 -21.48 -11.00
C SER D 1436 -1.70 -20.85 -10.86
N ALA D 1437 -2.76 -21.65 -11.08
CA ALA D 1437 -4.09 -21.02 -11.20
C ALA D 1437 -4.57 -20.51 -9.85
N ALA D 1438 -4.18 -21.20 -8.78
CA ALA D 1438 -4.74 -20.84 -7.49
C ALA D 1438 -4.17 -19.52 -7.04
N SER D 1439 -2.85 -19.37 -7.20
CA SER D 1439 -2.08 -18.17 -6.86
C SER D 1439 -2.42 -16.99 -7.74
N PHE D 1440 -3.09 -17.21 -8.87
CA PHE D 1440 -3.51 -16.12 -9.72
C PHE D 1440 -4.64 -15.32 -9.09
N GLN D 1441 -5.78 -15.96 -8.96
CA GLN D 1441 -7.05 -15.31 -8.72
C GLN D 1441 -8.05 -16.43 -8.42
N ASN D 1442 -9.23 -16.06 -7.89
CA ASN D 1442 -10.31 -17.01 -7.64
C ASN D 1442 -9.78 -18.27 -6.95
N THR D 1443 -9.11 -18.02 -5.83
CA THR D 1443 -8.35 -19.10 -5.20
C THR D 1443 -9.25 -20.23 -4.71
N THR D 1444 -10.38 -19.90 -4.07
CA THR D 1444 -11.20 -20.98 -3.55
C THR D 1444 -11.82 -21.77 -4.68
N HIS D 1445 -12.48 -21.10 -5.64
CA HIS D 1445 -13.02 -21.82 -6.78
C HIS D 1445 -11.95 -22.67 -7.43
N VAL D 1446 -10.74 -22.15 -7.55
CA VAL D 1446 -9.67 -22.97 -8.10
C VAL D 1446 -9.38 -24.15 -7.19
N LEU D 1447 -9.25 -23.88 -5.91
CA LEU D 1447 -8.72 -24.90 -5.01
C LEU D 1447 -9.72 -26.01 -4.80
N THR D 1448 -10.99 -25.66 -4.52
CA THR D 1448 -12.02 -26.68 -4.38
C THR D 1448 -11.97 -27.64 -5.57
N GLU D 1449 -12.09 -27.11 -6.80
CA GLU D 1449 -12.26 -27.97 -7.96
C GLU D 1449 -11.05 -28.86 -8.17
N ALA D 1450 -9.88 -28.40 -7.76
CA ALA D 1450 -8.73 -29.24 -8.01
C ALA D 1450 -8.67 -30.37 -6.99
N ALA D 1451 -9.00 -30.06 -5.74
CA ALA D 1451 -9.00 -31.08 -4.69
C ALA D 1451 -9.98 -32.19 -5.01
N ILE D 1452 -11.21 -31.82 -5.38
CA ILE D 1452 -12.22 -32.79 -5.80
C ILE D 1452 -11.65 -33.76 -6.84
N ALA D 1453 -11.01 -33.22 -7.88
CA ALA D 1453 -10.42 -34.03 -8.94
C ALA D 1453 -9.08 -34.61 -8.56
N GLY D 1454 -8.64 -34.35 -7.34
CA GLY D 1454 -7.34 -34.85 -6.93
C GLY D 1454 -6.28 -34.49 -7.93
N LYS D 1455 -6.34 -33.26 -8.45
CA LYS D 1455 -5.37 -32.73 -9.41
C LYS D 1455 -3.97 -32.84 -8.87
N LYS D 1456 -3.07 -33.37 -9.68
CA LYS D 1456 -1.66 -33.39 -9.33
C LYS D 1456 -0.94 -32.46 -10.30
N ASP D 1457 -0.32 -31.41 -9.75
CA ASP D 1457 0.38 -30.39 -10.53
C ASP D 1457 1.77 -30.88 -10.94
N GLU D 1458 2.03 -30.92 -12.25
CA GLU D 1458 3.29 -31.47 -12.76
C GLU D 1458 4.50 -30.53 -12.61
N LEU D 1459 4.30 -29.29 -12.19
CA LEU D 1459 5.42 -28.36 -11.97
C LEU D 1459 6.13 -28.02 -13.28
N ILE D 1460 5.34 -27.89 -14.35
CA ILE D 1460 5.90 -27.68 -15.68
C ILE D 1460 6.37 -26.24 -15.86
N GLY D 1461 5.58 -25.27 -15.39
CA GLY D 1461 5.84 -23.87 -15.64
C GLY D 1461 6.66 -23.19 -14.56
N LEU D 1462 6.49 -21.87 -14.45
CA LEU D 1462 7.40 -21.08 -13.62
C LEU D 1462 6.84 -20.79 -12.23
N LYS D 1463 5.64 -20.18 -12.10
CA LYS D 1463 5.08 -19.88 -10.78
C LYS D 1463 5.03 -21.13 -9.91
N GLU D 1464 4.56 -22.22 -10.51
CA GLU D 1464 4.59 -23.52 -9.85
C GLU D 1464 5.90 -23.71 -9.10
N ASN D 1465 7.04 -23.58 -9.79
CA ASN D 1465 8.31 -23.78 -9.11
C ASN D 1465 8.72 -22.60 -8.24
N VAL D 1466 8.18 -21.41 -8.50
CA VAL D 1466 8.50 -20.27 -7.63
C VAL D 1466 7.94 -20.51 -6.24
N ILE D 1467 6.73 -21.06 -6.16
CA ILE D 1467 6.13 -21.24 -4.84
C ILE D 1467 6.80 -22.37 -4.09
N LEU D 1468 7.11 -23.46 -4.80
CA LEU D 1468 7.93 -24.50 -4.21
C LEU D 1468 9.33 -24.00 -3.88
N GLY D 1469 9.80 -22.96 -4.57
CA GLY D 1469 11.16 -22.50 -4.42
C GLY D 1469 12.23 -23.35 -5.09
N ARG D 1470 11.92 -24.09 -6.15
CA ARG D 1470 12.96 -24.83 -6.83
C ARG D 1470 13.50 -24.05 -8.04
N LEU D 1471 14.62 -24.52 -8.57
CA LEU D 1471 15.17 -23.93 -9.78
C LEU D 1471 14.13 -23.90 -10.89
N ILE D 1472 13.82 -22.70 -11.41
CA ILE D 1472 12.81 -22.62 -12.48
C ILE D 1472 13.30 -23.28 -13.75
N PRO D 1473 12.38 -23.74 -14.61
CA PRO D 1473 12.73 -24.38 -15.88
C PRO D 1473 12.98 -23.38 -17.00
N ALA D 1474 13.93 -22.48 -16.77
CA ALA D 1474 14.30 -21.45 -17.74
C ALA D 1474 15.73 -21.02 -17.47
N GLY D 1475 16.35 -20.45 -18.51
CA GLY D 1475 17.69 -19.87 -18.37
C GLY D 1475 18.68 -20.90 -17.87
N THR D 1476 19.46 -20.54 -16.85
CA THR D 1476 20.41 -21.49 -16.28
C THR D 1476 19.72 -22.75 -15.79
N GLY D 1477 18.43 -22.67 -15.47
CA GLY D 1477 17.69 -23.82 -14.99
C GLY D 1477 17.06 -24.70 -16.04
N SER D 1478 17.31 -24.46 -17.32
CA SER D 1478 16.65 -25.19 -18.38
C SER D 1478 17.34 -26.54 -18.60
N ASP D 1479 16.55 -27.61 -18.62
CA ASP D 1479 17.10 -28.94 -18.82
C ASP D 1479 18.05 -29.00 -20.01
N PHE D 1480 17.92 -28.07 -20.96
CA PHE D 1480 18.81 -28.09 -22.12
C PHE D 1480 20.25 -27.75 -21.79
N VAL D 1481 20.51 -27.14 -20.63
CA VAL D 1481 21.83 -26.57 -20.38
C VAL D 1481 22.31 -26.88 -18.99
N ARG D 1482 21.42 -27.30 -18.10
CA ARG D 1482 21.83 -27.38 -16.70
C ARG D 1482 22.77 -28.55 -16.45
N PHE D 1483 22.84 -29.50 -17.38
CA PHE D 1483 23.59 -30.73 -17.16
C PHE D 1483 24.97 -30.69 -17.77
N THR D 1484 25.41 -29.52 -18.24
CA THR D 1484 26.66 -29.42 -18.98
C THR D 1484 27.85 -29.53 -18.04
N GLN D 1485 28.90 -30.21 -18.52
CA GLN D 1485 30.13 -30.43 -17.77
C GLN D 1485 31.28 -29.63 -18.37
N VAL D 1486 32.24 -29.30 -17.51
CA VAL D 1486 33.43 -28.52 -17.87
C VAL D 1486 34.63 -29.19 -17.20
N VAL D 1487 35.61 -29.62 -18.00
CA VAL D 1487 36.82 -30.27 -17.49
C VAL D 1487 38.03 -29.79 -18.28
N ASP D 1488 39.10 -29.46 -17.56
CA ASP D 1488 40.36 -29.10 -18.19
C ASP D 1488 41.02 -30.34 -18.81
N GLN D 1489 41.62 -30.15 -20.00
CA GLN D 1489 42.14 -31.29 -20.76
C GLN D 1489 43.18 -32.08 -19.95
N LYS D 1490 43.90 -31.41 -19.05
CA LYS D 1490 44.85 -32.08 -18.17
C LYS D 1490 44.18 -32.79 -17.00
N THR D 1491 42.84 -32.82 -16.95
CA THR D 1491 42.12 -33.75 -16.09
C THR D 1491 41.19 -34.69 -16.87
N LEU D 1492 40.72 -34.29 -18.06
CA LEU D 1492 39.97 -35.22 -18.91
C LEU D 1492 40.88 -36.31 -19.44
N LYS D 1493 42.08 -35.95 -19.89
CA LYS D 1493 43.03 -36.97 -20.31
C LYS D 1493 43.55 -37.76 -19.12
N ALA D 1494 43.63 -37.12 -17.95
CA ALA D 1494 44.08 -37.81 -16.73
C ALA D 1494 43.20 -39.01 -16.41
N ILE D 1495 41.87 -38.83 -16.49
CA ILE D 1495 40.94 -39.88 -16.06
C ILE D 1495 40.55 -40.84 -17.19
N GLU D 1496 40.77 -40.47 -18.45
CA GLU D 1496 40.43 -41.39 -19.52
C GLU D 1496 41.46 -42.50 -19.73
N GLU D 1497 42.64 -42.39 -19.09
CA GLU D 1497 43.71 -43.36 -19.36
C GLU D 1497 43.68 -44.55 -18.43
N ALA D 1498 43.47 -44.33 -17.13
CA ALA D 1498 43.30 -45.44 -16.21
C ALA D 1498 42.09 -46.29 -16.60
N ARG D 1499 41.00 -45.64 -17.04
CA ARG D 1499 39.75 -46.29 -17.43
C ARG D 1499 39.78 -46.88 -18.84
N LYS D 1500 40.96 -47.08 -19.45
CA LYS D 1500 41.04 -47.76 -20.74
C LYS D 1500 41.19 -49.27 -20.59
N GLU D 1501 41.87 -49.74 -19.55
CA GLU D 1501 42.07 -51.15 -19.27
C GLU D 1501 41.52 -51.48 -17.88
N ALA D 1502 40.93 -52.66 -17.74
CA ALA D 1502 40.39 -53.12 -16.46
C ALA D 1502 41.52 -53.56 -15.51
N ALA E 2 31.56 -3.69 -20.13
CA ALA E 2 31.23 -5.04 -20.58
C ALA E 2 32.23 -6.07 -20.01
N GLU E 3 31.93 -7.36 -20.18
CA GLU E 3 32.82 -8.39 -19.66
C GLU E 3 33.93 -8.62 -20.68
N PRO E 4 35.19 -8.56 -20.27
CA PRO E 4 36.29 -8.69 -21.22
C PRO E 4 36.13 -9.88 -22.15
N GLY E 5 35.83 -9.63 -23.41
CA GLY E 5 35.77 -10.69 -24.39
C GLY E 5 34.50 -11.50 -24.35
N ILE E 6 33.36 -10.85 -24.12
CA ILE E 6 32.10 -11.58 -23.96
C ILE E 6 31.55 -12.05 -25.31
N ASP E 7 31.61 -11.20 -26.34
CA ASP E 7 31.03 -11.56 -27.63
C ASP E 7 31.57 -12.88 -28.15
N LYS E 8 32.82 -13.20 -27.80
CA LYS E 8 33.38 -14.48 -28.24
C LYS E 8 32.90 -15.62 -27.36
N LEU E 9 32.70 -15.36 -26.08
CA LEU E 9 32.10 -16.35 -25.20
C LEU E 9 30.75 -16.82 -25.76
N PHE E 10 29.86 -15.87 -26.07
CA PHE E 10 28.57 -16.23 -26.64
C PHE E 10 28.73 -16.99 -27.95
N GLY E 11 29.93 -17.00 -28.53
CA GLY E 11 30.13 -17.74 -29.76
C GLY E 11 30.41 -19.20 -29.54
N MET E 12 31.00 -19.55 -28.40
CA MET E 12 31.32 -20.95 -28.12
C MET E 12 30.06 -21.76 -27.87
N VAL E 13 29.12 -21.21 -27.10
CA VAL E 13 27.93 -21.94 -26.71
C VAL E 13 26.86 -21.84 -27.79
N ASP E 14 25.93 -22.79 -27.73
CA ASP E 14 24.73 -22.76 -28.56
C ASP E 14 23.67 -21.84 -27.99
N SER E 15 23.75 -21.51 -26.70
CA SER E 15 22.75 -20.69 -26.03
C SER E 15 23.36 -20.02 -24.82
N LYS E 16 23.13 -18.71 -24.68
CA LYS E 16 23.87 -17.94 -23.69
C LYS E 16 23.84 -18.57 -22.31
N TYR E 17 22.77 -19.30 -21.98
CA TYR E 17 22.65 -19.81 -20.62
C TYR E 17 23.56 -21.01 -20.39
N ARG E 18 23.97 -21.71 -21.45
CA ARG E 18 24.94 -22.80 -21.29
C ARG E 18 26.34 -22.28 -20.99
N LEU E 19 26.73 -21.12 -21.54
CA LEU E 19 27.92 -20.47 -21.01
C LEU E 19 27.81 -20.26 -19.51
N THR E 20 26.72 -19.62 -19.05
CA THR E 20 26.62 -19.27 -17.63
C THR E 20 26.82 -20.49 -16.74
N VAL E 21 26.28 -21.64 -17.14
CA VAL E 21 26.39 -22.82 -16.30
C VAL E 21 27.81 -23.36 -16.33
N VAL E 22 28.42 -23.41 -17.51
CA VAL E 22 29.81 -23.86 -17.61
C VAL E 22 30.71 -22.98 -16.75
N VAL E 23 30.57 -21.66 -16.90
CA VAL E 23 31.36 -20.72 -16.09
C VAL E 23 31.18 -21.04 -14.62
N ALA E 24 29.93 -20.97 -14.14
CA ALA E 24 29.66 -21.07 -12.71
C ALA E 24 30.14 -22.41 -12.13
N LYS E 25 29.99 -23.48 -12.91
CA LYS E 25 30.55 -24.76 -12.51
C LYS E 25 32.07 -24.67 -12.37
N ARG E 26 32.77 -24.39 -13.48
CA ARG E 26 34.22 -24.22 -13.42
C ARG E 26 34.62 -23.27 -12.30
N ALA E 27 33.94 -22.14 -12.21
CA ALA E 27 34.21 -21.20 -11.12
C ALA E 27 34.29 -21.91 -9.78
N GLN E 28 33.43 -22.91 -9.54
CA GLN E 28 33.46 -23.52 -8.21
C GLN E 28 34.43 -24.69 -8.12
N GLN E 29 34.70 -25.39 -9.24
CA GLN E 29 35.80 -26.34 -9.22
C GLN E 29 37.03 -25.69 -8.62
N LEU E 30 37.28 -24.43 -8.98
CA LEU E 30 38.47 -23.73 -8.50
C LEU E 30 38.33 -23.28 -7.04
N LEU E 31 37.14 -22.81 -6.63
CA LEU E 31 37.02 -22.29 -5.26
C LEU E 31 37.33 -23.36 -4.21
N ARG E 32 36.85 -24.59 -4.41
CA ARG E 32 37.09 -25.61 -3.41
C ARG E 32 38.52 -26.16 -3.51
N HIS E 33 39.08 -26.22 -4.72
CA HIS E 33 40.37 -26.87 -4.97
C HIS E 33 41.59 -25.96 -4.76
N GLY E 34 41.40 -24.67 -4.44
CA GLY E 34 42.55 -23.78 -4.38
C GLY E 34 43.19 -23.46 -5.72
N PHE E 35 42.44 -23.63 -6.81
CA PHE E 35 42.86 -23.19 -8.13
C PHE E 35 43.90 -24.11 -8.73
N LYS E 36 44.43 -25.04 -7.93
CA LYS E 36 45.53 -25.87 -8.38
C LYS E 36 45.25 -26.57 -9.71
N ASN E 37 43.96 -26.76 -10.06
CA ASN E 37 43.61 -27.38 -11.33
C ASN E 37 43.59 -26.38 -12.48
N THR E 38 43.81 -25.11 -12.17
CA THR E 38 43.77 -24.06 -13.19
C THR E 38 44.57 -24.47 -14.40
N VAL E 39 44.15 -23.98 -15.55
CA VAL E 39 44.83 -24.29 -16.79
C VAL E 39 45.35 -22.97 -17.34
N LEU E 40 45.73 -22.07 -16.43
CA LEU E 40 46.41 -20.81 -16.74
C LEU E 40 47.89 -20.87 -16.35
N GLU E 41 48.70 -19.96 -16.96
CA GLU E 41 50.12 -19.77 -16.61
C GLU E 41 50.32 -18.48 -15.81
N PRO E 42 51.36 -18.39 -14.97
CA PRO E 42 51.37 -17.39 -13.88
C PRO E 42 51.25 -15.96 -14.35
N GLU E 43 51.39 -15.70 -15.65
CA GLU E 43 51.28 -14.37 -16.23
C GLU E 43 49.86 -14.05 -16.68
N GLU E 44 49.14 -15.08 -17.15
CA GLU E 44 47.70 -14.98 -17.42
C GLU E 44 46.87 -14.84 -16.15
N ARG E 45 47.46 -15.06 -14.99
CA ARG E 45 46.70 -15.10 -13.75
C ARG E 45 45.98 -13.78 -13.55
N PRO E 46 44.66 -13.79 -13.38
CA PRO E 46 43.96 -12.59 -12.95
C PRO E 46 44.61 -12.06 -11.68
N LYS E 47 44.86 -10.77 -11.66
CA LYS E 47 45.51 -10.18 -10.50
C LYS E 47 44.70 -8.99 -10.03
N MET E 48 44.43 -8.93 -8.73
CA MET E 48 43.95 -7.70 -8.15
C MET E 48 45.11 -6.94 -7.53
N GLN E 49 44.86 -5.67 -7.24
CA GLN E 49 45.86 -4.76 -6.68
C GLN E 49 45.45 -4.39 -5.25
N THR E 50 46.07 -5.00 -4.25
CA THR E 50 45.85 -4.58 -2.88
C THR E 50 46.72 -3.36 -2.55
N LEU E 51 46.51 -2.78 -1.36
CA LEU E 51 47.29 -1.62 -0.99
C LEU E 51 48.79 -1.96 -0.93
N GLU E 52 49.11 -3.14 -0.38
CA GLU E 52 50.48 -3.63 -0.41
C GLU E 52 50.96 -3.81 -1.85
N GLY E 53 50.37 -4.74 -2.60
CA GLY E 53 50.78 -4.99 -3.97
C GLY E 53 49.95 -6.07 -4.64
N LEU E 54 50.16 -6.21 -5.96
CA LEU E 54 49.35 -7.10 -6.79
C LEU E 54 49.28 -8.50 -6.18
N PHE E 55 48.12 -9.13 -6.36
CA PHE E 55 47.86 -10.49 -5.88
C PHE E 55 46.83 -11.18 -6.75
N ASP E 56 46.87 -12.51 -6.72
CA ASP E 56 45.94 -13.31 -7.51
C ASP E 56 44.50 -12.88 -7.26
N ASP E 57 43.72 -12.75 -8.35
CA ASP E 57 42.32 -12.36 -8.23
C ASP E 57 41.58 -13.43 -7.45
N PRO E 58 40.89 -13.07 -6.36
CA PRO E 58 40.07 -14.07 -5.65
C PRO E 58 38.84 -14.49 -6.42
N ASN E 59 38.29 -13.62 -7.26
CA ASN E 59 37.01 -13.84 -7.91
C ASN E 59 37.11 -15.03 -8.86
N ALA E 60 36.56 -16.17 -8.45
CA ALA E 60 36.72 -17.39 -9.22
C ALA E 60 36.00 -17.32 -10.55
N VAL E 61 35.09 -16.37 -10.70
CA VAL E 61 34.38 -16.23 -11.97
C VAL E 61 35.25 -15.48 -12.98
N THR E 62 35.86 -14.35 -12.56
CA THR E 62 36.87 -13.72 -13.42
C THR E 62 37.80 -14.79 -13.97
N TRP E 63 38.31 -15.64 -13.09
CA TRP E 63 39.16 -16.73 -13.54
C TRP E 63 38.46 -17.56 -14.60
N ALA E 64 37.36 -18.20 -14.21
CA ALA E 64 36.61 -19.13 -15.06
C ALA E 64 36.44 -18.57 -16.46
N MET E 65 36.10 -17.30 -16.56
CA MET E 65 35.85 -16.71 -17.88
C MET E 65 37.14 -16.61 -18.68
N LYS E 66 38.20 -16.04 -18.10
CA LYS E 66 39.49 -16.01 -18.80
C LYS E 66 39.90 -17.41 -19.20
N GLU E 67 39.83 -18.35 -18.26
CA GLU E 67 40.08 -19.76 -18.56
C GLU E 67 39.32 -20.22 -19.79
N LEU E 68 38.04 -19.86 -19.88
CA LEU E 68 37.22 -20.33 -20.98
C LEU E 68 37.78 -19.89 -22.33
N LEU E 69 38.37 -18.68 -22.40
CA LEU E 69 38.87 -18.13 -23.66
C LEU E 69 40.07 -18.90 -24.17
N THR E 70 40.91 -19.40 -23.25
CA THR E 70 42.12 -20.11 -23.64
C THR E 70 41.82 -21.32 -24.53
N GLY E 71 40.63 -21.89 -24.43
CA GLY E 71 40.37 -23.15 -25.09
C GLY E 71 40.79 -24.37 -24.30
N ARG E 72 41.43 -24.18 -23.13
CA ARG E 72 41.97 -25.26 -22.32
C ARG E 72 40.91 -25.97 -21.46
N LEU E 73 39.62 -25.83 -21.80
CA LEU E 73 38.51 -26.46 -21.10
C LEU E 73 37.61 -27.16 -22.11
N VAL E 74 36.91 -28.21 -21.66
CA VAL E 74 35.94 -28.92 -22.48
C VAL E 74 34.56 -28.78 -21.87
N PHE E 75 33.57 -28.57 -22.74
CA PHE E 75 32.19 -28.31 -22.38
C PHE E 75 31.30 -29.27 -23.16
N GLY E 76 30.26 -29.75 -22.52
CA GLY E 76 29.30 -30.65 -23.15
C GLY E 76 28.61 -31.54 -22.14
N GLU E 77 27.64 -32.29 -22.64
CA GLU E 77 26.79 -33.12 -21.80
C GLU E 77 27.15 -34.59 -21.95
N ASN E 78 27.15 -35.30 -20.81
CA ASN E 78 27.44 -36.73 -20.73
C ASN E 78 28.85 -37.04 -21.25
N LEU E 79 29.82 -36.50 -20.51
CA LEU E 79 31.24 -36.70 -20.83
C LEU E 79 31.99 -37.49 -19.77
N VAL E 80 31.42 -37.69 -18.59
CA VAL E 80 32.11 -38.35 -17.47
C VAL E 80 31.04 -38.88 -16.51
N PRO E 81 31.33 -39.92 -15.73
CA PRO E 81 30.55 -40.14 -14.51
C PRO E 81 30.86 -39.06 -13.47
N GLU E 82 29.80 -38.53 -12.85
CA GLU E 82 29.95 -37.41 -11.92
C GLU E 82 30.94 -37.72 -10.81
N ASP E 83 30.89 -38.94 -10.28
CA ASP E 83 31.71 -39.27 -9.11
C ASP E 83 33.14 -39.66 -9.48
N ARG E 84 33.39 -40.02 -10.75
CA ARG E 84 34.76 -40.28 -11.18
C ARG E 84 35.53 -38.97 -11.35
N LEU E 85 34.83 -37.91 -11.76
CA LEU E 85 35.41 -36.58 -11.73
C LEU E 85 35.64 -36.11 -10.30
N GLN E 86 34.57 -36.06 -9.48
CA GLN E 86 34.67 -35.40 -8.18
C GLN E 86 35.70 -36.04 -7.24
N LYS E 87 36.45 -37.08 -7.67
CA LYS E 87 37.60 -37.57 -6.88
C LYS E 87 38.91 -37.58 -7.69
N GLU E 88 38.86 -37.98 -8.97
CA GLU E 88 40.03 -37.83 -9.82
C GLU E 88 40.62 -36.43 -9.71
N MET E 89 39.76 -35.43 -9.44
CA MET E 89 40.19 -34.06 -9.23
C MET E 89 40.56 -33.77 -7.78
N GLU E 90 39.91 -34.43 -6.81
CA GLU E 90 40.34 -34.31 -5.42
C GLU E 90 41.60 -35.13 -5.17
N ARG E 91 41.90 -36.06 -6.07
CA ARG E 91 43.18 -36.74 -6.11
C ARG E 91 44.27 -35.84 -6.73
N LEU E 92 44.07 -35.43 -8.00
CA LEU E 92 45.06 -34.62 -8.69
C LEU E 92 45.33 -33.28 -8.01
N TYR E 93 44.37 -32.76 -7.24
CA TYR E 93 44.52 -31.46 -6.59
C TYR E 93 43.71 -31.49 -5.30
N PRO E 94 44.35 -31.78 -4.17
CA PRO E 94 43.59 -32.02 -2.92
C PRO E 94 43.11 -30.74 -2.24
N VAL E 95 42.12 -30.93 -1.37
CA VAL E 95 41.46 -29.86 -0.60
C VAL E 95 42.23 -29.55 0.69
N SER F 78 -32.64 -16.18 6.90
CA SER F 78 -31.44 -15.39 6.64
C SER F 78 -30.66 -15.00 7.92
N ASP F 79 -31.35 -14.35 8.87
CA ASP F 79 -30.83 -13.75 10.10
C ASP F 79 -30.99 -14.70 11.31
N PRO F 80 -29.93 -15.38 11.76
CA PRO F 80 -30.11 -16.55 12.64
C PRO F 80 -30.73 -16.29 14.01
N VAL F 81 -31.07 -15.03 14.31
CA VAL F 81 -31.80 -14.72 15.52
C VAL F 81 -33.30 -14.61 15.26
N ARG F 82 -33.72 -13.79 14.30
CA ARG F 82 -35.15 -13.79 13.96
C ARG F 82 -35.65 -15.20 13.67
N GLN F 83 -34.78 -16.05 13.14
CA GLN F 83 -35.11 -17.46 12.97
C GLN F 83 -35.53 -18.10 14.29
N TYR F 84 -34.60 -18.17 15.25
CA TYR F 84 -34.92 -18.75 16.56
C TYR F 84 -36.05 -18.00 17.24
N LEU F 85 -36.06 -16.66 17.16
CA LEU F 85 -37.21 -15.93 17.66
C LEU F 85 -38.52 -16.40 17.04
N HIS F 86 -38.46 -17.16 15.96
CA HIS F 86 -39.67 -17.62 15.31
C HIS F 86 -40.07 -19.02 15.76
N GLU F 87 -39.10 -19.95 15.82
CA GLU F 87 -39.38 -21.29 16.34
C GLU F 87 -39.99 -21.21 17.74
N ILE F 88 -39.35 -20.44 18.63
CA ILE F 88 -39.88 -20.14 19.95
C ILE F 88 -41.33 -19.67 19.87
N GLY F 89 -41.64 -18.80 18.90
CA GLY F 89 -42.96 -18.20 18.86
C GLY F 89 -44.06 -19.15 18.45
N GLN F 90 -43.70 -20.44 18.37
CA GLN F 90 -44.60 -21.51 17.96
C GLN F 90 -45.16 -22.28 19.14
N VAL F 91 -44.30 -22.78 20.03
CA VAL F 91 -44.70 -23.35 21.32
C VAL F 91 -45.52 -22.32 22.09
N PRO F 92 -46.79 -22.56 22.35
CA PRO F 92 -47.60 -21.58 23.07
C PRO F 92 -47.13 -21.43 24.51
N LEU F 93 -47.42 -20.27 25.08
CA LEU F 93 -47.15 -20.06 26.50
C LEU F 93 -48.09 -20.91 27.35
N LEU F 94 -47.57 -21.44 28.45
CA LEU F 94 -48.41 -22.20 29.36
C LEU F 94 -49.44 -21.29 30.03
N THR F 95 -50.50 -21.91 30.55
CA THR F 95 -51.37 -21.26 31.51
C THR F 95 -51.21 -21.95 32.86
N LEU F 96 -51.79 -21.32 33.90
CA LEU F 96 -51.46 -21.71 35.26
C LEU F 96 -51.66 -23.21 35.51
N GLU F 97 -52.71 -23.79 34.92
CA GLU F 97 -52.94 -25.21 35.12
C GLU F 97 -51.90 -26.06 34.37
N GLU F 98 -51.69 -25.77 33.08
CA GLU F 98 -50.70 -26.49 32.29
C GLU F 98 -49.30 -26.33 32.87
N GLU F 99 -49.00 -25.17 33.47
CA GLU F 99 -47.77 -25.02 34.24
C GLU F 99 -47.68 -26.10 35.32
N VAL F 100 -48.66 -26.13 36.23
CA VAL F 100 -48.62 -27.02 37.38
C VAL F 100 -48.82 -28.47 36.96
N GLU F 101 -49.55 -28.70 35.86
CA GLU F 101 -49.72 -30.05 35.33
C GLU F 101 -48.37 -30.65 34.97
N LEU F 102 -47.65 -29.97 34.05
CA LEU F 102 -46.37 -30.46 33.56
C LEU F 102 -45.36 -30.59 34.70
N ALA F 103 -45.23 -29.52 35.50
CA ALA F 103 -44.35 -29.57 36.66
C ALA F 103 -44.65 -30.80 37.51
N ARG F 104 -45.94 -30.99 37.86
CA ARG F 104 -46.36 -32.14 38.66
C ARG F 104 -45.89 -33.45 38.03
N LYS F 105 -46.21 -33.66 36.74
CA LYS F 105 -45.86 -34.93 36.10
C LYS F 105 -44.35 -35.19 36.17
N VAL F 106 -43.53 -34.13 36.00
CA VAL F 106 -42.07 -34.28 36.04
C VAL F 106 -41.59 -34.75 37.42
N GLU F 107 -42.12 -34.13 38.48
CA GLU F 107 -41.79 -34.56 39.84
C GLU F 107 -42.11 -36.03 40.07
N GLU F 108 -43.38 -36.40 39.85
CA GLU F 108 -43.84 -37.77 40.07
C GLU F 108 -43.01 -38.76 39.27
N GLY F 109 -42.60 -38.36 38.05
CA GLY F 109 -41.85 -39.25 37.18
C GLY F 109 -40.47 -39.56 37.70
N MET F 110 -39.86 -38.62 38.42
CA MET F 110 -38.59 -38.92 39.05
C MET F 110 -38.79 -39.93 40.17
N GLU F 111 -39.72 -39.65 41.09
CA GLU F 111 -40.12 -40.61 42.11
C GLU F 111 -40.32 -41.97 41.49
N ALA F 112 -41.18 -42.02 40.47
CA ALA F 112 -41.41 -43.23 39.71
C ALA F 112 -40.11 -43.91 39.29
N ILE F 113 -39.03 -43.13 39.13
CA ILE F 113 -37.85 -43.70 38.49
C ILE F 113 -36.99 -44.46 39.50
N LYS F 114 -36.96 -44.04 40.76
CA LYS F 114 -36.21 -44.83 41.74
C LYS F 114 -37.08 -45.83 42.50
N LYS F 115 -38.39 -45.57 42.64
CA LYS F 115 -39.30 -46.68 42.91
C LYS F 115 -39.06 -47.76 41.87
N LEU F 116 -39.02 -47.34 40.60
CA LEU F 116 -38.70 -48.22 39.49
C LEU F 116 -37.27 -48.74 39.54
N SER F 117 -36.41 -48.11 40.35
CA SER F 117 -35.04 -48.59 40.47
C SER F 117 -34.88 -49.63 41.56
N GLU F 118 -35.53 -49.43 42.71
CA GLU F 118 -35.39 -50.36 43.83
C GLU F 118 -36.23 -51.61 43.65
N ILE F 119 -37.25 -51.57 42.78
CA ILE F 119 -37.90 -52.81 42.35
C ILE F 119 -36.91 -53.68 41.58
N THR F 120 -36.45 -53.20 40.42
CA THR F 120 -35.56 -53.99 39.58
C THR F 120 -34.10 -53.91 40.00
N GLY F 121 -33.73 -52.87 40.74
CA GLY F 121 -32.40 -52.70 41.30
C GLY F 121 -31.32 -52.34 40.31
N LEU F 122 -31.65 -51.54 39.29
CA LEU F 122 -30.66 -51.35 38.24
C LEU F 122 -29.78 -50.13 38.48
N ASP F 123 -30.33 -48.93 38.26
CA ASP F 123 -29.70 -47.67 38.64
C ASP F 123 -30.66 -46.56 38.24
N PRO F 124 -30.91 -45.58 39.10
CA PRO F 124 -31.88 -44.53 38.71
C PRO F 124 -31.51 -43.92 37.38
N ASP F 125 -30.25 -43.50 37.24
CA ASP F 125 -29.83 -42.77 36.05
C ASP F 125 -29.85 -43.68 34.82
N LEU F 126 -29.17 -44.83 34.90
CA LEU F 126 -29.22 -45.80 33.80
C LEU F 126 -30.65 -46.05 33.38
N ILE F 127 -31.57 -46.08 34.34
CA ILE F 127 -32.99 -46.23 34.05
C ILE F 127 -33.54 -44.95 33.44
N ARG F 128 -33.12 -43.78 33.96
CA ARG F 128 -33.67 -42.53 33.45
C ARG F 128 -33.33 -42.33 31.99
N GLU F 129 -32.10 -42.63 31.60
CA GLU F 129 -31.73 -42.43 30.20
C GLU F 129 -32.59 -43.28 29.28
N VAL F 130 -33.00 -44.47 29.73
CA VAL F 130 -33.78 -45.37 28.89
C VAL F 130 -35.20 -44.85 28.70
N VAL F 131 -35.84 -44.38 29.79
CA VAL F 131 -37.07 -43.61 29.62
C VAL F 131 -36.84 -42.50 28.62
N ARG F 132 -35.70 -41.80 28.76
CA ARG F 132 -35.36 -40.65 27.93
C ARG F 132 -35.30 -41.02 26.46
N ALA F 133 -34.51 -42.05 26.14
CA ALA F 133 -34.40 -42.51 24.76
C ALA F 133 -35.78 -42.71 24.14
N LYS F 134 -36.55 -43.65 24.72
CA LYS F 134 -37.76 -44.13 24.06
C LYS F 134 -38.77 -43.01 23.85
N ILE F 135 -38.81 -41.99 24.71
CA ILE F 135 -39.77 -40.91 24.52
C ILE F 135 -39.38 -40.04 23.33
N LEU F 136 -38.09 -39.66 23.24
CA LEU F 136 -37.58 -38.77 22.20
C LEU F 136 -37.41 -39.46 20.85
N GLY F 137 -37.51 -40.79 20.81
CA GLY F 137 -37.22 -41.59 19.64
C GLY F 137 -35.77 -42.05 19.61
N SER F 138 -35.54 -43.10 18.82
CA SER F 138 -34.16 -43.51 18.56
C SER F 138 -33.39 -42.44 17.82
N ALA F 139 -34.05 -41.36 17.38
CA ALA F 139 -33.38 -40.20 16.77
C ALA F 139 -32.08 -39.86 17.50
N ARG F 140 -32.13 -39.88 18.83
CA ARG F 140 -30.97 -39.61 19.68
C ARG F 140 -30.73 -40.76 20.65
N VAL F 141 -29.47 -41.18 20.72
CA VAL F 141 -28.95 -41.95 21.83
C VAL F 141 -27.43 -41.93 21.71
N ARG F 142 -26.73 -41.75 22.84
CA ARG F 142 -25.28 -41.68 22.86
C ARG F 142 -24.81 -42.15 24.23
N HIS F 143 -23.70 -42.89 24.28
CA HIS F 143 -23.29 -43.44 25.58
C HIS F 143 -23.03 -42.30 26.57
N ILE F 144 -23.92 -42.16 27.55
CA ILE F 144 -23.97 -41.01 28.45
C ILE F 144 -22.80 -41.07 29.44
N PRO F 145 -21.93 -40.05 29.48
CA PRO F 145 -20.83 -40.07 30.45
C PRO F 145 -21.35 -40.14 31.88
N GLY F 146 -20.80 -41.08 32.66
CA GLY F 146 -21.30 -41.33 33.99
C GLY F 146 -22.01 -42.68 34.12
N LEU F 147 -22.84 -43.03 33.14
CA LEU F 147 -23.39 -44.38 33.06
C LEU F 147 -22.27 -45.36 32.74
N LYS F 148 -22.43 -46.61 33.19
CA LYS F 148 -21.33 -47.55 33.12
C LYS F 148 -21.35 -48.39 31.84
N GLU F 149 -22.51 -48.57 31.23
CA GLU F 149 -22.59 -49.29 29.96
C GLU F 149 -22.88 -48.31 28.83
N THR F 150 -22.42 -48.70 27.64
CA THR F 150 -22.56 -47.87 26.44
C THR F 150 -24.00 -47.99 25.93
N LEU F 151 -24.76 -46.90 26.05
CA LEU F 151 -26.21 -46.90 25.81
C LEU F 151 -26.50 -46.85 24.31
N ASP F 152 -26.33 -48.02 23.65
CA ASP F 152 -26.62 -48.33 22.26
C ASP F 152 -28.00 -48.98 22.14
N PRO F 153 -28.65 -48.80 20.98
CA PRO F 153 -30.08 -49.20 20.86
C PRO F 153 -30.37 -50.67 21.18
N LYS F 154 -29.34 -51.51 21.35
CA LYS F 154 -29.56 -52.88 21.78
C LYS F 154 -29.85 -52.94 23.27
N THR F 155 -29.08 -52.20 24.07
CA THR F 155 -29.33 -52.17 25.51
C THR F 155 -30.59 -51.38 25.87
N VAL F 156 -31.09 -50.56 24.95
CA VAL F 156 -32.31 -49.83 25.20
C VAL F 156 -33.55 -50.68 24.90
N GLU F 157 -33.43 -51.63 23.96
CA GLU F 157 -34.49 -52.62 23.81
C GLU F 157 -34.36 -53.68 24.89
N GLU F 158 -33.16 -54.23 25.06
CA GLU F 158 -32.88 -55.13 26.17
C GLU F 158 -33.44 -54.61 27.48
N ILE F 159 -33.10 -53.38 27.83
CA ILE F 159 -33.46 -52.89 29.16
C ILE F 159 -34.91 -52.43 29.20
N ASP F 160 -35.43 -51.88 28.09
CA ASP F 160 -36.87 -51.66 27.99
C ASP F 160 -37.67 -52.95 28.12
N GLN F 161 -37.01 -54.11 28.06
CA GLN F 161 -37.67 -55.39 28.18
C GLN F 161 -37.78 -55.85 29.63
N LYS F 162 -36.65 -55.93 30.36
CA LYS F 162 -36.92 -56.29 31.75
C LYS F 162 -37.59 -55.14 32.51
N LEU F 163 -38.04 -54.13 31.75
CA LEU F 163 -38.88 -53.06 32.26
C LEU F 163 -40.36 -53.37 32.04
N LYS F 164 -40.76 -53.56 30.79
CA LYS F 164 -42.15 -53.92 30.50
C LYS F 164 -42.51 -55.33 30.99
N SER F 165 -41.56 -56.03 31.61
CA SER F 165 -41.76 -57.35 32.18
C SER F 165 -42.40 -57.31 33.56
N LEU F 166 -42.80 -56.14 34.05
CA LEU F 166 -43.18 -56.08 35.46
C LEU F 166 -44.70 -56.21 35.62
N PRO F 167 -45.15 -56.54 36.83
CA PRO F 167 -46.59 -56.60 37.09
C PRO F 167 -47.25 -55.25 36.86
N LYS F 168 -48.53 -55.28 36.47
CA LYS F 168 -49.23 -54.03 36.19
C LYS F 168 -49.14 -53.02 37.34
N GLU F 169 -48.95 -53.47 38.58
CA GLU F 169 -48.83 -52.57 39.72
C GLU F 169 -47.38 -52.14 39.96
N HIS F 170 -46.42 -52.82 39.34
CA HIS F 170 -45.03 -52.38 39.34
C HIS F 170 -44.63 -51.70 38.03
N LYS F 171 -44.86 -52.36 36.90
CA LYS F 171 -44.75 -51.73 35.59
C LYS F 171 -45.74 -50.57 35.46
N ARG F 172 -46.50 -50.32 36.53
CA ARG F 172 -47.31 -49.11 36.60
C ARG F 172 -46.46 -47.87 36.38
N TYR F 173 -45.22 -47.90 36.90
CA TYR F 173 -44.35 -46.73 36.96
C TYR F 173 -43.54 -46.50 35.68
N LEU F 174 -43.38 -47.51 34.82
CA LEU F 174 -42.77 -47.23 33.52
C LEU F 174 -43.63 -46.27 32.71
N HIS F 175 -44.94 -46.27 32.92
CA HIS F 175 -45.82 -45.29 32.29
C HIS F 175 -45.71 -43.94 32.97
N ILE F 176 -45.35 -43.95 34.25
CA ILE F 176 -45.17 -42.71 34.99
C ILE F 176 -43.92 -41.98 34.52
N ALA F 177 -42.79 -42.68 34.50
CA ALA F 177 -41.58 -42.09 33.97
C ALA F 177 -41.84 -41.51 32.58
N ARG F 178 -42.23 -42.38 31.63
CA ARG F 178 -42.46 -41.93 30.27
C ARG F 178 -43.28 -40.65 30.23
N GLU F 179 -44.34 -40.58 31.03
CA GLU F 179 -45.15 -39.35 31.05
C GLU F 179 -44.33 -38.16 31.55
N GLY F 180 -43.39 -38.42 32.46
CA GLY F 180 -42.60 -37.36 33.06
C GLY F 180 -41.66 -36.73 32.06
N GLU F 181 -40.77 -37.57 31.50
CA GLU F 181 -39.89 -37.14 30.42
C GLU F 181 -40.64 -36.36 29.35
N ALA F 182 -41.84 -36.80 29.00
CA ALA F 182 -42.60 -36.07 27.99
C ALA F 182 -43.01 -34.69 28.48
N ALA F 183 -43.21 -34.51 29.78
CA ALA F 183 -43.61 -33.20 30.28
C ALA F 183 -42.41 -32.31 30.56
N ARG F 184 -41.28 -32.93 30.97
CA ARG F 184 -40.01 -32.24 30.96
C ARG F 184 -39.91 -31.39 29.70
N GLN F 185 -40.01 -32.03 28.54
CA GLN F 185 -39.83 -31.33 27.27
C GLN F 185 -40.80 -30.16 27.17
N HIS F 186 -42.09 -30.44 27.08
CA HIS F 186 -43.01 -29.36 26.83
C HIS F 186 -42.86 -28.22 27.85
N LEU F 187 -42.23 -28.47 29.00
CA LEU F 187 -42.06 -27.40 29.98
C LEU F 187 -40.81 -26.57 29.69
N ILE F 188 -39.73 -27.21 29.24
CA ILE F 188 -38.59 -26.49 28.71
C ILE F 188 -39.05 -25.70 27.51
N GLU F 189 -39.42 -26.41 26.45
CA GLU F 189 -39.78 -25.76 25.18
C GLU F 189 -40.75 -24.62 25.40
N ALA F 190 -41.58 -24.70 26.42
CA ALA F 190 -42.62 -23.69 26.60
C ALA F 190 -42.05 -22.40 27.13
N ASN F 191 -40.97 -22.46 27.87
CA ASN F 191 -40.48 -21.30 28.59
C ASN F 191 -39.14 -20.83 28.02
N LEU F 192 -38.99 -20.90 26.71
CA LEU F 192 -37.78 -20.39 26.08
C LEU F 192 -37.85 -18.88 25.87
N ARG F 193 -39.05 -18.35 25.61
CA ARG F 193 -39.19 -16.90 25.45
C ARG F 193 -38.71 -16.15 26.68
N LEU F 194 -38.76 -16.78 27.85
CA LEU F 194 -38.29 -16.13 29.08
C LEU F 194 -36.77 -15.97 29.06
N VAL F 195 -36.04 -17.03 28.67
CA VAL F 195 -34.58 -16.93 28.60
C VAL F 195 -34.18 -15.77 27.71
N VAL F 196 -34.70 -15.73 26.49
CA VAL F 196 -34.46 -14.63 25.56
C VAL F 196 -34.52 -13.31 26.31
N SER F 197 -35.60 -13.08 27.06
CA SER F 197 -35.80 -11.79 27.71
C SER F 197 -34.85 -11.54 28.88
N ILE F 198 -33.92 -12.43 29.16
CA ILE F 198 -32.88 -12.20 30.14
C ILE F 198 -31.51 -12.05 29.48
N ALA F 199 -31.13 -13.02 28.64
CA ALA F 199 -29.88 -12.89 27.90
C ALA F 199 -29.86 -11.60 27.09
N LYS F 200 -31.05 -11.10 26.71
CA LYS F 200 -31.12 -9.88 25.93
C LYS F 200 -30.31 -8.75 26.56
N LYS F 201 -30.20 -8.74 27.89
CA LYS F 201 -29.59 -7.63 28.62
C LYS F 201 -28.24 -7.98 29.21
N TYR F 202 -27.70 -9.16 28.89
CA TYR F 202 -26.32 -9.48 29.17
C TYR F 202 -25.45 -9.39 27.90
N THR F 203 -25.90 -8.64 26.90
CA THR F 203 -25.15 -8.47 25.68
C THR F 203 -23.89 -7.66 25.92
N GLY F 204 -23.05 -7.58 24.88
CA GLY F 204 -21.84 -6.77 24.89
C GLY F 204 -20.98 -7.08 26.10
N ARG F 205 -20.66 -8.35 26.29
CA ARG F 205 -19.85 -8.75 27.44
C ARG F 205 -18.87 -9.85 27.09
N GLY F 206 -18.62 -10.08 25.81
CA GLY F 206 -17.73 -11.10 25.37
C GLY F 206 -18.42 -12.26 24.71
N LEU F 207 -19.73 -12.37 24.88
CA LEU F 207 -20.51 -13.44 24.29
C LEU F 207 -21.68 -12.90 23.47
N SER F 208 -21.91 -13.55 22.34
CA SER F 208 -22.94 -13.17 21.40
C SER F 208 -24.32 -13.54 21.89
N PHE F 209 -25.32 -12.81 21.41
CA PHE F 209 -26.70 -13.07 21.82
C PHE F 209 -27.00 -14.56 21.88
N LEU F 210 -26.92 -15.25 20.74
CA LEU F 210 -27.29 -16.67 20.74
C LEU F 210 -26.45 -17.44 21.77
N ASP F 211 -25.13 -17.36 21.67
CA ASP F 211 -24.29 -17.96 22.70
C ASP F 211 -24.87 -17.73 24.10
N LEU F 212 -25.40 -16.53 24.35
CA LEU F 212 -25.96 -16.23 25.66
C LEU F 212 -27.26 -16.96 25.86
N ILE F 213 -28.14 -16.91 24.85
CA ILE F 213 -29.39 -17.66 24.85
C ILE F 213 -29.15 -19.13 25.19
N GLN F 214 -28.35 -19.82 24.38
CA GLN F 214 -28.06 -21.22 24.63
C GLN F 214 -27.60 -21.45 26.07
N GLU F 215 -26.68 -20.61 26.56
CA GLU F 215 -26.26 -20.75 27.96
C GLU F 215 -27.47 -20.57 28.88
N GLY F 216 -28.26 -19.52 28.62
CA GLY F 216 -29.50 -19.28 29.35
C GLY F 216 -30.35 -20.53 29.36
N ASN F 217 -30.76 -20.99 28.18
CA ASN F 217 -31.44 -22.28 28.06
C ASN F 217 -30.76 -23.32 28.96
N GLN F 218 -29.47 -23.60 28.73
CA GLN F 218 -28.75 -24.59 29.54
C GLN F 218 -29.15 -24.55 31.01
N GLY F 219 -29.21 -23.36 31.59
CA GLY F 219 -29.64 -23.24 32.98
C GLY F 219 -31.10 -23.57 33.17
N LEU F 220 -31.96 -23.10 32.26
CA LEU F 220 -33.39 -23.44 32.27
C LEU F 220 -33.61 -24.94 32.51
N ILE F 221 -32.92 -25.79 31.76
CA ILE F 221 -32.96 -27.23 32.01
C ILE F 221 -32.72 -27.51 33.50
N ARG F 222 -31.66 -26.95 34.07
CA ARG F 222 -31.47 -27.07 35.51
C ARG F 222 -32.76 -26.77 36.26
N ALA F 223 -33.42 -25.67 35.90
CA ALA F 223 -34.55 -25.18 36.68
C ALA F 223 -35.65 -26.22 36.80
N VAL F 224 -35.91 -27.01 35.75
CA VAL F 224 -37.01 -27.96 35.82
C VAL F 224 -36.66 -29.16 36.70
N GLU F 225 -35.45 -29.71 36.56
CA GLU F 225 -35.07 -30.84 37.42
C GLU F 225 -34.94 -30.47 38.90
N LYS F 226 -35.15 -29.19 39.25
CA LYS F 226 -35.06 -28.69 40.62
C LYS F 226 -36.31 -27.96 41.06
N PHE F 227 -37.29 -27.75 40.17
CA PHE F 227 -38.53 -27.12 40.56
C PHE F 227 -39.34 -27.97 41.54
N GLU F 228 -40.06 -27.27 42.41
CA GLU F 228 -40.96 -27.84 43.41
C GLU F 228 -42.29 -27.13 43.23
N TYR F 229 -43.20 -27.75 42.45
CA TYR F 229 -44.48 -27.12 42.14
C TYR F 229 -45.28 -26.88 43.41
N LYS F 230 -45.05 -27.69 44.44
CA LYS F 230 -45.80 -27.60 45.69
C LYS F 230 -45.53 -26.31 46.47
N ARG F 231 -44.46 -25.57 46.16
CA ARG F 231 -44.23 -24.29 46.85
C ARG F 231 -45.14 -23.19 46.33
N ARG F 232 -45.97 -23.48 45.33
CA ARG F 232 -47.02 -22.65 44.74
C ARG F 232 -46.48 -21.47 43.87
N PHE F 233 -45.16 -21.24 43.81
CA PHE F 233 -44.63 -20.16 42.98
C PHE F 233 -44.84 -20.44 41.49
N LYS F 234 -44.98 -19.37 40.71
CA LYS F 234 -44.96 -19.54 39.26
C LYS F 234 -43.60 -20.11 38.82
N PHE F 235 -43.54 -20.59 37.58
CA PHE F 235 -42.26 -21.13 37.10
C PHE F 235 -41.29 -20.01 36.78
N SER F 236 -41.77 -18.97 36.10
CA SER F 236 -40.93 -17.81 35.81
C SER F 236 -40.01 -17.55 36.99
N THR F 237 -40.59 -17.39 38.18
CA THR F 237 -39.83 -16.94 39.33
C THR F 237 -38.61 -17.81 39.60
N TYR F 238 -38.79 -19.13 39.72
CA TYR F 238 -37.69 -19.99 40.15
C TYR F 238 -36.60 -20.09 39.07
N ALA F 239 -37.00 -20.06 37.81
CA ALA F 239 -36.02 -20.29 36.75
C ALA F 239 -35.15 -19.06 36.49
N THR F 240 -35.72 -17.86 36.66
CA THR F 240 -34.99 -16.60 36.47
C THR F 240 -33.74 -16.57 37.33
N TRP F 241 -33.55 -17.56 38.19
CA TRP F 241 -32.34 -17.67 39.02
C TRP F 241 -31.27 -18.48 38.30
N TRP F 242 -31.59 -19.73 37.94
CA TRP F 242 -30.64 -20.58 37.22
C TRP F 242 -30.28 -19.98 35.88
N ILE F 243 -31.23 -19.31 35.25
CA ILE F 243 -30.97 -18.69 33.95
C ILE F 243 -29.81 -17.71 34.06
N ARG F 244 -29.98 -16.66 34.86
CA ARG F 244 -28.88 -15.72 35.03
C ARG F 244 -27.68 -16.40 35.69
N GLN F 245 -27.91 -17.37 36.57
CA GLN F 245 -26.76 -18.07 37.13
C GLN F 245 -25.87 -18.70 36.07
N ALA F 246 -26.41 -18.97 34.87
CA ALA F 246 -25.70 -19.74 33.86
C ALA F 246 -25.12 -18.89 32.74
N ILE F 247 -25.85 -17.83 32.33
CA ILE F 247 -25.24 -16.73 31.60
C ILE F 247 -23.98 -16.26 32.33
N ASN F 248 -24.15 -15.86 33.59
CA ASN F 248 -23.05 -15.25 34.31
C ASN F 248 -21.87 -16.20 34.45
N ARG F 249 -22.11 -17.51 34.52
CA ARG F 249 -20.94 -18.39 34.54
C ARG F 249 -20.27 -18.48 33.16
N ALA F 250 -21.00 -18.26 32.09
CA ALA F 250 -20.39 -18.37 30.77
C ALA F 250 -19.66 -17.07 30.40
N ILE F 251 -20.34 -15.94 30.62
CA ILE F 251 -19.70 -14.66 30.45
C ILE F 251 -18.35 -14.64 31.15
N ALA F 252 -18.19 -15.44 32.20
CA ALA F 252 -17.00 -15.40 33.03
C ALA F 252 -16.14 -16.66 32.90
N ASP F 253 -16.35 -17.47 31.89
CA ASP F 253 -15.55 -18.68 31.78
C ASP F 253 -15.06 -18.92 30.38
N GLN F 254 -15.64 -18.24 29.39
CA GLN F 254 -15.16 -18.39 28.02
C GLN F 254 -14.89 -17.07 27.31
N ALA F 255 -15.24 -15.92 27.90
CA ALA F 255 -15.07 -14.64 27.20
C ALA F 255 -13.59 -14.38 26.86
N ARG F 256 -12.70 -14.45 27.85
CA ARG F 256 -11.29 -14.10 27.67
C ARG F 256 -10.49 -15.18 26.94
N THR F 257 -9.60 -14.75 26.04
CA THR F 257 -8.71 -15.69 25.36
C THR F 257 -7.82 -16.41 26.36
N ILE F 258 -7.50 -15.74 27.47
CA ILE F 258 -6.77 -16.30 28.59
C ILE F 258 -7.80 -16.53 29.68
N ARG F 259 -8.17 -17.80 29.89
CA ARG F 259 -9.19 -18.16 30.87
C ARG F 259 -8.69 -17.89 32.28
N ILE F 260 -9.47 -17.15 33.06
CA ILE F 260 -9.10 -16.81 34.43
C ILE F 260 -10.20 -17.25 35.37
N PRO F 261 -9.87 -18.02 36.41
CA PRO F 261 -10.87 -18.51 37.36
C PRO F 261 -12.02 -17.56 37.67
N VAL F 262 -13.23 -18.12 37.78
CA VAL F 262 -14.46 -17.34 37.89
C VAL F 262 -14.42 -16.34 39.04
N HIS F 263 -13.58 -16.58 40.06
CA HIS F 263 -13.55 -15.73 41.25
C HIS F 263 -12.59 -14.56 41.11
N MET F 264 -11.45 -14.81 40.47
CA MET F 264 -10.57 -13.72 40.05
C MET F 264 -11.30 -12.77 39.11
N VAL F 265 -12.02 -13.32 38.13
CA VAL F 265 -12.86 -12.48 37.28
C VAL F 265 -13.77 -11.64 38.16
N GLU F 266 -14.24 -12.22 39.26
CA GLU F 266 -15.24 -11.55 40.09
C GLU F 266 -14.62 -10.34 40.79
N THR F 267 -13.41 -10.52 41.31
CA THR F 267 -12.71 -9.45 42.03
C THR F 267 -12.21 -8.38 41.07
N ILE F 268 -11.71 -8.78 39.89
CA ILE F 268 -11.38 -7.82 38.86
C ILE F 268 -12.53 -6.83 38.66
N ASN F 269 -13.71 -7.32 38.30
CA ASN F 269 -14.85 -6.43 38.14
C ASN F 269 -15.03 -5.55 39.37
N LYS F 270 -14.55 -6.02 40.52
CA LYS F 270 -14.62 -5.20 41.73
C LYS F 270 -13.84 -3.92 41.56
N LEU F 271 -12.55 -4.04 41.20
CA LEU F 271 -11.72 -2.88 40.96
C LEU F 271 -12.40 -1.93 39.99
N SER F 272 -12.87 -2.47 38.85
CA SER F 272 -13.54 -1.65 37.86
C SER F 272 -14.64 -0.81 38.49
N ARG F 273 -15.59 -1.47 39.15
CA ARG F 273 -16.74 -0.74 39.67
C ARG F 273 -16.35 0.24 40.77
N THR F 274 -15.37 -0.12 41.60
CA THR F 274 -15.01 0.81 42.67
C THR F 274 -14.17 1.96 42.13
N ALA F 275 -13.23 1.67 41.22
CA ALA F 275 -12.50 2.72 40.51
C ALA F 275 -13.48 3.71 39.87
N ARG F 276 -14.48 3.20 39.17
CA ARG F 276 -15.49 4.05 38.55
C ARG F 276 -16.12 5.02 39.55
N GLN F 277 -16.58 4.54 40.70
CA GLN F 277 -17.17 5.48 41.64
C GLN F 277 -16.13 6.48 42.13
N LEU F 278 -14.91 6.02 42.42
CA LEU F 278 -13.83 6.92 42.78
C LEU F 278 -13.69 8.04 41.76
N GLN F 279 -13.66 7.67 40.47
CA GLN F 279 -13.56 8.69 39.44
C GLN F 279 -14.79 9.60 39.45
N GLN F 280 -15.99 9.02 39.60
CA GLN F 280 -17.20 9.83 39.66
C GLN F 280 -17.19 10.75 40.87
N GLU F 281 -16.30 10.48 41.83
CA GLU F 281 -16.17 11.26 43.06
C GLU F 281 -15.08 12.32 42.94
N LEU F 282 -13.96 11.97 42.32
CA LEU F 282 -12.76 12.81 42.30
C LEU F 282 -12.76 13.85 41.21
N GLY F 283 -13.32 13.53 40.03
CA GLY F 283 -13.16 14.34 38.84
C GLY F 283 -11.96 13.95 38.02
N ARG F 284 -11.29 12.86 38.35
CA ARG F 284 -10.16 12.32 37.63
C ARG F 284 -10.06 10.85 37.97
N GLU F 285 -9.36 10.10 37.14
CA GLU F 285 -9.19 8.69 37.45
C GLU F 285 -8.27 8.54 38.65
N PRO F 286 -8.51 7.54 39.49
CA PRO F 286 -7.74 7.41 40.72
C PRO F 286 -6.36 6.82 40.46
N THR F 287 -5.48 7.00 41.45
CA THR F 287 -4.19 6.33 41.42
C THR F 287 -4.35 4.88 41.85
N TYR F 288 -3.25 4.13 41.81
CA TYR F 288 -3.25 2.80 42.40
C TYR F 288 -3.66 2.86 43.86
N GLU F 289 -3.03 3.74 44.65
CA GLU F 289 -3.24 3.76 46.09
C GLU F 289 -4.65 4.24 46.43
N GLU F 290 -5.17 5.24 45.72
CA GLU F 290 -6.56 5.64 45.95
C GLU F 290 -7.53 4.50 45.73
N ILE F 291 -7.08 3.42 45.10
CA ILE F 291 -7.88 2.22 44.94
C ILE F 291 -7.65 1.26 46.09
N ALA F 292 -6.38 0.97 46.39
CA ALA F 292 -6.08 0.06 47.49
C ALA F 292 -6.72 0.50 48.80
N GLU F 293 -6.87 1.81 48.99
CA GLU F 293 -7.58 2.29 50.17
C GLU F 293 -9.06 1.88 50.11
N ALA F 294 -9.78 2.45 49.14
CA ALA F 294 -11.21 2.20 49.04
C ALA F 294 -11.52 0.73 48.79
N MET F 295 -10.53 -0.05 48.33
CA MET F 295 -10.69 -1.51 48.24
C MET F 295 -10.53 -2.19 49.58
N GLY F 296 -10.04 -1.46 50.59
CA GLY F 296 -10.02 -1.93 51.95
C GLY F 296 -8.71 -2.54 52.40
N PRO F 297 -8.82 -3.53 53.28
CA PRO F 297 -7.64 -4.14 53.90
C PRO F 297 -7.18 -5.37 53.16
N GLY F 298 -5.87 -5.63 53.27
CA GLY F 298 -5.18 -6.57 52.43
C GLY F 298 -4.89 -6.03 51.06
N TRP F 299 -5.43 -4.85 50.72
CA TRP F 299 -5.24 -4.19 49.43
C TRP F 299 -4.24 -3.03 49.57
N ASP F 300 -3.07 -3.21 48.95
CA ASP F 300 -2.04 -2.18 48.81
C ASP F 300 -1.95 -1.78 47.35
N ALA F 301 -1.16 -0.73 47.08
CA ALA F 301 -0.99 -0.29 45.70
C ALA F 301 -0.36 -1.39 44.85
N LYS F 302 0.67 -2.07 45.36
CA LYS F 302 1.30 -3.15 44.61
C LYS F 302 0.28 -4.19 44.15
N ARG F 303 -0.65 -4.57 45.03
CA ARG F 303 -1.56 -5.67 44.75
C ARG F 303 -2.69 -5.27 43.82
N VAL F 304 -3.08 -3.99 43.79
CA VAL F 304 -3.99 -3.56 42.74
C VAL F 304 -3.30 -3.59 41.38
N GLU F 305 -2.00 -3.23 41.34
CA GLU F 305 -1.30 -3.18 40.06
C GLU F 305 -1.16 -4.56 39.44
N GLU F 306 -0.54 -5.51 40.14
CA GLU F 306 -0.34 -6.79 39.47
C GLU F 306 -1.65 -7.54 39.24
N THR F 307 -2.74 -7.12 39.89
CA THR F 307 -4.07 -7.63 39.57
C THR F 307 -4.54 -7.09 38.23
N LEU F 308 -4.22 -5.82 37.94
CA LEU F 308 -4.60 -5.22 36.66
C LEU F 308 -3.81 -5.80 35.49
N LYS F 309 -2.55 -6.18 35.70
CA LYS F 309 -1.81 -6.62 34.51
C LYS F 309 -2.19 -8.04 34.12
N ILE F 310 -2.65 -8.86 35.06
CA ILE F 310 -3.22 -10.14 34.60
C ILE F 310 -4.63 -9.94 34.08
N ALA F 311 -5.35 -8.94 34.58
CA ALA F 311 -6.63 -8.57 33.99
C ALA F 311 -6.53 -8.24 32.51
N GLN F 312 -5.31 -8.20 31.96
CA GLN F 312 -5.01 -7.57 30.66
C GLN F 312 -5.31 -8.51 29.50
N GLU F 313 -6.27 -8.11 28.64
CA GLU F 313 -6.69 -8.90 27.50
C GLU F 313 -5.70 -8.76 26.34
N PRO F 314 -5.34 -9.85 25.69
CA PRO F 314 -4.37 -9.75 24.59
C PRO F 314 -4.93 -8.98 23.38
N VAL F 315 -4.16 -8.90 22.31
CA VAL F 315 -4.52 -8.11 21.13
C VAL F 315 -4.12 -8.85 19.86
N SER F 316 -4.79 -8.46 18.76
CA SER F 316 -4.78 -9.23 17.52
C SER F 316 -3.52 -9.00 16.71
N LEU F 317 -2.85 -10.10 16.34
CA LEU F 317 -1.72 -9.99 15.43
C LEU F 317 -2.13 -9.34 14.12
N GLU F 318 -3.39 -9.46 13.73
CA GLU F 318 -3.89 -8.87 12.51
C GLU F 318 -4.49 -7.51 12.74
N THR F 319 -4.13 -6.83 13.81
CA THR F 319 -4.69 -5.51 13.99
C THR F 319 -4.15 -4.59 12.90
N PRO F 320 -4.94 -3.63 12.44
CA PRO F 320 -4.55 -2.84 11.26
C PRO F 320 -3.56 -1.73 11.63
N ILE F 321 -2.46 -1.67 10.88
CA ILE F 321 -1.43 -0.64 11.07
C ILE F 321 -1.54 0.33 9.90
N GLY F 322 -2.11 1.50 10.15
CA GLY F 322 -2.38 2.47 9.11
C GLY F 322 -3.84 2.47 8.67
N ASP F 323 -4.18 3.51 7.90
CA ASP F 323 -5.54 3.67 7.38
C ASP F 323 -5.78 2.93 6.07
N GLU F 324 -4.72 2.61 5.33
CA GLU F 324 -4.81 1.56 4.31
C GLU F 324 -4.87 0.23 5.06
N LYS F 325 -4.75 -0.85 4.32
CA LYS F 325 -4.68 -2.16 4.96
C LYS F 325 -3.58 -2.98 4.32
N ASP F 326 -2.37 -2.41 4.22
CA ASP F 326 -1.25 -3.18 3.71
C ASP F 326 -0.17 -3.40 4.76
N SER F 327 -0.50 -3.31 6.05
CA SER F 327 0.40 -3.81 7.08
C SER F 327 -0.40 -4.29 8.29
N PHE F 328 0.08 -5.38 8.87
CA PHE F 328 -0.47 -5.98 10.08
C PHE F 328 0.43 -5.69 11.27
N TYR F 329 -0.17 -5.36 12.42
CA TYR F 329 0.59 -5.20 13.66
C TYR F 329 1.52 -6.37 13.89
N GLY F 330 1.19 -7.54 13.36
CA GLY F 330 2.03 -8.70 13.58
C GLY F 330 3.31 -8.67 12.79
N ASP F 331 3.33 -7.86 11.72
CA ASP F 331 4.47 -7.85 10.81
C ASP F 331 5.68 -7.17 11.43
N PHE F 332 5.46 -6.29 12.39
CA PHE F 332 6.53 -5.60 13.10
C PHE F 332 7.01 -6.36 14.35
N ILE F 333 6.82 -7.69 14.42
CA ILE F 333 7.15 -8.47 15.62
C ILE F 333 8.20 -9.52 15.33
N PRO F 334 9.42 -9.34 15.84
CA PRO F 334 10.51 -10.30 15.56
C PRO F 334 10.21 -11.66 16.17
N ASP F 335 10.86 -12.68 15.61
CA ASP F 335 10.73 -14.04 16.14
C ASP F 335 11.93 -14.36 17.00
N GLU F 336 11.82 -14.04 18.29
CA GLU F 336 12.90 -14.27 19.24
C GLU F 336 13.24 -15.74 19.43
N HIS F 337 12.27 -16.65 19.29
CA HIS F 337 12.54 -18.05 19.59
C HIS F 337 13.60 -18.69 18.70
N LEU F 338 13.30 -18.87 17.43
CA LEU F 338 14.21 -19.65 16.59
C LEU F 338 15.55 -18.94 16.52
N PRO F 339 16.67 -19.67 16.58
CA PRO F 339 17.99 -18.99 16.55
C PRO F 339 18.21 -18.21 15.25
N SER F 340 18.87 -17.05 15.38
CA SER F 340 19.31 -16.32 14.18
C SER F 340 20.50 -17.01 13.53
N PRO F 341 20.86 -16.63 12.31
CA PRO F 341 21.93 -17.34 11.60
C PRO F 341 23.30 -17.06 12.18
N VAL F 342 23.49 -15.86 12.73
CA VAL F 342 24.67 -15.55 13.53
C VAL F 342 24.80 -16.55 14.68
N ASP F 343 23.76 -16.60 15.53
CA ASP F 343 23.72 -17.52 16.66
C ASP F 343 23.89 -18.96 16.20
N ALA F 344 23.05 -19.39 15.25
CA ALA F 344 23.17 -20.73 14.67
C ALA F 344 24.61 -21.07 14.34
N ALA F 345 25.31 -20.13 13.71
CA ALA F 345 26.71 -20.35 13.37
C ALA F 345 27.60 -20.23 14.60
N THR F 346 27.35 -19.24 15.45
CA THR F 346 28.16 -19.07 16.65
C THR F 346 28.17 -20.34 17.51
N GLN F 347 27.06 -21.08 17.55
CA GLN F 347 27.03 -22.29 18.38
C GLN F 347 27.89 -23.39 17.77
N SER F 348 27.79 -23.60 16.46
CA SER F 348 28.51 -24.73 15.87
C SER F 348 30.02 -24.52 15.93
N LEU F 349 30.49 -23.27 15.87
CA LEU F 349 31.93 -23.01 15.93
C LEU F 349 32.46 -23.16 17.35
N LEU F 350 31.65 -22.85 18.36
CA LEU F 350 32.07 -23.13 19.73
C LEU F 350 32.19 -24.63 19.94
N SER F 351 31.08 -25.36 19.75
CA SER F 351 31.01 -26.76 20.19
C SER F 351 32.00 -27.66 19.45
N GLU F 352 32.75 -27.10 18.49
CA GLU F 352 33.91 -27.80 17.94
C GLU F 352 35.25 -27.14 18.27
N GLU F 353 35.34 -25.81 18.34
CA GLU F 353 36.62 -25.30 18.81
C GLU F 353 36.83 -25.53 20.30
N LEU F 354 35.89 -26.19 20.99
CA LEU F 354 36.15 -26.78 22.30
C LEU F 354 36.42 -28.28 22.20
N GLU F 355 35.85 -28.94 21.19
CA GLU F 355 36.38 -30.23 20.77
C GLU F 355 37.78 -30.09 20.18
N LYS F 356 38.13 -28.87 19.73
CA LYS F 356 39.47 -28.48 19.32
C LYS F 356 40.32 -28.00 20.50
N ALA F 357 39.93 -28.37 21.73
CA ALA F 357 40.75 -28.20 22.91
C ALA F 357 40.69 -29.40 23.84
N LEU F 358 40.01 -30.48 23.47
CA LEU F 358 40.05 -31.74 24.22
C LEU F 358 41.09 -32.69 23.65
N SER F 359 41.06 -32.91 22.33
CA SER F 359 42.06 -33.70 21.62
C SER F 359 43.27 -32.83 21.30
N LYS F 360 43.79 -32.12 22.30
CA LYS F 360 44.97 -31.28 22.13
C LYS F 360 46.02 -31.63 23.17
N LEU F 361 45.59 -32.13 24.33
CA LEU F 361 46.50 -32.56 25.37
C LEU F 361 46.28 -34.00 25.80
N SER F 362 45.01 -34.44 25.91
CA SER F 362 44.67 -35.81 26.26
C SER F 362 43.19 -36.05 26.02
N GLU F 363 42.87 -37.20 25.38
CA GLU F 363 41.51 -37.51 24.94
C GLU F 363 40.82 -38.55 25.81
N ARG F 364 41.48 -39.10 26.82
CA ARG F 364 40.79 -39.85 27.86
C ARG F 364 40.66 -39.08 29.16
N GLU F 365 41.46 -38.03 29.36
CA GLU F 365 41.11 -37.03 30.36
C GLU F 365 40.23 -35.95 29.78
N ALA F 366 40.28 -35.74 28.45
CA ALA F 366 39.27 -34.96 27.75
C ALA F 366 38.04 -35.78 27.40
N MET F 367 37.89 -36.96 28.01
CA MET F 367 36.68 -37.78 27.91
C MET F 367 35.99 -38.04 29.24
N VAL F 368 36.72 -38.09 30.36
CA VAL F 368 36.07 -38.25 31.66
C VAL F 368 35.49 -36.92 32.13
N LEU F 369 36.08 -35.80 31.70
CA LEU F 369 35.49 -34.47 31.93
C LEU F 369 34.70 -33.97 30.73
N LYS F 370 34.79 -34.66 29.58
CA LYS F 370 33.76 -34.58 28.55
C LYS F 370 32.53 -35.38 28.93
N LEU F 371 32.60 -36.17 30.02
CA LEU F 371 31.46 -36.83 30.61
C LEU F 371 31.15 -36.33 32.01
N ARG F 372 31.91 -35.37 32.52
CA ARG F 372 31.45 -34.60 33.66
C ARG F 372 30.46 -33.52 33.26
N LYS F 373 30.22 -33.37 31.95
CA LYS F 373 29.11 -32.62 31.37
C LYS F 373 28.81 -33.29 30.02
N GLY F 374 28.11 -32.61 29.13
CA GLY F 374 27.70 -33.21 27.85
C GLY F 374 28.24 -32.51 26.62
N LEU F 375 28.69 -33.30 25.63
CA LEU F 375 28.86 -32.79 24.27
C LEU F 375 27.50 -32.60 23.60
N ILE F 376 26.56 -33.50 23.88
CA ILE F 376 25.13 -33.24 23.83
C ILE F 376 24.49 -34.06 24.95
N ASP F 377 23.42 -33.51 25.54
CA ASP F 377 22.65 -33.98 26.69
C ASP F 377 23.21 -33.67 28.09
N GLY F 378 24.48 -33.35 28.23
CA GLY F 378 24.92 -33.03 29.57
C GLY F 378 24.97 -34.28 30.44
N ARG F 379 26.00 -34.42 31.27
CA ARG F 379 26.14 -35.58 32.16
C ARG F 379 26.86 -35.07 33.41
N GLU F 380 26.09 -34.70 34.43
CA GLU F 380 26.65 -33.95 35.56
C GLU F 380 25.77 -34.14 36.79
N HIS F 381 26.25 -34.90 37.80
CA HIS F 381 25.49 -34.91 39.04
C HIS F 381 26.26 -34.40 40.28
N THR F 382 27.02 -35.25 41.01
CA THR F 382 28.10 -34.83 41.90
C THR F 382 29.19 -35.89 42.15
N LEU F 383 28.73 -37.09 42.57
CA LEU F 383 29.61 -38.07 43.21
C LEU F 383 29.24 -39.53 42.95
N GLU F 384 28.22 -39.82 42.14
CA GLU F 384 27.50 -41.10 42.22
C GLU F 384 27.72 -41.97 41.00
N GLU F 385 27.45 -41.46 39.79
CA GLU F 385 27.88 -42.14 38.58
C GLU F 385 29.34 -41.83 38.28
N VAL F 386 29.83 -40.69 38.78
CA VAL F 386 31.28 -40.46 38.79
C VAL F 386 31.98 -41.65 39.43
N GLY F 387 31.33 -42.27 40.43
CA GLY F 387 31.85 -43.43 41.12
C GLY F 387 31.51 -44.78 40.53
N ALA F 388 30.88 -44.85 39.35
CA ALA F 388 30.43 -46.12 38.80
C ALA F 388 31.32 -46.66 37.68
N PHE F 389 31.43 -45.96 36.54
CA PHE F 389 32.23 -46.42 35.41
C PHE F 389 32.95 -45.21 34.81
N PHE F 390 34.13 -44.93 35.36
CA PHE F 390 35.11 -44.06 34.73
C PHE F 390 36.43 -44.80 34.52
N GLY F 391 36.51 -46.04 35.00
CA GLY F 391 37.73 -46.81 35.17
C GLY F 391 38.37 -46.57 36.53
N VAL F 392 38.51 -45.30 36.90
CA VAL F 392 39.21 -44.83 38.10
C VAL F 392 38.30 -44.82 39.33
N THR F 393 38.89 -44.54 40.50
CA THR F 393 38.17 -44.37 41.77
C THR F 393 37.38 -43.04 41.75
N ARG F 394 36.69 -42.76 42.88
CA ARG F 394 35.67 -41.70 42.92
C ARG F 394 36.28 -40.30 43.00
N GLU F 395 37.24 -40.10 43.89
CA GLU F 395 37.88 -38.80 44.07
C GLU F 395 39.22 -38.72 43.35
N ARG F 396 39.50 -39.67 42.46
CA ARG F 396 40.60 -39.55 41.51
C ARG F 396 40.13 -38.97 40.18
N ILE F 397 38.89 -39.26 39.77
CA ILE F 397 38.32 -38.59 38.61
C ILE F 397 38.10 -37.10 38.92
N ARG F 398 37.83 -36.77 40.19
CA ARG F 398 37.73 -35.37 40.59
C ARG F 398 39.07 -34.65 40.58
N GLN F 399 40.18 -35.38 40.47
CA GLN F 399 41.50 -34.77 40.42
C GLN F 399 41.96 -34.54 38.98
N ILE F 400 41.82 -35.56 38.12
CA ILE F 400 41.95 -35.35 36.68
C ILE F 400 40.82 -34.48 36.14
N GLU F 401 39.78 -34.26 36.94
CA GLU F 401 38.85 -33.17 36.67
C GLU F 401 39.55 -31.82 36.85
N ASN F 402 40.34 -31.66 37.91
CA ASN F 402 41.08 -30.42 38.10
C ASN F 402 42.20 -30.28 37.08
N LYS F 403 42.93 -31.36 36.80
CA LYS F 403 44.03 -31.26 35.85
C LYS F 403 43.56 -31.23 34.41
N ALA F 404 42.46 -31.93 34.09
CA ALA F 404 41.84 -31.74 32.79
C ALA F 404 41.47 -30.28 32.59
N LEU F 405 40.87 -29.66 33.62
CA LEU F 405 40.62 -28.23 33.58
C LEU F 405 41.92 -27.44 33.61
N ARG F 406 42.80 -27.75 34.56
CA ARG F 406 44.07 -27.04 34.65
C ARG F 406 44.74 -26.98 33.27
N LYS F 407 44.96 -28.15 32.64
CA LYS F 407 45.63 -28.21 31.35
C LYS F 407 44.94 -27.32 30.32
N LEU F 408 43.61 -27.27 30.37
CA LEU F 408 42.88 -26.42 29.43
C LEU F 408 43.09 -24.94 29.74
N LYS F 409 43.28 -24.58 31.01
CA LYS F 409 43.50 -23.18 31.35
C LYS F 409 44.91 -22.72 30.94
N TYR F 410 45.87 -23.64 30.84
CA TYR F 410 47.15 -23.35 30.19
C TYR F 410 47.07 -23.63 28.69
N HIS F 411 46.43 -24.73 28.30
CA HIS F 411 46.11 -25.01 26.90
C HIS F 411 45.53 -23.76 26.25
N GLU F 412 44.64 -23.06 26.97
CA GLU F 412 43.95 -21.87 26.48
C GLU F 412 44.63 -20.60 26.96
N SER F 413 45.96 -20.61 27.00
CA SER F 413 46.76 -19.40 26.93
C SER F 413 47.52 -19.29 25.62
N ARG F 414 47.47 -20.32 24.76
CA ARG F 414 47.96 -20.25 23.38
C ARG F 414 46.82 -20.18 22.37
N THR F 415 45.95 -21.19 22.34
CA THR F 415 44.75 -21.15 21.49
C THR F 415 43.69 -20.30 22.20
N ARG F 416 44.03 -18.98 22.35
CA ARG F 416 43.27 -17.93 23.06
C ARG F 416 42.00 -17.57 22.37
N LYS F 417 41.66 -18.39 21.36
CA LYS F 417 40.39 -18.28 20.63
C LYS F 417 39.25 -18.88 21.43
N LEU F 418 39.05 -18.39 22.66
CA LEU F 418 37.87 -18.80 23.41
C LEU F 418 37.26 -17.62 24.12
N ARG F 419 38.07 -16.60 24.45
CA ARG F 419 37.56 -15.49 25.23
C ARG F 419 36.34 -14.87 24.56
N ASP F 420 36.42 -14.64 23.24
CA ASP F 420 35.33 -13.97 22.52
C ASP F 420 33.96 -14.57 22.82
N PHE F 421 33.91 -15.86 23.13
CA PHE F 421 32.65 -16.59 23.25
C PHE F 421 31.89 -16.28 24.53
N LEU F 422 32.52 -15.57 25.48
CA LEU F 422 31.86 -15.08 26.68
C LEU F 422 31.07 -13.79 26.44
N ASP F 423 31.16 -13.21 25.24
CA ASP F 423 30.37 -12.02 24.86
C ASP F 423 30.81 -10.75 25.61
#